data_7UZ4
#
_entry.id   7UZ4
#
_cell.length_a   1.00
_cell.length_b   1.00
_cell.length_c   1.00
_cell.angle_alpha   90.00
_cell.angle_beta   90.00
_cell.angle_gamma   90.00
#
_symmetry.space_group_name_H-M   'P 1'
#
loop_
_entity.id
_entity.type
_entity.pdbx_description
1 polymer 'Spike glycoprotein'
2 polymer 'M8a-3 Fab heavy chain'
3 polymer 'M8a-3 Fab light chain'
4 branched 2-acetamido-2-deoxy-beta-D-glucopyranose-(1-4)-2-acetamido-2-deoxy-beta-D-glucopyranose
5 non-polymer 2-acetamido-2-deoxy-beta-D-glucopyranose
#
loop_
_entity_poly.entity_id
_entity_poly.type
_entity_poly.pdbx_seq_one_letter_code
_entity_poly.pdbx_strand_id
1 'polypeptide(L)'
;MFVFLVLLPLVSSQCVNLTTRTQLPPAYTNSFTRGVYYPDKVFRSSVLHSTQDLFLPFFSNVTWFHAIHVSGTNGTKRFD
NPVLPFNDGVYFASTEKSNIIRGWIFGTTLDSKTQSLLIVNNATNVVIKVCEFQFCNDPFLGVYYHKNNKSWMESEFRVY
SSANNCTFEYVSQPFLMDLEGKQGNFKNLREFVFKNIDGYFKIYSKHTPINLVRDLPQGFSALEPLVDLPIGINITRFQT
LLALHRSYLTPGDSSSGWTAGAAAYYVGYLQPRTFLLKYNENGTITDAVDCALDPLSETKCTLKSFTVEKGIYQTSNFRV
QPTESIVRFPNITNLCPFGEVFNATRFASVYAWNRKRISNCVADYSVLYNSASFSTFKCYGVSPTKLNDLCFTNVYADSF
VIRGDEVRQIAPGQTGKIADYNYKLPDDFTGCVIAWNSNNLDSKVGGNYNYLYRLFRKSNLKPFERDISTEIYQAGSTPC
NGVEGFNCYFPLQSYGFQPTNGVGYQPYRVVVLSFELLHAPATVCGPKKSTNLVKNKCVNFNFNGLTGTGVLTESNKKFL
PFQQFGRDIADTTDAVRDPQTLEILDITPCSFGGVSVITPGTNTSNQVAVLYQDVNCTEVPVAIHADQLTPTWRVYSTGS
NVFQTRAGCLIGAEHVNNSYECDIPIGAGICASYQTQTNSPASVASQSIIAYTMSLGAENSVAYSNNSIAIPTNFTISVT
TEILPVSMTKTSVDCTMYICGDSTECSNLLLQYGSFCTQLNRALTGIAVEQDKNTQEVFAQVKQIYKTPPIKDFGGFNFS
QILPDPSKPSKRSPIEDLLFNKVTLADAGFIKQYGDCLGDIAARDLICAQKFNGLTVLPPLLTDEMIAQYTSALLAGTIT
SGWTFGAGPALQIPFPMQMAYRFNGIGVTQNVLYENQKLIANQFNSAIGKIQDSLSSTPSALGKLQDVVNQNAQALNTLV
KQLSSNFGAISSVLNDILSRLDPPEAEVQIDRLITGRLQSLQTYVTQQLIRAAEIRASANLAATKMSECVLGQSKRVDFC
GKGYHLMSFPQSAPHGVVFLHVTYVPAQEKNFTTAPAICHDGKAHFPREGVFVSNGTHWFVTQRNFYEPQIITTDNTFVS
GNCDVVIGIVNNTVYDPLQPELDSFKEELDKYFKNHTSPDVDLGDISGINASVVNIQKEIDRLNEVAKNLNESLIDLQEL
GKYEQYIKWPSGRLVPRGSPGSGYIPEAPRDGQAYVRKDGEWVLLSTFLGHHHHHH
;
A,B,C
2 'polypeptide(L)'
;QVQLQQPGAELVLPGASVKLSCKASGYTFTNYWMHWVKQRPGHGLEWIGEIDPFDTYIKINQKFKGKSTLTVDTSSSTAY
MQLSSLTSEDSAVYYCARPDSSGYPVYFDYWGQGTTLTVSSASTKGPSVFPLAPSSKSTSGGTAALGCLVKDYFPEPVTV
SWNSGALTSGVHTFPAVLQSSGLYSLSSVVTVPSSSLGTQTYICNVNHKPSNTKVDKRVEPKSCDKTHHHHHH
;
H,M,P
3 'polypeptide(L)'
;DIVMTQSHKFMSTSVGDRVSITCKASQDVGTYIAWYQQKPGQSPKLLIYWASTRHTGVPDRFTGSGSGTNYTLTISSVQA
EDLALYHCQQHYSTPYTFGGGTKLEIKRTVAAPSVFIFPPSDEQLKSGTASVVCLLNNFYPREAKVQWKVDNALQSGNSQ
ESVTEQDSKDSTYSLSSTLTLSKADYEKHKVYACEVTHQGLSSPVTKSFNRGEC
;
L,N,Q
#
# COMPACT_ATOMS: atom_id res chain seq x y z
N THR A 22 -49.28 -30.83 -38.21
CA THR A 22 -49.63 -29.43 -38.44
C THR A 22 -49.14 -28.55 -37.28
N GLN A 23 -48.29 -27.59 -37.59
CA GLN A 23 -47.74 -26.71 -36.58
C GLN A 23 -48.78 -25.66 -36.16
N LEU A 24 -48.92 -25.48 -34.85
CA LEU A 24 -49.80 -24.46 -34.31
C LEU A 24 -49.01 -23.18 -34.09
N PRO A 25 -49.45 -22.03 -34.62
CA PRO A 25 -48.67 -20.82 -34.46
C PRO A 25 -48.63 -20.38 -33.01
N PRO A 26 -47.53 -19.79 -32.57
CA PRO A 26 -47.44 -19.28 -31.20
C PRO A 26 -47.94 -17.85 -31.10
N ALA A 27 -47.86 -17.31 -29.89
CA ALA A 27 -48.29 -15.94 -29.62
C ALA A 27 -47.33 -15.25 -28.66
N TYR A 28 -47.76 -14.13 -28.08
CA TYR A 28 -46.95 -13.39 -27.14
C TYR A 28 -47.84 -12.88 -26.01
N THR A 29 -47.27 -12.69 -24.83
CA THR A 29 -48.01 -12.16 -23.70
C THR A 29 -47.07 -11.41 -22.77
N ASN A 30 -47.66 -10.55 -21.94
CA ASN A 30 -46.90 -9.71 -21.02
C ASN A 30 -46.66 -10.44 -19.71
N SER A 31 -45.38 -10.57 -19.34
CA SER A 31 -45.04 -11.25 -18.10
C SER A 31 -45.59 -10.53 -16.89
N PHE A 32 -45.48 -9.20 -16.86
CA PHE A 32 -46.04 -8.36 -15.79
C PHE A 32 -45.49 -8.75 -14.43
N THR A 33 -44.17 -8.66 -14.28
CA THR A 33 -43.41 -8.81 -13.03
C THR A 33 -43.41 -10.22 -12.46
N ARG A 34 -44.09 -11.18 -13.08
CA ARG A 34 -44.06 -12.53 -12.55
C ARG A 34 -42.70 -13.17 -12.80
N GLY A 35 -42.44 -14.27 -12.10
CA GLY A 35 -41.21 -15.01 -12.27
C GLY A 35 -40.10 -14.67 -11.31
N VAL A 36 -40.41 -14.04 -10.19
CA VAL A 36 -39.40 -13.71 -9.19
C VAL A 36 -39.32 -14.84 -8.17
N TYR A 37 -38.10 -15.31 -7.91
CA TYR A 37 -37.86 -16.43 -7.03
C TYR A 37 -36.89 -16.02 -5.93
N TYR A 38 -36.81 -16.84 -4.89
CA TYR A 38 -35.87 -16.59 -3.81
C TYR A 38 -34.46 -16.91 -4.29
N PRO A 39 -33.54 -15.94 -4.32
CA PRO A 39 -32.22 -16.20 -4.91
C PRO A 39 -31.39 -17.19 -4.12
N ASP A 40 -31.71 -17.41 -2.85
CA ASP A 40 -30.89 -18.24 -1.97
C ASP A 40 -31.71 -18.62 -0.75
N LYS A 41 -31.05 -19.25 0.22
CA LYS A 41 -31.73 -19.75 1.40
C LYS A 41 -31.78 -18.75 2.55
N VAL A 42 -31.10 -17.60 2.42
CA VAL A 42 -30.98 -16.68 3.54
C VAL A 42 -32.34 -16.07 3.88
N PHE A 43 -32.59 -15.88 5.17
CA PHE A 43 -33.79 -15.23 5.66
C PHE A 43 -33.48 -13.77 5.92
N ARG A 44 -34.40 -12.89 5.51
CA ARG A 44 -34.23 -11.46 5.76
C ARG A 44 -35.58 -10.88 6.12
N SER A 45 -35.59 -9.97 7.09
CA SER A 45 -36.83 -9.45 7.66
C SER A 45 -36.90 -7.95 7.48
N SER A 46 -37.94 -7.47 6.78
CA SER A 46 -38.25 -6.06 6.66
C SER A 46 -37.07 -5.26 6.12
N VAL A 47 -36.35 -5.82 5.16
CA VAL A 47 -35.21 -5.17 4.55
C VAL A 47 -35.34 -5.23 3.04
N LEU A 48 -34.67 -4.32 2.36
CA LEU A 48 -34.60 -4.28 0.90
C LEU A 48 -33.21 -4.71 0.49
N HIS A 49 -33.10 -5.87 -0.15
CA HIS A 49 -31.82 -6.45 -0.52
C HIS A 49 -31.69 -6.44 -2.03
N SER A 50 -30.54 -5.96 -2.52
CA SER A 50 -30.27 -5.87 -3.94
C SER A 50 -29.33 -7.00 -4.33
N THR A 51 -29.75 -7.82 -5.28
CA THR A 51 -28.98 -8.98 -5.71
C THR A 51 -28.88 -9.01 -7.23
N GLN A 52 -27.75 -9.49 -7.74
CA GLN A 52 -27.53 -9.65 -9.16
C GLN A 52 -27.64 -11.13 -9.49
N ASP A 53 -28.76 -11.54 -10.06
CA ASP A 53 -29.01 -12.94 -10.33
C ASP A 53 -29.76 -13.07 -11.65
N LEU A 54 -29.66 -14.24 -12.25
CA LEU A 54 -30.38 -14.52 -13.50
C LEU A 54 -31.88 -14.46 -13.24
N PHE A 55 -32.54 -13.45 -13.80
CA PHE A 55 -33.92 -13.16 -13.49
C PHE A 55 -34.72 -12.98 -14.77
N LEU A 56 -36.04 -13.10 -14.65
CA LEU A 56 -36.93 -12.80 -15.76
C LEU A 56 -37.20 -11.31 -15.79
N PRO A 57 -36.79 -10.59 -16.84
CA PRO A 57 -36.96 -9.14 -16.85
C PRO A 57 -38.43 -8.75 -16.79
N PHE A 58 -38.70 -7.64 -16.09
CA PHE A 58 -40.07 -7.18 -15.95
C PHE A 58 -40.65 -6.76 -17.29
N PHE A 59 -41.91 -7.13 -17.51
CA PHE A 59 -42.67 -6.75 -18.70
C PHE A 59 -42.04 -7.28 -19.97
N SER A 60 -41.01 -8.11 -19.85
CA SER A 60 -40.47 -8.81 -21.01
C SER A 60 -41.50 -9.81 -21.49
N ASN A 61 -41.88 -9.71 -22.76
CA ASN A 61 -43.02 -10.49 -23.25
C ASN A 61 -42.66 -11.97 -23.34
N VAL A 62 -43.66 -12.81 -23.14
CA VAL A 62 -43.49 -14.24 -22.94
C VAL A 62 -44.19 -14.99 -24.06
N THR A 63 -43.51 -15.96 -24.64
CA THR A 63 -44.11 -16.81 -25.66
C THR A 63 -45.26 -17.59 -25.05
N TRP A 64 -46.39 -17.61 -25.76
CA TRP A 64 -47.56 -18.38 -25.34
C TRP A 64 -47.80 -19.49 -26.36
N PHE A 65 -47.59 -20.73 -25.94
CA PHE A 65 -47.64 -21.89 -26.83
C PHE A 65 -48.99 -22.58 -26.70
N HIS A 66 -49.45 -23.16 -27.81
CA HIS A 66 -50.63 -24.02 -27.82
C HIS A 66 -50.15 -25.44 -28.04
N ALA A 67 -50.09 -26.23 -26.96
CA ALA A 67 -49.57 -27.58 -27.06
C ALA A 67 -50.45 -28.46 -27.93
N ILE A 68 -51.75 -28.51 -27.64
CA ILE A 68 -52.70 -29.30 -28.41
C ILE A 68 -53.96 -28.46 -28.63
N HIS A 69 -54.38 -28.34 -29.88
CA HIS A 69 -55.62 -27.65 -30.23
C HIS A 69 -56.50 -28.60 -31.03
N VAL A 70 -57.56 -29.10 -30.40
CA VAL A 70 -58.49 -30.03 -31.04
C VAL A 70 -59.83 -29.32 -31.18
N SER A 71 -60.28 -29.19 -32.43
CA SER A 71 -61.52 -28.47 -32.72
C SER A 71 -62.47 -29.32 -33.54
N ASN A 74 -64.29 -30.74 -36.02
CA ASN A 74 -63.54 -31.75 -36.74
C ASN A 74 -62.92 -32.76 -35.77
N GLY A 75 -62.22 -32.26 -34.75
CA GLY A 75 -61.59 -33.13 -33.78
C GLY A 75 -60.20 -33.62 -34.15
N THR A 76 -59.63 -33.12 -35.24
CA THR A 76 -58.30 -33.55 -35.65
C THR A 76 -57.27 -33.24 -34.57
N LYS A 77 -56.43 -34.22 -34.27
CA LYS A 77 -55.43 -34.10 -33.24
C LYS A 77 -54.28 -33.21 -33.72
N ARG A 78 -53.90 -32.24 -32.89
CA ARG A 78 -52.80 -31.34 -33.19
C ARG A 78 -51.69 -31.58 -32.18
N PHE A 79 -50.58 -32.14 -32.64
CA PHE A 79 -49.43 -32.45 -31.78
C PHE A 79 -48.37 -31.39 -32.04
N ASP A 80 -48.34 -30.36 -31.19
CA ASP A 80 -47.37 -29.26 -31.30
C ASP A 80 -46.74 -29.03 -29.92
N ASN A 81 -45.68 -29.76 -29.64
CA ASN A 81 -44.98 -29.63 -28.37
C ASN A 81 -43.50 -29.42 -28.68
N PRO A 82 -43.15 -28.24 -29.20
CA PRO A 82 -41.80 -28.05 -29.75
C PRO A 82 -40.72 -28.06 -28.70
N VAL A 83 -39.52 -28.43 -29.14
CA VAL A 83 -38.36 -28.49 -28.27
C VAL A 83 -37.58 -27.19 -28.40
N LEU A 84 -37.62 -26.34 -27.32
CA LEU A 84 -37.05 -25.00 -27.25
C LEU A 84 -35.60 -25.05 -26.75
N PRO A 85 -34.79 -24.04 -27.09
CA PRO A 85 -33.43 -23.98 -26.57
C PRO A 85 -33.38 -23.43 -25.16
N PHE A 86 -32.51 -24.04 -24.34
CA PHE A 86 -32.33 -23.66 -22.95
C PHE A 86 -31.25 -22.58 -22.88
N ASN A 87 -31.67 -21.34 -23.14
CA ASN A 87 -30.77 -20.19 -23.13
C ASN A 87 -30.68 -19.70 -21.69
N ASP A 88 -29.58 -20.03 -21.02
CA ASP A 88 -29.37 -19.72 -19.60
C ASP A 88 -30.56 -20.32 -18.84
N GLY A 89 -31.22 -19.59 -17.96
CA GLY A 89 -32.40 -20.10 -17.32
C GLY A 89 -33.63 -19.99 -18.19
N VAL A 90 -34.72 -20.59 -17.73
CA VAL A 90 -36.00 -20.58 -18.44
C VAL A 90 -37.11 -20.44 -17.41
N TYR A 91 -38.06 -19.55 -17.69
CA TYR A 91 -39.26 -19.42 -16.89
C TYR A 91 -40.40 -20.17 -17.58
N PHE A 92 -41.02 -21.10 -16.86
CA PHE A 92 -42.08 -21.93 -17.41
C PHE A 92 -43.33 -21.76 -16.57
N ALA A 93 -44.47 -21.55 -17.23
CA ALA A 93 -45.75 -21.44 -16.55
C ALA A 93 -46.83 -22.11 -17.38
N SER A 94 -47.90 -22.53 -16.72
CA SER A 94 -49.02 -23.15 -17.41
C SER A 94 -50.25 -23.08 -16.52
N THR A 95 -51.43 -23.19 -17.16
CA THR A 95 -52.71 -23.16 -16.47
C THR A 95 -53.46 -24.42 -16.87
N GLU A 96 -53.19 -25.51 -16.16
CA GLU A 96 -53.79 -26.80 -16.44
C GLU A 96 -54.44 -27.35 -15.16
N LYS A 97 -55.64 -27.89 -15.30
CA LYS A 97 -56.37 -28.46 -14.18
C LYS A 97 -56.53 -29.97 -14.26
N SER A 98 -56.18 -30.59 -15.38
CA SER A 98 -56.30 -32.03 -15.55
C SER A 98 -54.97 -32.76 -15.36
N ASN A 99 -53.92 -32.06 -14.96
CA ASN A 99 -52.58 -32.63 -14.82
C ASN A 99 -52.10 -33.25 -16.13
N ILE A 100 -52.41 -32.57 -17.24
CA ILE A 100 -51.98 -33.04 -18.55
C ILE A 100 -50.46 -33.00 -18.65
N ILE A 101 -49.84 -31.91 -18.20
CA ILE A 101 -48.39 -31.81 -18.21
C ILE A 101 -47.83 -32.72 -17.14
N ARG A 102 -46.78 -33.48 -17.49
CA ARG A 102 -46.20 -34.46 -16.59
C ARG A 102 -44.70 -34.32 -16.38
N GLY A 103 -44.01 -33.55 -17.21
CA GLY A 103 -42.57 -33.42 -17.05
C GLY A 103 -41.95 -32.64 -18.19
N TRP A 104 -40.62 -32.66 -18.21
CA TRP A 104 -39.84 -31.93 -19.20
C TRP A 104 -38.58 -32.72 -19.53
N ILE A 105 -38.00 -32.40 -20.69
CA ILE A 105 -36.77 -33.03 -21.18
C ILE A 105 -35.66 -31.99 -21.10
N PHE A 106 -34.47 -32.42 -20.71
CA PHE A 106 -33.33 -31.51 -20.64
C PHE A 106 -32.08 -32.19 -21.14
N GLY A 107 -31.24 -31.43 -21.84
CA GLY A 107 -30.00 -31.97 -22.36
C GLY A 107 -29.42 -31.03 -23.41
N THR A 108 -28.41 -31.53 -24.11
CA THR A 108 -27.81 -30.82 -25.24
C THR A 108 -28.02 -31.55 -26.55
N THR A 109 -27.61 -32.82 -26.63
CA THR A 109 -27.71 -33.59 -27.85
C THR A 109 -28.98 -34.42 -27.93
N LEU A 110 -29.60 -34.73 -26.79
CA LEU A 110 -30.84 -35.50 -26.71
C LEU A 110 -30.71 -36.85 -27.41
N ASP A 111 -29.69 -37.61 -27.00
CA ASP A 111 -29.50 -38.97 -27.48
C ASP A 111 -28.79 -39.78 -26.41
N SER A 112 -28.47 -41.03 -26.74
CA SER A 112 -27.74 -41.89 -25.80
C SER A 112 -26.25 -41.61 -25.78
N LYS A 113 -25.74 -40.77 -26.68
CA LYS A 113 -24.32 -40.43 -26.66
C LYS A 113 -23.94 -39.72 -25.37
N THR A 114 -24.77 -38.79 -24.92
CA THR A 114 -24.55 -38.04 -23.68
C THR A 114 -25.76 -38.18 -22.77
N GLN A 115 -25.51 -38.13 -21.47
CA GLN A 115 -26.59 -38.22 -20.51
C GLN A 115 -27.51 -37.02 -20.63
N SER A 116 -28.81 -37.26 -20.41
CA SER A 116 -29.82 -36.22 -20.48
C SER A 116 -30.73 -36.31 -19.26
N LEU A 117 -31.25 -35.16 -18.86
CA LEU A 117 -32.09 -35.07 -17.67
C LEU A 117 -33.55 -35.20 -18.08
N LEU A 118 -34.28 -36.07 -17.38
CA LEU A 118 -35.69 -36.32 -17.64
C LEU A 118 -36.50 -36.10 -16.38
N ILE A 119 -37.74 -35.67 -16.55
CA ILE A 119 -38.69 -35.54 -15.45
C ILE A 119 -39.98 -36.23 -15.88
N VAL A 120 -40.45 -37.16 -15.06
CA VAL A 120 -41.70 -37.88 -15.31
C VAL A 120 -42.48 -37.96 -14.01
N ASN A 121 -43.79 -37.71 -14.09
CA ASN A 121 -44.65 -37.71 -12.92
C ASN A 121 -45.91 -38.50 -13.22
N ASN A 122 -46.36 -39.29 -12.25
CA ASN A 122 -47.68 -39.89 -12.32
C ASN A 122 -48.27 -39.89 -10.91
N ALA A 123 -49.32 -40.69 -10.70
CA ALA A 123 -50.09 -40.63 -9.47
C ALA A 123 -49.23 -40.94 -8.24
N THR A 124 -48.16 -41.72 -8.40
CA THR A 124 -47.38 -42.14 -7.24
C THR A 124 -46.46 -41.02 -6.75
N ASN A 125 -45.53 -40.58 -7.60
CA ASN A 125 -44.53 -39.61 -7.15
C ASN A 125 -43.94 -38.93 -8.36
N VAL A 126 -42.90 -38.13 -8.13
CA VAL A 126 -42.13 -37.46 -9.17
C VAL A 126 -40.79 -38.16 -9.29
N VAL A 127 -40.44 -38.56 -10.51
CA VAL A 127 -39.18 -39.27 -10.77
C VAL A 127 -38.37 -38.46 -11.76
N ILE A 128 -37.12 -38.18 -11.40
CA ILE A 128 -36.19 -37.44 -12.24
C ILE A 128 -35.00 -38.34 -12.50
N LYS A 129 -34.79 -38.69 -13.77
CA LYS A 129 -33.73 -39.61 -14.16
C LYS A 129 -32.76 -38.91 -15.09
N VAL A 130 -31.47 -39.03 -14.79
CA VAL A 130 -30.40 -38.48 -15.61
C VAL A 130 -29.58 -39.66 -16.12
N CYS A 131 -29.90 -40.14 -17.31
CA CYS A 131 -29.19 -41.24 -17.93
C CYS A 131 -28.95 -40.90 -19.39
N GLU A 132 -28.27 -41.79 -20.10
CA GLU A 132 -28.06 -41.65 -21.54
C GLU A 132 -29.33 -42.14 -22.23
N PHE A 133 -30.38 -41.34 -22.15
CA PHE A 133 -31.68 -41.69 -22.70
C PHE A 133 -31.66 -41.52 -24.21
N GLN A 134 -32.05 -42.56 -24.93
CA GLN A 134 -32.22 -42.47 -26.38
C GLN A 134 -33.66 -42.08 -26.64
N PHE A 135 -33.88 -40.79 -26.89
CA PHE A 135 -35.22 -40.23 -26.91
C PHE A 135 -36.03 -40.76 -28.10
N CYS A 136 -37.34 -40.85 -27.88
CA CYS A 136 -38.27 -41.18 -28.95
C CYS A 136 -38.56 -39.94 -29.78
N ASN A 137 -39.24 -40.16 -30.92
CA ASN A 137 -39.52 -39.06 -31.82
C ASN A 137 -40.46 -38.04 -31.18
N ASP A 138 -41.56 -38.50 -30.59
CA ASP A 138 -42.50 -37.65 -29.86
C ASP A 138 -42.87 -38.32 -28.54
N PRO A 139 -42.02 -38.17 -27.51
CA PRO A 139 -42.34 -38.76 -26.22
C PRO A 139 -43.57 -38.13 -25.58
N PHE A 140 -44.26 -38.93 -24.77
CA PHE A 140 -45.46 -38.51 -24.05
C PHE A 140 -45.75 -39.55 -22.97
N LEU A 141 -46.92 -39.43 -22.36
CA LEU A 141 -47.38 -40.38 -21.35
C LEU A 141 -48.77 -40.88 -21.72
N GLY A 142 -48.98 -42.19 -21.58
CA GLY A 142 -50.25 -42.81 -21.91
C GLY A 142 -51.00 -43.23 -20.66
N VAL A 143 -52.31 -42.97 -20.66
CA VAL A 143 -53.19 -43.32 -19.56
C VAL A 143 -54.52 -43.80 -20.12
N TYR A 144 -55.14 -44.76 -19.44
CA TYR A 144 -56.46 -45.24 -19.81
C TYR A 144 -57.40 -45.11 -18.62
N TYR A 145 -58.69 -45.04 -18.91
CA TYR A 145 -59.70 -44.92 -17.87
C TYR A 145 -60.10 -46.31 -17.39
N HIS A 146 -59.96 -46.54 -16.09
CA HIS A 146 -60.37 -47.81 -15.47
C HIS A 146 -61.87 -47.76 -15.27
N LYS A 147 -62.60 -48.52 -16.09
CA LYS A 147 -64.06 -48.42 -16.10
C LYS A 147 -64.65 -48.96 -14.80
N ASN A 148 -64.00 -49.94 -14.18
CA ASN A 148 -64.57 -50.55 -12.98
C ASN A 148 -64.28 -49.72 -11.74
N ASN A 149 -63.06 -49.21 -11.59
CA ASN A 149 -62.70 -48.40 -10.44
C ASN A 149 -63.01 -46.92 -10.61
N LYS A 150 -63.37 -46.48 -11.81
CA LYS A 150 -63.74 -45.09 -12.10
C LYS A 150 -62.61 -44.13 -11.73
N SER A 151 -61.41 -44.41 -12.25
CA SER A 151 -60.26 -43.55 -12.04
C SER A 151 -59.26 -43.76 -13.17
N TRP A 152 -58.40 -42.76 -13.36
CA TRP A 152 -57.38 -42.81 -14.41
C TRP A 152 -56.04 -43.23 -13.80
N MET A 153 -55.50 -44.33 -14.30
CA MET A 153 -54.19 -44.81 -13.87
C MET A 153 -53.41 -45.24 -15.11
N GLU A 154 -52.09 -45.24 -14.98
CA GLU A 154 -51.19 -45.26 -16.14
C GLU A 154 -51.31 -46.57 -16.92
N SER A 155 -51.07 -46.48 -18.22
CA SER A 155 -51.06 -47.65 -19.11
C SER A 155 -49.64 -48.05 -19.51
N GLU A 156 -48.90 -47.12 -20.12
CA GLU A 156 -47.55 -47.35 -20.59
C GLU A 156 -46.78 -46.04 -20.52
N PHE A 157 -45.46 -46.15 -20.65
CA PHE A 157 -44.57 -45.01 -20.72
C PHE A 157 -43.89 -45.02 -22.08
N ARG A 158 -44.05 -43.95 -22.85
CA ARG A 158 -43.49 -43.86 -24.20
C ARG A 158 -42.62 -42.61 -24.24
N VAL A 159 -41.36 -42.77 -23.85
CA VAL A 159 -40.44 -41.65 -23.69
C VAL A 159 -39.16 -41.88 -24.48
N TYR A 160 -38.46 -42.98 -24.19
CA TYR A 160 -37.13 -43.21 -24.70
C TYR A 160 -37.01 -44.64 -25.21
N SER A 161 -36.10 -44.83 -26.17
CA SER A 161 -35.82 -46.18 -26.66
C SER A 161 -35.09 -47.00 -25.60
N SER A 162 -34.05 -46.43 -25.00
CA SER A 162 -33.29 -47.13 -23.96
C SER A 162 -32.58 -46.10 -23.11
N ALA A 163 -32.19 -46.52 -21.92
CA ALA A 163 -31.47 -45.68 -20.97
C ALA A 163 -30.16 -46.35 -20.58
N ASN A 164 -29.08 -45.57 -20.58
CA ASN A 164 -27.76 -46.09 -20.28
C ASN A 164 -27.04 -45.12 -19.34
N ASN A 165 -26.07 -45.66 -18.61
CA ASN A 165 -25.19 -44.88 -17.74
C ASN A 165 -26.00 -44.02 -16.78
N CYS A 166 -26.98 -44.64 -16.13
CA CYS A 166 -27.81 -43.94 -15.16
C CYS A 166 -26.96 -43.52 -13.96
N THR A 167 -26.92 -42.22 -13.69
CA THR A 167 -26.18 -41.69 -12.55
C THR A 167 -27.08 -41.10 -11.47
N PHE A 168 -28.22 -40.52 -11.85
CA PHE A 168 -29.10 -39.88 -10.89
C PHE A 168 -30.48 -40.53 -10.96
N GLU A 169 -31.06 -40.79 -9.80
CA GLU A 169 -32.41 -41.31 -9.69
C GLU A 169 -33.09 -40.62 -8.51
N TYR A 170 -33.86 -39.57 -8.80
CA TYR A 170 -34.49 -38.77 -7.76
C TYR A 170 -35.98 -39.09 -7.70
N VAL A 171 -36.49 -39.26 -6.50
CA VAL A 171 -37.91 -39.52 -6.26
C VAL A 171 -38.38 -38.59 -5.15
N SER A 172 -39.53 -37.95 -5.37
CA SER A 172 -40.13 -37.09 -4.37
C SER A 172 -41.64 -37.08 -4.58
N GLN A 173 -42.34 -36.53 -3.59
CA GLN A 173 -43.80 -36.52 -3.65
C GLN A 173 -44.25 -35.68 -4.85
N PRO A 174 -45.40 -36.02 -5.44
CA PRO A 174 -45.88 -35.26 -6.60
C PRO A 174 -46.22 -33.83 -6.22
N PHE A 175 -45.46 -32.88 -6.80
CA PHE A 175 -45.71 -31.47 -6.60
C PHE A 175 -46.58 -30.87 -7.69
N LEU A 176 -46.67 -31.51 -8.85
CA LEU A 176 -47.48 -31.02 -9.96
C LEU A 176 -48.94 -31.43 -9.84
N MET A 177 -49.22 -32.58 -9.24
CA MET A 177 -50.60 -33.07 -9.12
C MET A 177 -51.39 -32.16 -8.18
N ASP A 178 -52.65 -31.92 -8.54
CA ASP A 178 -53.58 -31.16 -7.71
C ASP A 178 -53.06 -29.74 -7.43
N LYS A 187 -58.12 -21.80 -13.78
CA LYS A 187 -58.52 -21.66 -12.39
C LYS A 187 -57.32 -21.44 -11.48
N ASN A 188 -56.20 -22.09 -11.82
CA ASN A 188 -54.97 -21.97 -11.06
C ASN A 188 -53.79 -21.81 -12.01
N LEU A 189 -52.71 -21.22 -11.50
CA LEU A 189 -51.50 -20.99 -12.27
C LEU A 189 -50.32 -21.65 -11.58
N ARG A 190 -49.52 -22.37 -12.34
CA ARG A 190 -48.29 -22.99 -11.85
C ARG A 190 -47.11 -22.36 -12.58
N GLU A 191 -46.14 -21.85 -11.83
CA GLU A 191 -44.97 -21.19 -12.39
C GLU A 191 -43.72 -21.97 -11.99
N PHE A 192 -42.87 -22.27 -12.98
CA PHE A 192 -41.64 -23.01 -12.75
C PHE A 192 -40.46 -22.27 -13.34
N VAL A 193 -39.30 -22.40 -12.71
CA VAL A 193 -38.06 -21.81 -13.19
C VAL A 193 -36.96 -22.86 -13.13
N PHE A 194 -36.22 -23.01 -14.23
CA PHE A 194 -35.14 -23.97 -14.31
C PHE A 194 -33.83 -23.24 -14.55
N LYS A 195 -32.83 -23.52 -13.73
CA LYS A 195 -31.51 -22.92 -13.88
C LYS A 195 -30.44 -23.99 -13.70
N ASN A 196 -29.39 -23.89 -14.52
CA ASN A 196 -28.26 -24.82 -14.44
C ASN A 196 -26.99 -24.01 -14.21
N ILE A 197 -26.47 -24.08 -12.98
CA ILE A 197 -25.25 -23.36 -12.61
C ILE A 197 -24.39 -24.29 -11.76
N ASP A 198 -23.08 -24.28 -12.02
CA ASP A 198 -22.09 -24.98 -11.19
C ASP A 198 -22.37 -26.47 -11.11
N GLY A 199 -22.84 -27.05 -12.21
CA GLY A 199 -23.19 -28.46 -12.20
C GLY A 199 -24.38 -28.79 -11.34
N TYR A 200 -25.23 -27.81 -11.05
CA TYR A 200 -26.39 -27.99 -10.18
C TYR A 200 -27.65 -27.59 -10.93
N PHE A 201 -28.72 -28.33 -10.69
CA PHE A 201 -30.03 -28.05 -11.28
C PHE A 201 -30.98 -27.54 -10.21
N LYS A 202 -31.66 -26.44 -10.50
CA LYS A 202 -32.55 -25.79 -9.54
C LYS A 202 -33.94 -25.60 -10.13
N ILE A 203 -34.95 -25.94 -9.35
CA ILE A 203 -36.35 -25.83 -9.75
C ILE A 203 -37.10 -25.05 -8.70
N TYR A 204 -37.87 -24.05 -9.13
CA TYR A 204 -38.69 -23.23 -8.25
C TYR A 204 -40.13 -23.33 -8.70
N SER A 205 -41.06 -23.09 -7.76
CA SER A 205 -42.47 -23.27 -8.06
C SER A 205 -43.32 -22.40 -7.14
N LYS A 206 -44.58 -22.24 -7.55
CA LYS A 206 -45.58 -21.54 -6.76
C LYS A 206 -46.96 -21.86 -7.33
N HIS A 207 -47.92 -22.11 -6.46
CA HIS A 207 -49.29 -22.43 -6.83
C HIS A 207 -50.20 -21.28 -6.41
N THR A 208 -51.00 -20.78 -7.36
CA THR A 208 -51.87 -19.65 -7.11
C THR A 208 -53.14 -19.78 -7.95
N PRO A 209 -54.32 -19.63 -7.34
CA PRO A 209 -55.55 -19.63 -8.14
C PRO A 209 -55.72 -18.30 -8.88
N ILE A 210 -56.08 -18.39 -10.15
CA ILE A 210 -56.15 -17.22 -11.02
C ILE A 210 -57.46 -17.24 -11.80
N ASN A 211 -57.81 -16.09 -12.36
CA ASN A 211 -59.05 -15.90 -13.11
C ASN A 211 -58.80 -15.33 -14.50
N LEU A 212 -57.67 -15.68 -15.11
CA LEU A 212 -57.33 -15.26 -16.47
C LEU A 212 -56.93 -16.48 -17.29
N VAL A 213 -57.25 -16.46 -18.58
CA VAL A 213 -56.99 -17.57 -19.48
C VAL A 213 -55.92 -17.23 -20.51
N ARG A 214 -56.18 -16.22 -21.34
CA ARG A 214 -55.26 -15.92 -22.44
C ARG A 214 -53.95 -15.31 -21.92
N ASP A 215 -54.04 -14.34 -21.02
CA ASP A 215 -52.88 -13.59 -20.58
C ASP A 215 -52.51 -13.95 -19.14
N LEU A 216 -51.21 -13.86 -18.86
CA LEU A 216 -50.71 -14.14 -17.52
C LEU A 216 -51.28 -13.13 -16.53
N PRO A 217 -51.82 -13.56 -15.40
CA PRO A 217 -52.44 -12.63 -14.47
C PRO A 217 -51.43 -11.67 -13.88
N GLN A 218 -51.84 -10.43 -13.71
CA GLN A 218 -51.01 -9.46 -13.02
C GLN A 218 -51.06 -9.72 -11.52
N GLY A 219 -49.96 -9.46 -10.85
CA GLY A 219 -49.83 -9.71 -9.43
C GLY A 219 -48.46 -10.28 -9.15
N PHE A 220 -48.05 -10.20 -7.88
CA PHE A 220 -46.73 -10.63 -7.47
C PHE A 220 -46.85 -11.82 -6.52
N SER A 221 -46.06 -12.85 -6.80
CA SER A 221 -45.95 -14.01 -5.92
C SER A 221 -44.58 -14.63 -6.15
N ALA A 222 -43.77 -14.71 -5.11
CA ALA A 222 -42.41 -15.21 -5.25
C ALA A 222 -42.41 -16.72 -5.47
N LEU A 223 -41.38 -17.20 -6.16
CA LEU A 223 -41.24 -18.62 -6.47
C LEU A 223 -40.32 -19.25 -5.45
N GLU A 224 -40.89 -20.05 -4.56
CA GLU A 224 -40.09 -20.76 -3.56
C GLU A 224 -39.32 -21.90 -4.22
N PRO A 225 -38.09 -22.17 -3.78
CA PRO A 225 -37.33 -23.26 -4.40
C PRO A 225 -37.94 -24.61 -4.09
N LEU A 226 -37.99 -25.47 -5.10
CA LEU A 226 -38.62 -26.78 -4.97
C LEU A 226 -37.58 -27.85 -4.63
N VAL A 227 -36.58 -28.03 -5.49
CA VAL A 227 -35.51 -29.00 -5.28
C VAL A 227 -34.22 -28.44 -5.88
N ASP A 228 -33.10 -28.94 -5.35
CA ASP A 228 -31.78 -28.68 -5.91
C ASP A 228 -31.11 -30.02 -6.18
N LEU A 229 -30.46 -30.15 -7.34
CA LEU A 229 -29.86 -31.42 -7.69
C LEU A 229 -28.45 -31.21 -8.24
N PRO A 230 -27.50 -32.07 -7.86
CA PRO A 230 -26.11 -31.99 -8.38
C PRO A 230 -25.91 -32.82 -9.64
N ILE A 231 -26.69 -32.52 -10.67
CA ILE A 231 -26.69 -33.33 -11.88
C ILE A 231 -25.33 -33.25 -12.58
N GLY A 232 -24.83 -32.05 -12.78
CA GLY A 232 -23.51 -31.87 -13.36
C GLY A 232 -23.40 -32.15 -14.84
N ILE A 233 -24.51 -32.08 -15.58
CA ILE A 233 -24.48 -32.28 -17.02
C ILE A 233 -24.85 -30.97 -17.70
N ASN A 234 -24.34 -30.80 -18.93
CA ASN A 234 -24.68 -29.63 -19.72
C ASN A 234 -26.11 -29.75 -20.23
N ILE A 235 -26.88 -28.68 -20.10
CA ILE A 235 -28.26 -28.64 -20.58
C ILE A 235 -28.44 -27.37 -21.40
N THR A 236 -28.78 -27.52 -22.69
CA THR A 236 -29.00 -26.37 -23.55
C THR A 236 -30.21 -26.55 -24.46
N ARG A 237 -31.20 -27.35 -24.07
CA ARG A 237 -32.30 -27.65 -24.98
C ARG A 237 -33.37 -28.36 -24.16
N PHE A 238 -34.64 -27.94 -24.29
CA PHE A 238 -35.66 -28.55 -23.46
C PHE A 238 -36.97 -28.67 -24.23
N GLN A 239 -37.85 -29.54 -23.73
CA GLN A 239 -39.16 -29.74 -24.31
C GLN A 239 -40.13 -30.09 -23.18
N THR A 240 -41.41 -29.83 -23.42
CA THR A 240 -42.46 -30.13 -22.45
C THR A 240 -43.03 -31.52 -22.71
N LEU A 241 -43.37 -32.23 -21.62
CA LEU A 241 -44.01 -33.53 -21.72
C LEU A 241 -45.50 -33.42 -21.40
N LEU A 242 -46.25 -34.43 -21.84
CA LEU A 242 -47.69 -34.43 -21.73
C LEU A 242 -48.19 -35.82 -21.37
N ALA A 243 -49.43 -35.86 -20.86
CA ALA A 243 -50.14 -37.11 -20.63
C ALA A 243 -51.26 -37.23 -21.65
N LEU A 244 -51.23 -38.30 -22.43
CA LEU A 244 -52.19 -38.50 -23.52
C LEU A 244 -53.17 -39.59 -23.12
N HIS A 245 -54.46 -39.30 -23.26
CA HIS A 245 -55.48 -40.30 -22.99
C HIS A 245 -55.44 -41.41 -24.04
N ARG A 246 -56.04 -42.55 -23.69
CA ARG A 246 -56.00 -43.70 -24.59
C ARG A 246 -56.75 -43.41 -25.89
N SER A 247 -57.74 -42.50 -25.86
CA SER A 247 -58.46 -42.16 -27.08
C SER A 247 -57.56 -41.44 -28.07
N TYR A 248 -56.57 -40.69 -27.59
CA TYR A 248 -55.68 -39.95 -28.48
C TYR A 248 -54.80 -40.87 -29.32
N LEU A 249 -54.57 -42.10 -28.87
CA LEU A 249 -53.67 -43.02 -29.54
C LEU A 249 -54.35 -43.86 -30.61
N THR A 250 -55.62 -43.56 -30.91
CA THR A 250 -56.35 -44.29 -31.94
C THR A 250 -55.71 -44.05 -33.31
N PRO A 251 -55.80 -45.04 -34.21
CA PRO A 251 -55.20 -44.84 -35.54
C PRO A 251 -55.78 -43.67 -36.31
N GLY A 252 -57.06 -43.36 -36.11
CA GLY A 252 -57.66 -42.25 -36.79
C GLY A 252 -57.06 -40.92 -36.38
N ASP A 253 -57.20 -39.95 -37.27
CA ASP A 253 -56.60 -38.63 -37.05
C ASP A 253 -57.46 -37.73 -36.18
N SER A 254 -58.61 -38.20 -35.70
CA SER A 254 -59.52 -37.40 -34.88
C SER A 254 -59.76 -38.10 -33.56
N SER A 255 -59.82 -37.33 -32.48
CA SER A 255 -60.11 -37.84 -31.14
C SER A 255 -61.46 -37.29 -30.68
N SER A 256 -62.30 -38.19 -30.16
CA SER A 256 -63.62 -37.82 -29.69
C SER A 256 -63.87 -38.14 -28.22
N GLY A 257 -62.89 -38.74 -27.53
CA GLY A 257 -63.06 -39.06 -26.13
C GLY A 257 -62.23 -38.19 -25.21
N TRP A 258 -61.32 -37.41 -25.77
CA TRP A 258 -60.44 -36.55 -25.00
C TRP A 258 -60.54 -35.12 -25.50
N THR A 259 -60.71 -34.18 -24.57
CA THR A 259 -60.79 -32.75 -24.90
C THR A 259 -59.54 -32.09 -24.32
N ALA A 260 -58.46 -32.09 -25.09
CA ALA A 260 -57.18 -31.54 -24.67
C ALA A 260 -56.92 -30.14 -25.23
N GLY A 261 -57.98 -29.33 -25.39
CA GLY A 261 -57.82 -27.99 -25.90
C GLY A 261 -57.16 -27.03 -24.93
N ALA A 262 -57.17 -27.36 -23.64
CA ALA A 262 -56.57 -26.50 -22.63
C ALA A 262 -55.05 -26.61 -22.59
N ALA A 263 -54.45 -27.42 -23.47
CA ALA A 263 -53.02 -27.68 -23.45
C ALA A 263 -52.28 -26.44 -23.96
N ALA A 264 -51.95 -25.56 -23.02
CA ALA A 264 -51.22 -24.34 -23.34
C ALA A 264 -50.25 -24.03 -22.21
N TYR A 265 -49.16 -23.35 -22.54
CA TYR A 265 -48.16 -22.97 -21.55
C TYR A 265 -47.41 -21.75 -22.03
N TYR A 266 -46.71 -21.10 -21.11
CA TYR A 266 -45.95 -19.89 -21.38
C TYR A 266 -44.49 -20.12 -21.05
N VAL A 267 -43.59 -19.63 -21.90
CA VAL A 267 -42.16 -19.83 -21.74
C VAL A 267 -41.46 -18.49 -21.87
N GLY A 268 -40.71 -18.11 -20.82
CA GLY A 268 -39.85 -16.94 -20.86
C GLY A 268 -38.39 -17.37 -20.75
N TYR A 269 -37.50 -16.42 -21.01
CA TYR A 269 -36.06 -16.67 -20.97
C TYR A 269 -35.43 -15.76 -19.93
N LEU A 270 -34.56 -16.34 -19.09
CA LEU A 270 -33.88 -15.60 -18.04
C LEU A 270 -32.68 -14.84 -18.61
N GLN A 271 -32.36 -13.72 -17.96
CA GLN A 271 -31.24 -12.89 -18.34
C GLN A 271 -30.56 -12.36 -17.09
N PRO A 272 -29.29 -11.98 -17.18
CA PRO A 272 -28.61 -11.37 -16.03
C PRO A 272 -29.21 -9.99 -15.73
N ARG A 273 -29.75 -9.84 -14.53
CA ARG A 273 -30.42 -8.61 -14.13
C ARG A 273 -30.12 -8.33 -12.67
N THR A 274 -30.31 -7.08 -12.28
CA THR A 274 -30.18 -6.66 -10.88
C THR A 274 -31.57 -6.33 -10.37
N PHE A 275 -31.96 -6.95 -9.26
CA PHE A 275 -33.30 -6.81 -8.71
C PHE A 275 -33.20 -6.32 -7.27
N LEU A 276 -34.09 -5.41 -6.89
CA LEU A 276 -34.22 -4.95 -5.52
C LEU A 276 -35.38 -5.70 -4.88
N LEU A 277 -35.08 -6.82 -4.25
CA LEU A 277 -36.10 -7.70 -3.68
C LEU A 277 -36.53 -7.15 -2.33
N LYS A 278 -37.83 -7.16 -2.08
CA LYS A 278 -38.40 -6.66 -0.84
C LYS A 278 -38.79 -7.85 0.04
N TYR A 279 -38.28 -7.86 1.27
CA TYR A 279 -38.60 -8.89 2.24
C TYR A 279 -39.49 -8.30 3.32
N ASN A 280 -40.55 -9.01 3.68
CA ASN A 280 -41.39 -8.57 4.77
C ASN A 280 -40.85 -9.11 6.10
N GLU A 281 -41.55 -8.82 7.20
CA GLU A 281 -41.08 -9.26 8.51
C GLU A 281 -41.07 -10.78 8.63
N ASN A 282 -41.94 -11.46 7.88
CA ASN A 282 -41.93 -12.92 7.92
C ASN A 282 -40.79 -13.50 7.11
N GLY A 283 -40.24 -12.73 6.18
CA GLY A 283 -39.20 -13.22 5.30
C GLY A 283 -39.64 -13.58 3.90
N THR A 284 -40.90 -13.34 3.54
CA THR A 284 -41.40 -13.62 2.21
C THR A 284 -41.18 -12.43 1.30
N ILE A 285 -40.81 -12.69 0.05
CA ILE A 285 -40.59 -11.63 -0.92
C ILE A 285 -41.94 -11.14 -1.41
N THR A 286 -42.30 -9.90 -1.05
CA THR A 286 -43.60 -9.35 -1.35
C THR A 286 -43.58 -8.30 -2.45
N ASP A 287 -42.42 -7.92 -2.95
CA ASP A 287 -42.33 -6.95 -4.03
C ASP A 287 -40.94 -7.01 -4.63
N ALA A 288 -40.79 -6.41 -5.81
CA ALA A 288 -39.51 -6.42 -6.49
C ALA A 288 -39.43 -5.24 -7.45
N VAL A 289 -38.20 -4.88 -7.81
CA VAL A 289 -37.93 -3.78 -8.73
C VAL A 289 -36.82 -4.23 -9.69
N ASP A 290 -37.03 -4.00 -10.98
CA ASP A 290 -36.03 -4.33 -11.99
C ASP A 290 -35.18 -3.10 -12.27
N CYS A 291 -33.88 -3.21 -12.02
CA CYS A 291 -33.02 -2.02 -12.03
C CYS A 291 -32.89 -1.42 -13.42
N ALA A 292 -33.00 -2.22 -14.47
CA ALA A 292 -32.81 -1.75 -15.83
C ALA A 292 -34.11 -1.52 -16.58
N LEU A 293 -35.25 -1.61 -15.90
CA LEU A 293 -36.53 -1.51 -16.61
C LEU A 293 -36.74 -0.10 -17.17
N ASP A 294 -36.57 0.91 -16.34
CA ASP A 294 -36.82 2.30 -16.74
C ASP A 294 -36.15 3.21 -15.73
N PRO A 295 -35.97 4.50 -16.07
CA PRO A 295 -35.23 5.39 -15.16
C PRO A 295 -35.79 5.46 -13.75
N LEU A 296 -37.11 5.38 -13.58
CA LEU A 296 -37.67 5.41 -12.23
C LEU A 296 -37.20 4.22 -11.42
N SER A 297 -37.18 3.03 -12.03
CA SER A 297 -36.74 1.85 -11.30
C SER A 297 -35.23 1.88 -11.06
N GLU A 298 -34.47 2.47 -11.97
CA GLU A 298 -33.05 2.67 -11.71
C GLU A 298 -32.85 3.60 -10.52
N THR A 299 -33.68 4.65 -10.42
CA THR A 299 -33.63 5.53 -9.25
C THR A 299 -33.96 4.76 -7.98
N LYS A 300 -34.98 3.91 -8.03
CA LYS A 300 -35.33 3.11 -6.86
C LYS A 300 -34.18 2.20 -6.45
N CYS A 301 -33.53 1.57 -7.42
CA CYS A 301 -32.40 0.71 -7.12
C CYS A 301 -31.26 1.50 -6.49
N THR A 302 -30.94 2.67 -7.04
CA THR A 302 -29.86 3.48 -6.49
C THR A 302 -30.19 3.94 -5.07
N LEU A 303 -31.41 4.36 -4.83
CA LEU A 303 -31.84 4.77 -3.50
C LEU A 303 -32.04 3.60 -2.55
N LYS A 304 -32.13 2.38 -3.07
CA LYS A 304 -32.44 1.20 -2.28
C LYS A 304 -33.72 1.40 -1.47
N SER A 305 -34.72 1.98 -2.12
CA SER A 305 -36.03 2.20 -1.51
C SER A 305 -37.09 2.02 -2.58
N PHE A 306 -38.32 1.75 -2.14
CA PHE A 306 -39.42 1.62 -3.07
C PHE A 306 -40.23 2.90 -3.24
N THR A 307 -39.92 3.93 -2.49
CA THR A 307 -40.52 5.24 -2.68
C THR A 307 -39.41 6.28 -2.65
N VAL A 308 -39.39 7.14 -3.66
CA VAL A 308 -38.38 8.19 -3.78
C VAL A 308 -39.07 9.53 -3.60
N GLU A 309 -38.43 10.42 -2.86
CA GLU A 309 -38.99 11.74 -2.63
C GLU A 309 -38.78 12.63 -3.85
N LYS A 310 -39.59 13.67 -3.95
CA LYS A 310 -39.54 14.58 -5.09
C LYS A 310 -38.17 15.25 -5.15
N GLY A 311 -37.39 14.92 -6.16
CA GLY A 311 -36.07 15.50 -6.30
C GLY A 311 -35.36 14.92 -7.51
N ILE A 312 -34.09 15.29 -7.63
CA ILE A 312 -33.23 14.86 -8.73
C ILE A 312 -32.16 13.93 -8.18
N TYR A 313 -32.01 12.77 -8.81
CA TYR A 313 -31.11 11.74 -8.33
C TYR A 313 -30.19 11.31 -9.45
N GLN A 314 -28.89 11.32 -9.20
CA GLN A 314 -27.90 10.93 -10.20
C GLN A 314 -27.76 9.41 -10.17
N THR A 315 -28.49 8.73 -11.04
CA THR A 315 -28.55 7.27 -11.01
C THR A 315 -27.41 6.63 -11.79
N SER A 316 -27.38 6.86 -13.10
CA SER A 316 -26.43 6.20 -13.98
C SER A 316 -25.36 7.19 -14.42
N ASN A 317 -24.50 6.75 -15.32
CA ASN A 317 -23.41 7.57 -15.84
C ASN A 317 -23.36 7.39 -17.35
N PHE A 318 -23.47 8.49 -18.07
CA PHE A 318 -23.54 8.45 -19.53
C PHE A 318 -22.16 8.65 -20.13
N ARG A 319 -21.92 7.98 -21.26
CA ARG A 319 -20.72 8.23 -22.03
C ARG A 319 -20.94 7.73 -23.45
N VAL A 320 -20.22 8.30 -24.39
CA VAL A 320 -20.35 7.94 -25.79
C VAL A 320 -19.21 7.00 -26.16
N GLN A 321 -19.55 5.89 -26.76
CA GLN A 321 -18.49 4.98 -27.17
C GLN A 321 -17.97 5.34 -28.55
N PRO A 322 -16.69 5.08 -28.82
CA PRO A 322 -16.11 5.47 -30.11
C PRO A 322 -16.80 4.78 -31.27
N THR A 323 -16.98 5.53 -32.36
CA THR A 323 -17.67 4.98 -33.52
C THR A 323 -16.81 3.97 -34.26
N GLU A 324 -15.54 4.29 -34.49
CA GLU A 324 -14.66 3.43 -35.27
C GLU A 324 -13.21 3.79 -34.94
N SER A 325 -12.28 3.15 -35.66
CA SER A 325 -10.86 3.39 -35.50
C SER A 325 -10.29 3.91 -36.80
N ILE A 326 -9.56 5.02 -36.72
CA ILE A 326 -8.93 5.61 -37.89
C ILE A 326 -7.44 5.79 -37.62
N VAL A 327 -6.62 5.56 -38.63
CA VAL A 327 -5.17 5.71 -38.56
C VAL A 327 -4.73 6.53 -39.75
N ARG A 328 -3.87 7.52 -39.51
CA ARG A 328 -3.33 8.35 -40.56
C ARG A 328 -1.81 8.38 -40.48
N PHE A 329 -1.16 8.16 -41.61
CA PHE A 329 0.28 8.26 -41.75
C PHE A 329 0.60 8.99 -43.04
N PRO A 330 1.73 9.69 -43.11
CA PRO A 330 2.10 10.36 -44.37
C PRO A 330 2.28 9.34 -45.48
N ASN A 331 1.88 9.73 -46.70
CA ASN A 331 1.77 8.77 -47.78
C ASN A 331 3.12 8.34 -48.33
N ILE A 332 4.18 9.13 -48.14
CA ILE A 332 5.49 8.73 -48.66
C ILE A 332 6.12 7.73 -47.71
N THR A 333 6.96 6.85 -48.28
CA THR A 333 7.67 5.84 -47.51
C THR A 333 9.18 5.89 -47.67
N ASN A 334 9.69 6.40 -48.79
CA ASN A 334 11.12 6.37 -49.10
C ASN A 334 11.63 4.92 -49.14
N LEU A 335 11.08 4.16 -50.09
CA LEU A 335 11.38 2.75 -50.20
C LEU A 335 12.84 2.52 -50.57
N CYS A 336 13.34 1.36 -50.17
CA CYS A 336 14.72 1.00 -50.47
C CYS A 336 14.90 0.79 -51.98
N PRO A 337 16.11 1.01 -52.50
CA PRO A 337 16.28 1.02 -53.96
C PRO A 337 16.16 -0.35 -54.61
N PHE A 338 14.93 -0.86 -54.74
CA PHE A 338 14.72 -2.10 -55.45
C PHE A 338 14.78 -1.91 -56.97
N GLY A 339 14.37 -0.73 -57.45
CA GLY A 339 14.36 -0.50 -58.89
C GLY A 339 15.74 -0.57 -59.51
N GLU A 340 16.73 0.02 -58.84
CA GLU A 340 18.10 0.02 -59.36
C GLU A 340 18.66 -1.40 -59.44
N VAL A 341 18.46 -2.19 -58.38
CA VAL A 341 19.00 -3.55 -58.36
C VAL A 341 18.13 -4.50 -59.18
N PHE A 342 16.96 -4.05 -59.63
CA PHE A 342 16.09 -4.87 -60.45
C PHE A 342 16.07 -4.44 -61.91
N ASN A 343 16.21 -3.15 -62.18
CA ASN A 343 16.14 -2.63 -63.55
C ASN A 343 17.33 -1.70 -63.77
N ALA A 344 18.23 -2.10 -64.67
CA ALA A 344 19.37 -1.29 -65.04
C ALA A 344 19.91 -1.78 -66.39
N THR A 345 20.77 -0.96 -67.00
CA THR A 345 21.30 -1.28 -68.32
C THR A 345 22.13 -2.56 -68.28
N ARG A 346 22.98 -2.72 -67.26
CA ARG A 346 23.82 -3.88 -67.15
C ARG A 346 24.11 -4.15 -65.68
N PHE A 347 24.15 -5.43 -65.32
CA PHE A 347 24.50 -5.87 -63.98
C PHE A 347 25.79 -6.69 -64.03
N ALA A 348 26.32 -6.96 -62.84
CA ALA A 348 27.49 -7.83 -62.74
C ALA A 348 27.11 -9.27 -63.05
N SER A 349 28.03 -9.99 -63.68
CA SER A 349 27.79 -11.36 -64.08
C SER A 349 27.99 -12.30 -62.89
N VAL A 350 27.61 -13.57 -63.09
CA VAL A 350 27.65 -14.55 -62.01
C VAL A 350 29.09 -14.82 -61.54
N TYR A 351 30.07 -14.63 -62.42
CA TYR A 351 31.46 -14.84 -62.02
C TYR A 351 31.84 -13.94 -60.86
N ALA A 352 31.33 -12.70 -60.84
CA ALA A 352 31.52 -11.77 -59.73
C ALA A 352 30.19 -11.06 -59.48
N TRP A 353 29.34 -11.64 -58.63
CA TRP A 353 28.10 -11.00 -58.23
C TRP A 353 28.40 -9.87 -57.23
N ASN A 354 27.62 -8.80 -57.33
CA ASN A 354 27.85 -7.59 -56.54
C ASN A 354 26.87 -7.51 -55.38
N ARG A 355 27.36 -6.96 -54.27
CA ARG A 355 26.58 -6.81 -53.04
C ARG A 355 26.26 -5.35 -52.82
N LYS A 356 25.08 -5.07 -52.27
CA LYS A 356 24.59 -3.70 -52.18
C LYS A 356 24.47 -3.17 -50.77
N ARG A 357 24.18 -4.04 -49.78
CA ARG A 357 24.03 -3.65 -48.38
C ARG A 357 22.93 -2.58 -48.22
N ILE A 358 21.71 -3.02 -48.52
CA ILE A 358 20.53 -2.18 -48.37
C ILE A 358 20.11 -2.17 -46.90
N SER A 359 19.99 -0.98 -46.32
CA SER A 359 19.65 -0.85 -44.91
C SER A 359 19.17 0.57 -44.65
N ASN A 360 18.86 0.84 -43.38
CA ASN A 360 18.34 2.13 -42.89
C ASN A 360 17.30 2.72 -43.85
N CYS A 361 16.34 1.88 -44.22
CA CYS A 361 15.22 2.30 -45.05
C CYS A 361 14.09 1.29 -44.89
N VAL A 362 12.88 1.73 -45.19
CA VAL A 362 11.72 0.85 -45.15
C VAL A 362 11.47 0.27 -46.53
N ALA A 363 10.80 -0.89 -46.57
CA ALA A 363 10.54 -1.58 -47.82
C ALA A 363 9.14 -2.20 -47.78
N ASP A 364 8.53 -2.33 -48.95
CA ASP A 364 7.24 -3.00 -49.11
C ASP A 364 7.45 -4.18 -50.04
N TYR A 365 7.78 -5.34 -49.46
CA TYR A 365 8.02 -6.55 -50.23
C TYR A 365 6.80 -6.99 -51.02
N SER A 366 5.60 -6.73 -50.50
CA SER A 366 4.38 -7.14 -51.19
C SER A 366 4.20 -6.42 -52.53
N VAL A 367 4.81 -5.25 -52.70
CA VAL A 367 4.77 -4.57 -53.99
C VAL A 367 5.47 -5.42 -55.05
N LEU A 368 6.64 -5.95 -54.72
CA LEU A 368 7.32 -6.87 -55.63
C LEU A 368 6.59 -8.20 -55.72
N TYR A 369 5.95 -8.63 -54.62
CA TYR A 369 5.23 -9.90 -54.62
C TYR A 369 4.06 -9.86 -55.60
N ASN A 370 3.34 -8.73 -55.65
CA ASN A 370 2.18 -8.59 -56.51
C ASN A 370 2.52 -8.33 -57.97
N SER A 371 3.80 -8.14 -58.29
CA SER A 371 4.19 -7.87 -59.67
C SER A 371 3.88 -9.08 -60.55
N ALA A 372 3.42 -8.80 -61.78
CA ALA A 372 3.01 -9.82 -62.72
C ALA A 372 4.06 -10.09 -63.79
N SER A 373 5.34 -10.05 -63.42
CA SER A 373 6.42 -10.37 -64.35
C SER A 373 7.38 -11.37 -63.72
N PHE A 374 7.51 -11.32 -62.40
CA PHE A 374 8.43 -12.21 -61.71
C PHE A 374 7.81 -13.60 -61.60
N SER A 375 8.57 -14.62 -62.03
CA SER A 375 8.09 -16.00 -62.02
C SER A 375 8.55 -16.73 -60.77
N THR A 376 9.86 -16.86 -60.58
CA THR A 376 10.42 -17.59 -59.46
C THR A 376 10.52 -16.66 -58.24
N PHE A 377 10.04 -17.14 -57.10
CA PHE A 377 10.08 -16.38 -55.86
C PHE A 377 10.52 -17.26 -54.70
N LYS A 378 11.54 -18.09 -54.94
CA LYS A 378 11.99 -19.03 -53.92
C LYS A 378 12.65 -18.25 -52.78
N CYS A 379 11.87 -17.85 -51.79
CA CYS A 379 12.33 -16.95 -50.74
C CYS A 379 12.36 -17.74 -49.43
N TYR A 380 13.56 -18.17 -49.05
CA TYR A 380 13.72 -19.10 -47.93
C TYR A 380 13.84 -18.35 -46.61
N GLY A 381 13.21 -18.90 -45.58
CA GLY A 381 13.31 -18.32 -44.24
C GLY A 381 12.04 -17.62 -43.80
N VAL A 382 12.07 -16.29 -43.81
CA VAL A 382 10.95 -15.50 -43.34
C VAL A 382 9.96 -15.29 -44.49
N SER A 383 8.68 -15.50 -44.18
CA SER A 383 7.64 -15.38 -45.19
C SER A 383 7.50 -13.93 -45.66
N PRO A 384 7.22 -13.71 -46.94
CA PRO A 384 7.04 -12.33 -47.42
C PRO A 384 5.91 -11.59 -46.73
N THR A 385 4.83 -12.29 -46.36
CA THR A 385 3.72 -11.60 -45.71
C THR A 385 4.11 -11.04 -44.35
N LYS A 386 5.06 -11.67 -43.67
CA LYS A 386 5.62 -11.15 -42.43
C LYS A 386 6.96 -10.46 -42.63
N LEU A 387 7.51 -10.48 -43.84
CA LEU A 387 8.79 -9.84 -44.10
C LEU A 387 8.71 -8.34 -43.86
N ASN A 388 7.58 -7.72 -44.24
CA ASN A 388 7.42 -6.30 -44.02
C ASN A 388 7.44 -5.97 -42.53
N ASP A 389 6.63 -6.68 -41.74
CA ASP A 389 6.56 -6.38 -40.31
C ASP A 389 7.87 -6.71 -39.61
N LEU A 390 8.47 -7.85 -39.94
CA LEU A 390 9.70 -8.27 -39.26
C LEU A 390 10.84 -7.32 -39.58
N CYS A 391 11.60 -6.97 -38.54
CA CYS A 391 12.70 -6.02 -38.65
C CYS A 391 14.02 -6.77 -38.50
N PHE A 392 14.94 -6.53 -39.42
CA PHE A 392 16.23 -7.19 -39.45
C PHE A 392 17.36 -6.17 -39.39
N THR A 393 18.55 -6.67 -39.03
CA THR A 393 19.72 -5.80 -38.94
C THR A 393 20.06 -5.18 -40.30
N ASN A 394 19.98 -5.98 -41.36
CA ASN A 394 20.23 -5.50 -42.71
C ASN A 394 19.54 -6.42 -43.70
N VAL A 395 19.26 -5.90 -44.89
CA VAL A 395 18.74 -6.69 -45.99
C VAL A 395 19.72 -6.54 -47.16
N TYR A 396 20.49 -7.59 -47.43
CA TYR A 396 21.48 -7.54 -48.50
C TYR A 396 20.81 -7.70 -49.86
N ALA A 397 21.59 -7.47 -50.92
CA ALA A 397 21.09 -7.57 -52.28
C ALA A 397 22.14 -8.21 -53.18
N ASP A 398 21.68 -8.91 -54.21
CA ASP A 398 22.53 -9.56 -55.19
C ASP A 398 21.93 -9.34 -56.58
N SER A 399 22.76 -9.52 -57.60
CA SER A 399 22.30 -9.45 -58.98
C SER A 399 23.34 -10.09 -59.89
N PHE A 400 22.96 -11.13 -60.61
CA PHE A 400 23.87 -11.79 -61.53
C PHE A 400 23.08 -12.59 -62.55
N VAL A 401 23.75 -12.96 -63.64
CA VAL A 401 23.11 -13.59 -64.79
C VAL A 401 23.47 -15.08 -64.78
N ILE A 402 22.44 -15.93 -64.80
CA ILE A 402 22.62 -17.37 -64.82
C ILE A 402 21.61 -17.99 -65.78
N ARG A 403 21.92 -19.20 -66.23
CA ARG A 403 21.06 -19.87 -67.21
C ARG A 403 19.73 -20.27 -66.56
N GLY A 404 18.73 -20.44 -67.42
CA GLY A 404 17.40 -20.80 -66.93
C GLY A 404 17.37 -22.13 -66.19
N ASP A 405 18.07 -23.13 -66.74
CA ASP A 405 18.15 -24.42 -66.06
C ASP A 405 19.16 -24.42 -64.92
N GLU A 406 19.99 -23.38 -64.83
CA GLU A 406 20.95 -23.23 -63.75
C GLU A 406 20.51 -22.20 -62.71
N VAL A 407 19.27 -21.73 -62.78
CA VAL A 407 18.70 -20.96 -61.67
C VAL A 407 18.57 -21.86 -60.45
N ARG A 408 18.35 -23.16 -60.68
CA ARG A 408 18.12 -24.09 -59.60
C ARG A 408 19.31 -24.20 -58.65
N GLN A 409 20.50 -23.83 -59.12
CA GLN A 409 21.75 -24.04 -58.40
C GLN A 409 22.09 -22.92 -57.44
N ILE A 410 21.10 -22.13 -57.03
CA ILE A 410 21.33 -21.00 -56.12
C ILE A 410 20.54 -21.26 -54.84
N ALA A 411 20.40 -22.52 -54.46
CA ALA A 411 19.66 -22.90 -53.27
C ALA A 411 20.57 -23.66 -52.29
N PRO A 412 20.25 -23.66 -51.00
CA PRO A 412 21.06 -24.41 -50.04
C PRO A 412 21.05 -25.91 -50.33
N GLY A 413 22.16 -26.55 -50.01
CA GLY A 413 22.31 -27.98 -50.19
C GLY A 413 22.20 -28.40 -51.65
N GLN A 414 22.81 -27.63 -52.53
CA GLN A 414 22.71 -27.84 -53.97
C GLN A 414 24.09 -28.05 -54.57
N THR A 415 24.14 -28.86 -55.63
CA THR A 415 25.34 -29.04 -56.43
C THR A 415 25.01 -28.76 -57.88
N GLY A 416 26.01 -28.32 -58.61
CA GLY A 416 25.85 -28.02 -60.01
C GLY A 416 27.01 -27.18 -60.51
N LYS A 417 26.93 -26.80 -61.78
CA LYS A 417 28.02 -26.07 -62.41
C LYS A 417 28.20 -24.70 -61.77
N ILE A 418 27.11 -23.93 -61.67
CA ILE A 418 27.17 -22.63 -61.01
C ILE A 418 27.35 -22.80 -59.50
N ALA A 419 26.63 -23.75 -58.91
CA ALA A 419 26.59 -23.86 -57.45
C ALA A 419 27.96 -24.16 -56.86
N ASP A 420 28.70 -25.09 -57.47
CA ASP A 420 29.99 -25.51 -56.94
C ASP A 420 31.13 -24.58 -57.32
N TYR A 421 30.99 -23.80 -58.38
CA TYR A 421 32.09 -23.04 -58.96
C TYR A 421 31.91 -21.54 -58.86
N ASN A 422 30.78 -21.01 -59.32
CA ASN A 422 30.59 -19.56 -59.34
C ASN A 422 30.02 -19.04 -58.01
N TYR A 423 28.84 -19.51 -57.63
CA TYR A 423 28.16 -19.02 -56.44
C TYR A 423 27.51 -20.18 -55.70
N LYS A 424 27.75 -20.22 -54.39
CA LYS A 424 27.16 -21.25 -53.52
C LYS A 424 26.41 -20.57 -52.39
N LEU A 425 25.34 -21.22 -51.94
CA LEU A 425 24.49 -20.67 -50.89
C LEU A 425 24.66 -21.45 -49.60
N PRO A 426 24.65 -20.78 -48.45
CA PRO A 426 24.77 -21.51 -47.18
C PRO A 426 23.56 -22.40 -46.91
N ASP A 427 23.81 -23.48 -46.17
CA ASP A 427 22.74 -24.42 -45.84
C ASP A 427 21.69 -23.76 -44.94
N ASP A 428 22.09 -22.78 -44.14
CA ASP A 428 21.20 -22.04 -43.26
C ASP A 428 20.71 -20.74 -43.89
N PHE A 429 20.52 -20.75 -45.21
CA PHE A 429 20.19 -19.54 -45.94
C PHE A 429 18.85 -18.96 -45.49
N THR A 430 18.80 -17.63 -45.38
CA THR A 430 17.58 -16.89 -45.11
C THR A 430 17.53 -15.69 -46.06
N GLY A 431 16.50 -15.62 -46.89
CA GLY A 431 16.36 -14.51 -47.81
C GLY A 431 15.37 -14.84 -48.90
N CYS A 432 15.40 -14.03 -49.96
CA CYS A 432 14.49 -14.18 -51.08
C CYS A 432 15.27 -14.30 -52.38
N VAL A 433 14.70 -15.02 -53.34
CA VAL A 433 15.30 -15.23 -54.66
C VAL A 433 14.23 -14.98 -55.71
N ILE A 434 14.56 -14.21 -56.73
CA ILE A 434 13.62 -13.85 -57.80
C ILE A 434 14.29 -14.09 -59.14
N ALA A 435 13.60 -14.79 -60.04
CA ALA A 435 14.10 -15.03 -61.39
C ALA A 435 12.98 -14.80 -62.41
N TRP A 436 13.35 -14.21 -63.54
CA TRP A 436 12.39 -13.93 -64.61
C TRP A 436 13.13 -13.74 -65.91
N ASN A 437 12.38 -13.79 -67.01
CA ASN A 437 12.94 -13.74 -68.35
C ASN A 437 13.23 -12.29 -68.77
N SER A 438 14.38 -12.08 -69.40
CA SER A 438 14.79 -10.79 -69.92
C SER A 438 15.40 -10.93 -71.31
N ASN A 439 14.70 -11.65 -72.19
CA ASN A 439 15.23 -11.91 -73.53
C ASN A 439 15.39 -10.62 -74.33
N ASN A 440 14.39 -9.73 -74.28
CA ASN A 440 14.46 -8.51 -75.08
C ASN A 440 15.58 -7.59 -74.61
N LEU A 441 15.85 -7.58 -73.30
CA LEU A 441 16.83 -6.65 -72.75
C LEU A 441 18.23 -7.25 -72.73
N ASP A 442 18.38 -8.43 -72.12
CA ASP A 442 19.70 -9.00 -71.84
C ASP A 442 20.11 -10.09 -72.82
N SER A 443 19.43 -10.23 -73.94
CA SER A 443 19.83 -11.17 -74.98
C SER A 443 19.88 -10.47 -76.32
N LYS A 444 20.90 -10.80 -77.12
CA LYS A 444 21.08 -10.22 -78.44
C LYS A 444 20.97 -11.31 -79.50
N VAL A 445 20.43 -10.93 -80.66
CA VAL A 445 20.24 -11.88 -81.75
C VAL A 445 21.58 -12.35 -82.29
N GLY A 446 22.57 -11.45 -82.35
CA GLY A 446 23.88 -11.83 -82.83
C GLY A 446 24.59 -12.82 -81.93
N GLY A 447 24.38 -12.72 -80.62
CA GLY A 447 25.05 -13.58 -79.67
C GLY A 447 25.69 -12.78 -78.54
N ASN A 448 25.28 -13.06 -77.31
CA ASN A 448 25.68 -12.26 -76.15
C ASN A 448 26.82 -12.98 -75.44
N TYR A 449 28.04 -12.53 -75.69
CA TYR A 449 29.24 -13.11 -75.10
C TYR A 449 29.74 -12.33 -73.89
N ASN A 450 29.02 -11.30 -73.44
CA ASN A 450 29.50 -10.47 -72.35
C ASN A 450 29.45 -11.21 -71.02
N TYR A 451 28.32 -11.84 -70.71
CA TYR A 451 28.16 -12.56 -69.46
C TYR A 451 28.84 -13.92 -69.55
N LEU A 452 29.59 -14.26 -68.51
CA LEU A 452 30.41 -15.47 -68.54
C LEU A 452 30.56 -16.00 -67.11
N TYR A 453 30.54 -17.33 -67.00
CA TYR A 453 30.57 -18.01 -65.72
C TYR A 453 31.82 -18.87 -65.59
N ARG A 454 32.11 -19.29 -64.37
CA ARG A 454 33.29 -20.10 -64.07
C ARG A 454 33.07 -21.50 -64.65
N LEU A 455 33.58 -21.72 -65.86
CA LEU A 455 33.45 -23.03 -66.50
C LEU A 455 34.18 -24.10 -65.70
N PHE A 456 35.41 -23.80 -65.26
CA PHE A 456 36.24 -24.74 -64.53
C PHE A 456 36.88 -24.04 -63.34
N ARG A 457 37.14 -24.83 -62.29
CA ARG A 457 37.83 -24.32 -61.10
C ARG A 457 38.44 -25.51 -60.37
N LYS A 458 39.75 -25.46 -60.15
CA LYS A 458 40.43 -26.57 -59.47
C LYS A 458 39.92 -26.73 -58.04
N SER A 459 39.74 -25.62 -57.32
CA SER A 459 39.36 -25.67 -55.92
C SER A 459 37.84 -25.72 -55.77
N ASN A 460 37.38 -25.83 -54.53
CA ASN A 460 35.97 -25.92 -54.20
C ASN A 460 35.52 -24.64 -53.53
N LEU A 461 34.28 -24.24 -53.80
CA LEU A 461 33.75 -22.98 -53.30
C LEU A 461 33.05 -23.16 -51.96
N LYS A 462 32.94 -22.06 -51.23
CA LYS A 462 32.21 -21.95 -49.99
C LYS A 462 31.19 -20.81 -50.11
N PRO A 463 30.12 -20.84 -49.32
CA PRO A 463 29.13 -19.76 -49.41
C PRO A 463 29.73 -18.39 -49.11
N PHE A 464 29.24 -17.39 -49.85
CA PHE A 464 29.67 -16.00 -49.71
C PHE A 464 31.18 -15.86 -49.96
N GLU A 465 31.67 -16.54 -51.01
CA GLU A 465 33.07 -16.45 -51.42
C GLU A 465 33.17 -15.96 -52.85
N ARG A 466 33.90 -14.87 -53.07
CA ARG A 466 34.05 -14.27 -54.38
C ARG A 466 35.48 -14.49 -54.87
N ASP A 467 35.62 -14.92 -56.12
CA ASP A 467 36.91 -15.22 -56.74
C ASP A 467 37.03 -14.39 -58.01
N ILE A 468 37.49 -13.14 -57.86
CA ILE A 468 37.66 -12.25 -59.01
C ILE A 468 38.92 -12.58 -59.79
N SER A 469 39.88 -13.29 -59.19
CA SER A 469 41.11 -13.62 -59.89
C SER A 469 40.82 -14.51 -61.09
N THR A 470 41.52 -14.27 -62.19
CA THR A 470 41.27 -15.01 -63.42
C THR A 470 42.54 -15.74 -63.85
N GLU A 471 43.15 -16.47 -62.92
CA GLU A 471 44.29 -17.31 -63.26
C GLU A 471 43.84 -18.45 -64.16
N ILE A 472 44.77 -18.90 -65.01
CA ILE A 472 44.44 -19.93 -66.00
C ILE A 472 44.20 -21.26 -65.30
N TYR A 473 43.16 -21.96 -65.75
CA TYR A 473 42.79 -23.25 -65.18
C TYR A 473 43.73 -24.34 -65.68
N GLN A 474 44.03 -25.30 -64.80
CA GLN A 474 44.89 -26.44 -65.14
C GLN A 474 44.01 -27.59 -65.59
N ALA A 475 44.02 -27.88 -66.89
CA ALA A 475 43.16 -28.93 -67.43
C ALA A 475 43.71 -30.32 -67.10
N GLY A 476 45.02 -30.51 -67.25
CA GLY A 476 45.64 -31.80 -67.04
C GLY A 476 46.56 -31.82 -65.83
N SER A 477 46.94 -33.04 -65.44
CA SER A 477 47.79 -33.22 -64.27
C SER A 477 49.18 -32.62 -64.49
N THR A 478 49.58 -32.38 -65.73
CA THR A 478 50.84 -31.72 -66.00
C THR A 478 50.78 -30.27 -65.53
N PRO A 479 51.91 -29.70 -65.12
CA PRO A 479 51.91 -28.31 -64.64
C PRO A 479 51.47 -27.34 -65.73
N CYS A 480 50.84 -26.25 -65.30
CA CYS A 480 50.30 -25.24 -66.20
C CYS A 480 51.29 -24.09 -66.31
N ASN A 481 51.34 -23.47 -67.50
CA ASN A 481 52.21 -22.33 -67.75
C ASN A 481 51.50 -21.30 -68.63
N GLY A 482 50.18 -21.21 -68.53
CA GLY A 482 49.42 -20.28 -69.36
C GLY A 482 49.48 -20.58 -70.84
N VAL A 483 49.30 -21.84 -71.23
CA VAL A 483 49.42 -22.22 -72.64
C VAL A 483 48.09 -22.12 -73.38
N GLU A 484 46.97 -22.05 -72.66
CA GLU A 484 45.63 -21.94 -73.25
C GLU A 484 45.33 -23.11 -74.19
N GLY A 485 45.91 -24.27 -73.92
CA GLY A 485 45.74 -25.42 -74.80
C GLY A 485 45.11 -26.63 -74.14
N PHE A 486 45.61 -27.82 -74.49
CA PHE A 486 45.07 -29.04 -73.91
C PHE A 486 45.35 -29.12 -72.42
N ASN A 487 46.53 -28.67 -71.99
CA ASN A 487 46.90 -28.76 -70.59
C ASN A 487 46.29 -27.63 -69.75
N CYS A 488 45.98 -26.49 -70.37
CA CYS A 488 45.49 -25.33 -69.63
C CYS A 488 44.27 -24.75 -70.33
N TYR A 489 43.20 -24.52 -69.57
CA TYR A 489 41.93 -24.02 -70.10
C TYR A 489 41.61 -22.65 -69.50
N PHE A 490 40.74 -21.92 -70.19
CA PHE A 490 40.22 -20.66 -69.68
C PHE A 490 39.19 -20.95 -68.59
N PRO A 491 39.34 -20.40 -67.38
CA PRO A 491 38.42 -20.75 -66.29
C PRO A 491 36.98 -20.32 -66.50
N LEU A 492 36.71 -19.40 -67.44
CA LEU A 492 35.38 -18.83 -67.60
C LEU A 492 34.84 -19.11 -69.00
N GLN A 493 33.54 -19.36 -69.08
CA GLN A 493 32.84 -19.63 -70.33
C GLN A 493 31.77 -18.58 -70.57
N SER A 494 31.78 -17.97 -71.76
CA SER A 494 30.84 -16.92 -72.09
C SER A 494 29.52 -17.51 -72.59
N TYR A 495 28.42 -16.89 -72.19
CA TYR A 495 27.09 -17.38 -72.53
C TYR A 495 26.84 -17.30 -74.03
N GLY A 496 25.96 -18.18 -74.51
CA GLY A 496 25.46 -18.10 -75.87
C GLY A 496 23.96 -17.86 -75.87
N PHE A 497 23.54 -16.65 -76.25
CA PHE A 497 22.14 -16.26 -76.21
C PHE A 497 21.62 -16.06 -77.63
N GLN A 498 20.47 -16.68 -77.92
CA GLN A 498 19.74 -16.46 -79.15
C GLN A 498 18.26 -16.42 -78.83
N PRO A 499 17.48 -15.57 -79.51
CA PRO A 499 16.03 -15.55 -79.27
C PRO A 499 15.35 -16.87 -79.57
N THR A 500 15.93 -17.69 -80.44
CA THR A 500 15.40 -19.02 -80.72
C THR A 500 15.77 -20.03 -79.64
N ASN A 501 16.77 -19.73 -78.81
CA ASN A 501 17.19 -20.65 -77.78
C ASN A 501 16.13 -20.74 -76.67
N GLY A 502 16.12 -21.88 -76.00
CA GLY A 502 15.09 -22.18 -75.02
C GLY A 502 15.34 -21.51 -73.68
N VAL A 503 14.49 -21.87 -72.72
CA VAL A 503 14.55 -21.28 -71.39
C VAL A 503 15.89 -21.61 -70.73
N GLY A 504 16.38 -22.83 -70.91
CA GLY A 504 17.67 -23.20 -70.34
C GLY A 504 18.82 -22.34 -70.87
N TYR A 505 18.70 -21.84 -72.10
CA TYR A 505 19.67 -20.93 -72.68
C TYR A 505 19.20 -19.48 -72.62
N GLN A 506 18.16 -19.18 -71.83
CA GLN A 506 17.63 -17.83 -71.80
C GLN A 506 18.17 -17.06 -70.60
N PRO A 507 18.29 -15.73 -70.71
CA PRO A 507 18.91 -14.93 -69.63
C PRO A 507 17.95 -14.58 -68.50
N TYR A 508 17.77 -15.52 -67.58
CA TYR A 508 17.03 -15.22 -66.36
C TYR A 508 17.85 -14.32 -65.45
N ARG A 509 17.24 -13.24 -64.98
CA ARG A 509 17.86 -12.31 -64.05
C ARG A 509 17.47 -12.73 -62.63
N VAL A 510 18.47 -13.07 -61.83
CA VAL A 510 18.24 -13.54 -60.47
C VAL A 510 18.78 -12.51 -59.48
N VAL A 511 18.08 -12.37 -58.36
CA VAL A 511 18.50 -11.52 -57.26
C VAL A 511 18.29 -12.28 -55.97
N VAL A 512 19.27 -12.22 -55.08
CA VAL A 512 19.21 -12.93 -53.80
C VAL A 512 19.41 -11.92 -52.68
N LEU A 513 18.41 -11.80 -51.81
CA LEU A 513 18.43 -10.86 -50.69
C LEU A 513 18.78 -11.64 -49.43
N SER A 514 20.07 -11.88 -49.21
CA SER A 514 20.54 -12.63 -48.06
C SER A 514 20.18 -11.88 -46.78
N PHE A 515 19.49 -12.56 -45.86
CA PHE A 515 19.11 -11.96 -44.59
C PHE A 515 19.96 -12.52 -43.47
N GLU A 516 20.59 -11.62 -42.71
CA GLU A 516 21.49 -12.00 -41.63
C GLU A 516 21.22 -11.13 -40.41
N LEU A 517 21.52 -11.68 -39.24
CA LEU A 517 21.43 -10.96 -37.97
C LEU A 517 22.76 -11.05 -37.25
N LEU A 518 23.26 -9.92 -36.77
CA LEU A 518 24.60 -9.82 -36.20
C LEU A 518 24.58 -9.21 -34.80
N HIS A 519 23.49 -9.39 -34.05
CA HIS A 519 23.30 -8.76 -32.74
C HIS A 519 23.54 -7.26 -32.82
N ALA A 520 22.96 -6.64 -33.84
CA ALA A 520 23.08 -5.22 -34.11
C ALA A 520 21.68 -4.64 -34.25
N PRO A 521 21.54 -3.32 -34.04
CA PRO A 521 20.21 -2.71 -34.21
C PRO A 521 19.61 -2.98 -35.58
N ALA A 522 18.34 -3.35 -35.59
CA ALA A 522 17.63 -3.58 -36.84
C ALA A 522 17.43 -2.27 -37.59
N THR A 523 17.50 -2.35 -38.92
CA THR A 523 17.46 -1.15 -39.76
C THR A 523 16.24 -1.06 -40.67
N VAL A 524 15.59 -2.17 -40.99
CA VAL A 524 14.51 -2.19 -41.97
C VAL A 524 13.24 -2.66 -41.29
N CYS A 525 12.17 -1.89 -41.46
CA CYS A 525 10.83 -2.27 -41.01
C CYS A 525 9.82 -1.81 -42.05
N GLY A 526 8.64 -2.43 -42.03
CA GLY A 526 7.64 -2.19 -43.05
C GLY A 526 6.96 -0.85 -42.96
N PRO A 527 6.28 -0.45 -44.03
CA PRO A 527 5.54 0.81 -44.04
C PRO A 527 4.21 0.68 -43.30
N LYS A 528 3.46 1.77 -43.29
CA LYS A 528 2.19 1.85 -42.57
C LYS A 528 1.12 2.45 -43.47
N LYS A 529 -0.10 1.90 -43.39
CA LYS A 529 -1.20 2.32 -44.23
C LYS A 529 -2.11 3.27 -43.46
N SER A 530 -2.69 4.23 -44.20
CA SER A 530 -3.53 5.26 -43.62
C SER A 530 -4.94 5.15 -44.18
N THR A 531 -5.92 5.18 -43.31
CA THR A 531 -7.32 5.03 -43.70
C THR A 531 -7.93 6.41 -43.98
N ASN A 532 -9.24 6.43 -44.20
CA ASN A 532 -9.95 7.68 -44.40
C ASN A 532 -10.12 8.41 -43.07
N LEU A 533 -10.33 9.72 -43.17
CA LEU A 533 -10.50 10.59 -42.01
C LEU A 533 -11.97 10.94 -41.85
N VAL A 534 -12.52 10.66 -40.67
CA VAL A 534 -13.90 11.00 -40.35
C VAL A 534 -13.88 11.98 -39.19
N LYS A 535 -14.63 13.08 -39.35
CA LYS A 535 -14.65 14.16 -38.38
C LYS A 535 -16.05 14.27 -37.79
N ASN A 536 -16.16 15.06 -36.73
CA ASN A 536 -17.40 15.33 -36.03
C ASN A 536 -18.02 14.09 -35.41
N LYS A 537 -17.27 13.00 -35.30
CA LYS A 537 -17.76 11.77 -34.70
C LYS A 537 -16.72 11.24 -33.73
N CYS A 538 -17.17 10.68 -32.61
CA CYS A 538 -16.25 10.13 -31.63
C CYS A 538 -15.57 8.90 -32.23
N VAL A 539 -14.28 9.02 -32.52
CA VAL A 539 -13.54 7.96 -33.19
C VAL A 539 -12.28 7.64 -32.39
N ASN A 540 -11.73 6.47 -32.66
CA ASN A 540 -10.49 6.02 -32.04
C ASN A 540 -9.35 6.28 -33.00
N PHE A 541 -8.73 7.45 -32.90
CA PHE A 541 -7.78 7.90 -33.89
C PHE A 541 -6.35 7.56 -33.51
N ASN A 542 -5.48 7.54 -34.52
CA ASN A 542 -4.05 7.26 -34.35
C ASN A 542 -3.30 8.07 -35.40
N PHE A 543 -2.54 9.06 -34.96
CA PHE A 543 -1.74 9.91 -35.84
C PHE A 543 -0.26 9.68 -35.50
N ASN A 544 0.32 8.66 -36.13
CA ASN A 544 1.73 8.31 -35.92
C ASN A 544 2.03 8.06 -34.45
N GLY A 545 1.06 7.49 -33.73
CA GLY A 545 1.27 7.09 -32.35
C GLY A 545 0.61 7.93 -31.28
N LEU A 546 -0.20 8.94 -31.66
CA LEU A 546 -1.02 9.62 -30.65
C LEU A 546 -2.02 8.67 -30.01
N THR A 547 -2.59 7.77 -30.79
CA THR A 547 -3.50 6.69 -30.32
C THR A 547 -4.43 7.16 -29.21
N GLY A 548 -5.03 8.34 -29.40
CA GLY A 548 -6.02 8.87 -28.50
C GLY A 548 -7.42 8.59 -29.02
N THR A 549 -8.41 9.02 -28.23
CA THR A 549 -9.80 8.94 -28.62
C THR A 549 -10.48 10.28 -28.38
N GLY A 550 -11.43 10.60 -29.25
CA GLY A 550 -12.12 11.87 -29.14
C GLY A 550 -12.81 12.22 -30.44
N VAL A 551 -13.30 13.45 -30.49
CA VAL A 551 -14.05 13.97 -31.62
C VAL A 551 -13.16 14.92 -32.40
N LEU A 552 -12.84 14.56 -33.63
CA LEU A 552 -11.98 15.38 -34.48
C LEU A 552 -12.82 16.44 -35.17
N THR A 553 -12.49 17.71 -34.95
CA THR A 553 -13.22 18.82 -35.55
C THR A 553 -12.25 19.72 -36.28
N GLU A 554 -12.80 20.77 -36.89
CA GLU A 554 -11.99 21.80 -37.50
C GLU A 554 -11.51 22.79 -36.45
N SER A 555 -10.23 23.15 -36.51
CA SER A 555 -9.63 24.08 -35.58
C SER A 555 -8.91 25.18 -36.34
N ASN A 556 -9.01 26.40 -35.84
CA ASN A 556 -8.46 27.56 -36.51
C ASN A 556 -7.04 27.91 -36.07
N LYS A 557 -6.52 27.24 -35.05
CA LYS A 557 -5.19 27.57 -34.56
C LYS A 557 -4.13 27.18 -35.58
N LYS A 558 -3.06 27.97 -35.65
CA LYS A 558 -2.02 27.83 -36.65
C LYS A 558 -0.80 27.18 -36.01
N PHE A 559 -0.25 26.17 -36.69
CA PHE A 559 0.94 25.47 -36.24
C PHE A 559 2.17 26.00 -36.97
N LEU A 560 3.29 26.01 -36.28
CA LEU A 560 4.55 26.25 -36.95
C LEU A 560 4.88 25.05 -37.84
N PRO A 561 5.57 25.27 -38.96
CA PRO A 561 5.73 24.19 -39.94
C PRO A 561 6.34 22.92 -39.38
N PHE A 562 7.29 23.02 -38.46
CA PHE A 562 7.90 21.83 -37.91
C PHE A 562 7.01 21.15 -36.86
N GLN A 563 6.08 21.88 -36.27
CA GLN A 563 5.26 21.33 -35.21
C GLN A 563 4.29 20.28 -35.75
N GLN A 564 3.93 19.33 -34.90
CA GLN A 564 3.14 18.18 -35.32
C GLN A 564 1.85 17.98 -34.56
N PHE A 565 1.79 18.33 -33.27
CA PHE A 565 0.53 18.27 -32.54
C PHE A 565 0.58 19.29 -31.41
N GLY A 566 -0.54 19.43 -30.72
CA GLY A 566 -0.65 20.45 -29.70
C GLY A 566 -0.95 19.89 -28.32
N ARG A 567 -0.71 20.70 -27.29
CA ARG A 567 -1.00 20.33 -25.91
C ARG A 567 -1.61 21.52 -25.20
N ASP A 568 -2.35 21.23 -24.13
CA ASP A 568 -2.98 22.26 -23.34
C ASP A 568 -2.10 22.60 -22.13
N ILE A 569 -2.64 23.39 -21.21
CA ILE A 569 -1.88 23.75 -20.00
C ILE A 569 -1.65 22.52 -19.14
N ALA A 570 -2.62 21.62 -19.05
CA ALA A 570 -2.51 20.43 -18.24
C ALA A 570 -1.77 19.29 -18.95
N ASP A 571 -1.07 19.59 -20.04
CA ASP A 571 -0.23 18.62 -20.74
C ASP A 571 -1.03 17.42 -21.27
N THR A 572 -2.27 17.66 -21.70
CA THR A 572 -3.05 16.65 -22.40
C THR A 572 -3.27 17.11 -23.83
N THR A 573 -3.12 16.19 -24.78
CA THR A 573 -3.18 16.57 -26.18
C THR A 573 -4.50 17.24 -26.51
N ASP A 574 -4.43 18.35 -27.23
CA ASP A 574 -5.59 19.20 -27.49
C ASP A 574 -5.87 19.37 -28.97
N ALA A 575 -4.85 19.54 -29.79
CA ALA A 575 -5.00 19.65 -31.23
C ALA A 575 -3.94 18.79 -31.88
N VAL A 576 -4.19 18.39 -33.12
CA VAL A 576 -3.27 17.52 -33.85
C VAL A 576 -3.33 17.88 -35.32
N ARG A 577 -2.20 17.77 -36.01
CA ARG A 577 -2.11 18.06 -37.43
C ARG A 577 -2.20 16.77 -38.21
N ASP A 578 -3.04 16.76 -39.24
CA ASP A 578 -3.17 15.58 -40.08
C ASP A 578 -1.86 15.35 -40.83
N PRO A 579 -1.25 14.18 -40.71
CA PRO A 579 0.03 13.96 -41.40
C PRO A 579 -0.06 14.09 -42.91
N GLN A 580 -1.18 13.71 -43.52
CA GLN A 580 -1.27 13.75 -44.97
C GLN A 580 -1.54 15.16 -45.47
N THR A 581 -2.68 15.73 -45.11
CA THR A 581 -3.01 17.10 -45.49
C THR A 581 -2.69 18.02 -44.32
N LEU A 582 -1.99 19.11 -44.61
CA LEU A 582 -1.50 19.97 -43.54
C LEU A 582 -2.65 20.77 -42.97
N GLU A 583 -3.49 20.12 -42.17
CA GLU A 583 -4.67 20.73 -41.59
C GLU A 583 -4.65 20.50 -40.08
N ILE A 584 -4.97 21.53 -39.32
CA ILE A 584 -4.94 21.46 -37.87
C ILE A 584 -6.31 20.99 -37.39
N LEU A 585 -6.35 19.78 -36.83
CA LEU A 585 -7.58 19.17 -36.35
C LEU A 585 -7.61 19.27 -34.83
N ASP A 586 -8.70 19.81 -34.31
CA ASP A 586 -8.90 19.83 -32.87
C ASP A 586 -9.28 18.44 -32.36
N ILE A 587 -9.00 18.19 -31.09
CA ILE A 587 -9.39 16.95 -30.43
C ILE A 587 -10.28 17.31 -29.25
N THR A 588 -11.52 16.84 -29.29
CA THR A 588 -12.49 17.09 -28.26
C THR A 588 -12.88 15.77 -27.62
N PRO A 589 -12.87 15.66 -26.29
CA PRO A 589 -13.21 14.39 -25.64
C PRO A 589 -14.65 14.00 -25.95
N CYS A 590 -14.88 12.69 -25.98
CA CYS A 590 -16.23 12.19 -26.16
C CYS A 590 -17.13 12.68 -25.03
N SER A 591 -18.30 13.20 -25.39
CA SER A 591 -19.17 13.80 -24.40
C SER A 591 -19.64 12.76 -23.40
N PHE A 592 -19.56 13.10 -22.13
CA PHE A 592 -19.95 12.21 -21.05
C PHE A 592 -20.61 13.02 -19.95
N GLY A 593 -21.37 12.33 -19.12
CA GLY A 593 -22.04 13.00 -18.02
C GLY A 593 -22.77 12.01 -17.15
N GLY A 594 -23.50 12.54 -16.19
CA GLY A 594 -24.28 11.70 -15.30
C GLY A 594 -25.77 11.84 -15.54
N VAL A 595 -26.44 10.72 -15.80
CA VAL A 595 -27.89 10.75 -15.99
C VAL A 595 -28.54 11.02 -14.65
N SER A 596 -29.37 12.07 -14.60
CA SER A 596 -30.13 12.41 -13.41
C SER A 596 -31.61 12.27 -13.70
N VAL A 597 -32.33 11.58 -12.84
CA VAL A 597 -33.74 11.29 -13.06
C VAL A 597 -34.57 12.33 -12.32
N ILE A 598 -35.19 13.23 -13.08
CA ILE A 598 -36.09 14.23 -12.49
C ILE A 598 -37.39 13.52 -12.15
N THR A 599 -37.69 13.41 -10.87
CA THR A 599 -38.92 12.74 -10.48
C THR A 599 -39.68 13.55 -9.44
N PRO A 600 -41.00 13.56 -9.52
CA PRO A 600 -41.78 13.94 -8.35
C PRO A 600 -41.87 12.74 -7.43
N GLY A 601 -42.51 12.89 -6.26
CA GLY A 601 -42.63 11.75 -5.37
C GLY A 601 -43.38 10.61 -6.05
N THR A 602 -42.96 9.38 -5.76
CA THR A 602 -43.64 8.22 -6.33
C THR A 602 -45.11 8.18 -5.93
N ASN A 603 -45.47 8.76 -4.79
CA ASN A 603 -46.87 8.89 -4.43
C ASN A 603 -47.60 9.78 -5.44
N THR A 604 -46.95 10.86 -5.89
CA THR A 604 -47.61 11.78 -6.81
C THR A 604 -47.78 11.16 -8.19
N SER A 605 -46.72 10.58 -8.74
CA SER A 605 -46.78 9.99 -10.06
C SER A 605 -45.54 9.18 -10.32
N ASN A 606 -45.63 8.28 -11.31
CA ASN A 606 -44.49 7.51 -11.79
C ASN A 606 -43.82 8.12 -13.01
N GLN A 607 -44.36 9.22 -13.52
CA GLN A 607 -43.76 9.85 -14.69
C GLN A 607 -42.50 10.60 -14.29
N VAL A 608 -41.42 10.39 -15.03
CA VAL A 608 -40.13 10.98 -14.72
C VAL A 608 -39.54 11.61 -15.97
N ALA A 609 -38.50 12.41 -15.75
CA ALA A 609 -37.68 12.97 -16.81
C ALA A 609 -36.22 12.73 -16.47
N VAL A 610 -35.38 12.70 -17.48
CA VAL A 610 -33.95 12.44 -17.30
C VAL A 610 -33.16 13.64 -17.78
N LEU A 611 -32.03 13.88 -17.13
CA LEU A 611 -31.13 14.97 -17.47
C LEU A 611 -29.77 14.39 -17.81
N TYR A 612 -29.30 14.62 -19.02
CA TYR A 612 -27.98 14.15 -19.46
C TYR A 612 -27.02 15.32 -19.32
N GLN A 613 -26.25 15.33 -18.23
CA GLN A 613 -25.49 16.51 -17.86
C GLN A 613 -24.39 16.80 -18.88
N ASP A 614 -24.33 18.06 -19.32
CA ASP A 614 -23.27 18.54 -20.21
C ASP A 614 -23.16 17.67 -21.46
N VAL A 615 -24.30 17.29 -22.01
CA VAL A 615 -24.35 16.56 -23.27
C VAL A 615 -25.32 17.26 -24.20
N ASN A 616 -24.88 17.54 -25.42
CA ASN A 616 -25.76 18.12 -26.42
C ASN A 616 -26.88 17.14 -26.76
N CYS A 617 -28.07 17.68 -27.01
CA CYS A 617 -29.22 16.82 -27.28
C CYS A 617 -29.07 16.09 -28.60
N THR A 618 -28.28 16.63 -29.52
CA THR A 618 -28.09 15.98 -30.82
C THR A 618 -27.35 14.65 -30.66
N GLU A 619 -26.41 14.57 -29.73
CA GLU A 619 -25.55 13.41 -29.59
C GLU A 619 -25.95 12.49 -28.44
N VAL A 620 -27.15 12.65 -27.91
CA VAL A 620 -27.62 11.79 -26.82
C VAL A 620 -27.66 10.33 -27.27
N TYR A 636 -34.59 7.25 -20.83
CA TYR A 636 -35.48 7.74 -21.88
C TYR A 636 -34.64 8.30 -23.03
N SER A 637 -34.66 7.61 -24.17
CA SER A 637 -33.92 8.05 -25.33
C SER A 637 -34.60 9.28 -25.95
N THR A 638 -33.99 9.79 -27.01
CA THR A 638 -34.50 10.99 -27.65
C THR A 638 -35.82 10.70 -28.35
N GLY A 639 -36.59 11.77 -28.58
CA GLY A 639 -37.86 11.67 -29.26
C GLY A 639 -39.09 11.91 -28.40
N SER A 640 -38.91 12.34 -27.16
CA SER A 640 -40.03 12.61 -26.25
C SER A 640 -39.73 13.88 -25.46
N ASN A 641 -40.19 15.03 -25.98
CA ASN A 641 -40.04 16.32 -25.32
C ASN A 641 -38.58 16.62 -25.01
N VAL A 642 -37.74 16.55 -26.04
CA VAL A 642 -36.31 16.80 -25.84
C VAL A 642 -36.07 18.29 -25.70
N PHE A 643 -35.43 18.68 -24.61
CA PHE A 643 -35.17 20.07 -24.28
C PHE A 643 -33.69 20.25 -23.95
N GLN A 644 -33.08 21.28 -24.53
CA GLN A 644 -31.67 21.57 -24.33
C GLN A 644 -31.54 22.77 -23.41
N THR A 645 -30.82 22.58 -22.30
CA THR A 645 -30.52 23.65 -21.36
C THR A 645 -29.03 23.67 -21.06
N ARG A 646 -28.60 24.71 -20.36
CA ARG A 646 -27.17 24.85 -20.06
C ARG A 646 -26.67 23.75 -19.13
N ALA A 647 -27.56 23.08 -18.39
CA ALA A 647 -27.13 21.96 -17.57
C ALA A 647 -26.87 20.72 -18.42
N GLY A 648 -27.59 20.56 -19.51
CA GLY A 648 -27.44 19.40 -20.36
C GLY A 648 -28.74 19.07 -21.05
N CYS A 649 -28.72 17.97 -21.77
CA CYS A 649 -29.93 17.52 -22.47
C CYS A 649 -30.96 17.03 -21.48
N LEU A 650 -32.18 17.55 -21.59
CA LEU A 650 -33.28 17.18 -20.72
C LEU A 650 -34.36 16.50 -21.54
N ILE A 651 -34.72 15.28 -21.16
CA ILE A 651 -35.67 14.48 -21.90
C ILE A 651 -36.81 14.11 -20.98
N GLY A 652 -38.04 14.36 -21.42
CA GLY A 652 -39.22 14.03 -20.66
C GLY A 652 -39.92 15.19 -19.99
N ALA A 653 -39.48 16.42 -20.22
CA ALA A 653 -40.11 17.60 -19.65
C ALA A 653 -40.34 18.63 -20.75
N GLU A 654 -41.44 19.36 -20.63
CA GLU A 654 -41.80 20.38 -21.61
C GLU A 654 -41.38 21.76 -21.11
N HIS A 655 -40.76 22.53 -21.99
CA HIS A 655 -40.21 23.82 -21.63
C HIS A 655 -41.28 24.90 -21.74
N VAL A 656 -41.63 25.49 -20.60
CA VAL A 656 -42.69 26.49 -20.52
C VAL A 656 -42.05 27.86 -20.38
N ASN A 657 -42.70 28.88 -20.94
CA ASN A 657 -42.17 30.23 -20.89
C ASN A 657 -42.52 30.97 -19.61
N ASN A 658 -43.44 30.47 -18.80
CA ASN A 658 -43.78 31.20 -17.58
C ASN A 658 -42.73 30.94 -16.50
N SER A 659 -42.80 31.74 -15.45
CA SER A 659 -41.86 31.67 -14.34
C SER A 659 -42.56 31.17 -13.09
N TYR A 660 -41.98 30.17 -12.44
CA TYR A 660 -42.56 29.57 -11.25
C TYR A 660 -41.46 29.43 -10.20
N GLU A 661 -41.88 29.22 -8.96
CA GLU A 661 -40.94 28.96 -7.88
C GLU A 661 -40.20 27.66 -8.14
N CYS A 662 -38.93 27.61 -7.74
CA CYS A 662 -38.12 26.43 -8.01
C CYS A 662 -38.61 25.26 -7.16
N ASP A 663 -38.79 24.11 -7.81
CA ASP A 663 -39.24 22.90 -7.15
C ASP A 663 -38.16 21.83 -7.16
N ILE A 664 -37.64 21.47 -8.32
CA ILE A 664 -36.54 20.53 -8.44
C ILE A 664 -35.39 21.25 -9.13
N PRO A 665 -34.25 21.42 -8.49
CA PRO A 665 -33.18 22.25 -9.06
C PRO A 665 -32.38 21.53 -10.13
N ILE A 666 -32.81 21.60 -11.39
CA ILE A 666 -32.02 21.02 -12.47
C ILE A 666 -30.65 21.68 -12.56
N GLY A 667 -30.63 23.01 -12.52
CA GLY A 667 -29.36 23.72 -12.58
C GLY A 667 -29.33 24.81 -13.63
N ALA A 668 -28.34 25.69 -13.54
CA ALA A 668 -28.16 26.79 -14.48
C ALA A 668 -29.40 27.68 -14.55
N GLY A 669 -30.14 27.75 -13.47
CA GLY A 669 -31.35 28.56 -13.41
C GLY A 669 -32.60 27.88 -13.88
N ILE A 670 -32.56 26.59 -14.18
CA ILE A 670 -33.71 25.85 -14.67
C ILE A 670 -34.19 24.90 -13.59
N CYS A 671 -35.49 24.90 -13.33
CA CYS A 671 -36.10 24.02 -12.35
C CYS A 671 -37.21 23.23 -13.03
N ALA A 672 -37.51 22.06 -12.47
CA ALA A 672 -38.56 21.20 -12.98
C ALA A 672 -39.61 20.97 -11.92
N SER A 673 -40.85 20.76 -12.36
CA SER A 673 -41.96 20.58 -11.43
C SER A 673 -43.07 19.80 -12.12
N TYR A 674 -43.97 19.27 -11.31
CA TYR A 674 -45.11 18.47 -11.77
C TYR A 674 -46.34 19.36 -11.72
N GLN A 675 -46.74 19.89 -12.87
CA GLN A 675 -47.81 20.88 -12.94
C GLN A 675 -48.84 20.50 -13.99
N THR A 676 -49.98 21.18 -13.92
CA THR A 676 -51.06 21.01 -14.87
C THR A 676 -51.06 22.13 -15.91
N SER A 686 -52.82 16.43 -19.40
CA SER A 686 -53.27 17.08 -18.17
C SER A 686 -52.09 17.33 -17.23
N GLN A 687 -51.44 16.25 -16.80
CA GLN A 687 -50.32 16.31 -15.87
C GLN A 687 -49.05 15.90 -16.61
N SER A 688 -48.00 16.69 -16.45
CA SER A 688 -46.70 16.37 -17.04
C SER A 688 -45.62 17.14 -16.30
N ILE A 689 -44.39 16.69 -16.49
CA ILE A 689 -43.24 17.38 -15.91
C ILE A 689 -42.90 18.58 -16.78
N ILE A 690 -42.72 19.75 -16.15
CA ILE A 690 -42.40 20.98 -16.85
C ILE A 690 -41.05 21.48 -16.36
N ALA A 691 -40.32 22.15 -17.25
CA ALA A 691 -39.04 22.76 -16.93
C ALA A 691 -39.12 24.25 -17.25
N TYR A 692 -38.56 25.09 -16.38
CA TYR A 692 -38.72 26.52 -16.51
C TYR A 692 -37.57 27.23 -15.81
N THR A 693 -37.34 28.48 -16.20
CA THR A 693 -36.45 29.34 -15.43
C THR A 693 -37.11 29.70 -14.11
N MET A 694 -36.35 29.61 -13.01
CA MET A 694 -36.94 29.83 -11.70
C MET A 694 -37.38 31.29 -11.56
N SER A 695 -38.43 31.49 -10.76
CA SER A 695 -38.93 32.81 -10.44
C SER A 695 -38.44 33.19 -9.05
N LEU A 696 -37.66 34.26 -8.97
CA LEU A 696 -37.08 34.65 -7.69
C LEU A 696 -38.10 35.24 -6.73
N GLY A 697 -39.31 35.52 -7.18
CA GLY A 697 -40.34 36.07 -6.34
C GLY A 697 -41.11 37.18 -7.05
N ALA A 698 -42.20 37.59 -6.41
CA ALA A 698 -43.06 38.59 -7.00
C ALA A 698 -42.35 39.93 -7.06
N GLU A 699 -42.13 40.42 -8.27
CA GLU A 699 -41.41 41.68 -8.49
C GLU A 699 -42.33 42.83 -8.10
N ASN A 700 -42.24 43.28 -6.85
CA ASN A 700 -43.05 44.40 -6.38
C ASN A 700 -42.13 45.58 -6.12
N SER A 701 -42.44 46.72 -6.74
CA SER A 701 -41.68 47.93 -6.51
C SER A 701 -42.29 48.69 -5.34
N VAL A 702 -41.47 48.96 -4.32
CA VAL A 702 -41.95 49.75 -3.19
C VAL A 702 -42.24 51.16 -3.66
N ALA A 703 -43.40 51.68 -3.28
CA ALA A 703 -43.81 53.00 -3.75
C ALA A 703 -43.01 54.09 -3.07
N TYR A 704 -41.70 54.15 -3.35
CA TYR A 704 -40.86 55.15 -2.72
C TYR A 704 -41.21 56.54 -3.21
N SER A 705 -41.29 57.48 -2.28
CA SER A 705 -41.44 58.88 -2.62
C SER A 705 -40.75 59.68 -1.54
N ASN A 706 -40.05 60.74 -1.94
CA ASN A 706 -39.29 61.54 -0.99
C ASN A 706 -40.15 62.16 0.09
N ASN A 707 -41.46 61.92 0.06
CA ASN A 707 -42.42 62.60 0.91
C ASN A 707 -43.26 61.64 1.74
N SER A 708 -43.20 60.34 1.44
CA SER A 708 -44.17 59.40 1.98
C SER A 708 -43.49 58.33 2.80
N ILE A 709 -44.08 58.02 3.96
CA ILE A 709 -43.67 56.91 4.81
C ILE A 709 -44.88 56.03 5.06
N ALA A 710 -44.61 54.77 5.38
CA ALA A 710 -45.66 53.78 5.65
C ALA A 710 -45.37 53.16 7.01
N ILE A 711 -46.21 53.45 8.00
CA ILE A 711 -46.07 52.94 9.35
C ILE A 711 -47.09 51.84 9.56
N PRO A 712 -46.70 50.67 10.06
CA PRO A 712 -47.67 49.59 10.24
C PRO A 712 -48.63 49.89 11.37
N THR A 713 -49.84 49.35 11.26
CA THR A 713 -50.85 49.57 12.28
C THR A 713 -51.08 48.35 13.16
N ASN A 714 -50.83 47.16 12.65
CA ASN A 714 -51.07 45.92 13.37
C ASN A 714 -49.87 45.02 13.20
N PHE A 715 -49.70 44.09 14.13
CA PHE A 715 -48.55 43.22 14.16
C PHE A 715 -49.00 41.78 14.28
N THR A 716 -48.06 40.86 14.12
CA THR A 716 -48.31 39.45 14.37
C THR A 716 -47.14 38.90 15.16
N ILE A 717 -47.45 38.11 16.19
CA ILE A 717 -46.43 37.47 17.02
C ILE A 717 -46.24 36.07 16.44
N SER A 718 -45.30 35.95 15.51
CA SER A 718 -45.08 34.69 14.81
C SER A 718 -43.96 33.91 15.46
N VAL A 719 -44.15 32.61 15.61
CA VAL A 719 -43.16 31.73 16.20
C VAL A 719 -42.51 30.94 15.08
N THR A 720 -41.19 31.04 14.98
CA THR A 720 -40.41 30.38 13.93
C THR A 720 -39.61 29.25 14.57
N THR A 721 -39.58 28.11 13.91
CA THR A 721 -38.83 26.96 14.40
C THR A 721 -37.49 26.88 13.71
N GLU A 722 -36.42 26.74 14.48
CA GLU A 722 -35.08 26.60 13.94
C GLU A 722 -34.41 25.38 14.57
N ILE A 723 -33.98 24.45 13.73
CA ILE A 723 -33.39 23.20 14.18
C ILE A 723 -31.89 23.26 13.94
N LEU A 724 -31.11 22.85 14.94
CA LEU A 724 -29.66 22.89 14.87
C LEU A 724 -29.09 21.58 15.39
N PRO A 725 -28.27 20.88 14.62
CA PRO A 725 -27.53 19.75 15.19
C PRO A 725 -26.61 20.22 16.29
N VAL A 726 -26.44 19.38 17.31
CA VAL A 726 -25.59 19.69 18.46
C VAL A 726 -24.50 18.65 18.64
N SER A 727 -24.85 17.37 18.53
CA SER A 727 -23.87 16.31 18.65
C SER A 727 -24.21 15.19 17.70
N MET A 728 -23.22 14.41 17.34
CA MET A 728 -23.45 13.21 16.55
C MET A 728 -23.38 11.99 17.45
N THR A 729 -23.44 10.82 16.83
CA THR A 729 -23.36 9.56 17.59
C THR A 729 -21.96 9.40 18.15
N LYS A 730 -21.88 9.29 19.47
CA LYS A 730 -20.62 9.21 20.18
C LYS A 730 -20.01 7.83 19.97
N THR A 731 -19.37 7.61 18.83
CA THR A 731 -18.90 6.29 18.46
C THR A 731 -17.40 6.18 18.61
N SER A 732 -16.94 4.96 18.79
CA SER A 732 -15.52 4.65 18.84
C SER A 732 -15.29 3.32 18.16
N VAL A 733 -14.21 3.23 17.39
CA VAL A 733 -13.88 2.03 16.62
C VAL A 733 -12.71 1.35 17.33
N ASP A 734 -12.89 0.07 17.63
CA ASP A 734 -11.77 -0.75 18.08
C ASP A 734 -10.88 -1.01 16.87
N CYS A 735 -9.84 -0.19 16.74
CA CYS A 735 -8.96 -0.23 15.58
C CYS A 735 -8.43 -1.63 15.29
N THR A 736 -7.70 -2.22 16.23
CA THR A 736 -7.05 -3.50 15.96
C THR A 736 -8.08 -4.60 15.70
N MET A 737 -9.16 -4.63 16.49
CA MET A 737 -10.21 -5.62 16.26
C MET A 737 -10.87 -5.42 14.90
N TYR A 738 -11.03 -4.17 14.48
CA TYR A 738 -11.63 -3.93 13.16
C TYR A 738 -10.73 -4.43 12.05
N ILE A 739 -9.46 -4.06 12.08
CA ILE A 739 -8.57 -4.42 10.98
C ILE A 739 -8.33 -5.92 10.96
N CYS A 740 -8.04 -6.51 12.12
CA CYS A 740 -7.82 -7.94 12.24
C CYS A 740 -8.75 -8.51 13.29
N GLY A 741 -9.27 -9.71 13.03
CA GLY A 741 -10.18 -10.32 13.96
C GLY A 741 -9.46 -10.97 15.11
N ASP A 742 -9.70 -12.26 15.34
CA ASP A 742 -8.98 -13.00 16.36
C ASP A 742 -7.58 -13.40 15.91
N SER A 743 -7.22 -13.15 14.65
CA SER A 743 -5.90 -13.51 14.17
C SER A 743 -4.83 -12.70 14.88
N THR A 744 -3.73 -13.36 15.24
CA THR A 744 -2.61 -12.71 15.92
C THR A 744 -1.47 -12.34 14.98
N GLU A 745 -1.30 -13.08 13.89
CA GLU A 745 -0.31 -12.70 12.88
C GLU A 745 -0.70 -11.38 12.21
N CYS A 746 -2.00 -11.20 11.93
CA CYS A 746 -2.48 -9.92 11.44
C CYS A 746 -2.22 -8.82 12.46
N SER A 747 -2.36 -9.15 13.75
CA SER A 747 -2.06 -8.18 14.79
C SER A 747 -0.59 -7.78 14.75
N ASN A 748 0.31 -8.76 14.58
CA ASN A 748 1.74 -8.46 14.53
C ASN A 748 2.09 -7.61 13.30
N LEU A 749 1.47 -7.90 12.16
CA LEU A 749 1.69 -7.07 10.98
C LEU A 749 1.21 -5.64 11.23
N LEU A 750 0.03 -5.49 11.82
CA LEU A 750 -0.46 -4.17 12.17
C LEU A 750 0.50 -3.47 13.13
N LEU A 751 1.12 -4.24 14.03
CA LEU A 751 2.13 -3.66 14.91
C LEU A 751 3.31 -3.12 14.13
N GLN A 752 3.80 -3.87 13.15
CA GLN A 752 4.98 -3.38 12.43
C GLN A 752 4.59 -2.19 11.56
N TYR A 753 3.31 -2.04 11.24
CA TYR A 753 2.89 -0.81 10.55
C TYR A 753 3.16 0.42 11.40
N GLY A 754 2.88 0.35 12.70
CA GLY A 754 3.25 1.46 13.56
C GLY A 754 2.13 2.04 14.39
N SER A 755 2.13 3.36 14.56
CA SER A 755 1.19 4.04 15.42
C SER A 755 0.04 4.65 14.65
N PHE A 756 -0.28 4.13 13.47
CA PHE A 756 -1.51 4.55 12.79
C PHE A 756 -2.73 4.20 13.62
N CYS A 757 -2.72 2.99 14.18
CA CYS A 757 -3.91 2.46 14.84
C CYS A 757 -4.21 3.22 16.12
N THR A 758 -3.17 3.49 16.93
CA THR A 758 -3.35 4.30 18.11
C THR A 758 -3.78 5.72 17.75
N GLN A 759 -3.27 6.24 16.64
CA GLN A 759 -3.66 7.58 16.20
C GLN A 759 -5.15 7.63 15.87
N LEU A 760 -5.66 6.60 15.19
CA LEU A 760 -7.08 6.56 14.87
C LEU A 760 -7.92 6.45 16.14
N ASN A 761 -7.49 5.61 17.08
CA ASN A 761 -8.21 5.52 18.35
C ASN A 761 -8.25 6.86 19.05
N ARG A 762 -7.11 7.56 19.08
CA ARG A 762 -7.06 8.86 19.74
C ARG A 762 -7.97 9.87 19.07
N ALA A 763 -8.00 9.88 17.74
CA ALA A 763 -8.86 10.82 17.03
C ALA A 763 -10.33 10.55 17.33
N LEU A 764 -10.73 9.28 17.32
CA LEU A 764 -12.13 8.96 17.57
C LEU A 764 -12.51 9.26 19.02
N THR A 765 -11.59 9.03 19.96
CA THR A 765 -11.87 9.39 21.35
C THR A 765 -12.00 10.90 21.50
N GLY A 766 -11.18 11.66 20.78
CA GLY A 766 -11.34 13.11 20.80
C GLY A 766 -12.69 13.55 20.29
N ILE A 767 -13.16 12.95 19.21
CA ILE A 767 -14.49 13.27 18.69
C ILE A 767 -15.55 12.92 19.73
N ALA A 768 -15.41 11.75 20.36
CA ALA A 768 -16.40 11.30 21.33
C ALA A 768 -16.49 12.26 22.51
N VAL A 769 -15.35 12.71 23.02
CA VAL A 769 -15.36 13.67 24.12
C VAL A 769 -15.92 15.01 23.66
N GLU A 770 -15.61 15.41 22.43
CA GLU A 770 -16.13 16.66 21.89
C GLU A 770 -17.65 16.65 21.82
N GLN A 771 -18.26 15.48 21.60
CA GLN A 771 -19.72 15.42 21.58
C GLN A 771 -20.32 15.82 22.91
N ASP A 772 -19.77 15.27 24.00
CA ASP A 772 -20.22 15.63 25.33
C ASP A 772 -19.98 17.10 25.61
N LYS A 773 -18.83 17.62 25.16
CA LYS A 773 -18.57 19.05 25.35
C LYS A 773 -19.61 19.89 24.61
N ASN A 774 -19.97 19.47 23.39
CA ASN A 774 -20.98 20.19 22.62
C ASN A 774 -22.30 20.25 23.38
N THR A 775 -22.76 19.10 23.86
CA THR A 775 -24.03 19.09 24.59
C THR A 775 -23.94 19.93 25.86
N GLN A 776 -22.81 19.88 26.55
CA GLN A 776 -22.65 20.68 27.76
C GLN A 776 -22.74 22.16 27.47
N GLU A 777 -22.05 22.62 26.42
CA GLU A 777 -22.11 24.05 26.09
C GLU A 777 -23.50 24.45 25.64
N VAL A 778 -24.17 23.61 24.86
CA VAL A 778 -25.47 24.02 24.33
C VAL A 778 -26.51 24.08 25.42
N PHE A 779 -26.57 23.07 26.29
CA PHE A 779 -27.71 22.97 27.20
C PHE A 779 -27.42 23.42 28.62
N ALA A 780 -26.19 23.33 29.09
CA ALA A 780 -25.87 23.59 30.50
C ALA A 780 -25.52 25.05 30.75
N GLN A 781 -26.11 25.98 30.00
CA GLN A 781 -25.88 27.39 30.25
C GLN A 781 -26.31 27.80 31.65
N VAL A 782 -27.34 27.17 32.17
CA VAL A 782 -27.92 27.52 33.45
C VAL A 782 -27.24 26.70 34.54
N LYS A 783 -27.05 27.31 35.71
CA LYS A 783 -26.37 26.65 36.82
C LYS A 783 -27.34 25.89 37.71
N GLN A 784 -28.45 26.52 38.07
CA GLN A 784 -29.42 25.94 38.99
C GLN A 784 -30.66 25.53 38.21
N ILE A 785 -31.11 24.29 38.43
CA ILE A 785 -32.32 23.83 37.77
C ILE A 785 -33.53 24.54 38.34
N TYR A 786 -34.27 25.24 37.50
CA TYR A 786 -35.40 26.03 37.93
C TYR A 786 -36.69 25.26 37.72
N LYS A 787 -37.67 25.52 38.59
CA LYS A 787 -38.97 24.90 38.52
C LYS A 787 -40.02 25.99 38.29
N THR A 788 -40.86 25.79 37.30
CA THR A 788 -41.99 26.68 37.09
C THR A 788 -43.01 26.48 38.21
N PRO A 789 -43.72 27.53 38.60
CA PRO A 789 -44.64 27.41 39.73
C PRO A 789 -45.77 26.46 39.40
N PRO A 790 -46.38 25.86 40.42
CA PRO A 790 -47.49 24.91 40.17
C PRO A 790 -48.66 25.53 39.42
N ILE A 791 -48.93 26.81 39.62
CA ILE A 791 -50.04 27.49 38.97
C ILE A 791 -49.49 28.25 37.78
N LYS A 792 -49.98 27.93 36.58
CA LYS A 792 -49.50 28.57 35.35
C LYS A 792 -50.45 29.70 34.96
N ASP A 793 -50.38 30.79 35.72
CA ASP A 793 -51.16 31.99 35.44
C ASP A 793 -50.21 33.07 34.94
N PHE A 794 -49.99 33.10 33.63
CA PHE A 794 -49.09 34.04 32.99
C PHE A 794 -49.86 35.07 32.18
N GLY A 795 -51.06 35.40 32.63
CA GLY A 795 -51.83 36.44 31.98
C GLY A 795 -52.27 36.10 30.57
N GLY A 796 -52.68 34.86 30.34
CA GLY A 796 -53.17 34.44 29.05
C GLY A 796 -52.17 33.69 28.20
N PHE A 797 -50.88 33.85 28.46
CA PHE A 797 -49.89 33.09 27.72
C PHE A 797 -49.93 31.64 28.18
N ASN A 798 -49.94 30.72 27.22
CA ASN A 798 -50.13 29.31 27.49
C ASN A 798 -48.88 28.55 27.04
N PHE A 799 -48.14 28.01 28.00
CA PHE A 799 -46.90 27.32 27.72
C PHE A 799 -47.02 25.80 27.83
N SER A 800 -48.24 25.28 27.88
CA SER A 800 -48.40 23.84 28.10
C SER A 800 -47.71 23.02 27.03
N GLN A 801 -47.57 23.57 25.82
CA GLN A 801 -46.96 22.82 24.74
C GLN A 801 -45.45 22.74 24.88
N ILE A 802 -44.84 23.64 25.64
CA ILE A 802 -43.38 23.68 25.76
C ILE A 802 -42.95 23.24 27.15
N LEU A 803 -43.82 23.37 28.13
CA LEU A 803 -43.45 22.98 29.48
C LEU A 803 -43.72 21.48 29.70
N PRO A 804 -42.94 20.82 30.55
CA PRO A 804 -43.12 19.38 30.73
C PRO A 804 -44.49 19.04 31.31
N ASP A 805 -45.01 17.89 30.91
CA ASP A 805 -46.25 17.36 31.43
C ASP A 805 -45.96 16.20 32.37
N PRO A 806 -46.23 16.32 33.67
CA PRO A 806 -45.89 15.23 34.59
C PRO A 806 -46.66 13.95 34.34
N SER A 807 -47.81 14.03 33.66
CA SER A 807 -48.60 12.81 33.41
C SER A 807 -47.84 11.83 32.54
N LYS A 808 -47.15 12.32 31.52
CA LYS A 808 -46.38 11.46 30.64
C LYS A 808 -45.26 10.77 31.41
N PRO A 809 -44.97 9.50 31.12
CA PRO A 809 -43.92 8.80 31.87
C PRO A 809 -42.56 9.47 31.77
N SER A 810 -42.22 10.05 30.62
CA SER A 810 -41.02 10.83 30.47
C SER A 810 -41.39 12.31 30.45
N LYS A 811 -40.73 13.10 31.30
CA LYS A 811 -41.13 14.48 31.52
C LYS A 811 -40.65 15.38 30.37
N ARG A 812 -41.13 15.04 29.18
CA ARG A 812 -40.82 15.77 27.97
C ARG A 812 -42.07 16.53 27.51
N SER A 813 -41.88 17.75 27.06
CA SER A 813 -42.99 18.57 26.62
C SER A 813 -43.60 17.97 25.35
N PRO A 814 -44.87 18.29 25.06
CA PRO A 814 -45.51 17.73 23.87
C PRO A 814 -44.74 17.98 22.59
N ILE A 815 -44.18 19.18 22.41
CA ILE A 815 -43.38 19.45 21.22
C ILE A 815 -42.11 18.61 21.25
N GLU A 816 -41.48 18.50 22.42
CA GLU A 816 -40.32 17.62 22.54
C GLU A 816 -40.69 16.19 22.21
N ASP A 817 -41.89 15.76 22.62
CA ASP A 817 -42.33 14.40 22.35
C ASP A 817 -42.51 14.18 20.84
N LEU A 818 -43.11 15.16 20.15
CA LEU A 818 -43.22 15.07 18.70
C LEU A 818 -41.85 15.00 18.05
N LEU A 819 -40.91 15.82 18.51
CA LEU A 819 -39.57 15.82 17.94
C LEU A 819 -38.89 14.48 18.14
N PHE A 820 -39.08 13.87 19.32
CA PHE A 820 -38.42 12.60 19.59
C PHE A 820 -39.05 11.47 18.81
N ASN A 821 -40.36 11.51 18.60
CA ASN A 821 -40.99 10.47 17.78
C ASN A 821 -40.61 10.60 16.31
N LYS A 822 -40.48 11.84 15.81
CA LYS A 822 -40.24 12.03 14.39
C LYS A 822 -38.88 11.49 13.97
N VAL A 823 -37.83 11.72 14.77
CA VAL A 823 -36.49 11.30 14.39
C VAL A 823 -36.38 9.78 14.53
N THR A 824 -35.94 9.13 13.46
CA THR A 824 -35.83 7.67 13.44
C THR A 824 -34.37 7.24 13.47
N LYS A 851 -23.31 -5.01 13.34
CA LYS A 851 -22.11 -4.18 13.26
C LYS A 851 -21.33 -4.20 14.57
N PHE A 852 -20.75 -5.34 14.91
CA PHE A 852 -19.98 -5.49 16.13
C PHE A 852 -18.56 -5.95 15.80
N ASN A 853 -17.99 -5.35 14.76
CA ASN A 853 -16.62 -5.62 14.34
C ASN A 853 -15.62 -4.65 14.99
N GLY A 854 -15.83 -4.32 16.25
CA GLY A 854 -15.09 -3.26 16.90
C GLY A 854 -15.83 -1.96 17.00
N LEU A 855 -17.07 -1.92 16.51
CA LEU A 855 -17.88 -0.70 16.48
C LEU A 855 -18.67 -0.64 17.78
N THR A 856 -18.36 0.33 18.62
CA THR A 856 -19.10 0.55 19.86
C THR A 856 -19.58 2.00 19.88
N VAL A 857 -20.86 2.18 20.17
CA VAL A 857 -21.44 3.51 20.29
C VAL A 857 -21.52 3.85 21.77
N LEU A 858 -20.63 4.72 22.21
CA LEU A 858 -20.60 5.12 23.61
C LEU A 858 -21.85 5.91 23.95
N PRO A 859 -22.42 5.72 25.14
CA PRO A 859 -23.60 6.49 25.53
C PRO A 859 -23.23 7.95 25.75
N PRO A 860 -24.13 8.87 25.42
CA PRO A 860 -23.89 10.27 25.78
C PRO A 860 -23.86 10.42 27.29
N LEU A 861 -23.04 11.36 27.76
CA LEU A 861 -22.92 11.58 29.19
C LEU A 861 -24.25 12.02 29.79
N LEU A 862 -24.98 12.88 29.09
CA LEU A 862 -26.28 13.35 29.54
C LEU A 862 -27.37 12.50 28.90
N THR A 863 -28.14 11.79 29.73
CA THR A 863 -29.27 11.06 29.20
C THR A 863 -30.36 12.03 28.76
N ASP A 864 -31.26 11.53 27.92
CA ASP A 864 -32.28 12.39 27.32
C ASP A 864 -33.15 13.05 28.37
N GLU A 865 -33.39 12.37 29.48
CA GLU A 865 -34.15 13.00 30.56
C GLU A 865 -33.36 14.11 31.23
N MET A 866 -32.03 13.97 31.31
CA MET A 866 -31.21 15.02 31.90
C MET A 866 -31.15 16.24 30.98
N ILE A 867 -31.04 16.01 29.68
CA ILE A 867 -31.09 17.11 28.72
C ILE A 867 -32.46 17.78 28.76
N ALA A 868 -33.52 16.99 28.90
CA ALA A 868 -34.85 17.58 29.06
C ALA A 868 -34.95 18.37 30.35
N GLN A 869 -34.21 17.97 31.40
CA GLN A 869 -34.25 18.71 32.65
C GLN A 869 -33.53 20.05 32.51
N TYR A 870 -32.37 20.07 31.86
CA TYR A 870 -31.78 21.35 31.44
C TYR A 870 -32.75 22.21 30.65
N THR A 871 -33.41 21.63 29.65
CA THR A 871 -34.30 22.43 28.82
C THR A 871 -35.46 22.97 29.64
N SER A 872 -36.00 22.17 30.55
CA SER A 872 -37.06 22.65 31.42
C SER A 872 -36.58 23.74 32.36
N ALA A 873 -35.35 23.62 32.86
CA ALA A 873 -34.80 24.68 33.71
C ALA A 873 -34.65 25.98 32.93
N LEU A 874 -34.16 25.89 31.70
CA LEU A 874 -34.05 27.08 30.87
C LEU A 874 -35.41 27.68 30.58
N LEU A 875 -36.40 26.85 30.28
CA LEU A 875 -37.74 27.35 30.03
C LEU A 875 -38.32 28.01 31.26
N ALA A 876 -38.14 27.41 32.44
CA ALA A 876 -38.70 27.98 33.66
C ALA A 876 -38.02 29.30 34.01
N GLY A 877 -36.70 29.37 33.85
CA GLY A 877 -36.01 30.62 34.07
C GLY A 877 -36.43 31.70 33.10
N THR A 878 -36.62 31.32 31.83
CA THR A 878 -37.07 32.30 30.83
C THR A 878 -38.48 32.79 31.12
N ILE A 879 -39.36 31.88 31.53
CA ILE A 879 -40.75 32.26 31.75
C ILE A 879 -40.89 33.12 32.99
N THR A 880 -40.23 32.74 34.08
CA THR A 880 -40.41 33.45 35.35
C THR A 880 -39.42 34.61 35.49
N SER A 881 -38.12 34.30 35.41
CA SER A 881 -37.11 35.32 35.64
C SER A 881 -36.93 36.26 34.45
N GLY A 882 -37.02 35.75 33.23
CA GLY A 882 -36.79 36.56 32.05
C GLY A 882 -35.41 36.31 31.48
N TRP A 883 -34.69 37.38 31.17
CA TRP A 883 -33.28 37.24 30.85
C TRP A 883 -32.37 37.46 32.05
N THR A 884 -32.94 37.77 33.21
CA THR A 884 -32.12 38.08 34.37
C THR A 884 -31.34 36.86 34.85
N PHE A 885 -31.88 35.67 34.63
CA PHE A 885 -31.19 34.48 35.13
C PHE A 885 -29.94 34.18 34.32
N GLY A 886 -29.82 34.73 33.11
CA GLY A 886 -28.61 34.52 32.33
C GLY A 886 -27.43 35.30 32.87
N ALA A 887 -27.66 36.56 33.20
CA ALA A 887 -26.60 37.45 33.69
C ALA A 887 -26.66 37.60 35.21
N GLY A 888 -26.44 36.50 35.91
CA GLY A 888 -26.42 36.52 37.34
C GLY A 888 -27.52 35.72 37.98
N PRO A 889 -28.10 36.26 39.04
CA PRO A 889 -29.16 35.54 39.77
C PRO A 889 -30.54 35.80 39.18
N ALA A 890 -31.35 34.74 39.17
CA ALA A 890 -32.67 34.82 38.58
C ALA A 890 -33.56 35.77 39.37
N LEU A 891 -34.26 36.65 38.65
CA LEU A 891 -35.11 37.66 39.27
C LEU A 891 -36.53 37.47 38.78
N GLN A 892 -37.43 37.17 39.71
CA GLN A 892 -38.84 37.00 39.37
C GLN A 892 -39.39 38.26 38.71
N ILE A 893 -40.27 38.08 37.74
CA ILE A 893 -40.96 39.17 37.07
C ILE A 893 -42.18 38.61 36.36
N PRO A 894 -43.35 39.23 36.49
CA PRO A 894 -44.54 38.69 35.81
C PRO A 894 -44.34 38.64 34.31
N PHE A 895 -44.74 37.52 33.71
CA PHE A 895 -44.51 37.34 32.28
C PHE A 895 -45.12 38.41 31.40
N PRO A 896 -46.34 38.92 31.64
CA PRO A 896 -46.79 40.06 30.84
C PRO A 896 -45.82 41.23 30.90
N MET A 897 -45.25 41.47 32.07
CA MET A 897 -44.32 42.59 32.19
C MET A 897 -42.99 42.29 31.52
N GLN A 898 -42.55 41.03 31.56
CA GLN A 898 -41.35 40.67 30.82
C GLN A 898 -41.55 40.87 29.33
N MET A 899 -42.69 40.43 28.80
CA MET A 899 -42.92 40.62 27.37
C MET A 899 -43.07 42.09 27.04
N ALA A 900 -43.58 42.89 27.98
CA ALA A 900 -43.60 44.34 27.77
C ALA A 900 -42.20 44.90 27.66
N TYR A 901 -41.27 44.40 28.49
CA TYR A 901 -39.88 44.84 28.38
C TYR A 901 -39.27 44.39 27.06
N ARG A 902 -39.68 43.23 26.56
CA ARG A 902 -39.17 42.79 25.27
C ARG A 902 -39.68 43.65 24.11
N PHE A 903 -40.97 44.03 24.15
CA PHE A 903 -41.42 45.07 23.22
C PHE A 903 -40.59 46.33 23.35
N ASN A 904 -40.37 46.79 24.57
CA ASN A 904 -39.53 47.97 24.75
C ASN A 904 -38.15 47.74 24.16
N GLY A 905 -37.71 46.49 24.13
CA GLY A 905 -36.41 46.19 23.56
C GLY A 905 -36.36 46.19 22.05
N ILE A 906 -37.51 45.98 21.39
CA ILE A 906 -37.57 46.06 19.93
C ILE A 906 -38.08 47.41 19.45
N GLY A 907 -38.06 48.43 20.30
CA GLY A 907 -38.47 49.76 19.88
C GLY A 907 -39.95 50.02 19.91
N VAL A 908 -40.75 49.14 20.49
CA VAL A 908 -42.19 49.32 20.62
C VAL A 908 -42.51 49.59 22.08
N THR A 909 -43.17 50.71 22.36
CA THR A 909 -43.39 51.11 23.74
C THR A 909 -44.24 50.08 24.47
N GLN A 910 -44.20 50.15 25.81
CA GLN A 910 -44.96 49.23 26.65
C GLN A 910 -46.46 49.36 26.46
N ASN A 911 -46.91 50.49 25.90
CA ASN A 911 -48.33 50.70 25.64
C ASN A 911 -48.92 49.51 24.87
N VAL A 912 -48.24 49.12 23.80
CA VAL A 912 -48.83 48.20 22.83
C VAL A 912 -49.23 46.89 23.49
N LEU A 913 -48.38 46.36 24.37
CA LEU A 913 -48.70 45.08 24.98
C LEU A 913 -49.90 45.18 25.93
N TYR A 914 -49.87 46.13 26.85
CA TYR A 914 -50.91 46.19 27.86
C TYR A 914 -52.27 46.47 27.25
N GLU A 915 -52.35 47.33 26.24
CA GLU A 915 -53.63 47.45 25.53
C GLU A 915 -53.91 46.29 24.59
N ASN A 916 -52.96 45.41 24.32
CA ASN A 916 -53.22 44.25 23.48
C ASN A 916 -52.81 42.95 24.15
N GLN A 917 -52.94 42.86 25.47
CA GLN A 917 -52.42 41.68 26.16
C GLN A 917 -53.15 40.41 25.73
N LYS A 918 -54.48 40.44 25.72
CA LYS A 918 -55.24 39.24 25.38
C LYS A 918 -55.02 38.84 23.92
N LEU A 919 -55.03 39.81 23.01
CA LEU A 919 -54.82 39.50 21.60
C LEU A 919 -53.43 38.93 21.36
N ILE A 920 -52.41 39.50 22.02
CA ILE A 920 -51.06 38.99 21.87
C ILE A 920 -50.95 37.59 22.46
N ALA A 921 -51.62 37.34 23.58
CA ALA A 921 -51.61 36.01 24.17
C ALA A 921 -52.25 34.99 23.23
N ASN A 922 -53.37 35.35 22.62
CA ASN A 922 -54.01 34.45 21.67
C ASN A 922 -53.13 34.20 20.46
N GLN A 923 -52.49 35.25 19.94
CA GLN A 923 -51.57 35.07 18.82
C GLN A 923 -50.43 34.14 19.18
N PHE A 924 -49.86 34.30 20.38
CA PHE A 924 -48.75 33.46 20.80
C PHE A 924 -49.20 32.01 20.97
N ASN A 925 -50.36 31.78 21.59
CA ASN A 925 -50.85 30.42 21.77
C ASN A 925 -51.14 29.76 20.43
N SER A 926 -51.82 30.47 19.53
CA SER A 926 -52.09 29.92 18.21
C SER A 926 -50.80 29.63 17.46
N ALA A 927 -49.80 30.49 17.62
CA ALA A 927 -48.52 30.25 16.99
C ALA A 927 -47.89 28.96 17.48
N ILE A 928 -47.93 28.73 18.80
CA ILE A 928 -47.35 27.50 19.35
C ILE A 928 -48.11 26.27 18.84
N GLY A 929 -49.45 26.35 18.83
CA GLY A 929 -50.23 25.25 18.30
C GLY A 929 -49.91 24.97 16.85
N LYS A 930 -49.70 26.02 16.05
CA LYS A 930 -49.32 25.82 14.65
C LYS A 930 -47.93 25.20 14.54
N ILE A 931 -47.02 25.53 15.45
CA ILE A 931 -45.72 24.85 15.46
C ILE A 931 -45.92 23.36 15.64
N GLN A 932 -46.75 22.99 16.63
CA GLN A 932 -46.95 21.56 16.87
C GLN A 932 -47.57 20.88 15.65
N ASP A 933 -48.58 21.52 15.04
CA ASP A 933 -49.23 20.92 13.88
C ASP A 933 -48.28 20.81 12.70
N SER A 934 -47.47 21.84 12.45
CA SER A 934 -46.56 21.81 11.31
C SER A 934 -45.48 20.76 11.50
N LEU A 935 -44.97 20.63 12.73
CA LEU A 935 -44.00 19.56 12.98
C LEU A 935 -44.65 18.19 12.80
N SER A 936 -45.89 18.03 13.27
CA SER A 936 -46.55 16.73 13.17
C SER A 936 -46.82 16.34 11.73
N SER A 937 -47.39 17.23 10.93
CA SER A 937 -47.81 16.88 9.58
C SER A 937 -46.62 16.74 8.64
N THR A 938 -45.69 17.68 8.68
CA THR A 938 -44.59 17.70 7.72
C THR A 938 -43.56 16.63 8.08
N PRO A 939 -43.21 15.72 7.17
CA PRO A 939 -42.22 14.70 7.50
C PRO A 939 -40.78 15.18 7.44
N SER A 940 -40.52 16.30 6.76
CA SER A 940 -39.17 16.83 6.61
C SER A 940 -38.90 17.99 7.56
N ALA A 941 -39.63 18.08 8.67
CA ALA A 941 -39.45 19.19 9.60
C ALA A 941 -38.10 19.11 10.32
N LEU A 942 -37.62 17.89 10.58
CA LEU A 942 -36.37 17.66 11.29
C LEU A 942 -35.29 17.14 10.35
N GLY A 943 -35.24 17.75 9.17
CA GLY A 943 -34.34 17.27 8.14
C GLY A 943 -32.89 17.34 8.54
N LYS A 944 -32.50 18.38 9.30
CA LYS A 944 -31.10 18.53 9.67
C LYS A 944 -30.65 17.40 10.59
N LEU A 945 -31.40 17.14 11.65
CA LEU A 945 -31.04 16.07 12.56
C LEU A 945 -31.11 14.71 11.87
N GLN A 946 -32.14 14.51 11.07
CA GLN A 946 -32.25 13.22 10.37
C GLN A 946 -31.09 13.04 9.40
N ASP A 947 -30.66 14.12 8.76
CA ASP A 947 -29.54 14.02 7.83
C ASP A 947 -28.26 13.72 8.58
N VAL A 948 -28.07 14.32 9.76
CA VAL A 948 -26.88 14.00 10.56
C VAL A 948 -26.86 12.52 10.92
N VAL A 949 -28.00 12.01 11.40
CA VAL A 949 -28.07 10.61 11.78
C VAL A 949 -27.83 9.71 10.57
N ASN A 950 -28.42 10.06 9.43
CA ASN A 950 -28.25 9.25 8.23
C ASN A 950 -26.82 9.26 7.75
N GLN A 951 -26.14 10.40 7.82
CA GLN A 951 -24.74 10.46 7.42
C GLN A 951 -23.88 9.58 8.30
N ASN A 952 -24.10 9.63 9.62
CA ASN A 952 -23.34 8.77 10.50
C ASN A 952 -23.62 7.29 10.22
N ALA A 953 -24.89 6.94 10.01
CA ALA A 953 -25.25 5.57 9.72
C ALA A 953 -24.62 5.09 8.42
N GLN A 954 -24.61 5.94 7.39
CA GLN A 954 -23.99 5.58 6.13
C GLN A 954 -22.49 5.40 6.29
N ALA A 955 -21.85 6.26 7.09
CA ALA A 955 -20.41 6.10 7.33
C ALA A 955 -20.12 4.77 8.00
N LEU A 956 -20.87 4.44 9.06
CA LEU A 956 -20.66 3.17 9.74
C LEU A 956 -20.95 2.00 8.81
N ASN A 957 -22.00 2.12 8.00
CA ASN A 957 -22.37 1.03 7.09
C ASN A 957 -21.29 0.80 6.05
N THR A 958 -20.73 1.88 5.49
CA THR A 958 -19.64 1.74 4.56
C THR A 958 -18.43 1.10 5.23
N LEU A 959 -18.13 1.51 6.45
CA LEU A 959 -16.99 0.92 7.16
C LEU A 959 -17.20 -0.57 7.37
N VAL A 960 -18.41 -0.98 7.74
CA VAL A 960 -18.67 -2.40 7.97
C VAL A 960 -18.64 -3.18 6.67
N LYS A 961 -19.24 -2.63 5.61
CA LYS A 961 -19.24 -3.32 4.32
C LYS A 961 -17.86 -3.36 3.69
N GLN A 962 -16.93 -2.53 4.15
CA GLN A 962 -15.57 -2.59 3.61
C GLN A 962 -14.89 -3.92 3.93
N LEU A 963 -15.37 -4.67 4.91
CA LEU A 963 -14.75 -5.95 5.24
C LEU A 963 -14.96 -6.96 4.13
N SER A 964 -16.02 -6.81 3.33
CA SER A 964 -16.32 -7.76 2.26
C SER A 964 -15.46 -7.55 1.03
N SER A 965 -14.62 -6.52 0.99
CA SER A 965 -13.83 -6.22 -0.20
C SER A 965 -12.51 -6.98 -0.16
N ASN A 966 -12.13 -7.55 -1.31
CA ASN A 966 -10.90 -8.33 -1.38
C ASN A 966 -9.66 -7.45 -1.35
N PHE A 967 -9.77 -6.23 -1.89
CA PHE A 967 -8.66 -5.29 -1.99
C PHE A 967 -7.50 -5.85 -2.80
N GLY A 968 -7.75 -6.87 -3.60
CA GLY A 968 -6.70 -7.50 -4.39
C GLY A 968 -6.18 -8.81 -3.81
N ALA A 969 -6.51 -9.11 -2.55
CA ALA A 969 -6.12 -10.38 -1.96
C ALA A 969 -7.01 -11.50 -2.48
N ILE A 970 -6.61 -12.73 -2.14
CA ILE A 970 -7.33 -13.90 -2.67
C ILE A 970 -8.72 -13.99 -2.06
N SER A 971 -8.87 -13.62 -0.79
CA SER A 971 -10.15 -13.71 -0.11
C SER A 971 -10.36 -12.51 0.79
N SER A 972 -11.63 -12.18 1.04
CA SER A 972 -11.95 -11.06 1.90
C SER A 972 -11.95 -11.43 3.37
N VAL A 973 -11.91 -12.71 3.71
CA VAL A 973 -11.83 -13.16 5.09
C VAL A 973 -10.43 -13.72 5.32
N LEU A 974 -9.74 -13.18 6.33
CA LEU A 974 -8.35 -13.54 6.53
C LEU A 974 -8.21 -14.93 7.14
N ASN A 975 -9.25 -15.42 7.82
CA ASN A 975 -9.18 -16.77 8.38
C ASN A 975 -9.03 -17.80 7.26
N ASP A 976 -9.78 -17.64 6.18
CA ASP A 976 -9.66 -18.56 5.05
C ASP A 976 -8.29 -18.46 4.39
N ILE A 977 -7.74 -17.25 4.32
CA ILE A 977 -6.41 -17.08 3.76
C ILE A 977 -5.37 -17.81 4.59
N LEU A 978 -5.44 -17.66 5.92
CA LEU A 978 -4.49 -18.36 6.78
C LEU A 978 -4.67 -19.87 6.70
N SER A 979 -5.92 -20.33 6.63
CA SER A 979 -6.17 -21.77 6.55
C SER A 979 -5.65 -22.36 5.25
N ARG A 980 -5.81 -21.63 4.14
CA ARG A 980 -5.49 -22.21 2.84
C ARG A 980 -4.00 -22.15 2.54
N LEU A 981 -3.42 -20.97 2.56
CA LEU A 981 -2.06 -20.77 2.07
C LEU A 981 -1.04 -20.79 3.20
N ASP A 982 0.19 -21.15 2.86
CA ASP A 982 1.27 -21.21 3.83
C ASP A 982 1.63 -19.79 4.28
N PRO A 983 2.09 -19.64 5.51
CA PRO A 983 2.26 -18.30 6.10
C PRO A 983 3.18 -17.41 5.29
N PRO A 984 4.29 -17.92 4.71
CA PRO A 984 5.11 -17.04 3.86
C PRO A 984 4.33 -16.31 2.79
N GLU A 985 3.63 -17.04 1.91
CA GLU A 985 2.91 -16.40 0.83
C GLU A 985 1.57 -15.85 1.28
N ALA A 986 1.10 -16.26 2.45
CA ALA A 986 -0.15 -15.70 2.97
C ALA A 986 0.08 -14.34 3.60
N GLU A 987 1.33 -14.05 3.99
CA GLU A 987 1.61 -12.77 4.64
C GLU A 987 1.40 -11.60 3.70
N VAL A 988 1.71 -11.77 2.41
CA VAL A 988 1.51 -10.67 1.47
C VAL A 988 0.01 -10.41 1.26
N GLN A 989 -0.79 -11.47 1.21
CA GLN A 989 -2.23 -11.28 1.09
C GLN A 989 -2.81 -10.61 2.33
N ILE A 990 -2.35 -11.02 3.51
CA ILE A 990 -2.82 -10.39 4.73
C ILE A 990 -2.37 -8.93 4.80
N ASP A 991 -1.18 -8.64 4.30
CA ASP A 991 -0.71 -7.27 4.23
C ASP A 991 -1.58 -6.43 3.29
N ARG A 992 -1.97 -7.01 2.16
CA ARG A 992 -2.89 -6.30 1.26
C ARG A 992 -4.21 -6.01 1.95
N LEU A 993 -4.74 -7.01 2.68
CA LEU A 993 -5.98 -6.79 3.42
C LEU A 993 -5.81 -5.70 4.47
N ILE A 994 -4.67 -5.68 5.15
CA ILE A 994 -4.41 -4.66 6.17
C ILE A 994 -4.34 -3.28 5.53
N THR A 995 -3.66 -3.16 4.38
CA THR A 995 -3.62 -1.86 3.71
C THR A 995 -5.03 -1.40 3.36
N GLY A 996 -5.84 -2.29 2.79
CA GLY A 996 -7.19 -1.91 2.41
C GLY A 996 -8.05 -1.49 3.60
N ARG A 997 -8.05 -2.30 4.66
CA ARG A 997 -8.88 -1.98 5.81
C ARG A 997 -8.37 -0.77 6.56
N LEU A 998 -7.05 -0.61 6.65
CA LEU A 998 -6.48 0.57 7.29
C LEU A 998 -6.81 1.84 6.50
N GLN A 999 -6.77 1.76 5.16
CA GLN A 999 -7.18 2.91 4.36
C GLN A 999 -8.66 3.22 4.55
N SER A 1000 -9.50 2.18 4.63
CA SER A 1000 -10.92 2.41 4.87
C SER A 1000 -11.15 3.07 6.22
N LEU A 1001 -10.45 2.60 7.25
CA LEU A 1001 -10.58 3.18 8.58
C LEU A 1001 -10.07 4.61 8.60
N GLN A 1002 -8.95 4.88 7.91
CA GLN A 1002 -8.43 6.24 7.83
C GLN A 1002 -9.42 7.17 7.14
N THR A 1003 -10.02 6.71 6.05
CA THR A 1003 -11.01 7.52 5.36
C THR A 1003 -12.21 7.79 6.26
N TYR A 1004 -12.68 6.76 6.97
CA TYR A 1004 -13.80 6.94 7.87
C TYR A 1004 -13.47 7.94 8.97
N VAL A 1005 -12.28 7.84 9.55
CA VAL A 1005 -11.92 8.74 10.64
C VAL A 1005 -11.75 10.16 10.14
N THR A 1006 -11.17 10.35 8.95
CA THR A 1006 -11.05 11.71 8.43
C THR A 1006 -12.42 12.31 8.12
N GLN A 1007 -13.32 11.53 7.52
CA GLN A 1007 -14.67 12.02 7.28
C GLN A 1007 -15.35 12.36 8.59
N GLN A 1008 -15.15 11.54 9.62
CA GLN A 1008 -15.76 11.82 10.91
C GLN A 1008 -15.16 13.07 11.56
N LEU A 1009 -13.87 13.31 11.36
CA LEU A 1009 -13.27 14.54 11.89
C LEU A 1009 -13.85 15.77 11.21
N ILE A 1010 -14.02 15.72 9.89
CA ILE A 1010 -14.62 16.84 9.20
C ILE A 1010 -16.08 17.03 9.63
N ARG A 1011 -16.83 15.93 9.75
CA ARG A 1011 -18.20 16.04 10.22
C ARG A 1011 -18.27 16.55 11.65
N ALA A 1012 -17.30 16.19 12.49
CA ALA A 1012 -17.26 16.71 13.84
C ALA A 1012 -16.94 18.19 13.84
N ALA A 1013 -16.12 18.65 12.91
CA ALA A 1013 -15.92 20.09 12.77
C ALA A 1013 -17.21 20.79 12.38
N GLU A 1014 -17.97 20.21 11.45
CA GLU A 1014 -19.25 20.79 11.07
C GLU A 1014 -20.21 20.84 12.26
N ILE A 1015 -20.30 19.73 13.00
CA ILE A 1015 -21.22 19.66 14.13
C ILE A 1015 -20.74 20.55 15.27
N ARG A 1016 -19.43 20.75 15.41
CA ARG A 1016 -18.94 21.66 16.44
C ARG A 1016 -19.23 23.10 16.07
N ALA A 1017 -19.13 23.44 14.78
CA ALA A 1017 -19.56 24.76 14.35
C ALA A 1017 -21.05 24.96 14.62
N SER A 1018 -21.85 23.94 14.34
CA SER A 1018 -23.28 24.05 14.59
C SER A 1018 -23.59 24.07 16.09
N ALA A 1019 -22.79 23.41 16.91
CA ALA A 1019 -23.03 23.42 18.35
C ALA A 1019 -22.58 24.73 18.97
N ASN A 1020 -21.51 25.32 18.44
CA ASN A 1020 -21.14 26.67 18.86
C ASN A 1020 -22.21 27.67 18.46
N LEU A 1021 -22.79 27.51 17.28
CA LEU A 1021 -23.91 28.34 16.88
C LEU A 1021 -25.11 28.13 17.80
N ALA A 1022 -25.38 26.88 18.18
CA ALA A 1022 -26.50 26.60 19.07
C ALA A 1022 -26.26 27.17 20.45
N ALA A 1023 -25.04 27.10 20.96
CA ALA A 1023 -24.73 27.70 22.25
C ALA A 1023 -24.84 29.22 22.17
N THR A 1024 -24.39 29.81 21.06
CA THR A 1024 -24.55 31.24 20.88
C THR A 1024 -26.02 31.63 20.82
N LYS A 1025 -26.84 30.83 20.14
CA LYS A 1025 -28.26 31.12 20.06
C LYS A 1025 -28.93 30.98 21.41
N MET A 1026 -28.56 29.95 22.17
CA MET A 1026 -29.06 29.81 23.53
C MET A 1026 -28.73 31.06 24.34
N SER A 1027 -27.45 31.43 24.36
CA SER A 1027 -27.02 32.53 25.21
C SER A 1027 -27.64 33.85 24.78
N GLU A 1028 -27.77 34.09 23.49
CA GLU A 1028 -28.18 35.40 23.00
C GLU A 1028 -29.68 35.54 22.80
N CYS A 1029 -30.41 34.44 22.74
CA CYS A 1029 -31.84 34.50 22.45
C CYS A 1029 -32.69 33.82 23.49
N VAL A 1030 -32.24 32.71 24.08
CA VAL A 1030 -32.96 32.16 25.22
C VAL A 1030 -32.65 32.96 26.46
N LEU A 1031 -31.38 33.29 26.68
CA LEU A 1031 -30.93 34.00 27.87
C LEU A 1031 -30.96 35.50 27.70
N GLY A 1032 -31.49 36.01 26.60
CA GLY A 1032 -31.60 37.44 26.41
C GLY A 1032 -32.29 37.73 25.10
N GLN A 1033 -32.37 39.02 24.78
CA GLN A 1033 -32.96 39.46 23.52
C GLN A 1033 -31.84 39.95 22.60
N SER A 1034 -31.82 39.43 21.38
CA SER A 1034 -30.75 39.73 20.45
C SER A 1034 -31.22 40.73 19.40
N LYS A 1035 -30.42 41.77 19.19
CA LYS A 1035 -30.67 42.77 18.17
C LYS A 1035 -30.09 42.37 16.82
N ARG A 1036 -29.41 41.24 16.74
CA ARG A 1036 -28.87 40.79 15.47
C ARG A 1036 -30.00 40.38 14.54
N VAL A 1037 -30.05 40.97 13.36
CA VAL A 1037 -31.16 40.75 12.44
C VAL A 1037 -31.05 39.35 11.87
N ASP A 1038 -32.19 38.65 11.80
CA ASP A 1038 -32.33 37.31 11.27
C ASP A 1038 -31.47 36.29 12.01
N PHE A 1039 -30.88 36.67 13.15
CA PHE A 1039 -30.15 35.68 13.94
C PHE A 1039 -31.11 34.73 14.62
N CYS A 1040 -32.16 35.26 15.23
CA CYS A 1040 -33.15 34.47 15.95
C CYS A 1040 -34.53 34.86 15.45
N GLY A 1041 -34.94 34.23 14.36
CA GLY A 1041 -36.27 34.43 13.80
C GLY A 1041 -36.31 35.56 12.81
N LYS A 1042 -37.25 35.47 11.87
CA LYS A 1042 -37.48 36.49 10.87
C LYS A 1042 -38.39 37.54 11.48
N GLY A 1043 -37.83 38.69 11.83
CA GLY A 1043 -38.58 39.76 12.43
C GLY A 1043 -37.83 40.31 13.62
N TYR A 1044 -38.49 41.19 14.36
CA TYR A 1044 -37.90 41.75 15.57
C TYR A 1044 -38.02 40.71 16.68
N HIS A 1045 -36.90 40.12 17.05
CA HIS A 1045 -36.89 38.98 17.96
C HIS A 1045 -37.42 39.37 19.32
N LEU A 1046 -38.31 38.54 19.87
CA LEU A 1046 -38.83 38.73 21.22
C LEU A 1046 -38.26 37.71 22.19
N MET A 1047 -38.46 36.42 21.94
CA MET A 1047 -38.04 35.39 22.88
C MET A 1047 -37.40 34.24 22.10
N SER A 1048 -37.14 33.16 22.81
CA SER A 1048 -36.73 31.91 22.19
C SER A 1048 -36.85 30.82 23.23
N PHE A 1049 -37.43 29.69 22.85
CA PHE A 1049 -37.65 28.58 23.76
C PHE A 1049 -36.87 27.37 23.27
N PRO A 1050 -35.90 26.88 24.01
CA PRO A 1050 -35.21 25.67 23.59
C PRO A 1050 -36.13 24.47 23.72
N GLN A 1051 -35.96 23.50 22.83
CA GLN A 1051 -36.64 22.22 22.95
C GLN A 1051 -35.65 21.14 22.54
N SER A 1052 -35.37 20.22 23.45
CA SER A 1052 -34.42 19.16 23.15
C SER A 1052 -34.93 18.29 22.02
N ALA A 1053 -34.03 17.89 21.15
CA ALA A 1053 -34.34 16.99 20.05
C ALA A 1053 -33.22 15.96 19.98
N PRO A 1054 -33.48 14.80 19.37
CA PRO A 1054 -32.44 13.77 19.30
C PRO A 1054 -31.20 14.27 18.60
N HIS A 1055 -30.10 14.35 19.35
CA HIS A 1055 -28.81 14.79 18.82
C HIS A 1055 -28.90 16.18 18.21
N GLY A 1056 -29.58 17.09 18.91
CA GLY A 1056 -29.72 18.44 18.41
C GLY A 1056 -30.59 19.25 19.34
N VAL A 1057 -30.86 20.47 18.93
CA VAL A 1057 -31.69 21.38 19.70
C VAL A 1057 -32.63 22.09 18.74
N VAL A 1058 -33.82 22.43 19.23
CA VAL A 1058 -34.84 23.11 18.45
C VAL A 1058 -35.23 24.38 19.18
N PHE A 1059 -35.21 25.50 18.48
CA PHE A 1059 -35.57 26.80 19.04
C PHE A 1059 -36.89 27.24 18.47
N LEU A 1060 -37.75 27.80 19.31
CA LEU A 1060 -39.01 28.38 18.87
C LEU A 1060 -38.88 29.90 19.02
N HIS A 1061 -38.33 30.53 18.00
CA HIS A 1061 -38.05 31.96 18.07
C HIS A 1061 -39.36 32.73 17.97
N VAL A 1062 -39.77 33.34 19.08
CA VAL A 1062 -40.94 34.21 19.07
C VAL A 1062 -40.51 35.59 18.58
N THR A 1063 -41.07 36.01 17.44
CA THR A 1063 -40.66 37.25 16.81
C THR A 1063 -41.87 38.13 16.55
N TYR A 1064 -41.62 39.43 16.49
CA TYR A 1064 -42.63 40.44 16.26
C TYR A 1064 -42.56 40.87 14.80
N VAL A 1065 -43.64 40.68 14.05
CA VAL A 1065 -43.67 40.99 12.63
C VAL A 1065 -44.82 41.97 12.37
N PRO A 1066 -44.54 43.18 11.87
CA PRO A 1066 -45.64 44.08 11.52
C PRO A 1066 -46.46 43.51 10.38
N ALA A 1067 -47.76 43.85 10.36
CA ALA A 1067 -48.66 43.23 9.40
C ALA A 1067 -49.48 44.20 8.56
N GLN A 1068 -50.09 45.22 9.14
CA GLN A 1068 -51.00 46.07 8.39
C GLN A 1068 -50.47 47.49 8.38
N GLU A 1069 -50.05 47.92 7.19
CA GLU A 1069 -49.37 49.20 7.04
C GLU A 1069 -50.20 50.08 6.11
N LYS A 1070 -50.14 51.38 6.36
CA LYS A 1070 -50.85 52.33 5.53
C LYS A 1070 -49.96 53.52 5.23
N ASN A 1071 -50.14 54.09 4.04
CA ASN A 1071 -49.30 55.18 3.58
C ASN A 1071 -49.50 56.42 4.46
N PHE A 1072 -48.47 57.24 4.51
CA PHE A 1072 -48.53 58.50 5.25
C PHE A 1072 -47.58 59.49 4.59
N THR A 1073 -47.82 60.77 4.85
CA THR A 1073 -46.96 61.84 4.39
C THR A 1073 -46.05 62.25 5.54
N THR A 1074 -44.74 62.22 5.30
CA THR A 1074 -43.75 62.43 6.34
C THR A 1074 -42.93 63.67 6.04
N ALA A 1075 -42.40 64.28 7.09
CA ALA A 1075 -41.55 65.45 6.99
C ALA A 1075 -40.44 65.38 8.02
N PRO A 1076 -39.19 65.63 7.63
CA PRO A 1076 -38.08 65.48 8.56
C PRO A 1076 -38.16 66.37 9.78
N ALA A 1077 -38.82 67.52 9.67
CA ALA A 1077 -38.87 68.44 10.79
C ALA A 1077 -40.13 69.28 10.69
N ILE A 1078 -40.49 69.91 11.80
CA ILE A 1078 -41.66 70.77 11.89
C ILE A 1078 -41.20 72.18 12.22
N CYS A 1079 -41.44 73.11 11.31
CA CYS A 1079 -41.00 74.49 11.49
C CYS A 1079 -42.04 75.23 12.31
N HIS A 1080 -41.70 75.56 13.55
CA HIS A 1080 -42.57 76.30 14.44
C HIS A 1080 -41.80 77.49 14.99
N ASP A 1081 -42.40 78.68 14.92
CA ASP A 1081 -41.78 79.91 15.41
C ASP A 1081 -40.41 80.17 14.79
N GLY A 1082 -40.17 79.60 13.61
CA GLY A 1082 -38.88 79.78 12.97
C GLY A 1082 -37.78 78.86 13.46
N LYS A 1083 -38.06 78.00 14.42
CA LYS A 1083 -37.08 77.04 14.92
C LYS A 1083 -37.55 75.63 14.57
N ALA A 1084 -36.67 74.85 13.96
CA ALA A 1084 -37.03 73.52 13.51
C ALA A 1084 -37.22 72.60 14.70
N HIS A 1085 -38.28 71.78 14.66
CA HIS A 1085 -38.53 70.77 15.68
C HIS A 1085 -38.34 69.39 15.06
N PHE A 1086 -37.65 68.52 15.79
CA PHE A 1086 -37.38 67.17 15.33
C PHE A 1086 -38.00 66.18 16.31
N PRO A 1087 -38.44 65.01 15.83
CA PRO A 1087 -39.08 64.04 16.74
C PRO A 1087 -38.05 63.48 17.71
N ARG A 1088 -38.37 63.53 19.00
CA ARG A 1088 -37.43 63.04 20.01
C ARG A 1088 -37.16 61.56 19.82
N GLU A 1089 -38.21 60.75 19.74
CA GLU A 1089 -38.06 59.31 19.60
C GLU A 1089 -39.12 58.75 18.66
N GLY A 1090 -39.59 59.57 17.73
CA GLY A 1090 -40.68 59.15 16.86
C GLY A 1090 -40.52 59.56 15.41
N VAL A 1091 -41.63 59.52 14.66
CA VAL A 1091 -41.66 59.89 13.25
C VAL A 1091 -42.76 60.92 13.07
N PHE A 1092 -42.51 61.91 12.22
CA PHE A 1092 -43.54 62.88 11.88
C PHE A 1092 -44.35 62.34 10.70
N VAL A 1093 -45.65 62.14 10.91
CA VAL A 1093 -46.53 61.66 9.86
C VAL A 1093 -47.78 62.50 9.83
N SER A 1094 -48.50 62.43 8.71
CA SER A 1094 -49.74 63.15 8.53
C SER A 1094 -50.73 62.29 7.78
N ASN A 1095 -52.01 62.45 8.12
CA ASN A 1095 -53.09 61.81 7.38
C ASN A 1095 -53.73 62.78 6.39
N GLY A 1096 -52.93 63.64 5.80
CA GLY A 1096 -53.41 64.65 4.88
C GLY A 1096 -53.67 66.03 5.46
N THR A 1097 -54.43 66.10 6.55
CA THR A 1097 -54.83 67.37 7.14
C THR A 1097 -54.06 67.73 8.40
N HIS A 1098 -53.86 66.77 9.30
CA HIS A 1098 -53.24 67.03 10.58
C HIS A 1098 -51.92 66.28 10.67
N TRP A 1099 -50.97 66.83 11.43
CA TRP A 1099 -49.66 66.24 11.59
C TRP A 1099 -49.54 65.63 12.98
N PHE A 1100 -48.92 64.44 13.04
CA PHE A 1100 -48.73 63.71 14.27
C PHE A 1100 -47.31 63.18 14.34
N VAL A 1101 -46.83 62.99 15.58
CA VAL A 1101 -45.57 62.30 15.83
C VAL A 1101 -45.88 60.88 16.27
N THR A 1102 -45.22 59.91 15.66
CA THR A 1102 -45.63 58.51 15.79
C THR A 1102 -44.41 57.64 16.06
N GLN A 1103 -44.64 56.56 16.78
CA GLN A 1103 -43.61 55.54 16.96
C GLN A 1103 -43.19 54.97 15.61
N ARG A 1104 -41.97 54.44 15.55
CA ARG A 1104 -41.45 53.96 14.28
C ARG A 1104 -42.17 52.69 13.83
N ASN A 1105 -42.43 51.77 14.75
CA ASN A 1105 -42.85 50.42 14.40
C ASN A 1105 -44.33 50.13 14.68
N PHE A 1106 -45.11 51.12 15.06
CA PHE A 1106 -46.51 50.90 15.38
C PHE A 1106 -47.24 52.22 15.32
N TYR A 1107 -48.26 52.29 14.48
CA TYR A 1107 -48.94 53.55 14.22
C TYR A 1107 -49.71 53.95 15.47
N GLU A 1108 -49.17 54.94 16.19
CA GLU A 1108 -49.87 55.54 17.33
C GLU A 1108 -49.65 57.04 17.27
N PRO A 1109 -50.60 57.79 16.73
CA PRO A 1109 -50.40 59.23 16.55
C PRO A 1109 -50.56 59.99 17.85
N GLN A 1110 -49.61 60.87 18.13
CA GLN A 1110 -49.71 61.80 19.24
C GLN A 1110 -49.65 63.22 18.70
N ILE A 1111 -50.31 64.15 19.40
CA ILE A 1111 -50.26 65.54 19.00
C ILE A 1111 -48.83 66.05 19.18
N ILE A 1112 -48.33 66.78 18.19
CA ILE A 1112 -46.96 67.27 18.24
C ILE A 1112 -46.82 68.22 19.42
N THR A 1113 -45.81 68.00 20.23
CA THR A 1113 -45.65 68.71 21.49
C THR A 1113 -44.17 68.90 21.77
N THR A 1114 -43.85 69.90 22.59
CA THR A 1114 -42.47 70.16 22.95
C THR A 1114 -41.87 69.01 23.76
N ASP A 1115 -42.71 68.15 24.35
CA ASP A 1115 -42.20 67.01 25.11
C ASP A 1115 -41.68 65.91 24.19
N ASN A 1116 -42.36 65.65 23.08
CA ASN A 1116 -41.94 64.62 22.16
C ASN A 1116 -41.10 65.15 21.00
N THR A 1117 -40.79 66.44 20.98
CA THR A 1117 -39.93 67.03 19.96
C THR A 1117 -38.82 67.83 20.61
N PHE A 1118 -37.61 67.69 20.10
CA PHE A 1118 -36.47 68.49 20.55
C PHE A 1118 -36.09 69.48 19.46
N VAL A 1119 -35.97 70.75 19.85
CA VAL A 1119 -35.73 71.83 18.91
C VAL A 1119 -34.24 72.08 18.78
N SER A 1120 -33.76 72.13 17.53
CA SER A 1120 -32.34 72.39 17.31
C SER A 1120 -32.16 72.91 15.88
N GLY A 1121 -32.00 74.23 15.74
CA GLY A 1121 -31.63 74.79 14.45
C GLY A 1121 -32.58 75.85 13.92
N ASN A 1122 -32.54 76.05 12.61
CA ASN A 1122 -33.34 77.04 11.94
C ASN A 1122 -34.07 76.40 10.76
N CYS A 1123 -35.21 76.99 10.39
CA CYS A 1123 -36.07 76.39 9.39
C CYS A 1123 -35.46 76.41 7.99
N ASP A 1124 -34.42 77.20 7.76
CA ASP A 1124 -33.89 77.33 6.40
C ASP A 1124 -32.96 76.17 6.04
N VAL A 1125 -32.26 75.61 7.02
CA VAL A 1125 -31.23 74.63 6.71
C VAL A 1125 -31.83 73.32 6.22
N VAL A 1126 -32.93 72.89 6.82
CA VAL A 1126 -33.46 71.55 6.59
C VAL A 1126 -34.20 71.50 5.27
N ILE A 1127 -33.93 70.46 4.48
CA ILE A 1127 -34.65 70.22 3.24
C ILE A 1127 -35.85 69.31 3.53
N GLY A 1128 -37.03 69.77 3.16
CA GLY A 1128 -38.23 69.02 3.42
C GLY A 1128 -38.95 69.36 4.71
N ILE A 1129 -38.47 70.35 5.46
CA ILE A 1129 -39.19 70.80 6.63
C ILE A 1129 -40.53 71.38 6.19
N VAL A 1130 -41.56 71.19 7.02
CA VAL A 1130 -42.89 71.68 6.71
C VAL A 1130 -43.39 72.53 7.86
N ASN A 1131 -44.28 73.46 7.52
CA ASN A 1131 -44.85 74.37 8.51
C ASN A 1131 -45.93 73.67 9.31
N ASN A 1132 -45.95 73.91 10.62
CA ASN A 1132 -46.98 73.33 11.48
C ASN A 1132 -46.82 73.97 12.86
N THR A 1133 -47.79 73.70 13.73
CA THR A 1133 -47.79 74.25 15.08
C THR A 1133 -47.53 73.14 16.10
N VAL A 1134 -46.63 73.41 17.04
CA VAL A 1134 -46.27 72.45 18.08
C VAL A 1134 -46.93 72.92 19.37
N TYR A 1135 -47.87 72.14 19.87
CA TYR A 1135 -48.60 72.50 21.08
C TYR A 1135 -47.66 72.52 22.29
N ASP A 1136 -47.84 73.52 23.14
CA ASP A 1136 -47.04 73.69 24.33
C ASP A 1136 -47.90 73.40 25.56
N PRO A 1137 -47.59 72.36 26.33
CA PRO A 1137 -48.46 72.03 27.48
C PRO A 1137 -48.52 73.14 28.52
N LEU A 1138 -47.48 73.96 28.59
CA LEU A 1138 -47.39 74.97 29.64
C LEU A 1138 -48.45 76.05 29.48
N GLN A 1139 -48.76 76.43 28.24
CA GLN A 1139 -49.59 77.62 28.01
C GLN A 1139 -50.97 77.56 28.66
N PRO A 1140 -51.73 76.46 28.59
CA PRO A 1140 -53.06 76.47 29.24
C PRO A 1140 -53.00 76.76 30.73
N GLU A 1141 -51.99 76.25 31.43
CA GLU A 1141 -51.87 76.52 32.86
C GLU A 1141 -51.66 78.00 33.13
N LEU A 1142 -50.84 78.66 32.29
CA LEU A 1142 -50.67 80.11 32.43
C LEU A 1142 -51.96 80.85 32.12
N ASP A 1143 -52.65 80.47 31.04
CA ASP A 1143 -53.87 81.16 30.65
C ASP A 1143 -54.97 80.97 31.69
N SER A 1144 -55.14 79.76 32.19
CA SER A 1144 -56.15 79.49 33.20
C SER A 1144 -55.65 79.81 34.60
N THR B 22 51.64 29.49 -36.84
CA THR B 22 51.21 30.55 -35.94
C THR B 22 49.78 30.32 -35.45
N GLN B 23 49.61 30.35 -34.14
CA GLN B 23 48.31 30.11 -33.51
C GLN B 23 47.70 31.44 -33.12
N LEU B 24 46.53 31.75 -33.68
CA LEU B 24 45.84 32.97 -33.32
C LEU B 24 45.23 32.81 -31.93
N PRO B 25 45.53 33.71 -31.00
CA PRO B 25 45.00 33.58 -29.64
C PRO B 25 43.49 33.75 -29.60
N PRO B 26 42.76 32.79 -29.06
CA PRO B 26 41.30 32.87 -29.05
C PRO B 26 40.82 33.88 -28.01
N ALA B 27 39.56 34.29 -28.18
CA ALA B 27 38.91 35.23 -27.28
C ALA B 27 37.67 34.58 -26.70
N TYR B 28 37.21 35.13 -25.57
CA TYR B 28 36.03 34.62 -24.88
C TYR B 28 34.98 35.72 -24.81
N THR B 29 33.71 35.32 -24.90
CA THR B 29 32.61 36.26 -24.75
C THR B 29 31.41 35.60 -24.07
N ASN B 30 30.30 36.33 -23.98
CA ASN B 30 29.13 35.86 -23.25
C ASN B 30 28.03 35.47 -24.22
N SER B 31 27.30 34.40 -23.88
CA SER B 31 26.19 33.97 -24.72
C SER B 31 25.06 34.98 -24.71
N PHE B 32 24.69 35.49 -23.54
CA PHE B 32 23.64 36.49 -23.39
C PHE B 32 22.31 36.00 -23.95
N THR B 33 21.77 34.94 -23.35
CA THR B 33 20.45 34.36 -23.62
C THR B 33 20.31 33.78 -25.03
N ARG B 34 21.40 33.55 -25.75
CA ARG B 34 21.30 32.94 -27.07
C ARG B 34 21.38 31.42 -26.96
N GLY B 35 20.90 30.74 -28.01
CA GLY B 35 21.04 29.31 -28.11
C GLY B 35 19.88 28.49 -27.58
N VAL B 36 18.69 29.05 -27.50
CA VAL B 36 17.53 28.28 -27.06
C VAL B 36 16.80 27.75 -28.28
N TYR B 37 16.49 26.45 -28.26
CA TYR B 37 15.86 25.75 -29.36
C TYR B 37 14.55 25.13 -28.90
N TYR B 38 13.70 24.80 -29.86
CA TYR B 38 12.44 24.14 -29.52
C TYR B 38 12.71 22.74 -29.03
N PRO B 39 12.37 22.39 -27.79
CA PRO B 39 12.73 21.07 -27.28
C PRO B 39 12.01 19.94 -27.97
N ASP B 40 10.83 20.19 -28.55
CA ASP B 40 10.03 19.13 -29.14
C ASP B 40 9.15 19.73 -30.23
N LYS B 41 8.36 18.87 -30.87
CA LYS B 41 7.45 19.28 -31.93
C LYS B 41 6.08 19.70 -31.42
N VAL B 42 5.87 19.72 -30.11
CA VAL B 42 4.58 20.07 -29.56
C VAL B 42 4.28 21.54 -29.82
N PHE B 43 3.02 21.83 -30.13
CA PHE B 43 2.53 23.20 -30.24
C PHE B 43 1.88 23.60 -28.94
N ARG B 44 2.24 24.76 -28.41
CA ARG B 44 1.65 25.28 -27.19
C ARG B 44 1.34 26.75 -27.38
N SER B 45 0.21 27.19 -26.83
CA SER B 45 -0.33 28.53 -27.10
C SER B 45 -0.47 29.31 -25.80
N SER B 46 0.28 30.40 -25.70
CA SER B 46 0.18 31.34 -24.58
C SER B 46 0.29 30.64 -23.23
N VAL B 47 1.26 29.74 -23.12
CA VAL B 47 1.48 28.99 -21.89
C VAL B 47 2.97 28.97 -21.59
N LEU B 48 3.31 28.89 -20.31
CA LEU B 48 4.69 28.79 -19.85
C LEU B 48 4.98 27.34 -19.54
N HIS B 49 5.92 26.74 -20.27
CA HIS B 49 6.26 25.33 -20.14
C HIS B 49 7.65 25.19 -19.57
N SER B 50 7.77 24.41 -18.49
CA SER B 50 9.04 24.17 -17.83
C SER B 50 9.60 22.85 -18.31
N THR B 51 10.67 22.89 -19.11
CA THR B 51 11.26 21.71 -19.68
C THR B 51 12.69 21.55 -19.22
N GLN B 52 13.07 20.34 -18.87
CA GLN B 52 14.43 20.01 -18.42
C GLN B 52 15.12 19.27 -19.56
N ASP B 53 16.02 19.96 -20.24
CA ASP B 53 16.68 19.40 -21.41
C ASP B 53 18.05 20.04 -21.54
N LEU B 54 18.86 19.52 -22.44
CA LEU B 54 20.16 20.12 -22.71
C LEU B 54 19.97 21.52 -23.28
N PHE B 55 20.71 22.47 -22.74
CA PHE B 55 20.56 23.87 -23.13
C PHE B 55 21.90 24.57 -23.00
N LEU B 56 22.03 25.70 -23.69
CA LEU B 56 23.15 26.58 -23.48
C LEU B 56 22.83 27.51 -22.32
N PRO B 57 23.52 27.40 -21.18
CA PRO B 57 23.16 28.22 -20.02
C PRO B 57 23.23 29.70 -20.34
N PHE B 58 22.32 30.47 -19.75
CA PHE B 58 22.29 31.90 -19.99
C PHE B 58 23.57 32.54 -19.47
N PHE B 59 24.07 33.49 -20.25
CA PHE B 59 25.31 34.21 -19.90
C PHE B 59 26.46 33.22 -19.67
N SER B 60 26.52 32.19 -20.51
CA SER B 60 27.60 31.23 -20.44
C SER B 60 28.85 31.78 -21.12
N ASN B 61 29.96 31.08 -20.93
CA ASN B 61 31.27 31.55 -21.36
C ASN B 61 31.63 30.81 -22.64
N VAL B 62 31.37 31.43 -23.78
CA VAL B 62 31.50 30.80 -25.09
C VAL B 62 32.83 31.20 -25.70
N THR B 63 33.53 30.23 -26.27
CA THR B 63 34.87 30.45 -26.83
C THR B 63 34.76 30.93 -28.26
N TRP B 64 35.32 32.11 -28.53
CA TRP B 64 35.29 32.72 -29.84
C TRP B 64 36.57 32.38 -30.59
N PHE B 65 36.43 31.96 -31.85
CA PHE B 65 37.55 31.44 -32.62
C PHE B 65 37.85 32.30 -33.83
N HIS B 66 39.08 32.14 -34.33
CA HIS B 66 39.53 32.69 -35.60
C HIS B 66 40.32 31.58 -36.29
N ALA B 67 39.63 30.77 -37.09
CA ALA B 67 40.28 29.61 -37.69
C ALA B 67 41.38 30.03 -38.66
N ILE B 68 41.11 31.02 -39.50
CA ILE B 68 42.05 31.47 -40.51
C ILE B 68 42.00 32.99 -40.59
N HIS B 69 43.14 33.61 -40.89
CA HIS B 69 43.21 35.05 -41.03
C HIS B 69 44.32 35.40 -42.01
N VAL B 70 44.11 36.48 -42.75
CA VAL B 70 45.07 36.95 -43.75
C VAL B 70 45.48 38.38 -43.39
N SER B 71 46.78 38.62 -43.31
CA SER B 71 47.30 39.94 -43.00
C SER B 71 47.80 40.64 -44.26
N ASN B 74 52.64 41.61 -44.95
CA ASN B 74 52.66 40.17 -44.72
C ASN B 74 51.85 39.44 -45.79
N GLY B 75 50.56 39.24 -45.52
CA GLY B 75 49.68 38.53 -46.44
C GLY B 75 49.75 37.03 -46.35
N THR B 76 50.57 36.48 -45.47
CA THR B 76 50.70 35.03 -45.34
C THR B 76 49.42 34.44 -44.77
N LYS B 77 49.03 33.28 -45.31
CA LYS B 77 47.86 32.58 -44.80
C LYS B 77 48.15 32.04 -43.40
N ARG B 78 47.23 32.27 -42.48
CA ARG B 78 47.33 31.77 -41.12
C ARG B 78 46.27 30.71 -40.92
N PHE B 79 46.68 29.55 -40.40
CA PHE B 79 45.79 28.41 -40.20
C PHE B 79 45.87 27.98 -38.75
N ASP B 80 44.70 27.90 -38.09
CA ASP B 80 44.59 27.38 -36.72
C ASP B 80 43.17 26.83 -36.59
N ASN B 81 43.03 25.51 -36.78
CA ASN B 81 41.73 24.83 -36.77
C ASN B 81 41.79 23.70 -35.76
N PRO B 82 41.63 24.01 -34.47
CA PRO B 82 41.69 22.96 -33.45
C PRO B 82 40.52 22.01 -33.58
N VAL B 83 40.76 20.75 -33.19
CA VAL B 83 39.76 19.71 -33.28
C VAL B 83 39.07 19.65 -31.91
N LEU B 84 37.94 20.34 -31.81
CA LEU B 84 37.28 20.59 -30.53
C LEU B 84 36.53 19.35 -30.03
N PRO B 85 36.32 19.25 -28.72
CA PRO B 85 35.51 18.16 -28.19
C PRO B 85 34.01 18.43 -28.38
N PHE B 86 33.24 17.35 -28.33
CA PHE B 86 31.79 17.39 -28.48
C PHE B 86 31.19 16.98 -27.14
N ASN B 87 31.03 17.95 -26.26
CA ASN B 87 30.50 17.71 -24.91
C ASN B 87 28.99 17.94 -24.94
N ASP B 88 28.23 16.86 -24.93
CA ASP B 88 26.77 16.89 -25.05
C ASP B 88 26.43 17.71 -26.29
N GLY B 89 25.52 18.68 -26.22
CA GLY B 89 25.27 19.53 -27.35
C GLY B 89 26.36 20.56 -27.54
N VAL B 90 26.48 21.04 -28.77
CA VAL B 90 27.43 22.09 -29.11
C VAL B 90 26.69 23.18 -29.86
N TYR B 91 26.67 24.38 -29.30
CA TYR B 91 26.08 25.53 -29.96
C TYR B 91 27.10 26.09 -30.95
N PHE B 92 26.63 26.53 -32.11
CA PHE B 92 27.48 27.12 -33.13
C PHE B 92 26.84 28.38 -33.67
N ALA B 93 27.62 29.45 -33.78
CA ALA B 93 27.13 30.71 -34.33
C ALA B 93 28.19 31.30 -35.25
N SER B 94 27.75 31.76 -36.42
CA SER B 94 28.66 32.29 -37.42
C SER B 94 28.13 33.61 -37.96
N THR B 95 29.05 34.50 -38.30
CA THR B 95 28.73 35.81 -38.87
C THR B 95 29.63 36.00 -40.09
N GLU B 96 29.13 35.60 -41.26
CA GLU B 96 29.91 35.63 -42.48
C GLU B 96 29.14 36.38 -43.57
N LYS B 97 29.87 37.13 -44.38
CA LYS B 97 29.28 37.86 -45.49
C LYS B 97 29.40 37.13 -46.82
N SER B 98 30.28 36.13 -46.92
CA SER B 98 30.48 35.39 -48.15
C SER B 98 30.32 33.88 -47.96
N ASN B 99 29.84 33.44 -46.80
CA ASN B 99 29.62 32.03 -46.51
C ASN B 99 30.92 31.23 -46.64
N ILE B 100 31.93 31.65 -45.89
CA ILE B 100 33.22 30.96 -45.90
C ILE B 100 33.11 29.58 -45.27
N ILE B 101 32.33 29.47 -44.20
CA ILE B 101 32.15 28.17 -43.55
C ILE B 101 31.31 27.27 -44.45
N ARG B 102 31.84 26.08 -44.73
CA ARG B 102 31.21 25.17 -45.67
C ARG B 102 30.67 23.89 -45.02
N GLY B 103 31.02 23.60 -43.78
CA GLY B 103 30.51 22.39 -43.17
C GLY B 103 31.17 22.10 -41.84
N TRP B 104 30.81 20.93 -41.30
CA TRP B 104 31.23 20.51 -39.98
C TRP B 104 31.80 19.10 -40.08
N ILE B 105 32.60 18.74 -39.07
CA ILE B 105 33.21 17.43 -38.97
C ILE B 105 32.90 16.86 -37.59
N PHE B 106 32.45 15.61 -37.55
CA PHE B 106 32.08 14.96 -36.31
C PHE B 106 32.73 13.58 -36.25
N GLY B 107 32.76 13.01 -35.06
CA GLY B 107 33.26 11.66 -34.89
C GLY B 107 33.85 11.48 -33.51
N THR B 108 34.46 10.30 -33.33
CA THR B 108 35.18 9.97 -32.11
C THR B 108 36.66 9.74 -32.34
N THR B 109 37.01 8.84 -33.25
CA THR B 109 38.40 8.65 -33.64
C THR B 109 38.78 9.46 -34.87
N LEU B 110 37.81 9.91 -35.66
CA LEU B 110 38.02 10.82 -36.77
C LEU B 110 38.91 10.22 -37.85
N ASP B 111 38.95 8.89 -37.92
CA ASP B 111 39.72 8.18 -38.93
C ASP B 111 38.86 7.06 -39.48
N SER B 112 39.43 6.27 -40.39
CA SER B 112 38.69 5.18 -41.00
C SER B 112 38.36 4.06 -40.03
N LYS B 113 38.95 4.06 -38.83
CA LYS B 113 38.70 2.98 -37.87
C LYS B 113 37.24 2.96 -37.42
N THR B 114 36.67 4.13 -37.15
CA THR B 114 35.31 4.23 -36.64
C THR B 114 34.47 5.14 -37.54
N GLN B 115 33.16 4.93 -37.49
CA GLN B 115 32.24 5.72 -38.30
C GLN B 115 32.29 7.19 -37.91
N SER B 116 32.36 8.05 -38.92
CA SER B 116 32.45 9.48 -38.72
C SER B 116 31.34 10.17 -39.50
N LEU B 117 30.81 11.26 -38.93
CA LEU B 117 29.76 12.04 -39.57
C LEU B 117 30.39 13.23 -40.27
N LEU B 118 30.00 13.45 -41.52
CA LEU B 118 30.55 14.53 -42.32
C LEU B 118 29.41 15.37 -42.89
N ILE B 119 29.44 16.66 -42.62
CA ILE B 119 28.46 17.60 -43.14
C ILE B 119 29.20 18.61 -44.00
N VAL B 120 28.78 18.74 -45.25
CA VAL B 120 29.36 19.71 -46.18
C VAL B 120 28.22 20.43 -46.90
N ASN B 121 28.27 21.76 -46.89
CA ASN B 121 27.30 22.56 -47.62
C ASN B 121 27.82 22.86 -49.01
N ASN B 122 26.97 22.64 -50.01
CA ASN B 122 27.34 22.81 -51.41
C ASN B 122 26.62 24.01 -51.99
N ALA B 123 27.03 24.38 -53.21
CA ALA B 123 26.35 25.47 -53.91
C ALA B 123 24.91 25.10 -54.25
N THR B 124 24.67 23.84 -54.61
CA THR B 124 23.34 23.41 -55.04
C THR B 124 22.55 22.75 -53.92
N ASN B 125 23.21 22.09 -52.98
CA ASN B 125 22.50 21.28 -52.00
C ASN B 125 23.33 21.19 -50.72
N VAL B 126 22.95 20.25 -49.86
CA VAL B 126 23.64 19.96 -48.62
C VAL B 126 24.15 18.52 -48.71
N VAL B 127 25.45 18.34 -48.52
CA VAL B 127 26.09 17.05 -48.67
C VAL B 127 26.31 16.49 -47.28
N ILE B 128 25.50 15.52 -46.88
CA ILE B 128 25.62 14.85 -45.59
C ILE B 128 25.97 13.39 -45.86
N LYS B 129 27.11 12.96 -45.36
CA LYS B 129 27.56 11.58 -45.52
C LYS B 129 28.13 11.07 -44.21
N VAL B 130 27.81 9.83 -43.87
CA VAL B 130 28.32 9.18 -42.67
C VAL B 130 29.06 7.93 -43.13
N CYS B 131 30.38 8.04 -43.25
CA CYS B 131 31.20 6.94 -43.71
C CYS B 131 32.47 6.90 -42.88
N GLU B 132 33.14 5.75 -42.89
CA GLU B 132 34.42 5.62 -42.19
C GLU B 132 35.46 6.41 -42.97
N PHE B 133 35.66 7.67 -42.59
CA PHE B 133 36.51 8.59 -43.33
C PHE B 133 37.87 8.71 -42.66
N GLN B 134 38.93 8.46 -43.43
CA GLN B 134 40.28 8.79 -42.99
C GLN B 134 40.49 10.28 -43.25
N PHE B 135 40.21 11.09 -42.24
CA PHE B 135 40.22 12.54 -42.41
C PHE B 135 41.63 13.05 -42.67
N CYS B 136 41.73 14.03 -43.55
CA CYS B 136 42.99 14.74 -43.74
C CYS B 136 43.26 15.68 -42.58
N ASN B 137 44.53 15.81 -42.22
CA ASN B 137 44.91 16.59 -41.05
C ASN B 137 44.62 18.08 -41.24
N ASP B 138 44.53 18.53 -42.49
CA ASP B 138 44.34 19.95 -42.81
C ASP B 138 43.14 20.08 -43.73
N PRO B 139 41.93 20.00 -43.19
CA PRO B 139 40.73 19.98 -44.04
C PRO B 139 40.55 21.29 -44.79
N PHE B 140 39.96 21.17 -45.99
CA PHE B 140 39.70 22.34 -46.82
C PHE B 140 38.67 22.00 -47.87
N LEU B 141 38.03 23.04 -48.40
CA LEU B 141 37.10 22.93 -49.52
C LEU B 141 37.69 23.67 -50.72
N GLY B 142 37.81 22.97 -51.85
CA GLY B 142 38.44 23.52 -53.04
C GLY B 142 37.41 24.14 -53.97
N VAL B 143 37.61 25.42 -54.29
CA VAL B 143 36.75 26.16 -55.20
C VAL B 143 37.63 27.05 -56.07
N TYR B 144 37.26 27.20 -57.34
CA TYR B 144 38.01 28.03 -58.28
C TYR B 144 37.06 29.00 -58.98
N TYR B 145 37.64 29.84 -59.83
CA TYR B 145 36.93 30.95 -60.46
C TYR B 145 37.05 30.87 -61.98
N HIS B 146 35.99 31.30 -62.66
CA HIS B 146 35.96 31.36 -64.12
C HIS B 146 35.89 32.83 -64.53
N LYS B 147 36.85 33.27 -65.35
CA LYS B 147 36.98 34.70 -65.65
C LYS B 147 35.87 35.17 -66.59
N ASN B 148 35.61 34.42 -67.66
CA ASN B 148 34.57 34.83 -68.60
C ASN B 148 33.18 34.65 -67.99
N ASN B 149 32.93 33.53 -67.33
CA ASN B 149 31.65 33.32 -66.67
C ASN B 149 31.49 34.17 -65.42
N LYS B 150 32.59 34.68 -64.86
CA LYS B 150 32.57 35.60 -63.72
C LYS B 150 31.80 35.01 -62.54
N SER B 151 31.97 33.70 -62.33
CA SER B 151 31.22 32.99 -61.30
C SER B 151 32.16 32.08 -60.54
N TRP B 152 31.73 31.70 -59.33
CA TRP B 152 32.51 30.83 -58.46
C TRP B 152 31.97 29.41 -58.56
N MET B 153 32.84 28.48 -58.98
CA MET B 153 32.47 27.09 -59.16
C MET B 153 33.45 26.21 -58.40
N GLU B 154 32.92 25.28 -57.60
CA GLU B 154 33.76 24.40 -56.80
C GLU B 154 34.55 23.46 -57.69
N SER B 155 35.75 23.11 -57.23
CA SER B 155 36.70 22.35 -58.06
C SER B 155 36.70 20.86 -57.75
N GLU B 156 37.06 20.48 -56.53
CA GLU B 156 37.27 19.07 -56.19
C GLU B 156 37.02 18.86 -54.70
N PHE B 157 37.30 17.64 -54.23
CA PHE B 157 37.18 17.27 -52.84
C PHE B 157 38.47 16.59 -52.39
N ARG B 158 39.00 17.03 -51.23
CA ARG B 158 40.17 16.38 -50.63
C ARG B 158 40.04 16.25 -49.13
N VAL B 159 38.82 16.36 -48.58
CA VAL B 159 38.66 16.38 -47.13
C VAL B 159 39.02 15.03 -46.52
N TYR B 160 38.50 13.95 -47.11
CA TYR B 160 38.69 12.61 -46.58
C TYR B 160 39.56 11.81 -47.54
N SER B 161 40.40 10.95 -46.97
CA SER B 161 41.24 10.09 -47.80
C SER B 161 40.42 9.03 -48.52
N SER B 162 39.55 8.35 -47.79
CA SER B 162 38.81 7.23 -48.35
C SER B 162 37.46 7.11 -47.65
N ALA B 163 36.51 6.47 -48.34
CA ALA B 163 35.17 6.26 -47.83
C ALA B 163 34.89 4.77 -47.74
N ASN B 164 34.56 4.30 -46.54
CA ASN B 164 34.21 2.90 -46.33
C ASN B 164 33.03 2.83 -45.37
N ASN B 165 32.29 1.73 -45.46
CA ASN B 165 31.12 1.48 -44.60
C ASN B 165 30.12 2.62 -44.67
N CYS B 166 29.89 3.10 -45.89
CA CYS B 166 28.96 4.20 -46.09
C CYS B 166 27.54 3.75 -45.78
N THR B 167 26.90 4.45 -44.84
CA THR B 167 25.61 4.04 -44.29
C THR B 167 24.49 5.01 -44.60
N PHE B 168 24.67 6.29 -44.31
CA PHE B 168 23.60 7.27 -44.40
C PHE B 168 24.02 8.40 -45.33
N GLU B 169 23.07 8.88 -46.12
CA GLU B 169 23.25 10.06 -46.96
C GLU B 169 21.97 10.88 -46.93
N TYR B 170 22.13 12.21 -46.88
CA TYR B 170 21.00 13.12 -46.89
C TYR B 170 21.34 14.31 -47.78
N VAL B 171 20.37 14.72 -48.60
CA VAL B 171 20.53 15.87 -49.49
C VAL B 171 19.30 16.73 -49.36
N SER B 172 19.50 18.04 -49.21
CA SER B 172 18.40 18.98 -49.09
C SER B 172 18.83 20.30 -49.69
N GLN B 173 18.02 21.33 -49.46
CA GLN B 173 18.35 22.66 -49.95
C GLN B 173 19.46 23.27 -49.10
N PRO B 174 20.39 24.01 -49.71
CA PRO B 174 21.44 24.66 -48.92
C PRO B 174 20.84 25.66 -47.93
N PHE B 175 21.44 25.73 -46.75
CA PHE B 175 20.96 26.62 -45.71
C PHE B 175 21.96 27.69 -45.28
N LEU B 176 23.27 27.42 -45.37
CA LEU B 176 24.25 28.44 -45.02
C LEU B 176 24.31 29.58 -46.01
N MET B 177 23.72 29.43 -47.19
CA MET B 177 23.71 30.47 -48.21
C MET B 177 22.57 31.44 -47.91
N ASP B 178 22.93 32.73 -47.74
CA ASP B 178 21.96 33.79 -47.47
C ASP B 178 21.07 33.47 -46.27
N LYS B 187 26.62 40.20 -42.44
CA LYS B 187 25.79 40.90 -41.47
C LYS B 187 24.63 40.03 -41.00
N ASN B 188 24.68 38.74 -41.32
CA ASN B 188 23.65 37.78 -40.95
C ASN B 188 24.23 36.78 -39.97
N LEU B 189 23.53 36.57 -38.86
CA LEU B 189 23.96 35.62 -37.83
C LEU B 189 23.26 34.28 -38.05
N ARG B 190 24.04 33.21 -38.08
CA ARG B 190 23.52 31.87 -38.30
C ARG B 190 23.87 31.00 -37.10
N GLU B 191 22.85 30.45 -36.46
CA GLU B 191 23.01 29.65 -35.25
C GLU B 191 22.63 28.20 -35.54
N PHE B 192 23.46 27.28 -35.05
CA PHE B 192 23.19 25.85 -35.20
C PHE B 192 23.47 25.15 -33.88
N VAL B 193 22.61 24.21 -33.51
CA VAL B 193 22.80 23.37 -32.34
C VAL B 193 22.90 21.92 -32.80
N PHE B 194 23.96 21.25 -32.40
CA PHE B 194 24.18 19.86 -32.75
C PHE B 194 24.01 19.01 -31.51
N LYS B 195 23.03 18.10 -31.54
CA LYS B 195 22.73 17.23 -30.42
C LYS B 195 22.70 15.79 -30.90
N ASN B 196 22.89 14.87 -29.95
CA ASN B 196 22.79 13.44 -30.24
C ASN B 196 22.16 12.77 -29.02
N ILE B 197 20.88 12.44 -29.13
CA ILE B 197 20.16 11.71 -28.10
C ILE B 197 19.44 10.54 -28.75
N ASP B 198 19.63 9.34 -28.18
CA ASP B 198 18.88 8.15 -28.59
C ASP B 198 19.11 7.82 -30.07
N GLY B 199 20.38 7.80 -30.49
CA GLY B 199 20.70 7.39 -31.84
C GLY B 199 20.29 8.36 -32.92
N TYR B 200 19.84 9.55 -32.58
CA TYR B 200 19.41 10.56 -33.53
C TYR B 200 20.34 11.76 -33.47
N PHE B 201 20.63 12.33 -34.63
CA PHE B 201 21.37 13.58 -34.72
C PHE B 201 20.38 14.70 -35.05
N LYS B 202 20.26 15.67 -34.15
CA LYS B 202 19.31 16.76 -34.30
C LYS B 202 20.06 18.05 -34.61
N ILE B 203 19.57 18.80 -35.59
CA ILE B 203 20.15 20.07 -36.00
C ILE B 203 19.06 21.12 -35.97
N TYR B 204 19.33 22.22 -35.27
CA TYR B 204 18.43 23.36 -35.21
C TYR B 204 19.14 24.55 -35.82
N SER B 205 18.39 25.42 -36.49
CA SER B 205 18.97 26.51 -37.25
C SER B 205 18.12 27.76 -37.10
N LYS B 206 18.77 28.91 -37.31
CA LYS B 206 18.09 30.20 -37.29
C LYS B 206 19.01 31.24 -37.91
N HIS B 207 18.45 32.08 -38.77
CA HIS B 207 19.20 33.13 -39.43
C HIS B 207 18.64 34.48 -39.01
N THR B 208 19.52 35.37 -38.55
CA THR B 208 19.09 36.67 -38.07
C THR B 208 20.12 37.73 -38.43
N PRO B 209 19.74 38.76 -39.19
CA PRO B 209 20.68 39.85 -39.48
C PRO B 209 20.88 40.73 -38.25
N ILE B 210 22.14 41.13 -38.03
CA ILE B 210 22.50 41.92 -36.86
C ILE B 210 23.29 43.14 -37.31
N ASN B 211 23.41 44.10 -36.40
CA ASN B 211 24.19 45.31 -36.60
C ASN B 211 25.49 45.32 -35.80
N LEU B 212 25.82 44.23 -35.14
CA LEU B 212 27.05 44.10 -34.37
C LEU B 212 28.10 43.33 -35.15
N VAL B 213 29.34 43.38 -34.66
CA VAL B 213 30.45 42.74 -35.34
C VAL B 213 31.18 41.78 -34.39
N ARG B 214 31.64 42.31 -33.25
CA ARG B 214 32.55 41.55 -32.41
C ARG B 214 31.83 40.43 -31.66
N ASP B 215 30.67 40.71 -31.09
CA ASP B 215 30.03 39.79 -30.16
C ASP B 215 28.68 39.31 -30.68
N LEU B 216 28.18 38.24 -30.06
CA LEU B 216 26.82 37.79 -30.30
C LEU B 216 25.83 38.84 -29.83
N PRO B 217 24.73 39.03 -30.55
CA PRO B 217 23.79 40.09 -30.17
C PRO B 217 23.06 39.76 -28.90
N GLN B 218 22.68 40.80 -28.17
CA GLN B 218 21.89 40.66 -26.95
C GLN B 218 20.43 40.63 -27.34
N GLY B 219 19.88 39.42 -27.45
CA GLY B 219 18.50 39.25 -27.84
C GLY B 219 18.13 37.78 -27.77
N PHE B 220 16.86 37.51 -28.05
CA PHE B 220 16.35 36.15 -27.99
C PHE B 220 15.74 35.76 -29.32
N SER B 221 16.07 34.55 -29.78
CA SER B 221 15.49 34.01 -30.99
C SER B 221 15.60 32.49 -30.93
N ALA B 222 14.47 31.81 -30.85
CA ALA B 222 14.47 30.37 -30.70
C ALA B 222 14.95 29.67 -31.97
N LEU B 223 15.55 28.50 -31.80
CA LEU B 223 16.10 27.73 -32.90
C LEU B 223 15.10 26.67 -33.33
N GLU B 224 14.53 26.84 -34.52
CA GLU B 224 13.58 25.86 -35.05
C GLU B 224 14.33 24.62 -35.55
N PRO B 225 13.76 23.44 -35.39
CA PRO B 225 14.42 22.22 -35.88
C PRO B 225 14.57 22.26 -37.39
N LEU B 226 15.67 21.68 -37.87
CA LEU B 226 15.97 21.65 -39.29
C LEU B 226 15.95 20.23 -39.85
N VAL B 227 16.75 19.32 -39.29
CA VAL B 227 16.80 17.93 -39.74
C VAL B 227 17.03 17.04 -38.53
N ASP B 228 16.49 15.83 -38.60
CA ASP B 228 16.77 14.77 -37.63
C ASP B 228 17.37 13.60 -38.40
N LEU B 229 18.55 13.14 -37.97
CA LEU B 229 19.27 12.10 -38.68
C LEU B 229 19.49 10.90 -37.76
N PRO B 230 19.03 9.70 -38.15
CA PRO B 230 19.27 8.50 -37.34
C PRO B 230 20.65 7.90 -37.57
N ILE B 231 21.69 8.68 -37.28
CA ILE B 231 23.04 8.21 -37.49
C ILE B 231 23.39 7.10 -36.50
N GLY B 232 23.10 7.32 -35.23
CA GLY B 232 23.28 6.30 -34.21
C GLY B 232 24.72 5.85 -34.03
N ILE B 233 25.64 6.80 -33.91
CA ILE B 233 27.06 6.51 -33.76
C ILE B 233 27.56 7.12 -32.46
N ASN B 234 28.67 6.58 -31.96
CA ASN B 234 29.36 7.19 -30.84
C ASN B 234 29.93 8.53 -31.30
N ILE B 235 29.67 9.59 -30.54
CA ILE B 235 30.10 10.94 -30.89
C ILE B 235 30.84 11.53 -29.71
N THR B 236 32.06 12.01 -29.95
CA THR B 236 32.88 12.61 -28.91
C THR B 236 33.63 13.86 -29.35
N ARG B 237 33.90 14.04 -30.63
CA ARG B 237 34.82 15.06 -31.10
C ARG B 237 34.21 15.81 -32.27
N PHE B 238 34.65 17.05 -32.47
CA PHE B 238 33.99 17.98 -33.39
C PHE B 238 35.02 18.89 -34.05
N GLN B 239 34.71 19.36 -35.25
CA GLN B 239 35.58 20.28 -35.97
C GLN B 239 34.76 20.98 -37.05
N THR B 240 35.14 22.21 -37.38
CA THR B 240 34.43 23.03 -38.36
C THR B 240 35.28 23.23 -39.61
N LEU B 241 34.60 23.28 -40.77
CA LEU B 241 35.25 23.48 -42.06
C LEU B 241 35.00 24.87 -42.59
N LEU B 242 35.92 25.36 -43.44
CA LEU B 242 35.78 26.64 -44.12
C LEU B 242 36.20 26.48 -45.57
N ALA B 243 35.70 27.37 -46.42
CA ALA B 243 36.07 27.37 -47.83
C ALA B 243 37.46 27.97 -48.01
N LEU B 244 38.30 27.28 -48.77
CA LEU B 244 39.65 27.73 -49.07
C LEU B 244 39.80 27.90 -50.57
N HIS B 245 40.13 29.12 -50.99
CA HIS B 245 40.07 29.46 -52.40
C HIS B 245 41.24 28.85 -53.18
N ARG B 246 41.19 29.03 -54.49
CA ARG B 246 42.25 28.52 -55.36
C ARG B 246 43.59 29.17 -55.03
N SER B 247 43.59 30.47 -54.80
CA SER B 247 44.83 31.16 -54.44
C SER B 247 45.35 30.71 -53.09
N TYR B 248 44.47 30.22 -52.22
CA TYR B 248 44.93 29.62 -50.97
C TYR B 248 45.67 28.31 -51.21
N LEU B 249 45.19 27.50 -52.14
CA LEU B 249 45.79 26.20 -52.43
C LEU B 249 47.15 26.30 -53.11
N THR B 250 47.55 27.48 -53.57
CA THR B 250 48.85 27.64 -54.18
C THR B 250 49.94 27.38 -53.14
N PRO B 251 51.08 26.82 -53.56
CA PRO B 251 52.16 26.53 -52.59
C PRO B 251 52.66 27.77 -51.86
N GLY B 252 52.56 28.95 -52.47
CA GLY B 252 53.00 30.18 -51.83
C GLY B 252 52.30 30.45 -50.52
N ASP B 253 53.09 30.74 -49.48
CA ASP B 253 52.51 30.99 -48.16
C ASP B 253 51.64 32.25 -48.16
N SER B 254 52.07 33.29 -48.86
CA SER B 254 51.33 34.54 -48.94
C SER B 254 50.69 34.65 -50.31
N SER B 255 49.36 34.78 -50.34
CA SER B 255 48.60 34.95 -51.57
C SER B 255 47.47 35.92 -51.32
N SER B 256 47.44 37.01 -52.08
CA SER B 256 46.42 38.04 -51.94
C SER B 256 45.17 37.73 -52.76
N GLY B 257 45.02 36.50 -53.23
CA GLY B 257 43.84 36.14 -54.00
C GLY B 257 42.57 36.18 -53.17
N TRP B 258 42.68 35.92 -51.87
CA TRP B 258 41.53 35.93 -50.98
C TRP B 258 41.94 36.44 -49.61
N THR B 259 41.08 37.27 -49.02
CA THR B 259 41.25 37.76 -47.65
C THR B 259 40.13 37.21 -46.79
N ALA B 260 40.51 36.52 -45.71
CA ALA B 260 39.56 35.79 -44.86
C ALA B 260 39.30 36.51 -43.55
N GLY B 261 39.20 37.84 -43.58
CA GLY B 261 39.01 38.59 -42.34
C GLY B 261 37.70 38.29 -41.66
N ALA B 262 36.65 38.00 -42.45
CA ALA B 262 35.33 37.73 -41.90
C ALA B 262 35.25 36.40 -41.18
N ALA B 263 36.28 35.56 -41.27
CA ALA B 263 36.26 34.23 -40.67
C ALA B 263 36.21 34.37 -39.15
N ALA B 264 35.10 33.93 -38.56
CA ALA B 264 34.92 33.94 -37.11
C ALA B 264 33.70 33.11 -36.77
N TYR B 265 33.81 32.31 -35.71
CA TYR B 265 32.68 31.52 -35.26
C TYR B 265 32.81 31.25 -33.77
N TYR B 266 31.70 30.84 -33.16
CA TYR B 266 31.59 30.66 -31.73
C TYR B 266 31.15 29.24 -31.45
N VAL B 267 31.68 28.65 -30.38
CA VAL B 267 31.35 27.29 -29.99
C VAL B 267 30.97 27.28 -28.52
N GLY B 268 29.69 27.17 -28.24
CA GLY B 268 29.19 27.07 -26.87
C GLY B 268 28.73 25.66 -26.58
N TYR B 269 28.99 25.21 -25.35
CA TYR B 269 28.67 23.85 -24.96
C TYR B 269 27.38 23.80 -24.16
N LEU B 270 26.61 22.74 -24.37
CA LEU B 270 25.30 22.58 -23.76
C LEU B 270 25.40 21.78 -22.48
N GLN B 271 24.63 22.19 -21.47
CA GLN B 271 24.61 21.50 -20.19
C GLN B 271 23.16 21.21 -19.79
N PRO B 272 22.94 20.17 -19.00
CA PRO B 272 21.58 19.87 -18.52
C PRO B 272 21.05 21.00 -17.66
N ARG B 273 19.93 21.58 -18.09
CA ARG B 273 19.37 22.75 -17.44
C ARG B 273 17.85 22.64 -17.44
N THR B 274 17.23 23.37 -16.53
CA THR B 274 15.79 23.56 -16.50
C THR B 274 15.48 24.96 -17.02
N PHE B 275 14.58 25.05 -17.98
CA PHE B 275 14.27 26.32 -18.62
C PHE B 275 12.76 26.52 -18.66
N LEU B 276 12.31 27.69 -18.25
CA LEU B 276 10.96 28.12 -18.59
C LEU B 276 10.95 28.61 -20.02
N LEU B 277 9.94 28.19 -20.77
CA LEU B 277 9.80 28.60 -22.16
C LEU B 277 8.49 29.36 -22.32
N LYS B 278 8.56 30.55 -22.89
CA LYS B 278 7.38 31.37 -23.10
C LYS B 278 6.89 31.21 -24.53
N TYR B 279 5.66 30.76 -24.67
CA TYR B 279 5.02 30.63 -25.97
C TYR B 279 3.98 31.73 -26.10
N ASN B 280 3.98 32.41 -27.25
CA ASN B 280 3.00 33.45 -27.51
C ASN B 280 1.69 32.80 -27.96
N GLU B 281 0.79 33.60 -28.52
CA GLU B 281 -0.46 33.03 -29.03
C GLU B 281 -0.20 31.99 -30.12
N ASN B 282 0.90 32.13 -30.85
CA ASN B 282 1.32 31.11 -31.80
C ASN B 282 2.25 30.12 -31.09
N GLY B 283 2.96 29.30 -31.85
CA GLY B 283 3.87 28.35 -31.26
C GLY B 283 5.29 28.85 -31.04
N THR B 284 5.57 30.11 -31.35
CA THR B 284 6.92 30.63 -31.26
C THR B 284 7.32 30.89 -29.81
N ILE B 285 8.58 30.64 -29.49
CA ILE B 285 9.11 30.88 -28.16
C ILE B 285 9.64 32.30 -28.09
N THR B 286 8.92 33.17 -27.39
CA THR B 286 9.31 34.58 -27.32
C THR B 286 10.47 34.81 -26.36
N ASP B 287 10.52 34.08 -25.25
CA ASP B 287 11.55 34.31 -24.25
C ASP B 287 11.73 33.04 -23.43
N ALA B 288 12.80 33.03 -22.63
CA ALA B 288 13.10 31.88 -21.79
C ALA B 288 13.81 32.34 -20.53
N VAL B 289 13.80 31.48 -19.52
CA VAL B 289 14.39 31.76 -18.21
C VAL B 289 15.28 30.60 -17.82
N ASP B 290 16.51 30.90 -17.40
CA ASP B 290 17.46 29.87 -16.96
C ASP B 290 17.26 29.66 -15.47
N CYS B 291 16.74 28.49 -15.09
CA CYS B 291 16.32 28.28 -13.71
C CYS B 291 17.49 28.31 -12.73
N ALA B 292 18.70 28.05 -13.21
CA ALA B 292 19.87 28.02 -12.33
C ALA B 292 20.76 29.25 -12.47
N LEU B 293 20.32 30.28 -13.21
CA LEU B 293 21.18 31.43 -13.45
C LEU B 293 21.40 32.24 -12.18
N ASP B 294 20.33 32.58 -11.48
CA ASP B 294 20.40 33.43 -10.30
C ASP B 294 19.12 33.24 -9.50
N PRO B 295 19.09 33.71 -8.24
CA PRO B 295 17.90 33.48 -7.42
C PRO B 295 16.60 34.01 -8.04
N LEU B 296 16.65 35.14 -8.72
CA LEU B 296 15.42 35.68 -9.33
C LEU B 296 14.87 34.71 -10.37
N SER B 297 15.76 34.12 -11.18
CA SER B 297 15.29 33.15 -12.17
C SER B 297 14.78 31.89 -11.51
N GLU B 298 15.37 31.47 -10.38
CA GLU B 298 14.82 30.34 -9.65
C GLU B 298 13.42 30.64 -9.16
N THR B 299 13.18 31.85 -8.68
CA THR B 299 11.83 32.23 -8.28
C THR B 299 10.87 32.23 -9.46
N LYS B 300 11.32 32.75 -10.61
CA LYS B 300 10.47 32.76 -11.80
C LYS B 300 10.11 31.35 -12.22
N CYS B 301 11.07 30.43 -12.16
CA CYS B 301 10.78 29.03 -12.49
C CYS B 301 9.82 28.42 -11.47
N THR B 302 10.02 28.72 -10.18
CA THR B 302 9.17 28.14 -9.15
C THR B 302 7.71 28.59 -9.32
N LEU B 303 7.51 29.88 -9.58
CA LEU B 303 6.15 30.38 -9.79
C LEU B 303 5.65 30.15 -11.21
N LYS B 304 6.52 29.69 -12.12
CA LYS B 304 6.16 29.45 -13.51
C LYS B 304 5.59 30.72 -14.15
N SER B 305 6.17 31.86 -13.81
CA SER B 305 5.78 33.13 -14.39
C SER B 305 7.03 33.94 -14.67
N PHE B 306 6.94 34.83 -15.66
CA PHE B 306 8.06 35.69 -15.98
C PHE B 306 8.11 36.96 -15.14
N THR B 307 7.04 37.26 -14.40
CA THR B 307 7.02 38.39 -13.49
C THR B 307 6.56 37.92 -12.13
N VAL B 308 7.35 38.23 -11.10
CA VAL B 308 7.05 37.82 -9.74
C VAL B 308 6.66 39.06 -8.95
N GLU B 309 5.62 38.94 -8.13
CA GLU B 309 5.16 40.06 -7.34
C GLU B 309 6.05 40.22 -6.11
N LYS B 310 5.92 41.37 -5.46
CA LYS B 310 6.69 41.64 -4.24
C LYS B 310 6.33 40.64 -3.16
N GLY B 311 7.33 40.05 -2.54
CA GLY B 311 7.11 39.11 -1.47
C GLY B 311 8.34 38.26 -1.24
N ILE B 312 8.16 37.22 -0.43
CA ILE B 312 9.19 36.23 -0.14
C ILE B 312 8.70 34.88 -0.63
N TYR B 313 9.52 34.21 -1.44
CA TYR B 313 9.15 32.94 -2.04
C TYR B 313 10.20 31.90 -1.73
N GLN B 314 9.76 30.73 -1.27
CA GLN B 314 10.69 29.62 -1.06
C GLN B 314 11.00 28.96 -2.39
N THR B 315 12.28 28.78 -2.67
CA THR B 315 12.70 28.25 -3.95
C THR B 315 13.35 26.88 -3.86
N SER B 316 14.24 26.66 -2.91
CA SER B 316 14.96 25.40 -2.84
C SER B 316 15.27 25.08 -1.38
N ASN B 317 16.13 24.08 -1.19
CA ASN B 317 16.54 23.64 0.13
C ASN B 317 18.06 23.67 0.21
N PHE B 318 18.58 24.24 1.29
CA PHE B 318 20.01 24.33 1.52
C PHE B 318 20.40 23.28 2.55
N ARG B 319 21.17 22.30 2.14
CA ARG B 319 21.70 21.29 3.07
C ARG B 319 23.21 21.23 2.93
N VAL B 320 23.88 21.04 4.05
CA VAL B 320 25.33 20.98 4.11
C VAL B 320 25.76 19.53 3.92
N GLN B 321 26.43 19.24 2.81
CA GLN B 321 26.88 17.89 2.57
C GLN B 321 28.06 17.56 3.48
N PRO B 322 28.26 16.27 3.81
CA PRO B 322 29.39 15.90 4.65
C PRO B 322 30.71 16.25 3.99
N THR B 323 31.66 16.71 4.80
CA THR B 323 32.98 17.06 4.27
C THR B 323 33.85 15.83 4.08
N GLU B 324 34.11 15.10 5.17
CA GLU B 324 34.91 13.88 5.08
C GLU B 324 34.20 12.72 5.76
N SER B 325 34.89 11.60 5.94
CA SER B 325 34.36 10.44 6.62
C SER B 325 35.26 10.08 7.78
N ILE B 326 34.66 9.61 8.88
CA ILE B 326 35.38 9.25 10.09
C ILE B 326 34.88 7.90 10.59
N VAL B 327 35.83 7.04 10.99
CA VAL B 327 35.55 5.79 11.67
C VAL B 327 36.48 5.69 12.86
N ARG B 328 35.93 5.29 14.02
CA ARG B 328 36.72 5.18 15.23
C ARG B 328 36.43 3.86 15.92
N PHE B 329 37.47 3.23 16.45
CA PHE B 329 37.40 1.92 17.05
C PHE B 329 38.35 1.89 18.24
N PRO B 330 38.13 0.98 19.21
CA PRO B 330 38.86 1.06 20.48
C PRO B 330 40.37 1.04 20.30
N ASN B 331 41.06 1.85 21.11
CA ASN B 331 42.50 2.02 20.97
C ASN B 331 43.26 0.76 21.30
N ILE B 332 42.65 -0.14 22.08
CA ILE B 332 43.35 -1.35 22.49
C ILE B 332 43.58 -2.25 21.28
N THR B 333 44.83 -2.68 21.09
CA THR B 333 45.16 -3.52 19.95
C THR B 333 44.61 -4.92 20.11
N ASN B 334 44.78 -5.50 21.31
CA ASN B 334 44.36 -6.88 21.59
C ASN B 334 44.99 -7.86 20.61
N LEU B 335 46.28 -7.64 20.34
CA LEU B 335 46.98 -8.40 19.31
C LEU B 335 47.11 -9.87 19.70
N CYS B 336 47.15 -10.73 18.69
CA CYS B 336 47.35 -12.16 18.92
C CYS B 336 48.75 -12.40 19.48
N PRO B 337 48.92 -13.46 20.28
CA PRO B 337 50.24 -13.72 20.91
C PRO B 337 51.27 -14.25 19.92
N PHE B 338 51.51 -13.47 18.86
CA PHE B 338 52.54 -13.77 17.89
C PHE B 338 53.88 -13.14 18.22
N GLY B 339 54.00 -12.48 19.37
CA GLY B 339 55.25 -11.88 19.77
C GLY B 339 56.28 -12.90 20.19
N GLU B 340 55.99 -13.68 21.22
CA GLU B 340 56.93 -14.65 21.76
C GLU B 340 56.74 -16.05 21.18
N VAL B 341 56.12 -16.16 20.00
CA VAL B 341 55.95 -17.48 19.37
C VAL B 341 57.32 -18.04 18.97
N PHE B 342 58.24 -17.17 18.55
CA PHE B 342 59.62 -17.56 18.33
C PHE B 342 60.63 -16.71 19.10
N ASN B 343 60.17 -15.80 19.95
CA ASN B 343 61.05 -15.04 20.82
C ASN B 343 61.27 -15.69 22.17
N ALA B 344 60.58 -16.79 22.47
CA ALA B 344 60.72 -17.45 23.76
C ALA B 344 62.09 -18.10 23.89
N THR B 345 62.59 -18.14 25.12
CA THR B 345 63.91 -18.74 25.36
C THR B 345 63.93 -20.22 24.99
N ARG B 346 62.86 -20.95 25.33
CA ARG B 346 62.76 -22.37 25.05
C ARG B 346 62.06 -22.57 23.71
N PHE B 347 62.74 -23.26 22.79
CA PHE B 347 62.23 -23.51 21.45
C PHE B 347 61.82 -24.96 21.31
N ALA B 348 61.39 -25.32 20.10
CA ALA B 348 60.99 -26.68 19.76
C ALA B 348 61.80 -27.17 18.58
N SER B 349 62.05 -28.48 18.56
CA SER B 349 62.85 -29.10 17.50
C SER B 349 61.94 -29.63 16.39
N VAL B 350 62.57 -30.26 15.40
CA VAL B 350 61.83 -30.76 14.25
C VAL B 350 61.27 -32.15 14.51
N TYR B 351 61.94 -32.95 15.35
CA TYR B 351 61.42 -34.28 15.66
C TYR B 351 60.11 -34.21 16.41
N ALA B 352 59.92 -33.18 17.24
CA ALA B 352 58.66 -32.91 17.94
C ALA B 352 58.33 -31.44 17.71
N TRP B 353 57.67 -31.14 16.60
CA TRP B 353 57.31 -29.76 16.30
C TRP B 353 56.07 -29.36 17.09
N ASN B 354 56.17 -28.24 17.80
CA ASN B 354 55.12 -27.78 18.70
C ASN B 354 53.98 -27.14 17.92
N ARG B 355 52.83 -27.04 18.57
CA ARG B 355 51.65 -26.41 18.02
C ARG B 355 51.21 -25.27 18.93
N LYS B 356 50.74 -24.17 18.32
CA LYS B 356 50.35 -22.98 19.06
C LYS B 356 48.85 -22.79 19.20
N ARG B 357 48.09 -22.93 18.11
CA ARG B 357 46.64 -22.72 18.13
C ARG B 357 46.30 -21.32 18.64
N ILE B 358 46.68 -20.34 17.83
CA ILE B 358 46.34 -18.94 18.11
C ILE B 358 44.93 -18.67 17.62
N SER B 359 44.06 -18.24 18.53
CA SER B 359 42.65 -18.06 18.21
C SER B 359 42.08 -16.95 19.10
N ASN B 360 40.80 -16.66 18.89
CA ASN B 360 40.03 -15.67 19.66
C ASN B 360 40.82 -14.38 19.86
N CYS B 361 41.44 -13.91 18.78
CA CYS B 361 42.20 -12.67 18.83
C CYS B 361 42.36 -12.12 17.43
N VAL B 362 42.85 -10.90 17.35
CA VAL B 362 43.15 -10.23 16.09
C VAL B 362 44.66 -10.17 15.92
N ALA B 363 45.12 -10.38 14.68
CA ALA B 363 46.54 -10.38 14.36
C ALA B 363 46.78 -9.58 13.08
N ASP B 364 47.87 -8.83 13.07
CA ASP B 364 48.29 -8.07 11.90
C ASP B 364 49.53 -8.74 11.32
N TYR B 365 49.32 -9.56 10.29
CA TYR B 365 50.44 -10.20 9.62
C TYR B 365 51.34 -9.20 8.91
N SER B 366 50.81 -8.02 8.58
CA SER B 366 51.64 -6.97 7.99
C SER B 366 52.66 -6.42 8.98
N VAL B 367 52.40 -6.55 10.29
CA VAL B 367 53.41 -6.18 11.27
C VAL B 367 54.63 -7.07 11.14
N LEU B 368 54.41 -8.39 11.04
CA LEU B 368 55.53 -9.30 10.83
C LEU B 368 56.15 -9.12 9.45
N TYR B 369 55.33 -8.80 8.44
CA TYR B 369 55.87 -8.55 7.11
C TYR B 369 56.76 -7.31 7.10
N ASN B 370 56.46 -6.34 7.97
CA ASN B 370 57.24 -5.12 8.07
C ASN B 370 58.49 -5.26 8.94
N SER B 371 58.67 -6.42 9.60
CA SER B 371 59.85 -6.61 10.42
C SER B 371 61.10 -6.69 9.56
N ALA B 372 62.20 -6.17 10.10
CA ALA B 372 63.49 -6.14 9.40
C ALA B 372 64.42 -7.26 9.87
N SER B 373 63.87 -8.43 10.17
CA SER B 373 64.65 -9.57 10.63
C SER B 373 64.43 -10.83 9.81
N PHE B 374 63.24 -10.98 9.22
CA PHE B 374 62.95 -12.16 8.42
C PHE B 374 63.62 -12.07 7.05
N SER B 375 64.10 -13.20 6.55
CA SER B 375 64.70 -13.28 5.22
C SER B 375 63.83 -14.02 4.22
N THR B 376 62.81 -14.73 4.67
CA THR B 376 61.92 -15.50 3.81
C THR B 376 60.48 -15.20 4.19
N PHE B 377 59.61 -15.06 3.19
CA PHE B 377 58.21 -14.81 3.42
C PHE B 377 57.35 -15.69 2.50
N LYS B 378 57.75 -16.95 2.32
CA LYS B 378 56.96 -17.86 1.51
C LYS B 378 55.58 -18.05 2.15
N CYS B 379 54.54 -17.92 1.34
CA CYS B 379 53.15 -17.97 1.81
C CYS B 379 52.32 -18.78 0.82
N TYR B 380 52.21 -20.09 1.09
CA TYR B 380 51.37 -20.94 0.25
C TYR B 380 49.90 -20.59 0.45
N GLY B 381 49.12 -20.73 -0.61
CA GLY B 381 47.70 -20.47 -0.51
C GLY B 381 47.40 -19.00 -0.60
N VAL B 382 46.55 -18.52 0.31
CA VAL B 382 46.08 -17.14 0.26
C VAL B 382 47.25 -16.18 0.39
N SER B 383 47.27 -15.16 -0.47
CA SER B 383 48.33 -14.16 -0.42
C SER B 383 48.27 -13.40 0.90
N PRO B 384 49.43 -13.02 1.44
CA PRO B 384 49.43 -12.39 2.78
C PRO B 384 48.63 -11.11 2.87
N THR B 385 48.53 -10.35 1.77
CA THR B 385 47.77 -9.11 1.81
C THR B 385 46.29 -9.37 2.06
N LYS B 386 45.76 -10.48 1.56
CA LYS B 386 44.39 -10.89 1.83
C LYS B 386 44.26 -11.66 3.14
N LEU B 387 45.38 -12.11 3.72
CA LEU B 387 45.32 -12.82 5.00
C LEU B 387 44.78 -11.92 6.10
N ASN B 388 45.17 -10.63 6.08
CA ASN B 388 44.62 -9.69 7.03
C ASN B 388 43.12 -9.53 6.84
N ASP B 389 42.66 -9.45 5.58
CA ASP B 389 41.25 -9.24 5.32
C ASP B 389 40.44 -10.51 5.60
N LEU B 390 40.92 -11.66 5.14
CA LEU B 390 40.15 -12.90 5.24
C LEU B 390 40.25 -13.46 6.65
N CYS B 391 39.10 -13.69 7.28
CA CYS B 391 39.05 -14.18 8.65
C CYS B 391 38.92 -15.70 8.66
N PHE B 392 39.88 -16.37 9.29
CA PHE B 392 39.86 -17.82 9.46
C PHE B 392 39.35 -18.18 10.85
N THR B 393 39.10 -19.47 11.04
CA THR B 393 38.70 -19.96 12.35
C THR B 393 39.88 -19.97 13.31
N ASN B 394 40.98 -20.59 12.91
CA ASN B 394 42.21 -20.64 13.71
C ASN B 394 43.41 -20.46 12.79
N VAL B 395 44.51 -19.97 13.35
CA VAL B 395 45.76 -19.85 12.62
C VAL B 395 46.87 -20.61 13.35
N TYR B 396 47.10 -21.85 12.93
CA TYR B 396 48.12 -22.67 13.56
C TYR B 396 49.52 -22.11 13.28
N ALA B 397 50.36 -22.14 14.31
CA ALA B 397 51.73 -21.66 14.20
C ALA B 397 52.67 -22.73 14.73
N ASP B 398 53.83 -22.86 14.09
CA ASP B 398 54.82 -23.87 14.46
C ASP B 398 56.18 -23.20 14.61
N SER B 399 57.13 -23.98 15.15
CA SER B 399 58.51 -23.53 15.26
C SER B 399 59.39 -24.75 15.43
N PHE B 400 60.37 -24.92 14.54
CA PHE B 400 61.29 -26.04 14.61
C PHE B 400 62.57 -25.65 13.90
N VAL B 401 63.61 -26.45 14.12
CA VAL B 401 64.95 -26.15 13.64
C VAL B 401 65.26 -27.02 12.42
N ILE B 402 65.60 -26.36 11.31
CA ILE B 402 66.12 -27.02 10.13
C ILE B 402 67.29 -26.20 9.61
N ARG B 403 68.14 -26.83 8.82
CA ARG B 403 69.28 -26.14 8.26
C ARG B 403 68.88 -25.34 7.02
N GLY B 404 69.87 -24.66 6.43
CA GLY B 404 69.62 -23.91 5.22
C GLY B 404 69.34 -24.80 4.01
N ASP B 405 69.85 -26.04 4.05
CA ASP B 405 69.58 -26.98 2.97
C ASP B 405 68.17 -27.55 3.04
N GLU B 406 67.57 -27.57 4.24
CA GLU B 406 66.28 -28.19 4.49
C GLU B 406 65.11 -27.22 4.32
N VAL B 407 65.36 -26.00 3.85
CA VAL B 407 64.30 -25.01 3.76
C VAL B 407 63.25 -25.44 2.73
N ARG B 408 63.69 -25.98 1.59
CA ARG B 408 62.76 -26.40 0.55
C ARG B 408 61.83 -27.51 1.02
N GLN B 409 62.22 -28.27 2.04
CA GLN B 409 61.51 -29.45 2.51
C GLN B 409 60.27 -29.14 3.32
N ILE B 410 59.85 -27.88 3.36
CA ILE B 410 58.64 -27.50 4.09
C ILE B 410 57.64 -27.03 3.05
N ALA B 411 57.71 -27.60 1.85
CA ALA B 411 56.83 -27.25 0.76
C ALA B 411 55.83 -28.38 0.47
N PRO B 412 54.63 -28.04 0.01
CA PRO B 412 53.67 -29.09 -0.35
C PRO B 412 54.17 -29.93 -1.51
N GLY B 413 53.92 -31.24 -1.42
CA GLY B 413 54.36 -32.15 -2.46
C GLY B 413 55.85 -32.16 -2.68
N GLN B 414 56.63 -32.02 -1.61
CA GLN B 414 58.08 -31.96 -1.68
C GLN B 414 58.66 -33.12 -0.89
N THR B 415 59.67 -33.77 -1.46
CA THR B 415 60.29 -34.94 -0.84
C THR B 415 61.71 -34.59 -0.40
N GLY B 416 62.17 -35.32 0.60
CA GLY B 416 63.49 -35.11 1.16
C GLY B 416 63.64 -35.89 2.45
N LYS B 417 64.68 -35.54 3.21
CA LYS B 417 64.94 -36.23 4.46
C LYS B 417 63.90 -35.86 5.52
N ILE B 418 63.81 -34.58 5.86
CA ILE B 418 62.84 -34.13 6.86
C ILE B 418 61.43 -34.25 6.31
N ALA B 419 61.24 -33.94 5.02
CA ALA B 419 59.90 -33.90 4.43
C ALA B 419 59.21 -35.26 4.46
N ASP B 420 59.99 -36.34 4.57
CA ASP B 420 59.45 -37.68 4.62
C ASP B 420 59.57 -38.34 5.98
N TYR B 421 60.34 -37.75 6.91
CA TYR B 421 60.63 -38.39 8.18
C TYR B 421 60.10 -37.63 9.38
N ASN B 422 60.27 -36.29 9.41
CA ASN B 422 59.91 -35.52 10.60
C ASN B 422 58.63 -34.72 10.39
N TYR B 423 58.59 -33.90 9.34
CA TYR B 423 57.49 -32.96 9.13
C TYR B 423 56.99 -33.12 7.70
N LYS B 424 55.67 -33.08 7.53
CA LYS B 424 55.04 -33.21 6.23
C LYS B 424 53.97 -32.15 6.07
N LEU B 425 53.67 -31.81 4.82
CA LEU B 425 52.75 -30.73 4.52
C LEU B 425 51.75 -31.16 3.46
N PRO B 426 50.47 -30.85 3.62
CA PRO B 426 49.48 -31.23 2.62
C PRO B 426 49.64 -30.43 1.32
N ASP B 427 49.12 -31.00 0.24
CA ASP B 427 49.16 -30.34 -1.06
C ASP B 427 48.27 -29.10 -1.08
N ASP B 428 47.11 -29.15 -0.41
CA ASP B 428 46.17 -28.04 -0.38
C ASP B 428 46.43 -27.09 0.78
N PHE B 429 47.68 -27.02 1.24
CA PHE B 429 48.04 -26.21 2.39
C PHE B 429 47.92 -24.72 2.08
N THR B 430 47.38 -23.97 3.04
CA THR B 430 47.26 -22.52 2.96
C THR B 430 47.96 -21.93 4.17
N GLY B 431 49.18 -21.44 3.97
CA GLY B 431 49.94 -20.90 5.07
C GLY B 431 51.29 -20.38 4.60
N CYS B 432 52.09 -19.97 5.57
CA CYS B 432 53.35 -19.28 5.29
C CYS B 432 54.52 -19.98 5.97
N VAL B 433 55.69 -19.87 5.35
CA VAL B 433 56.94 -20.36 5.92
C VAL B 433 57.94 -19.21 5.89
N ILE B 434 58.41 -18.81 7.06
CA ILE B 434 59.31 -17.67 7.22
C ILE B 434 60.62 -18.17 7.83
N ALA B 435 61.73 -17.91 7.13
CA ALA B 435 63.04 -18.41 7.52
C ALA B 435 64.03 -17.27 7.61
N TRP B 436 65.03 -17.44 8.47
CA TRP B 436 66.05 -16.42 8.69
C TRP B 436 67.24 -17.07 9.38
N ASN B 437 68.32 -16.29 9.52
CA ASN B 437 69.55 -16.78 10.14
C ASN B 437 69.58 -16.39 11.61
N SER B 438 69.95 -17.36 12.46
CA SER B 438 69.92 -17.21 13.91
C SER B 438 71.27 -17.59 14.50
N ASN B 439 72.34 -16.98 13.96
CA ASN B 439 73.69 -17.32 14.39
C ASN B 439 73.93 -17.00 15.86
N ASN B 440 73.53 -15.82 16.31
CA ASN B 440 73.87 -15.39 17.66
C ASN B 440 73.00 -16.04 18.73
N LEU B 441 71.81 -16.52 18.37
CA LEU B 441 70.90 -17.03 19.39
C LEU B 441 71.03 -18.53 19.57
N ASP B 442 70.82 -19.32 18.51
CA ASP B 442 70.75 -20.76 18.62
C ASP B 442 72.00 -21.47 18.08
N SER B 443 73.06 -20.73 17.79
CA SER B 443 74.29 -21.32 17.25
C SER B 443 75.47 -20.89 18.11
N LYS B 444 76.30 -21.87 18.50
CA LYS B 444 77.50 -21.64 19.29
C LYS B 444 78.73 -22.14 18.54
N VAL B 445 79.89 -21.60 18.92
CA VAL B 445 81.14 -21.95 18.26
C VAL B 445 81.48 -23.42 18.50
N GLY B 446 81.34 -23.90 19.74
CA GLY B 446 81.70 -25.26 20.04
C GLY B 446 80.83 -26.30 19.35
N GLY B 447 79.58 -25.95 19.05
CA GLY B 447 78.67 -26.87 18.41
C GLY B 447 77.41 -27.08 19.23
N ASN B 448 76.26 -26.73 18.67
CA ASN B 448 74.98 -26.80 19.37
C ASN B 448 74.21 -28.00 18.83
N TYR B 449 74.27 -29.11 19.58
CA TYR B 449 73.61 -30.35 19.18
C TYR B 449 72.26 -30.54 19.86
N ASN B 450 71.78 -29.52 20.57
CA ASN B 450 70.52 -29.64 21.31
C ASN B 450 69.33 -29.89 20.39
N TYR B 451 69.37 -29.42 19.15
CA TYR B 451 68.35 -29.72 18.17
C TYR B 451 68.77 -30.93 17.35
N LEU B 452 67.79 -31.71 16.94
CA LEU B 452 68.07 -32.97 16.27
C LEU B 452 66.86 -33.41 15.45
N TYR B 453 67.10 -34.33 14.53
CA TYR B 453 66.10 -34.76 13.55
C TYR B 453 66.02 -36.28 13.53
N ARG B 454 64.92 -36.79 12.97
CA ARG B 454 64.75 -38.22 12.78
C ARG B 454 65.73 -38.72 11.73
N LEU B 455 66.75 -39.46 12.16
CA LEU B 455 67.75 -39.97 11.23
C LEU B 455 67.17 -41.02 10.29
N PHE B 456 66.59 -42.08 10.87
CA PHE B 456 65.95 -43.14 10.11
C PHE B 456 64.56 -43.40 10.69
N ARG B 457 63.62 -43.75 9.81
CA ARG B 457 62.25 -43.99 10.22
C ARG B 457 61.65 -45.12 9.38
N LYS B 458 61.20 -46.18 10.03
CA LYS B 458 60.64 -47.32 9.30
C LYS B 458 59.32 -46.98 8.65
N SER B 459 58.42 -46.30 9.38
CA SER B 459 57.09 -46.03 8.88
C SER B 459 57.08 -44.80 7.98
N ASN B 460 55.99 -44.65 7.23
CA ASN B 460 55.82 -43.55 6.28
C ASN B 460 55.08 -42.40 6.96
N LEU B 461 55.47 -41.18 6.59
CA LEU B 461 54.92 -39.99 7.23
C LEU B 461 53.60 -39.59 6.58
N LYS B 462 52.76 -38.93 7.37
CA LYS B 462 51.48 -38.41 6.95
C LYS B 462 51.37 -36.94 7.35
N PRO B 463 50.54 -36.15 6.65
CA PRO B 463 50.45 -34.73 6.99
C PRO B 463 49.96 -34.51 8.41
N PHE B 464 50.52 -33.48 9.06
CA PHE B 464 50.13 -33.09 10.41
C PHE B 464 50.28 -34.26 11.39
N GLU B 465 51.49 -34.81 11.46
CA GLU B 465 51.79 -35.95 12.31
C GLU B 465 53.01 -35.65 13.17
N ARG B 466 52.97 -36.11 14.41
CA ARG B 466 54.11 -36.04 15.33
C ARG B 466 54.46 -37.45 15.77
N ASP B 467 55.75 -37.76 15.77
CA ASP B 467 56.27 -39.07 16.16
C ASP B 467 57.16 -38.87 17.39
N ILE B 468 56.56 -39.03 18.58
CA ILE B 468 57.28 -38.73 19.81
C ILE B 468 58.05 -39.93 20.35
N SER B 469 57.65 -41.15 19.97
CA SER B 469 58.35 -42.34 20.43
C SER B 469 59.76 -42.38 19.85
N THR B 470 60.69 -42.97 20.61
CA THR B 470 62.08 -43.01 20.19
C THR B 470 62.45 -44.49 19.98
N GLU B 471 61.58 -45.22 19.29
CA GLU B 471 61.84 -46.62 19.01
C GLU B 471 63.10 -46.77 18.16
N ILE B 472 63.92 -47.74 18.53
CA ILE B 472 65.19 -47.94 17.85
C ILE B 472 64.94 -48.46 16.43
N TYR B 473 65.67 -47.91 15.46
CA TYR B 473 65.41 -48.22 14.07
C TYR B 473 65.86 -49.64 13.72
N GLN B 474 65.21 -50.22 12.72
CA GLN B 474 65.55 -51.53 12.19
C GLN B 474 66.35 -51.32 10.91
N ALA B 475 67.68 -51.27 11.04
CA ALA B 475 68.53 -50.92 9.91
C ALA B 475 68.42 -51.95 8.78
N GLY B 476 68.42 -53.23 9.12
CA GLY B 476 68.27 -54.30 8.15
C GLY B 476 67.01 -55.11 8.40
N SER B 477 66.86 -56.15 7.58
CA SER B 477 65.73 -57.05 7.73
C SER B 477 65.88 -57.95 8.96
N THR B 478 67.06 -57.99 9.57
CA THR B 478 67.26 -58.78 10.77
C THR B 478 66.49 -58.17 11.94
N PRO B 479 66.04 -58.99 12.88
CA PRO B 479 65.31 -58.46 14.04
C PRO B 479 66.16 -57.51 14.86
N CYS B 480 65.52 -56.49 15.41
CA CYS B 480 66.18 -55.46 16.21
C CYS B 480 65.79 -55.62 17.67
N ASN B 481 66.79 -55.60 18.55
CA ASN B 481 66.58 -55.75 19.99
C ASN B 481 67.42 -54.75 20.77
N GLY B 482 67.57 -53.54 20.25
CA GLY B 482 68.32 -52.50 20.94
C GLY B 482 69.80 -52.79 21.12
N VAL B 483 70.48 -53.23 20.06
CA VAL B 483 71.90 -53.56 20.15
C VAL B 483 72.78 -52.33 19.96
N GLU B 484 72.27 -51.26 19.34
CA GLU B 484 73.03 -50.04 19.04
C GLU B 484 74.26 -50.36 18.19
N GLY B 485 74.22 -51.42 17.41
CA GLY B 485 75.33 -51.76 16.54
C GLY B 485 75.03 -51.49 15.09
N PHE B 486 75.56 -52.33 14.19
CA PHE B 486 75.23 -52.21 12.78
C PHE B 486 73.76 -52.54 12.52
N ASN B 487 73.22 -53.50 13.26
CA ASN B 487 71.86 -53.96 13.01
C ASN B 487 70.82 -52.95 13.47
N CYS B 488 71.09 -52.22 14.54
CA CYS B 488 70.13 -51.26 15.10
C CYS B 488 70.78 -49.90 15.23
N TYR B 489 70.10 -48.87 14.75
CA TYR B 489 70.62 -47.51 14.72
C TYR B 489 69.77 -46.61 15.59
N PHE B 490 70.41 -45.57 16.13
CA PHE B 490 69.70 -44.60 16.96
C PHE B 490 68.84 -43.71 16.07
N PRO B 491 67.53 -43.62 16.32
CA PRO B 491 66.63 -42.98 15.34
C PRO B 491 66.88 -41.49 15.14
N LEU B 492 67.48 -40.80 16.10
CA LEU B 492 67.61 -39.34 16.05
C LEU B 492 69.07 -38.93 16.03
N GLN B 493 69.43 -38.11 15.05
CA GLN B 493 70.80 -37.65 14.89
C GLN B 493 70.89 -36.17 15.26
N SER B 494 71.86 -35.84 16.09
CA SER B 494 72.01 -34.47 16.56
C SER B 494 72.51 -33.56 15.45
N TYR B 495 71.93 -32.36 15.40
CA TYR B 495 72.37 -31.36 14.43
C TYR B 495 73.79 -30.89 14.74
N GLY B 496 74.60 -30.77 13.69
CA GLY B 496 75.94 -30.25 13.84
C GLY B 496 76.05 -28.82 13.35
N PHE B 497 76.14 -27.88 14.28
CA PHE B 497 76.11 -26.45 13.95
C PHE B 497 77.45 -25.82 14.28
N GLN B 498 78.06 -25.18 13.28
CA GLN B 498 79.28 -24.43 13.42
C GLN B 498 79.10 -23.07 12.76
N PRO B 499 79.42 -21.98 13.46
CA PRO B 499 79.20 -20.65 12.87
C PRO B 499 79.99 -20.41 11.60
N THR B 500 81.19 -20.98 11.48
CA THR B 500 82.00 -20.75 10.29
C THR B 500 81.49 -21.52 9.08
N ASN B 501 80.52 -22.42 9.27
CA ASN B 501 79.97 -23.21 8.18
C ASN B 501 79.18 -22.32 7.22
N GLY B 502 78.62 -22.96 6.19
CA GLY B 502 77.84 -22.26 5.19
C GLY B 502 76.42 -21.99 5.66
N VAL B 503 75.66 -21.37 4.76
CA VAL B 503 74.25 -21.10 5.05
C VAL B 503 73.47 -22.40 5.18
N GLY B 504 73.84 -23.42 4.39
CA GLY B 504 73.14 -24.69 4.42
C GLY B 504 73.37 -25.50 5.68
N TYR B 505 74.30 -25.08 6.53
CA TYR B 505 74.59 -25.79 7.78
C TYR B 505 74.38 -24.90 9.00
N GLN B 506 73.56 -23.86 8.87
CA GLN B 506 73.24 -23.06 10.05
C GLN B 506 71.80 -23.31 10.48
N PRO B 507 71.50 -23.22 11.78
CA PRO B 507 70.14 -23.50 12.25
C PRO B 507 69.15 -22.42 11.85
N TYR B 508 68.70 -22.45 10.61
CA TYR B 508 67.71 -21.48 10.13
C TYR B 508 66.34 -21.82 10.70
N ARG B 509 65.79 -20.91 11.49
CA ARG B 509 64.51 -21.13 12.17
C ARG B 509 63.37 -20.79 11.22
N VAL B 510 62.34 -21.64 11.22
CA VAL B 510 61.19 -21.48 10.33
C VAL B 510 59.92 -21.55 11.15
N VAL B 511 58.87 -20.92 10.65
CA VAL B 511 57.54 -20.96 11.26
C VAL B 511 56.53 -21.34 10.18
N VAL B 512 55.66 -22.30 10.49
CA VAL B 512 54.62 -22.72 9.57
C VAL B 512 53.31 -22.14 10.08
N LEU B 513 52.76 -21.20 9.33
CA LEU B 513 51.53 -20.50 9.71
C LEU B 513 50.33 -21.18 9.05
N SER B 514 50.01 -22.37 9.56
CA SER B 514 48.94 -23.19 9.00
C SER B 514 47.60 -22.54 9.27
N PHE B 515 46.94 -22.08 8.20
CA PHE B 515 45.61 -21.50 8.28
C PHE B 515 44.57 -22.53 7.89
N GLU B 516 43.62 -22.79 8.77
CA GLU B 516 42.62 -23.83 8.54
C GLU B 516 41.24 -23.31 8.87
N LEU B 517 40.25 -23.84 8.17
CA LEU B 517 38.84 -23.57 8.41
C LEU B 517 38.13 -24.90 8.65
N LEU B 518 37.35 -24.97 9.73
CA LEU B 518 36.72 -26.22 10.14
C LEU B 518 35.21 -26.06 10.26
N HIS B 519 34.60 -25.36 9.30
CA HIS B 519 33.15 -25.16 9.25
C HIS B 519 32.64 -24.53 10.54
N ALA B 520 33.37 -23.58 11.07
CA ALA B 520 33.06 -22.87 12.29
C ALA B 520 33.18 -21.37 12.05
N PRO B 521 32.50 -20.55 12.86
CA PRO B 521 32.63 -19.10 12.70
C PRO B 521 34.06 -18.64 12.88
N ALA B 522 34.45 -17.65 12.08
CA ALA B 522 35.82 -17.16 12.07
C ALA B 522 36.07 -16.25 13.27
N THR B 523 37.33 -16.25 13.73
CA THR B 523 37.71 -15.47 14.90
C THR B 523 39.03 -14.72 14.75
N VAL B 524 39.86 -15.02 13.76
CA VAL B 524 41.21 -14.46 13.65
C VAL B 524 41.33 -13.74 12.32
N CYS B 525 41.56 -12.44 12.37
CA CYS B 525 41.90 -11.61 11.22
C CYS B 525 42.30 -10.23 11.73
N GLY B 526 42.68 -9.36 10.80
CA GLY B 526 43.18 -8.04 11.13
C GLY B 526 42.15 -7.19 11.85
N PRO B 527 42.62 -6.38 12.80
CA PRO B 527 41.71 -5.51 13.53
C PRO B 527 41.28 -4.31 12.70
N LYS B 528 40.26 -3.61 13.19
CA LYS B 528 39.72 -2.45 12.51
C LYS B 528 40.68 -1.28 12.58
N LYS B 529 40.53 -0.35 11.64
CA LYS B 529 41.36 0.84 11.55
C LYS B 529 40.54 2.06 11.93
N SER B 530 41.11 2.90 12.78
CA SER B 530 40.45 4.10 13.30
C SER B 530 41.08 5.34 12.69
N THR B 531 40.25 6.28 12.25
CA THR B 531 40.71 7.52 11.67
C THR B 531 40.81 8.62 12.73
N ASN B 532 41.43 9.73 12.34
CA ASN B 532 41.59 10.86 13.27
C ASN B 532 40.23 11.46 13.59
N LEU B 533 40.11 11.99 14.80
CA LEU B 533 38.85 12.54 15.27
C LEU B 533 38.65 13.96 14.75
N VAL B 534 37.49 14.22 14.17
CA VAL B 534 37.13 15.53 13.65
C VAL B 534 35.85 15.99 14.33
N LYS B 535 35.87 17.22 14.83
CA LYS B 535 34.73 17.76 15.57
C LYS B 535 34.41 19.14 15.02
N ASN B 536 33.18 19.59 15.30
CA ASN B 536 32.63 20.87 14.86
C ASN B 536 32.50 20.95 13.35
N LYS B 537 32.67 19.85 12.63
CA LYS B 537 32.58 19.82 11.18
C LYS B 537 31.70 18.64 10.76
N CYS B 538 30.78 18.90 9.85
CA CYS B 538 29.88 17.84 9.39
C CYS B 538 30.68 16.72 8.76
N VAL B 539 30.39 15.49 9.18
CA VAL B 539 31.22 14.35 8.81
C VAL B 539 30.38 13.08 8.89
N ASN B 540 30.67 12.13 8.01
CA ASN B 540 30.08 10.80 8.09
C ASN B 540 30.81 10.02 9.16
N PHE B 541 30.11 9.64 10.23
CA PHE B 541 30.72 8.91 11.33
C PHE B 541 30.20 7.48 11.38
N ASN B 542 31.10 6.57 11.74
CA ASN B 542 30.80 5.14 11.92
C ASN B 542 31.52 4.68 13.19
N PHE B 543 30.84 4.78 14.32
CA PHE B 543 31.37 4.32 15.60
C PHE B 543 30.77 2.94 15.89
N ASN B 544 31.45 1.89 15.43
CA ASN B 544 31.02 0.51 15.64
C ASN B 544 29.66 0.22 15.02
N GLY B 545 29.19 1.07 14.11
CA GLY B 545 27.95 0.79 13.41
C GLY B 545 26.83 1.79 13.59
N LEU B 546 27.13 3.00 14.09
CA LEU B 546 26.11 4.05 14.10
C LEU B 546 25.76 4.51 12.69
N THR B 547 26.71 4.44 11.76
CA THR B 547 26.53 4.81 10.35
C THR B 547 25.59 6.02 10.20
N GLY B 548 25.96 7.11 10.85
CA GLY B 548 25.21 8.35 10.76
C GLY B 548 26.12 9.50 10.38
N THR B 549 25.51 10.64 10.08
CA THR B 549 26.24 11.83 9.69
C THR B 549 25.72 13.02 10.48
N GLY B 550 26.64 13.92 10.85
CA GLY B 550 26.26 15.08 11.62
C GLY B 550 27.49 15.84 12.10
N VAL B 551 27.24 16.80 12.97
CA VAL B 551 28.28 17.66 13.54
C VAL B 551 28.51 17.25 14.98
N LEU B 552 29.75 16.95 15.32
CA LEU B 552 30.11 16.38 16.61
C LEU B 552 30.76 17.44 17.48
N THR B 553 30.27 17.60 18.71
CA THR B 553 30.83 18.55 19.66
C THR B 553 31.07 17.86 20.98
N GLU B 554 31.80 18.54 21.86
CA GLU B 554 32.03 18.02 23.20
C GLU B 554 30.74 18.03 24.00
N SER B 555 30.50 16.96 24.74
CA SER B 555 29.24 16.77 25.46
C SER B 555 29.48 16.91 26.95
N ASN B 556 28.66 17.73 27.60
CA ASN B 556 28.70 17.85 29.04
C ASN B 556 27.92 16.73 29.74
N LYS B 557 27.03 16.06 29.02
CA LYS B 557 26.26 14.97 29.61
C LYS B 557 27.17 13.80 29.97
N LYS B 558 26.89 13.18 31.11
CA LYS B 558 27.74 12.13 31.66
C LYS B 558 27.06 10.79 31.45
N PHE B 559 27.70 9.93 30.65
CA PHE B 559 27.17 8.60 30.40
C PHE B 559 27.42 7.69 31.59
N LEU B 560 26.72 6.56 31.60
CA LEU B 560 27.08 5.47 32.48
C LEU B 560 28.21 4.65 31.83
N PRO B 561 29.06 4.02 32.65
CA PRO B 561 30.20 3.29 32.07
C PRO B 561 29.82 2.22 31.07
N PHE B 562 28.70 1.53 31.29
CA PHE B 562 28.29 0.49 30.37
C PHE B 562 27.56 1.03 29.15
N GLN B 563 27.15 2.30 29.19
CA GLN B 563 26.34 2.86 28.12
C GLN B 563 27.20 3.45 27.02
N GLN B 564 26.82 3.17 25.77
CA GLN B 564 27.53 3.66 24.60
C GLN B 564 26.68 4.56 23.74
N PHE B 565 25.49 4.11 23.35
CA PHE B 565 24.62 4.90 22.50
C PHE B 565 24.10 6.12 23.26
N GLY B 566 23.35 6.95 22.54
CA GLY B 566 22.63 8.04 23.16
C GLY B 566 21.34 8.28 22.38
N ARG B 567 20.27 8.67 23.06
CA ARG B 567 19.01 8.85 22.37
C ARG B 567 18.21 9.98 23.02
N ASP B 568 17.42 10.64 22.20
CA ASP B 568 16.51 11.68 22.64
C ASP B 568 15.11 11.10 22.83
N ILE B 569 14.13 11.98 23.02
CA ILE B 569 12.75 11.52 23.25
C ILE B 569 12.24 10.72 22.06
N ALA B 570 12.50 11.20 20.84
CA ALA B 570 11.99 10.59 19.62
C ALA B 570 12.82 9.41 19.16
N ASP B 571 13.71 8.89 20.02
CA ASP B 571 14.49 7.69 19.73
C ASP B 571 15.34 7.86 18.47
N THR B 572 16.13 8.92 18.46
CA THR B 572 17.15 9.13 17.43
C THR B 572 18.49 9.34 18.12
N THR B 573 19.56 8.86 17.48
CA THR B 573 20.88 8.94 18.09
C THR B 573 21.24 10.40 18.37
N ASP B 574 21.65 10.67 19.60
CA ASP B 574 21.91 12.03 20.06
C ASP B 574 23.30 12.22 20.63
N ALA B 575 23.98 11.16 21.03
CA ALA B 575 25.34 11.26 21.55
C ALA B 575 25.98 9.88 21.48
N VAL B 576 27.28 9.87 21.21
CA VAL B 576 28.05 8.63 21.20
C VAL B 576 29.34 8.86 21.96
N ARG B 577 29.71 7.92 22.82
CA ARG B 577 31.00 7.96 23.47
C ARG B 577 32.08 7.53 22.49
N ASP B 578 33.25 8.12 22.64
CA ASP B 578 34.37 7.75 21.78
C ASP B 578 34.84 6.35 22.12
N PRO B 579 34.89 5.43 21.15
CA PRO B 579 35.40 4.09 21.45
C PRO B 579 36.85 4.08 21.90
N GLN B 580 37.59 5.17 21.70
CA GLN B 580 38.98 5.22 22.15
C GLN B 580 39.13 5.90 23.51
N THR B 581 38.40 6.99 23.75
CA THR B 581 38.59 7.79 24.95
C THR B 581 37.28 7.93 25.72
N LEU B 582 37.37 8.62 26.86
CA LEU B 582 36.21 8.85 27.71
C LEU B 582 35.27 9.91 27.17
N GLU B 583 35.66 10.65 26.15
CA GLU B 583 34.90 11.82 25.73
C GLU B 583 33.54 11.42 25.17
N ILE B 584 32.53 12.21 25.49
CA ILE B 584 31.18 12.06 24.95
C ILE B 584 30.98 13.09 23.85
N LEU B 585 30.44 12.66 22.72
CA LEU B 585 30.27 13.51 21.55
C LEU B 585 28.79 13.61 21.21
N ASP B 586 28.24 14.82 21.29
CA ASP B 586 26.89 15.04 20.80
C ASP B 586 26.86 14.87 19.28
N ILE B 587 25.66 14.69 18.75
CA ILE B 587 25.45 14.60 17.31
C ILE B 587 24.31 15.55 16.97
N THR B 588 24.65 16.69 16.40
CA THR B 588 23.66 17.61 15.87
C THR B 588 23.58 17.43 14.37
N PRO B 589 22.37 17.36 13.79
CA PRO B 589 22.27 17.10 12.35
C PRO B 589 22.91 18.22 11.55
N CYS B 590 23.44 17.85 10.39
CA CYS B 590 24.06 18.84 9.51
C CYS B 590 23.05 19.92 9.16
N SER B 591 23.48 21.18 9.28
CA SER B 591 22.56 22.30 9.19
C SER B 591 21.85 22.32 7.85
N PHE B 592 20.53 22.44 7.89
CA PHE B 592 19.72 22.48 6.68
C PHE B 592 18.58 23.45 6.90
N GLY B 593 17.94 23.84 5.80
CA GLY B 593 16.85 24.77 5.85
C GLY B 593 16.50 25.28 4.48
N GLY B 594 15.31 25.85 4.38
CA GLY B 594 14.84 26.34 3.10
C GLY B 594 15.58 27.58 2.65
N VAL B 595 15.54 27.83 1.35
CA VAL B 595 16.11 29.02 0.74
C VAL B 595 14.96 29.86 0.20
N SER B 596 14.80 31.06 0.70
CA SER B 596 13.71 31.94 0.31
C SER B 596 14.29 33.17 -0.37
N VAL B 597 13.77 33.49 -1.55
CA VAL B 597 14.24 34.63 -2.32
C VAL B 597 13.35 35.82 -2.01
N ILE B 598 13.96 36.89 -1.53
CA ILE B 598 13.25 38.09 -1.13
C ILE B 598 13.38 39.11 -2.24
N THR B 599 12.34 39.27 -3.04
CA THR B 599 12.42 40.15 -4.19
C THR B 599 11.26 41.15 -4.18
N PRO B 600 11.52 42.37 -4.62
CA PRO B 600 10.40 43.25 -4.99
C PRO B 600 9.87 42.86 -6.35
N GLY B 601 8.85 43.55 -6.83
CA GLY B 601 8.30 43.19 -8.13
C GLY B 601 9.33 43.34 -9.24
N THR B 602 9.25 42.44 -10.22
CA THR B 602 10.18 42.51 -11.34
C THR B 602 10.05 43.82 -12.10
N ASN B 603 8.86 44.43 -12.08
CA ASN B 603 8.72 45.75 -12.66
C ASN B 603 9.49 46.79 -11.85
N THR B 604 9.48 46.67 -10.52
CA THR B 604 10.18 47.65 -9.69
C THR B 604 11.70 47.49 -9.80
N SER B 605 12.19 46.28 -9.69
CA SER B 605 13.62 46.03 -9.73
C SER B 605 13.88 44.56 -10.02
N ASN B 606 15.15 44.22 -10.23
CA ASN B 606 15.57 42.84 -10.46
C ASN B 606 16.58 42.36 -9.42
N GLN B 607 16.80 43.12 -8.35
CA GLN B 607 17.68 42.72 -7.27
C GLN B 607 16.91 41.81 -6.30
N VAL B 608 17.61 40.81 -5.78
CA VAL B 608 17.00 39.86 -4.86
C VAL B 608 17.91 39.70 -3.64
N ALA B 609 17.29 39.31 -2.54
CA ALA B 609 18.00 38.92 -1.33
C ALA B 609 17.59 37.49 -0.97
N VAL B 610 18.55 36.69 -0.54
CA VAL B 610 18.33 35.28 -0.28
C VAL B 610 18.38 35.05 1.22
N LEU B 611 17.37 34.36 1.75
CA LEU B 611 17.29 34.01 3.15
C LEU B 611 17.55 32.52 3.31
N TYR B 612 18.54 32.16 4.10
CA TYR B 612 18.81 30.77 4.47
C TYR B 612 18.21 30.54 5.83
N GLN B 613 17.07 29.87 5.89
CA GLN B 613 16.29 29.79 7.12
C GLN B 613 16.99 28.92 8.16
N ASP B 614 17.10 29.45 9.37
CA ASP B 614 17.63 28.70 10.52
C ASP B 614 19.01 28.12 10.23
N VAL B 615 19.87 28.93 9.60
CA VAL B 615 21.23 28.51 9.26
C VAL B 615 22.20 29.60 9.67
N ASN B 616 23.20 29.23 10.46
CA ASN B 616 24.33 30.12 10.69
C ASN B 616 25.11 30.29 9.40
N CYS B 617 25.38 31.54 9.03
CA CYS B 617 26.05 31.77 7.76
C CYS B 617 27.56 31.77 7.86
N THR B 618 28.11 31.28 8.97
CA THR B 618 29.52 30.89 8.95
C THR B 618 29.72 29.65 8.09
N GLU B 619 28.64 28.93 7.78
CA GLU B 619 28.71 27.69 7.02
C GLU B 619 27.84 27.71 5.77
N VAL B 620 27.54 28.88 5.22
CA VAL B 620 26.82 28.97 3.95
C VAL B 620 27.74 28.59 2.80
N TYR B 636 22.75 33.34 -4.20
CA TYR B 636 23.91 34.21 -4.14
C TYR B 636 25.04 33.58 -3.34
N SER B 637 26.27 33.73 -3.84
CA SER B 637 27.42 33.23 -3.11
C SER B 637 27.64 34.04 -1.83
N THR B 638 28.29 33.42 -0.86
CA THR B 638 28.46 34.02 0.46
C THR B 638 29.34 35.27 0.39
N GLY B 639 29.16 36.15 1.37
CA GLY B 639 29.98 37.33 1.51
C GLY B 639 29.42 38.60 0.91
N SER B 640 28.14 38.62 0.55
CA SER B 640 27.51 39.79 -0.06
C SER B 640 26.47 40.33 0.92
N ASN B 641 26.89 41.24 1.80
CA ASN B 641 26.01 41.90 2.75
C ASN B 641 25.29 40.88 3.64
N VAL B 642 26.06 40.04 4.33
CA VAL B 642 25.47 39.06 5.22
C VAL B 642 24.81 39.76 6.40
N PHE B 643 23.83 39.09 7.00
CA PHE B 643 23.10 39.63 8.13
C PHE B 643 22.36 38.49 8.80
N GLN B 644 22.49 38.39 10.12
CA GLN B 644 21.95 37.27 10.88
C GLN B 644 20.64 37.66 11.56
N THR B 645 19.60 36.88 11.33
CA THR B 645 18.31 37.02 11.98
C THR B 645 17.96 35.74 12.70
N ARG B 646 16.90 35.79 13.50
CA ARG B 646 16.40 34.57 14.11
C ARG B 646 15.83 33.63 13.05
N ALA B 647 15.28 34.19 11.96
CA ALA B 647 14.81 33.36 10.86
C ALA B 647 15.96 32.63 10.18
N GLY B 648 17.08 33.29 10.06
CA GLY B 648 18.25 32.73 9.40
C GLY B 648 19.12 33.85 8.88
N CYS B 649 20.30 33.49 8.40
CA CYS B 649 21.23 34.51 7.93
C CYS B 649 20.84 34.94 6.52
N LEU B 650 20.73 36.24 6.32
CA LEU B 650 20.14 36.83 5.14
C LEU B 650 21.21 37.55 4.34
N ILE B 651 21.38 37.17 3.09
CA ILE B 651 22.40 37.75 2.22
C ILE B 651 21.72 38.49 1.09
N GLY B 652 22.23 39.67 0.78
CA GLY B 652 21.68 40.50 -0.28
C GLY B 652 20.97 41.75 0.19
N ALA B 653 20.74 41.90 1.49
CA ALA B 653 20.10 43.09 2.02
C ALA B 653 20.90 43.58 3.22
N GLU B 654 20.84 44.89 3.46
CA GLU B 654 21.60 45.53 4.52
C GLU B 654 20.70 45.95 5.67
N HIS B 655 21.20 45.76 6.89
CA HIS B 655 20.47 46.16 8.07
C HIS B 655 20.39 47.68 8.17
N VAL B 656 19.27 48.19 8.68
CA VAL B 656 19.10 49.60 8.96
C VAL B 656 18.58 49.76 10.39
N ASN B 657 19.16 50.71 11.12
CA ASN B 657 18.79 50.88 12.52
C ASN B 657 17.43 51.53 12.68
N ASN B 658 17.00 52.35 11.71
CA ASN B 658 15.65 52.87 11.74
C ASN B 658 14.66 51.77 11.39
N SER B 659 13.39 52.01 11.74
CA SER B 659 12.34 51.01 11.57
C SER B 659 11.21 51.59 10.73
N TYR B 660 10.69 50.80 9.80
CA TYR B 660 9.59 51.17 8.93
C TYR B 660 8.47 50.16 9.07
N GLU B 661 7.39 50.37 8.31
CA GLU B 661 6.30 49.41 8.28
C GLU B 661 6.73 48.14 7.57
N CYS B 662 6.11 47.03 7.94
CA CYS B 662 6.48 45.75 7.36
C CYS B 662 6.04 45.67 5.90
N ASP B 663 6.98 45.30 5.04
CA ASP B 663 6.72 45.18 3.61
C ASP B 663 6.81 43.73 3.15
N ILE B 664 7.95 43.08 3.34
CA ILE B 664 8.13 41.67 3.05
C ILE B 664 8.49 40.97 4.36
N PRO B 665 7.56 40.23 4.94
CA PRO B 665 7.83 39.61 6.25
C PRO B 665 8.88 38.53 6.13
N ILE B 666 9.89 38.60 6.99
CA ILE B 666 10.98 37.63 6.99
C ILE B 666 10.81 36.62 8.11
N GLY B 667 10.58 37.08 9.32
CA GLY B 667 10.39 36.21 10.47
C GLY B 667 11.01 36.84 11.69
N ALA B 668 10.39 36.59 12.85
CA ALA B 668 10.88 37.08 14.13
C ALA B 668 11.07 38.59 14.11
N GLY B 669 10.15 39.29 13.46
CA GLY B 669 10.14 40.74 13.49
C GLY B 669 10.94 41.41 12.42
N ILE B 670 11.68 40.68 11.61
CA ILE B 670 12.46 41.27 10.53
C ILE B 670 11.58 41.38 9.30
N CYS B 671 11.53 42.57 8.71
CA CYS B 671 10.78 42.79 7.48
C CYS B 671 11.70 43.44 6.47
N ALA B 672 11.74 42.88 5.26
CA ALA B 672 12.57 43.43 4.20
C ALA B 672 11.77 44.36 3.31
N SER B 673 12.47 45.25 2.62
CA SER B 673 11.82 46.18 1.71
C SER B 673 12.86 46.74 0.75
N TYR B 674 12.37 47.23 -0.38
CA TYR B 674 13.22 47.84 -1.40
C TYR B 674 13.15 49.36 -1.24
N GLN B 675 14.22 49.94 -0.71
CA GLN B 675 14.23 51.35 -0.35
C GLN B 675 15.60 51.93 -0.65
N THR B 676 15.62 53.22 -0.97
CA THR B 676 16.86 53.94 -1.21
C THR B 676 17.72 54.01 0.05
N SER B 686 22.22 53.25 -5.10
CA SER B 686 21.28 54.24 -4.55
C SER B 686 20.08 53.56 -3.91
N GLN B 687 19.57 52.53 -4.58
CA GLN B 687 18.44 51.75 -4.10
C GLN B 687 18.90 50.32 -3.81
N SER B 688 18.46 49.77 -2.68
CA SER B 688 18.88 48.43 -2.29
C SER B 688 17.84 47.83 -1.36
N ILE B 689 17.91 46.51 -1.20
CA ILE B 689 17.05 45.82 -0.25
C ILE B 689 17.53 46.08 1.16
N ILE B 690 16.61 46.41 2.06
CA ILE B 690 16.93 46.68 3.45
C ILE B 690 16.10 45.77 4.35
N ALA B 691 16.75 45.18 5.34
CA ALA B 691 16.08 44.35 6.34
C ALA B 691 16.12 45.07 7.68
N TYR B 692 15.01 45.07 8.40
CA TYR B 692 14.89 45.87 9.60
C TYR B 692 13.84 45.24 10.50
N THR B 693 13.78 45.74 11.74
CA THR B 693 12.70 45.36 12.64
C THR B 693 11.46 46.18 12.35
N MET B 694 10.32 45.51 12.19
CA MET B 694 9.10 46.20 11.81
C MET B 694 8.63 47.15 12.90
N SER B 695 8.03 48.25 12.47
CA SER B 695 7.49 49.27 13.36
C SER B 695 5.98 49.16 13.35
N LEU B 696 5.38 48.96 14.53
CA LEU B 696 3.96 48.67 14.60
C LEU B 696 3.09 49.87 14.30
N GLY B 697 3.67 51.06 14.23
CA GLY B 697 2.91 52.24 13.86
C GLY B 697 3.42 53.45 14.61
N ALA B 698 2.78 54.59 14.35
CA ALA B 698 3.13 55.82 15.03
C ALA B 698 2.79 55.72 16.50
N GLU B 699 3.80 55.87 17.35
CA GLU B 699 3.63 55.71 18.78
C GLU B 699 3.19 57.05 19.37
N ASN B 700 1.90 57.18 19.66
CA ASN B 700 1.35 58.40 20.23
C ASN B 700 0.68 58.08 21.55
N SER B 701 0.91 58.91 22.55
CA SER B 701 0.28 58.76 23.86
C SER B 701 -0.90 59.73 23.93
N VAL B 702 -2.10 59.20 24.14
CA VAL B 702 -3.28 60.05 24.25
C VAL B 702 -3.16 60.89 25.51
N ALA B 703 -3.46 62.17 25.38
CA ALA B 703 -3.28 63.13 26.48
C ALA B 703 -4.35 62.94 27.55
N TYR B 704 -4.30 61.79 28.20
CA TYR B 704 -5.30 61.47 29.23
C TYR B 704 -5.15 62.40 30.43
N SER B 705 -6.29 62.75 31.02
CA SER B 705 -6.32 63.48 32.27
C SER B 705 -7.71 63.30 32.89
N ASN B 706 -7.79 63.46 34.20
CA ASN B 706 -9.08 63.35 34.85
C ASN B 706 -10.03 64.49 34.50
N ASN B 707 -9.56 65.49 33.76
CA ASN B 707 -10.38 66.62 33.36
C ASN B 707 -10.65 66.67 31.86
N SER B 708 -9.82 66.05 31.04
CA SER B 708 -9.82 66.30 29.60
C SER B 708 -10.62 65.26 28.86
N ILE B 709 -11.57 65.72 28.04
CA ILE B 709 -12.28 64.87 27.09
C ILE B 709 -12.15 65.53 25.72
N ALA B 710 -12.20 64.71 24.67
CA ALA B 710 -12.03 65.19 23.31
C ALA B 710 -13.26 64.79 22.50
N ILE B 711 -14.16 65.74 22.30
CA ILE B 711 -15.38 65.52 21.54
C ILE B 711 -15.14 65.93 20.09
N PRO B 712 -15.38 65.05 19.12
CA PRO B 712 -15.15 65.42 17.72
C PRO B 712 -16.11 66.51 17.25
N THR B 713 -15.63 67.33 16.34
CA THR B 713 -16.44 68.40 15.77
C THR B 713 -16.99 68.06 14.41
N ASN B 714 -16.30 67.21 13.65
CA ASN B 714 -16.67 66.87 12.29
C ASN B 714 -16.57 65.36 12.12
N PHE B 715 -17.17 64.86 11.06
CA PHE B 715 -17.23 63.43 10.82
C PHE B 715 -16.75 63.14 9.40
N THR B 716 -16.87 61.87 9.03
CA THR B 716 -16.53 61.42 7.69
C THR B 716 -17.34 60.17 7.41
N ILE B 717 -18.03 60.16 6.27
CA ILE B 717 -18.84 59.00 5.86
C ILE B 717 -17.94 58.17 4.95
N SER B 718 -17.19 57.26 5.56
CA SER B 718 -16.20 56.47 4.84
C SER B 718 -16.80 55.14 4.44
N VAL B 719 -16.64 54.78 3.16
CA VAL B 719 -17.13 53.52 2.64
C VAL B 719 -15.99 52.53 2.56
N THR B 720 -16.13 51.41 3.24
CA THR B 720 -15.11 50.36 3.30
C THR B 720 -15.60 49.16 2.52
N THR B 721 -14.76 48.63 1.66
CA THR B 721 -15.11 47.50 0.82
C THR B 721 -14.58 46.22 1.45
N GLU B 722 -15.47 45.26 1.69
CA GLU B 722 -15.11 43.97 2.25
C GLU B 722 -15.49 42.87 1.26
N ILE B 723 -14.52 42.03 0.91
CA ILE B 723 -14.70 40.97 -0.07
C ILE B 723 -14.72 39.65 0.67
N LEU B 724 -15.75 38.84 0.41
CA LEU B 724 -15.94 37.56 1.10
C LEU B 724 -16.22 36.47 0.06
N PRO B 725 -15.47 35.39 0.04
CA PRO B 725 -15.87 34.23 -0.75
C PRO B 725 -17.20 33.68 -0.24
N VAL B 726 -18.02 33.19 -1.15
CA VAL B 726 -19.33 32.63 -0.83
C VAL B 726 -19.47 31.21 -1.33
N SER B 727 -19.12 30.97 -2.59
CA SER B 727 -19.18 29.65 -3.17
C SER B 727 -17.92 29.38 -3.95
N MET B 728 -17.53 28.12 -4.00
CA MET B 728 -16.38 27.68 -4.77
C MET B 728 -16.87 26.88 -5.96
N THR B 729 -15.96 26.60 -6.89
CA THR B 729 -16.34 25.99 -8.15
C THR B 729 -17.02 24.65 -7.91
N LYS B 730 -18.17 24.47 -8.56
CA LYS B 730 -19.04 23.31 -8.34
C LYS B 730 -18.58 22.18 -9.25
N THR B 731 -17.63 21.40 -8.77
CA THR B 731 -16.98 20.38 -9.57
C THR B 731 -17.30 18.99 -9.03
N SER B 732 -17.37 18.02 -9.95
CA SER B 732 -17.56 16.63 -9.62
C SER B 732 -16.58 15.80 -10.43
N VAL B 733 -16.09 14.72 -9.84
CA VAL B 733 -15.07 13.89 -10.47
C VAL B 733 -15.60 12.46 -10.52
N ASP B 734 -15.67 11.91 -11.73
CA ASP B 734 -16.11 10.53 -11.94
C ASP B 734 -14.97 9.61 -11.55
N CYS B 735 -15.08 8.96 -10.38
CA CYS B 735 -13.98 8.15 -9.88
C CYS B 735 -13.64 7.00 -10.82
N THR B 736 -14.66 6.28 -11.29
CA THR B 736 -14.40 5.13 -12.15
C THR B 736 -13.72 5.56 -13.45
N MET B 737 -14.15 6.70 -14.00
CA MET B 737 -13.54 7.19 -15.24
C MET B 737 -12.14 7.73 -14.99
N TYR B 738 -11.93 8.39 -13.85
CA TYR B 738 -10.61 8.94 -13.57
C TYR B 738 -9.58 7.84 -13.35
N ILE B 739 -9.89 6.88 -12.47
CA ILE B 739 -8.93 5.84 -12.15
C ILE B 739 -8.63 5.00 -13.39
N CYS B 740 -9.67 4.65 -14.14
CA CYS B 740 -9.54 3.81 -15.32
C CYS B 740 -10.32 4.46 -16.47
N GLY B 741 -9.70 4.50 -17.64
CA GLY B 741 -10.35 5.13 -18.77
C GLY B 741 -11.40 4.24 -19.41
N ASP B 742 -11.34 4.10 -20.73
CA ASP B 742 -12.24 3.21 -21.43
C ASP B 742 -11.97 1.74 -21.14
N SER B 743 -10.86 1.42 -20.50
CA SER B 743 -10.50 0.03 -20.23
C SER B 743 -11.48 -0.59 -19.23
N THR B 744 -11.81 -1.86 -19.46
CA THR B 744 -12.71 -2.58 -18.57
C THR B 744 -11.98 -3.40 -17.54
N GLU B 745 -10.76 -3.85 -17.85
CA GLU B 745 -9.98 -4.61 -16.88
C GLU B 745 -9.65 -3.79 -15.65
N CYS B 746 -9.25 -2.53 -15.85
CA CYS B 746 -8.97 -1.66 -14.72
C CYS B 746 -10.25 -1.40 -13.92
N SER B 747 -11.39 -1.31 -14.59
CA SER B 747 -12.65 -1.17 -13.88
C SER B 747 -12.93 -2.39 -13.01
N ASN B 748 -12.65 -3.58 -13.53
CA ASN B 748 -12.85 -4.79 -12.74
C ASN B 748 -11.93 -4.81 -11.54
N LEU B 749 -10.66 -4.41 -11.72
CA LEU B 749 -9.76 -4.33 -10.58
C LEU B 749 -10.18 -3.28 -9.57
N LEU B 750 -10.86 -2.22 -10.03
CA LEU B 750 -11.32 -1.19 -9.11
C LEU B 750 -12.54 -1.68 -8.32
N LEU B 751 -13.43 -2.44 -8.95
CA LEU B 751 -14.63 -2.90 -8.26
C LEU B 751 -14.31 -3.71 -7.01
N GLN B 752 -13.13 -4.34 -6.97
CA GLN B 752 -12.76 -5.11 -5.80
C GLN B 752 -12.12 -4.26 -4.71
N TYR B 753 -11.99 -2.95 -4.93
CA TYR B 753 -11.50 -2.08 -3.87
C TYR B 753 -12.61 -1.64 -2.93
N GLY B 754 -13.87 -1.92 -3.30
CA GLY B 754 -14.98 -1.64 -2.43
C GLY B 754 -15.76 -0.43 -2.89
N SER B 755 -16.30 0.30 -1.91
CA SER B 755 -17.11 1.49 -2.17
C SER B 755 -16.32 2.77 -2.01
N PHE B 756 -15.04 2.77 -2.39
CA PHE B 756 -14.25 3.98 -2.33
C PHE B 756 -14.76 5.02 -3.31
N CYS B 757 -14.96 4.62 -4.57
CA CYS B 757 -15.39 5.57 -5.59
C CYS B 757 -16.78 6.11 -5.29
N THR B 758 -17.68 5.26 -4.81
CA THR B 758 -19.02 5.73 -4.44
C THR B 758 -18.94 6.75 -3.32
N GLN B 759 -18.10 6.49 -2.31
CA GLN B 759 -17.97 7.42 -1.20
C GLN B 759 -17.37 8.74 -1.65
N LEU B 760 -16.37 8.70 -2.54
CA LEU B 760 -15.79 9.94 -3.04
C LEU B 760 -16.78 10.74 -3.86
N ASN B 761 -17.57 10.05 -4.70
CA ASN B 761 -18.60 10.74 -5.46
C ASN B 761 -19.63 11.36 -4.54
N ARG B 762 -20.01 10.65 -3.47
CA ARG B 762 -20.96 11.21 -2.52
C ARG B 762 -20.40 12.45 -1.85
N ALA B 763 -19.11 12.43 -1.48
CA ALA B 763 -18.50 13.60 -0.86
C ALA B 763 -18.49 14.79 -1.81
N LEU B 764 -18.13 14.56 -3.07
CA LEU B 764 -18.08 15.67 -4.03
C LEU B 764 -19.47 16.22 -4.32
N THR B 765 -20.47 15.35 -4.42
CA THR B 765 -21.84 15.81 -4.62
C THR B 765 -22.33 16.60 -3.41
N GLY B 766 -21.97 16.15 -2.21
CA GLY B 766 -22.29 16.93 -1.03
C GLY B 766 -21.67 18.30 -1.06
N ILE B 767 -20.42 18.39 -1.51
CA ILE B 767 -19.76 19.69 -1.63
C ILE B 767 -20.50 20.57 -2.63
N ALA B 768 -20.91 19.99 -3.76
CA ALA B 768 -21.61 20.78 -4.78
C ALA B 768 -22.93 21.33 -4.26
N VAL B 769 -23.74 20.47 -3.63
CA VAL B 769 -25.00 20.94 -3.08
C VAL B 769 -24.74 21.96 -1.98
N GLU B 770 -23.65 21.81 -1.24
CA GLU B 770 -23.29 22.80 -0.23
C GLU B 770 -22.99 24.14 -0.86
N GLN B 771 -22.32 24.14 -2.02
CA GLN B 771 -22.05 25.40 -2.70
C GLN B 771 -23.35 26.08 -3.12
N ASP B 772 -24.29 25.31 -3.65
CA ASP B 772 -25.58 25.88 -4.00
C ASP B 772 -26.28 26.44 -2.77
N LYS B 773 -26.22 25.72 -1.65
CA LYS B 773 -26.82 26.20 -0.41
C LYS B 773 -26.14 27.46 0.10
N ASN B 774 -24.81 27.55 -0.07
CA ASN B 774 -24.09 28.74 0.35
C ASN B 774 -24.57 29.96 -0.42
N THR B 775 -24.64 29.84 -1.75
CA THR B 775 -25.10 30.98 -2.53
C THR B 775 -26.54 31.34 -2.18
N GLN B 776 -27.39 30.33 -2.01
CA GLN B 776 -28.77 30.59 -1.63
C GLN B 776 -28.87 31.33 -0.32
N GLU B 777 -28.19 30.83 0.71
CA GLU B 777 -28.27 31.41 2.04
C GLU B 777 -27.71 32.83 2.06
N VAL B 778 -26.66 33.09 1.29
CA VAL B 778 -26.10 34.43 1.28
C VAL B 778 -27.04 35.40 0.58
N PHE B 779 -27.55 35.02 -0.59
CA PHE B 779 -28.19 36.05 -1.42
C PHE B 779 -29.71 36.09 -1.28
N ALA B 780 -30.38 34.94 -1.20
CA ALA B 780 -31.84 34.91 -1.13
C ALA B 780 -32.31 35.18 0.31
N GLN B 781 -31.79 36.26 0.87
CA GLN B 781 -32.29 36.74 2.15
C GLN B 781 -33.62 37.47 1.98
N VAL B 782 -33.93 37.90 0.78
CA VAL B 782 -35.12 38.68 0.51
C VAL B 782 -36.21 37.75 0.00
N LYS B 783 -37.45 38.02 0.43
CA LYS B 783 -38.57 37.19 0.02
C LYS B 783 -39.11 37.59 -1.35
N GLN B 784 -39.14 38.88 -1.66
CA GLN B 784 -39.71 39.37 -2.90
C GLN B 784 -38.69 40.25 -3.61
N ILE B 785 -38.60 40.09 -4.93
CA ILE B 785 -37.69 40.91 -5.71
C ILE B 785 -38.20 42.35 -5.72
N TYR B 786 -37.44 43.24 -5.10
CA TYR B 786 -37.80 44.64 -5.03
C TYR B 786 -37.22 45.39 -6.22
N LYS B 787 -37.73 46.59 -6.44
CA LYS B 787 -37.32 47.38 -7.59
C LYS B 787 -37.30 48.86 -7.21
N THR B 788 -36.27 49.55 -7.65
CA THR B 788 -36.11 50.96 -7.34
C THR B 788 -37.14 51.79 -8.10
N PRO B 789 -37.46 52.98 -7.59
CA PRO B 789 -38.41 53.84 -8.31
C PRO B 789 -37.83 54.27 -9.64
N PRO B 790 -38.69 54.62 -10.62
CA PRO B 790 -38.16 55.02 -11.93
C PRO B 790 -37.22 56.21 -11.87
N ILE B 791 -37.48 57.17 -11.00
CA ILE B 791 -36.66 58.37 -10.88
C ILE B 791 -35.91 58.31 -9.55
N LYS B 792 -34.58 58.45 -9.63
CA LYS B 792 -33.72 58.28 -8.46
C LYS B 792 -33.50 59.64 -7.80
N ASP B 793 -34.47 60.04 -6.98
CA ASP B 793 -34.40 61.29 -6.23
C ASP B 793 -34.27 60.93 -4.76
N PHE B 794 -33.05 60.69 -4.32
CA PHE B 794 -32.76 60.21 -2.97
C PHE B 794 -32.11 61.29 -2.10
N GLY B 795 -32.58 62.52 -2.22
CA GLY B 795 -32.08 63.59 -1.39
C GLY B 795 -30.63 63.95 -1.61
N GLY B 796 -30.09 63.63 -2.79
CA GLY B 796 -28.71 63.92 -3.09
C GLY B 796 -27.78 62.73 -3.04
N PHE B 797 -28.22 61.62 -2.44
CA PHE B 797 -27.39 60.42 -2.39
C PHE B 797 -27.41 59.77 -3.76
N ASN B 798 -26.24 59.56 -4.32
CA ASN B 798 -26.14 58.98 -5.66
C ASN B 798 -25.77 57.51 -5.58
N PHE B 799 -26.65 56.65 -6.06
CA PHE B 799 -26.44 55.21 -6.02
C PHE B 799 -26.13 54.64 -7.39
N SER B 800 -25.82 55.49 -8.38
CA SER B 800 -25.67 55.02 -9.74
C SER B 800 -24.56 53.99 -9.85
N GLN B 801 -23.54 54.09 -9.00
CA GLN B 801 -22.43 53.15 -9.10
C GLN B 801 -22.79 51.77 -8.54
N ILE B 802 -23.81 51.69 -7.71
CA ILE B 802 -24.21 50.40 -7.14
C ILE B 802 -25.53 49.89 -7.72
N LEU B 803 -26.40 50.75 -8.23
CA LEU B 803 -27.65 50.30 -8.81
C LEU B 803 -27.44 49.83 -10.25
N PRO B 804 -28.25 48.89 -10.72
CA PRO B 804 -28.06 48.37 -12.09
C PRO B 804 -28.29 49.43 -13.14
N ASP B 805 -27.55 49.32 -14.23
CA ASP B 805 -27.71 50.21 -15.37
C ASP B 805 -28.37 49.47 -16.53
N PRO B 806 -29.46 49.98 -17.07
CA PRO B 806 -30.13 49.28 -18.18
C PRO B 806 -29.31 49.22 -19.44
N SER B 807 -28.28 50.06 -19.59
CA SER B 807 -27.59 50.18 -20.87
C SER B 807 -26.92 48.87 -21.27
N LYS B 808 -26.10 48.31 -20.38
CA LYS B 808 -25.34 47.12 -20.73
C LYS B 808 -26.25 45.89 -20.70
N PRO B 809 -25.95 44.87 -21.52
CA PRO B 809 -26.90 43.75 -21.67
C PRO B 809 -27.25 43.04 -20.36
N SER B 810 -26.27 42.83 -19.49
CA SER B 810 -26.51 42.18 -18.20
C SER B 810 -26.63 43.26 -17.14
N LYS B 811 -27.75 43.25 -16.41
CA LYS B 811 -28.06 44.36 -15.53
C LYS B 811 -27.19 44.35 -14.29
N ARG B 812 -25.89 44.56 -14.47
CA ARG B 812 -24.93 44.62 -13.38
C ARG B 812 -24.43 46.05 -13.21
N SER B 813 -24.23 46.44 -11.97
CA SER B 813 -23.83 47.81 -11.66
C SER B 813 -22.40 48.05 -12.13
N PRO B 814 -22.02 49.32 -12.30
CA PRO B 814 -20.63 49.60 -12.68
C PRO B 814 -19.61 48.98 -11.73
N ILE B 815 -19.85 49.06 -10.43
CA ILE B 815 -18.95 48.40 -9.48
C ILE B 815 -19.01 46.89 -9.67
N GLU B 816 -20.20 46.35 -9.89
CA GLU B 816 -20.31 44.94 -10.20
C GLU B 816 -19.58 44.60 -11.49
N ASP B 817 -19.63 45.49 -12.48
CA ASP B 817 -18.91 45.25 -13.72
C ASP B 817 -17.42 45.15 -13.50
N LEU B 818 -16.85 46.07 -12.71
CA LEU B 818 -15.42 45.99 -12.49
C LEU B 818 -15.04 44.82 -11.59
N LEU B 819 -15.90 44.46 -10.64
CA LEU B 819 -15.65 43.25 -9.86
C LEU B 819 -15.62 42.02 -10.74
N PHE B 820 -16.53 41.96 -11.72
CA PHE B 820 -16.57 40.80 -12.61
C PHE B 820 -15.42 40.81 -13.59
N ASN B 821 -14.94 41.99 -13.97
CA ASN B 821 -13.82 42.08 -14.89
C ASN B 821 -12.49 41.73 -14.21
N LYS B 822 -12.32 42.18 -12.96
CA LYS B 822 -11.04 41.99 -12.28
C LYS B 822 -10.73 40.52 -12.05
N VAL B 823 -11.74 39.73 -11.68
CA VAL B 823 -11.54 38.31 -11.45
C VAL B 823 -11.56 37.58 -12.80
N THR B 824 -10.46 36.91 -13.12
CA THR B 824 -10.33 36.20 -14.38
C THR B 824 -10.17 34.70 -14.16
N LYS B 851 -10.28 20.35 -19.36
CA LYS B 851 -10.16 19.24 -18.42
C LYS B 851 -11.38 18.33 -18.52
N PHE B 852 -11.19 17.12 -19.05
CA PHE B 852 -12.31 16.21 -19.25
C PHE B 852 -11.92 14.76 -19.00
N ASN B 853 -10.97 14.50 -18.11
CA ASN B 853 -10.61 13.12 -17.76
C ASN B 853 -11.54 12.61 -16.65
N GLY B 854 -12.83 12.61 -16.96
CA GLY B 854 -13.84 12.37 -15.94
C GLY B 854 -14.17 13.58 -15.10
N LEU B 855 -13.60 14.73 -15.43
CA LEU B 855 -13.76 15.94 -14.65
C LEU B 855 -14.90 16.76 -15.23
N THR B 856 -15.85 17.14 -14.38
CA THR B 856 -16.97 17.96 -14.83
C THR B 856 -17.15 19.13 -13.88
N VAL B 857 -17.61 20.25 -14.43
CA VAL B 857 -17.87 21.46 -13.65
C VAL B 857 -19.36 21.75 -13.76
N LEU B 858 -20.10 21.32 -12.76
CA LEU B 858 -21.55 21.51 -12.77
C LEU B 858 -21.87 22.99 -12.70
N PRO B 859 -22.78 23.49 -13.55
CA PRO B 859 -23.10 24.91 -13.51
C PRO B 859 -23.81 25.26 -12.22
N PRO B 860 -23.61 26.46 -11.68
CA PRO B 860 -24.31 26.84 -10.46
C PRO B 860 -25.81 26.92 -10.69
N LEU B 861 -26.57 26.60 -9.64
CA LEU B 861 -28.02 26.65 -9.76
C LEU B 861 -28.50 28.08 -9.99
N LEU B 862 -27.88 29.05 -9.32
CA LEU B 862 -28.23 30.45 -9.50
C LEU B 862 -27.30 31.08 -10.53
N THR B 863 -27.87 31.49 -11.67
CA THR B 863 -27.10 32.18 -12.68
C THR B 863 -26.61 33.52 -12.14
N ASP B 864 -25.50 34.00 -12.70
CA ASP B 864 -24.98 35.30 -12.31
C ASP B 864 -26.03 36.39 -12.50
N GLU B 865 -26.93 36.23 -13.47
CA GLU B 865 -27.98 37.21 -13.67
C GLU B 865 -28.96 37.25 -12.50
N MET B 866 -29.42 36.09 -12.02
CA MET B 866 -30.33 36.17 -10.89
C MET B 866 -29.62 36.43 -9.58
N ILE B 867 -28.33 36.12 -9.48
CA ILE B 867 -27.59 36.59 -8.31
C ILE B 867 -27.55 38.12 -8.32
N ALA B 868 -27.31 38.72 -9.49
CA ALA B 868 -27.39 40.17 -9.60
C ALA B 868 -28.81 40.67 -9.33
N GLN B 869 -29.81 39.85 -9.63
CA GLN B 869 -31.20 40.25 -9.38
C GLN B 869 -31.50 40.27 -7.88
N TYR B 870 -31.06 39.25 -7.15
CA TYR B 870 -31.09 39.31 -5.69
C TYR B 870 -30.34 40.53 -5.15
N THR B 871 -29.15 40.79 -5.68
CA THR B 871 -28.39 41.93 -5.19
C THR B 871 -29.14 43.24 -5.44
N SER B 872 -29.76 43.37 -6.61
CA SER B 872 -30.53 44.57 -6.92
C SER B 872 -31.77 44.66 -6.03
N ALA B 873 -32.41 43.54 -5.74
CA ALA B 873 -33.56 43.56 -4.84
C ALA B 873 -33.16 44.00 -3.44
N LEU B 874 -32.04 43.49 -2.95
CA LEU B 874 -31.55 43.91 -1.64
C LEU B 874 -31.21 45.39 -1.65
N LEU B 875 -30.58 45.87 -2.71
CA LEU B 875 -30.25 47.29 -2.80
C LEU B 875 -31.50 48.15 -2.83
N ALA B 876 -32.51 47.74 -3.60
CA ALA B 876 -33.74 48.52 -3.68
C ALA B 876 -34.48 48.54 -2.36
N GLY B 877 -34.55 47.39 -1.69
CA GLY B 877 -35.18 47.36 -0.37
C GLY B 877 -34.44 48.20 0.64
N THR B 878 -33.10 48.13 0.64
CA THR B 878 -32.30 48.94 1.55
C THR B 878 -32.47 50.42 1.28
N ILE B 879 -32.52 50.80 0.00
CA ILE B 879 -32.61 52.21 -0.35
C ILE B 879 -33.97 52.77 0.01
N THR B 880 -35.05 52.07 -0.38
CA THR B 880 -36.38 52.62 -0.19
C THR B 880 -36.95 52.31 1.19
N SER B 881 -37.00 51.03 1.56
CA SER B 881 -37.66 50.60 2.78
C SER B 881 -36.77 50.62 4.00
N GLY B 882 -35.47 50.85 3.85
CA GLY B 882 -34.60 50.82 5.02
C GLY B 882 -34.29 49.38 5.42
N TRP B 883 -34.28 49.13 6.72
CA TRP B 883 -34.12 47.76 7.19
C TRP B 883 -35.45 47.06 7.40
N THR B 884 -36.57 47.74 7.18
CA THR B 884 -37.87 47.14 7.43
C THR B 884 -38.17 45.98 6.49
N PHE B 885 -37.49 45.89 5.35
CA PHE B 885 -37.80 44.83 4.41
C PHE B 885 -37.24 43.48 4.86
N GLY B 886 -36.43 43.45 5.91
CA GLY B 886 -35.94 42.20 6.44
C GLY B 886 -36.65 41.71 7.67
N ALA B 887 -37.59 42.48 8.20
CA ALA B 887 -38.32 42.15 9.41
C ALA B 887 -39.82 42.30 9.25
N GLY B 888 -40.35 42.08 8.06
CA GLY B 888 -41.76 42.25 7.81
C GLY B 888 -42.01 42.71 6.39
N PRO B 889 -43.13 43.39 6.15
CA PRO B 889 -43.35 43.99 4.84
C PRO B 889 -42.43 45.19 4.65
N ALA B 890 -41.92 45.33 3.43
CA ALA B 890 -41.07 46.48 3.13
C ALA B 890 -41.87 47.75 3.28
N LEU B 891 -41.31 48.71 4.00
CA LEU B 891 -42.03 49.89 4.42
C LEU B 891 -41.33 51.12 3.88
N GLN B 892 -41.97 51.82 2.95
CA GLN B 892 -41.33 52.94 2.28
C GLN B 892 -40.98 54.04 3.29
N ILE B 893 -39.85 54.70 3.04
CA ILE B 893 -39.39 55.80 3.87
C ILE B 893 -38.36 56.60 3.07
N PRO B 894 -38.44 57.94 3.07
CA PRO B 894 -37.46 58.72 2.32
C PRO B 894 -36.04 58.42 2.79
N PHE B 895 -35.12 58.33 1.85
CA PHE B 895 -33.75 57.95 2.21
C PHE B 895 -33.08 58.90 3.19
N PRO B 896 -33.19 60.22 3.09
CA PRO B 896 -32.66 61.05 4.18
C PRO B 896 -33.23 60.67 5.53
N MET B 897 -34.50 60.31 5.60
CA MET B 897 -35.06 59.87 6.88
C MET B 897 -34.44 58.56 7.34
N GLN B 898 -34.21 57.63 6.41
CA GLN B 898 -33.59 56.37 6.81
C GLN B 898 -32.17 56.61 7.33
N MET B 899 -31.41 57.46 6.66
CA MET B 899 -30.05 57.71 7.13
C MET B 899 -30.07 58.49 8.44
N ALA B 900 -31.11 59.29 8.68
CA ALA B 900 -31.28 59.90 9.98
C ALA B 900 -31.51 58.85 11.05
N TYR B 901 -32.29 57.82 10.72
CA TYR B 901 -32.48 56.73 11.68
C TYR B 901 -31.19 55.97 11.95
N ARG B 902 -30.37 55.78 10.91
CA ARG B 902 -29.07 55.17 11.12
C ARG B 902 -28.19 56.03 12.03
N PHE B 903 -28.22 57.35 11.83
CA PHE B 903 -27.51 58.24 12.74
C PHE B 903 -28.02 58.07 14.17
N ASN B 904 -29.33 58.03 14.36
CA ASN B 904 -29.87 57.76 15.69
C ASN B 904 -29.33 56.45 16.23
N GLY B 905 -29.14 55.46 15.36
CA GLY B 905 -28.60 54.19 15.81
C GLY B 905 -27.19 54.32 16.34
N ILE B 906 -26.33 55.09 15.67
CA ILE B 906 -24.95 55.19 16.12
C ILE B 906 -24.76 56.13 17.30
N GLY B 907 -25.82 56.77 17.77
CA GLY B 907 -25.71 57.68 18.89
C GLY B 907 -25.58 59.14 18.54
N VAL B 908 -25.78 59.50 17.27
CA VAL B 908 -25.73 60.88 16.80
C VAL B 908 -27.16 61.30 16.47
N THR B 909 -27.64 62.34 17.15
CA THR B 909 -29.03 62.74 16.96
C THR B 909 -29.29 63.10 15.51
N GLN B 910 -30.54 62.91 15.08
CA GLN B 910 -30.90 63.13 13.69
C GLN B 910 -30.76 64.59 13.29
N ASN B 911 -30.60 65.49 14.25
CA ASN B 911 -30.30 66.88 13.96
C ASN B 911 -29.15 67.00 12.98
N VAL B 912 -28.10 66.20 13.20
CA VAL B 912 -26.85 66.37 12.49
C VAL B 912 -27.05 66.16 10.99
N LEU B 913 -27.75 65.10 10.61
CA LEU B 913 -27.92 64.83 9.18
C LEU B 913 -28.75 65.90 8.50
N TYR B 914 -29.93 66.18 9.05
CA TYR B 914 -30.81 67.16 8.40
C TYR B 914 -30.14 68.52 8.30
N GLU B 915 -29.21 68.81 9.21
CA GLU B 915 -28.49 70.06 9.13
C GLU B 915 -27.23 69.95 8.29
N ASN B 916 -26.86 68.75 7.85
CA ASN B 916 -25.70 68.54 7.02
C ASN B 916 -26.01 67.59 5.86
N GLN B 917 -27.21 67.67 5.33
CA GLN B 917 -27.62 66.71 4.31
C GLN B 917 -26.78 66.83 3.05
N LYS B 918 -26.50 68.06 2.61
CA LYS B 918 -25.73 68.25 1.39
C LYS B 918 -24.30 67.74 1.55
N LEU B 919 -23.65 68.11 2.66
CA LEU B 919 -22.29 67.67 2.89
C LEU B 919 -22.21 66.17 3.03
N ILE B 920 -23.17 65.57 3.74
CA ILE B 920 -23.16 64.12 3.90
C ILE B 920 -23.40 63.43 2.56
N ALA B 921 -24.31 63.98 1.75
CA ALA B 921 -24.56 63.39 0.44
C ALA B 921 -23.32 63.45 -0.43
N ASN B 922 -22.62 64.60 -0.42
CA ASN B 922 -21.39 64.72 -1.20
C ASN B 922 -20.32 63.77 -0.70
N GLN B 923 -20.20 63.63 0.63
CA GLN B 923 -19.21 62.71 1.18
C GLN B 923 -19.53 61.27 0.78
N PHE B 924 -20.81 60.89 0.83
CA PHE B 924 -21.18 59.54 0.43
C PHE B 924 -20.89 59.30 -1.05
N ASN B 925 -21.25 60.25 -1.90
CA ASN B 925 -21.00 60.09 -3.33
C ASN B 925 -19.50 60.00 -3.62
N SER B 926 -18.71 60.88 -2.99
CA SER B 926 -17.27 60.85 -3.20
C SER B 926 -16.66 59.55 -2.68
N ALA B 927 -17.16 59.05 -1.56
CA ALA B 927 -16.66 57.78 -1.03
C ALA B 927 -16.97 56.64 -1.99
N ILE B 928 -18.17 56.64 -2.58
CA ILE B 928 -18.50 55.63 -3.58
C ILE B 928 -17.57 55.75 -4.78
N GLY B 929 -17.31 56.97 -5.23
CA GLY B 929 -16.42 57.16 -6.37
C GLY B 929 -14.99 56.71 -6.09
N LYS B 930 -14.50 57.02 -4.88
CA LYS B 930 -13.15 56.59 -4.52
C LYS B 930 -13.07 55.09 -4.39
N ILE B 931 -14.13 54.44 -3.89
CA ILE B 931 -14.18 52.98 -3.90
C ILE B 931 -14.13 52.47 -5.33
N GLN B 932 -14.87 53.12 -6.22
CA GLN B 932 -14.85 52.75 -7.62
C GLN B 932 -13.43 52.75 -8.17
N ASP B 933 -12.72 53.86 -7.96
CA ASP B 933 -11.37 53.99 -8.52
C ASP B 933 -10.37 53.07 -7.83
N SER B 934 -10.49 52.90 -6.51
CA SER B 934 -9.57 52.03 -5.80
C SER B 934 -9.72 50.58 -6.26
N LEU B 935 -10.95 50.14 -6.48
CA LEU B 935 -11.14 48.83 -7.10
C LEU B 935 -10.55 48.81 -8.51
N SER B 936 -10.74 49.89 -9.27
CA SER B 936 -10.27 49.93 -10.65
C SER B 936 -8.76 49.81 -10.73
N SER B 937 -8.03 50.41 -9.79
CA SER B 937 -6.58 50.51 -9.87
C SER B 937 -5.87 49.32 -9.24
N THR B 938 -6.14 49.05 -7.97
CA THR B 938 -5.38 48.05 -7.23
C THR B 938 -5.59 46.66 -7.82
N PRO B 939 -4.52 45.91 -8.10
CA PRO B 939 -4.70 44.57 -8.67
C PRO B 939 -5.08 43.52 -7.65
N SER B 940 -4.59 43.62 -6.42
CA SER B 940 -4.88 42.64 -5.38
C SER B 940 -6.08 43.04 -4.52
N ALA B 941 -6.93 43.93 -5.02
CA ALA B 941 -8.12 44.33 -4.27
C ALA B 941 -9.06 43.14 -4.06
N LEU B 942 -9.24 42.33 -5.10
CA LEU B 942 -10.11 41.16 -5.07
C LEU B 942 -9.32 39.90 -4.81
N GLY B 943 -8.33 40.00 -3.92
CA GLY B 943 -7.40 38.90 -3.72
C GLY B 943 -8.06 37.63 -3.20
N LYS B 944 -9.09 37.75 -2.37
CA LYS B 944 -9.67 36.56 -1.75
C LYS B 944 -10.36 35.67 -2.78
N LEU B 945 -11.22 36.25 -3.62
CA LEU B 945 -11.92 35.46 -4.62
C LEU B 945 -10.95 34.85 -5.63
N GLN B 946 -9.98 35.65 -6.07
CA GLN B 946 -8.99 35.13 -7.01
C GLN B 946 -8.15 34.03 -6.37
N ASP B 947 -7.86 34.16 -5.08
CA ASP B 947 -7.14 33.10 -4.38
C ASP B 947 -7.95 31.83 -4.34
N VAL B 948 -9.26 31.93 -4.10
CA VAL B 948 -10.11 30.75 -4.08
C VAL B 948 -10.11 30.08 -5.46
N VAL B 949 -10.29 30.89 -6.51
CA VAL B 949 -10.34 30.34 -7.86
C VAL B 949 -9.01 29.69 -8.23
N ASN B 950 -7.90 30.36 -7.91
CA ASN B 950 -6.59 29.83 -8.23
C ASN B 950 -6.32 28.56 -7.45
N GLN B 951 -6.73 28.50 -6.19
CA GLN B 951 -6.51 27.30 -5.40
C GLN B 951 -7.27 26.11 -5.97
N ASN B 952 -8.54 26.32 -6.34
CA ASN B 952 -9.29 25.22 -6.96
C ASN B 952 -8.67 24.81 -8.28
N ALA B 953 -8.27 25.77 -9.11
CA ALA B 953 -7.66 25.44 -10.40
C ALA B 953 -6.35 24.71 -10.21
N GLN B 954 -5.55 25.11 -9.23
CA GLN B 954 -4.29 24.43 -8.98
C GLN B 954 -4.50 23.02 -8.47
N ALA B 955 -5.51 22.81 -7.64
CA ALA B 955 -5.83 21.45 -7.20
C ALA B 955 -6.25 20.58 -8.38
N LEU B 956 -7.08 21.12 -9.27
CA LEU B 956 -7.50 20.35 -10.44
C LEU B 956 -6.31 20.03 -11.34
N ASN B 957 -5.42 21.00 -11.56
CA ASN B 957 -4.25 20.76 -12.40
C ASN B 957 -3.33 19.75 -11.75
N THR B 958 -3.22 19.78 -10.42
CA THR B 958 -2.42 18.77 -9.72
C THR B 958 -3.00 17.38 -9.94
N LEU B 959 -4.32 17.26 -9.89
CA LEU B 959 -4.94 15.96 -10.15
C LEU B 959 -4.66 15.49 -11.57
N VAL B 960 -4.82 16.38 -12.55
CA VAL B 960 -4.61 16.00 -13.94
C VAL B 960 -3.16 15.60 -14.17
N LYS B 961 -2.21 16.33 -13.57
CA LYS B 961 -0.82 15.93 -13.66
C LYS B 961 -0.57 14.59 -12.98
N GLN B 962 -1.21 14.36 -11.84
CA GLN B 962 -1.05 13.09 -11.13
C GLN B 962 -1.54 11.93 -11.98
N LEU B 963 -2.44 12.20 -12.93
CA LEU B 963 -2.78 11.16 -13.90
C LEU B 963 -1.54 10.68 -14.67
N SER B 964 -0.52 11.52 -14.79
CA SER B 964 0.64 11.21 -15.62
C SER B 964 1.81 10.62 -14.83
N SER B 965 1.61 10.24 -13.57
CA SER B 965 2.72 9.74 -12.76
C SER B 965 2.81 8.23 -12.82
N ASN B 966 4.04 7.72 -12.73
CA ASN B 966 4.27 6.28 -12.79
C ASN B 966 3.64 5.58 -11.60
N PHE B 967 3.80 6.14 -10.41
CA PHE B 967 3.39 5.52 -9.15
C PHE B 967 4.08 4.18 -8.93
N GLY B 968 5.28 4.04 -9.49
CA GLY B 968 6.01 2.79 -9.39
C GLY B 968 5.70 1.78 -10.47
N ALA B 969 4.70 2.03 -11.30
CA ALA B 969 4.37 1.13 -12.38
C ALA B 969 5.38 1.29 -13.52
N ILE B 970 5.25 0.42 -14.52
CA ILE B 970 6.18 0.47 -15.65
C ILE B 970 6.02 1.78 -16.41
N SER B 971 4.80 2.23 -16.61
CA SER B 971 4.56 3.47 -17.33
C SER B 971 3.27 4.10 -16.82
N SER B 972 3.13 5.40 -17.05
CA SER B 972 1.96 6.11 -16.58
C SER B 972 0.73 5.83 -17.44
N VAL B 973 0.93 5.67 -18.75
CA VAL B 973 -0.19 5.50 -19.66
C VAL B 973 -0.75 4.08 -19.53
N LEU B 974 -2.07 3.98 -19.57
CA LEU B 974 -2.75 2.73 -19.28
C LEU B 974 -2.56 1.71 -20.41
N ASN B 975 -2.73 2.16 -21.66
CA ASN B 975 -2.77 1.24 -22.79
C ASN B 975 -1.42 0.59 -23.01
N ASP B 976 -0.32 1.31 -22.77
CA ASP B 976 0.99 0.70 -22.91
C ASP B 976 1.19 -0.40 -21.87
N ILE B 977 0.71 -0.17 -20.65
CA ILE B 977 0.76 -1.21 -19.63
C ILE B 977 -0.02 -2.44 -20.09
N LEU B 978 -1.21 -2.21 -20.63
CA LEU B 978 -2.02 -3.34 -21.09
C LEU B 978 -1.35 -4.11 -22.22
N SER B 979 -0.76 -3.40 -23.18
CA SER B 979 -0.21 -4.07 -24.36
C SER B 979 1.10 -4.78 -24.03
N ARG B 980 1.99 -4.12 -23.28
CA ARG B 980 3.33 -4.66 -23.07
C ARG B 980 3.30 -5.98 -22.30
N LEU B 981 2.43 -6.08 -21.30
CA LEU B 981 2.49 -7.17 -20.35
C LEU B 981 1.29 -8.10 -20.48
N ASP B 982 1.50 -9.36 -20.13
CA ASP B 982 0.44 -10.34 -20.09
C ASP B 982 -0.48 -10.08 -18.90
N PRO B 983 -1.69 -10.62 -18.91
CA PRO B 983 -2.68 -10.31 -17.85
C PRO B 983 -2.15 -10.53 -16.45
N PRO B 984 -1.34 -11.58 -16.17
CA PRO B 984 -0.84 -11.75 -14.79
C PRO B 984 -0.08 -10.54 -14.25
N GLU B 985 0.98 -10.12 -14.95
CA GLU B 985 1.75 -8.96 -14.52
C GLU B 985 1.02 -7.65 -14.78
N ALA B 986 0.19 -7.60 -15.82
CA ALA B 986 -0.65 -6.44 -16.02
C ALA B 986 -1.52 -6.18 -14.81
N GLU B 987 -2.01 -7.24 -14.16
CA GLU B 987 -2.86 -7.04 -12.98
C GLU B 987 -2.12 -6.31 -11.88
N VAL B 988 -0.88 -6.70 -11.59
CA VAL B 988 -0.15 -6.06 -10.50
C VAL B 988 0.25 -4.64 -10.88
N GLN B 989 0.64 -4.43 -12.15
CA GLN B 989 0.97 -3.07 -12.58
C GLN B 989 -0.24 -2.15 -12.48
N ILE B 990 -1.40 -2.63 -12.94
CA ILE B 990 -2.63 -1.86 -12.87
C ILE B 990 -3.03 -1.63 -11.43
N ASP B 991 -2.79 -2.61 -10.55
CA ASP B 991 -3.12 -2.42 -9.14
C ASP B 991 -2.26 -1.32 -8.53
N ARG B 992 -0.97 -1.28 -8.87
CA ARG B 992 -0.11 -0.21 -8.39
C ARG B 992 -0.60 1.15 -8.90
N LEU B 993 -0.93 1.21 -10.19
CA LEU B 993 -1.39 2.48 -10.75
C LEU B 993 -2.73 2.88 -10.15
N ILE B 994 -3.59 1.92 -9.86
CA ILE B 994 -4.87 2.19 -9.22
C ILE B 994 -4.67 2.74 -7.81
N THR B 995 -3.76 2.13 -7.04
CA THR B 995 -3.48 2.65 -5.72
C THR B 995 -2.98 4.09 -5.80
N GLY B 996 -2.08 4.36 -6.75
CA GLY B 996 -1.56 5.71 -6.88
C GLY B 996 -2.65 6.71 -7.23
N ARG B 997 -3.47 6.38 -8.23
CA ARG B 997 -4.51 7.31 -8.65
C ARG B 997 -5.58 7.47 -7.58
N LEU B 998 -5.93 6.39 -6.89
CA LEU B 998 -6.91 6.47 -5.82
C LEU B 998 -6.41 7.31 -4.66
N GLN B 999 -5.14 7.16 -4.29
CA GLN B 999 -4.56 8.01 -3.25
C GLN B 999 -4.58 9.47 -3.69
N SER B 1000 -4.23 9.73 -4.96
CA SER B 1000 -4.23 11.10 -5.44
C SER B 1000 -5.64 11.71 -5.40
N LEU B 1001 -6.64 10.95 -5.83
CA LEU B 1001 -7.99 11.49 -5.87
C LEU B 1001 -8.55 11.61 -4.46
N GLN B 1002 -8.20 10.71 -3.56
CA GLN B 1002 -8.62 10.85 -2.16
C GLN B 1002 -8.00 12.08 -1.54
N THR B 1003 -6.73 12.36 -1.84
CA THR B 1003 -6.11 13.60 -1.38
C THR B 1003 -6.85 14.81 -1.92
N TYR B 1004 -7.20 14.78 -3.21
CA TYR B 1004 -7.96 15.89 -3.78
C TYR B 1004 -9.29 16.06 -3.08
N VAL B 1005 -10.00 14.96 -2.82
CA VAL B 1005 -11.33 15.06 -2.22
C VAL B 1005 -11.23 15.55 -0.78
N THR B 1006 -10.21 15.11 -0.04
CA THR B 1006 -10.05 15.58 1.33
C THR B 1006 -9.71 17.06 1.37
N GLN B 1007 -8.81 17.50 0.50
CA GLN B 1007 -8.49 18.93 0.45
C GLN B 1007 -9.72 19.73 0.04
N GLN B 1008 -10.52 19.20 -0.88
CA GLN B 1008 -11.77 19.88 -1.25
C GLN B 1008 -12.74 19.93 -0.10
N LEU B 1009 -12.83 18.87 0.72
CA LEU B 1009 -13.72 18.92 1.87
C LEU B 1009 -13.28 19.99 2.86
N ILE B 1010 -11.98 20.09 3.11
CA ILE B 1010 -11.49 21.12 4.03
C ILE B 1010 -11.71 22.51 3.44
N ARG B 1011 -11.43 22.69 2.16
CA ARG B 1011 -11.64 23.99 1.53
C ARG B 1011 -13.12 24.35 1.50
N ALA B 1012 -13.99 23.35 1.32
CA ALA B 1012 -15.42 23.61 1.33
C ALA B 1012 -15.89 23.97 2.73
N ALA B 1013 -15.29 23.38 3.75
CA ALA B 1013 -15.60 23.81 5.12
C ALA B 1013 -15.18 25.26 5.34
N GLU B 1014 -14.00 25.64 4.84
CA GLU B 1014 -13.56 27.02 4.96
C GLU B 1014 -14.49 27.97 4.21
N ILE B 1015 -14.88 27.58 2.99
CA ILE B 1015 -15.79 28.41 2.20
C ILE B 1015 -17.16 28.47 2.85
N ARG B 1016 -17.61 27.40 3.50
CA ARG B 1016 -18.89 27.44 4.19
C ARG B 1016 -18.82 28.34 5.41
N ALA B 1017 -17.70 28.35 6.11
CA ALA B 1017 -17.54 29.30 7.20
C ALA B 1017 -17.59 30.73 6.68
N SER B 1018 -16.91 30.98 5.55
CA SER B 1018 -16.95 32.32 4.96
C SER B 1018 -18.33 32.66 4.42
N ALA B 1019 -19.07 31.67 3.91
CA ALA B 1019 -20.41 31.92 3.40
C ALA B 1019 -21.40 32.18 4.52
N ASN B 1020 -21.22 31.50 5.65
CA ASN B 1020 -22.04 31.81 6.83
C ASN B 1020 -21.69 33.18 7.37
N LEU B 1021 -20.42 33.56 7.34
CA LEU B 1021 -20.06 34.92 7.72
C LEU B 1021 -20.68 35.94 6.77
N ALA B 1022 -20.70 35.63 5.47
CA ALA B 1022 -21.30 36.54 4.49
C ALA B 1022 -22.81 36.63 4.69
N ALA B 1023 -23.46 35.51 4.99
CA ALA B 1023 -24.89 35.54 5.25
C ALA B 1023 -25.20 36.32 6.51
N THR B 1024 -24.38 36.16 7.55
CA THR B 1024 -24.55 36.95 8.77
C THR B 1024 -24.33 38.43 8.50
N LYS B 1025 -23.32 38.76 7.70
CA LYS B 1025 -23.07 40.15 7.38
C LYS B 1025 -24.22 40.74 6.59
N MET B 1026 -24.76 39.98 5.63
CA MET B 1026 -25.92 40.44 4.88
C MET B 1026 -27.10 40.68 5.80
N SER B 1027 -27.40 39.72 6.67
CA SER B 1027 -28.54 39.84 7.55
C SER B 1027 -28.39 41.01 8.51
N GLU B 1028 -27.22 41.18 9.11
CA GLU B 1028 -27.05 42.14 10.18
C GLU B 1028 -26.56 43.51 9.70
N CYS B 1029 -26.21 43.65 8.45
CA CYS B 1029 -25.70 44.92 7.97
C CYS B 1029 -26.43 45.42 6.76
N VAL B 1030 -26.86 44.55 5.85
CA VAL B 1030 -27.69 45.00 4.74
C VAL B 1030 -29.14 45.09 5.18
N LEU B 1031 -29.62 44.09 5.90
CA LEU B 1031 -31.00 44.04 6.35
C LEU B 1031 -31.21 44.73 7.68
N GLY B 1032 -30.16 45.32 8.25
CA GLY B 1032 -30.28 46.06 9.49
C GLY B 1032 -28.99 46.80 9.75
N GLN B 1033 -28.95 47.51 10.87
CA GLN B 1033 -27.77 48.25 11.29
C GLN B 1033 -27.23 47.60 12.54
N SER B 1034 -25.96 47.19 12.50
CA SER B 1034 -25.39 46.36 13.55
C SER B 1034 -24.55 47.21 14.49
N LYS B 1035 -24.72 46.97 15.80
CA LYS B 1035 -23.94 47.64 16.83
C LYS B 1035 -22.65 46.91 17.15
N ARG B 1036 -22.41 45.77 16.53
CA ARG B 1036 -21.16 45.05 16.75
C ARG B 1036 -20.00 45.86 16.20
N VAL B 1037 -18.94 45.97 16.98
CA VAL B 1037 -17.81 46.81 16.63
C VAL B 1037 -16.93 46.09 15.62
N ASP B 1038 -16.53 46.81 14.57
CA ASP B 1038 -15.66 46.31 13.51
C ASP B 1038 -16.23 45.10 12.80
N PHE B 1039 -17.51 44.76 13.04
CA PHE B 1039 -18.11 43.68 12.29
C PHE B 1039 -18.38 44.11 10.85
N CYS B 1040 -18.89 45.32 10.67
CA CYS B 1040 -19.23 45.85 9.35
C CYS B 1040 -18.59 47.22 9.20
N GLY B 1041 -17.34 47.24 8.77
CA GLY B 1041 -16.61 48.47 8.52
C GLY B 1041 -15.92 48.98 9.77
N LYS B 1042 -14.84 49.73 9.55
CA LYS B 1042 -14.11 50.37 10.63
C LYS B 1042 -14.80 51.68 10.94
N GLY B 1043 -15.48 51.72 12.08
CA GLY B 1043 -16.24 52.89 12.49
C GLY B 1043 -17.64 52.51 12.88
N TYR B 1044 -18.42 53.53 13.24
CA TYR B 1044 -19.81 53.32 13.59
C TYR B 1044 -20.61 53.00 12.34
N HIS B 1045 -21.22 51.81 12.31
CA HIS B 1045 -21.87 51.33 11.11
C HIS B 1045 -23.09 52.18 10.77
N LEU B 1046 -23.25 52.47 9.49
CA LEU B 1046 -24.44 53.16 9.00
C LEU B 1046 -25.28 52.28 8.09
N MET B 1047 -24.69 51.71 7.05
CA MET B 1047 -25.42 50.87 6.11
C MET B 1047 -24.49 49.79 5.58
N SER B 1048 -24.92 49.10 4.53
CA SER B 1048 -24.07 48.21 3.77
C SER B 1048 -24.79 47.88 2.46
N PHE B 1049 -24.02 47.73 1.40
CA PHE B 1049 -24.58 47.43 0.09
C PHE B 1049 -23.94 46.17 -0.46
N PRO B 1050 -24.70 45.11 -0.70
CA PRO B 1050 -24.12 43.93 -1.34
C PRO B 1050 -23.81 44.21 -2.79
N GLN B 1051 -22.74 43.58 -3.28
CA GLN B 1051 -22.40 43.62 -4.70
C GLN B 1051 -21.93 42.23 -5.09
N SER B 1052 -22.65 41.60 -6.00
CA SER B 1052 -22.29 40.26 -6.42
C SER B 1052 -20.96 40.28 -7.15
N ALA B 1053 -20.07 39.39 -6.76
CA ALA B 1053 -18.77 39.22 -7.40
C ALA B 1053 -18.60 37.76 -7.75
N PRO B 1054 -17.75 37.44 -8.73
CA PRO B 1054 -17.62 36.03 -9.14
C PRO B 1054 -17.25 35.14 -7.99
N HIS B 1055 -18.13 34.21 -7.66
CA HIS B 1055 -17.91 33.24 -6.59
C HIS B 1055 -17.68 33.94 -5.25
N GLY B 1056 -18.50 34.94 -4.96
CA GLY B 1056 -18.32 35.68 -3.73
C GLY B 1056 -19.31 36.82 -3.65
N VAL B 1057 -19.10 37.67 -2.65
CA VAL B 1057 -19.93 38.84 -2.45
C VAL B 1057 -19.05 39.97 -1.94
N VAL B 1058 -19.38 41.20 -2.31
CA VAL B 1058 -18.63 42.38 -1.91
C VAL B 1058 -19.58 43.30 -1.15
N PHE B 1059 -19.16 43.71 0.04
CA PHE B 1059 -19.94 44.61 0.88
C PHE B 1059 -19.28 45.97 0.90
N LEU B 1060 -20.07 47.02 0.69
CA LEU B 1060 -19.57 48.40 0.78
C LEU B 1060 -20.10 48.96 2.10
N HIS B 1061 -19.39 48.69 3.19
CA HIS B 1061 -19.84 49.09 4.50
C HIS B 1061 -19.73 50.60 4.65
N VAL B 1062 -20.86 51.29 4.60
CA VAL B 1062 -20.88 52.74 4.80
C VAL B 1062 -20.85 53.01 6.30
N THR B 1063 -19.80 53.70 6.76
CA THR B 1063 -19.55 53.88 8.18
C THR B 1063 -19.38 55.35 8.50
N TYR B 1064 -19.60 55.68 9.77
CA TYR B 1064 -19.47 57.04 10.28
C TYR B 1064 -18.19 57.11 11.10
N VAL B 1065 -17.23 57.92 10.65
CA VAL B 1065 -15.95 58.07 11.32
C VAL B 1065 -15.78 59.52 11.74
N PRO B 1066 -15.74 59.82 13.03
CA PRO B 1066 -15.49 61.20 13.45
C PRO B 1066 -14.11 61.67 13.04
N ALA B 1067 -13.97 62.96 12.80
CA ALA B 1067 -12.78 63.49 12.15
C ALA B 1067 -12.00 64.47 12.99
N GLN B 1068 -12.56 65.62 13.33
CA GLN B 1068 -11.80 66.73 13.91
C GLN B 1068 -12.17 66.87 15.37
N GLU B 1069 -11.34 66.28 16.24
CA GLU B 1069 -11.58 66.41 17.66
C GLU B 1069 -11.02 67.73 18.17
N LYS B 1070 -11.35 68.03 19.42
CA LYS B 1070 -10.75 69.16 20.11
C LYS B 1070 -10.93 68.97 21.60
N ASN B 1071 -9.90 69.34 22.36
CA ASN B 1071 -9.87 69.09 23.80
C ASN B 1071 -10.97 69.85 24.51
N PHE B 1072 -11.35 69.34 25.68
CA PHE B 1072 -12.33 70.01 26.50
C PHE B 1072 -12.09 69.65 27.97
N THR B 1073 -12.63 70.49 28.85
CA THR B 1073 -12.62 70.22 30.28
C THR B 1073 -13.98 69.66 30.66
N THR B 1074 -14.01 68.47 31.23
CA THR B 1074 -15.24 67.78 31.54
C THR B 1074 -15.35 67.49 33.03
N ALA B 1075 -16.58 67.42 33.51
CA ALA B 1075 -16.87 67.11 34.90
C ALA B 1075 -17.96 66.03 34.96
N PRO B 1076 -17.84 65.07 35.87
CA PRO B 1076 -18.85 64.01 35.93
C PRO B 1076 -20.24 64.49 36.26
N ALA B 1077 -20.36 65.62 36.94
CA ALA B 1077 -21.66 66.11 37.36
C ALA B 1077 -21.60 67.63 37.45
N ILE B 1078 -22.72 68.22 37.87
CA ILE B 1078 -22.80 69.66 38.07
C ILE B 1078 -23.56 69.93 39.37
N CYS B 1079 -22.92 70.62 40.29
CA CYS B 1079 -23.52 70.91 41.60
C CYS B 1079 -24.25 72.23 41.51
N HIS B 1080 -25.57 72.17 41.33
CA HIS B 1080 -26.40 73.37 41.32
C HIS B 1080 -27.45 73.23 42.41
N ASP B 1081 -27.65 74.31 43.17
CA ASP B 1081 -28.67 74.33 44.23
C ASP B 1081 -28.45 73.21 45.24
N GLY B 1082 -27.18 72.91 45.52
CA GLY B 1082 -26.85 71.89 46.50
C GLY B 1082 -27.31 70.51 46.14
N LYS B 1083 -27.22 70.14 44.86
CA LYS B 1083 -27.57 68.80 44.41
C LYS B 1083 -26.79 68.50 43.14
N ALA B 1084 -26.56 67.22 42.88
CA ALA B 1084 -25.76 66.81 41.75
C ALA B 1084 -26.65 66.63 40.52
N HIS B 1085 -26.26 67.25 39.42
CA HIS B 1085 -26.96 67.10 38.15
C HIS B 1085 -26.11 66.27 37.21
N PHE B 1086 -26.68 65.24 36.66
CA PHE B 1086 -25.99 64.39 35.70
C PHE B 1086 -26.64 64.58 34.33
N PRO B 1087 -25.88 64.48 33.25
CA PRO B 1087 -26.48 64.67 31.92
C PRO B 1087 -27.40 63.51 31.58
N ARG B 1088 -28.65 63.82 31.24
CA ARG B 1088 -29.60 62.78 30.89
C ARG B 1088 -29.10 61.99 29.68
N GLU B 1089 -28.61 62.68 28.67
CA GLU B 1089 -27.93 62.02 27.55
C GLU B 1089 -26.97 63.04 26.95
N GLY B 1090 -25.70 62.88 27.27
CA GLY B 1090 -24.70 63.80 26.78
C GLY B 1090 -23.50 63.81 27.71
N VAL B 1091 -22.59 64.75 27.44
CA VAL B 1091 -21.35 64.90 28.18
C VAL B 1091 -21.30 66.33 28.67
N PHE B 1092 -20.84 66.53 29.90
CA PHE B 1092 -20.62 67.87 30.41
C PHE B 1092 -19.24 68.33 29.95
N VAL B 1093 -19.19 69.42 29.19
CA VAL B 1093 -17.93 69.97 28.70
C VAL B 1093 -17.93 71.48 28.89
N SER B 1094 -16.75 72.06 28.84
CA SER B 1094 -16.58 73.49 28.98
C SER B 1094 -15.50 73.98 28.03
N ASN B 1095 -15.75 75.14 27.41
CA ASN B 1095 -14.74 75.78 26.58
C ASN B 1095 -13.90 76.76 27.38
N GLY B 1096 -13.41 76.29 28.52
CA GLY B 1096 -12.63 77.14 29.41
C GLY B 1096 -13.41 77.93 30.43
N THR B 1097 -14.45 78.65 29.98
CA THR B 1097 -15.20 79.53 30.87
C THR B 1097 -16.66 79.13 31.05
N HIS B 1098 -17.32 78.63 30.02
CA HIS B 1098 -18.73 78.31 30.07
C HIS B 1098 -18.93 76.81 29.93
N TRP B 1099 -19.87 76.28 30.70
CA TRP B 1099 -20.12 74.84 30.75
C TRP B 1099 -21.31 74.48 29.88
N PHE B 1100 -21.13 73.48 29.02
CA PHE B 1100 -22.14 73.01 28.10
C PHE B 1100 -22.30 71.50 28.23
N VAL B 1101 -23.48 71.02 27.86
CA VAL B 1101 -23.75 69.59 27.74
C VAL B 1101 -23.80 69.23 26.27
N THR B 1102 -23.09 68.17 25.89
CA THR B 1102 -22.88 67.85 24.49
C THR B 1102 -23.12 66.38 24.26
N GLN B 1103 -23.75 66.05 23.13
CA GLN B 1103 -23.86 64.65 22.75
C GLN B 1103 -22.48 64.06 22.54
N ARG B 1104 -22.36 62.76 22.76
CA ARG B 1104 -21.04 62.14 22.92
C ARG B 1104 -20.20 62.25 21.65
N ASN B 1105 -20.80 62.03 20.49
CA ASN B 1105 -20.04 61.82 19.27
C ASN B 1105 -20.05 63.01 18.31
N PHE B 1106 -20.50 64.18 18.75
CA PHE B 1106 -20.55 65.33 17.86
C PHE B 1106 -20.65 66.59 18.71
N TYR B 1107 -19.70 67.50 18.56
CA TYR B 1107 -19.68 68.68 19.41
C TYR B 1107 -20.84 69.57 19.03
N GLU B 1108 -21.93 69.49 19.79
CA GLU B 1108 -23.07 70.38 19.67
C GLU B 1108 -23.41 70.87 21.07
N PRO B 1109 -22.72 71.89 21.55
CA PRO B 1109 -22.94 72.35 22.93
C PRO B 1109 -24.36 72.87 23.12
N GLN B 1110 -24.92 72.57 24.29
CA GLN B 1110 -26.22 73.07 24.70
C GLN B 1110 -26.11 73.60 26.12
N ILE B 1111 -26.89 74.64 26.42
CA ILE B 1111 -26.86 75.23 27.76
C ILE B 1111 -27.40 74.22 28.75
N ILE B 1112 -26.77 74.16 29.93
CA ILE B 1112 -27.18 73.21 30.95
C ILE B 1112 -28.57 73.57 31.43
N THR B 1113 -29.45 72.58 31.48
CA THR B 1113 -30.86 72.82 31.76
C THR B 1113 -31.43 71.60 32.46
N THR B 1114 -32.55 71.79 33.17
CA THR B 1114 -33.16 70.67 33.86
C THR B 1114 -33.78 69.65 32.90
N ASP B 1115 -33.98 70.01 31.63
CA ASP B 1115 -34.53 69.05 30.68
C ASP B 1115 -33.51 68.00 30.29
N ASN B 1116 -32.28 68.41 30.00
CA ASN B 1116 -31.25 67.49 29.56
C ASN B 1116 -30.35 67.01 30.69
N THR B 1117 -30.63 67.40 31.93
CA THR B 1117 -29.92 66.91 33.10
C THR B 1117 -30.92 66.37 34.10
N PHE B 1118 -30.55 65.29 34.80
CA PHE B 1118 -31.37 64.73 35.86
C PHE B 1118 -30.58 64.76 37.16
N VAL B 1119 -31.25 65.13 38.24
CA VAL B 1119 -30.61 65.28 39.55
C VAL B 1119 -30.66 63.97 40.30
N SER B 1120 -29.59 63.67 41.03
CA SER B 1120 -29.57 62.44 41.83
C SER B 1120 -28.51 62.56 42.92
N GLY B 1121 -28.94 62.91 44.13
CA GLY B 1121 -28.02 62.94 45.26
C GLY B 1121 -27.57 64.33 45.61
N ASN B 1122 -26.46 64.40 46.34
CA ASN B 1122 -25.88 65.64 46.81
C ASN B 1122 -24.52 65.85 46.17
N CYS B 1123 -23.93 67.01 46.46
CA CYS B 1123 -22.64 67.37 45.88
C CYS B 1123 -21.46 66.77 46.61
N ASP B 1124 -21.69 66.17 47.78
CA ASP B 1124 -20.57 65.64 48.56
C ASP B 1124 -20.02 64.34 47.99
N VAL B 1125 -20.91 63.44 47.57
CA VAL B 1125 -20.50 62.07 47.28
C VAL B 1125 -19.68 62.01 45.98
N VAL B 1126 -20.07 62.77 44.97
CA VAL B 1126 -19.45 62.66 43.65
C VAL B 1126 -18.05 63.27 43.69
N ILE B 1127 -17.09 62.55 43.13
CA ILE B 1127 -15.70 63.00 43.06
C ILE B 1127 -15.49 63.65 41.70
N GLY B 1128 -15.18 64.95 41.70
CA GLY B 1128 -15.00 65.69 40.48
C GLY B 1128 -16.16 66.57 40.08
N ILE B 1129 -17.21 66.65 40.89
CA ILE B 1129 -18.35 67.50 40.59
C ILE B 1129 -17.93 68.96 40.69
N VAL B 1130 -18.37 69.78 39.73
CA VAL B 1130 -17.97 71.17 39.67
C VAL B 1130 -19.19 72.05 39.86
N ASN B 1131 -18.93 73.26 40.33
CA ASN B 1131 -19.98 74.23 40.62
C ASN B 1131 -20.41 74.93 39.33
N ASN B 1132 -21.71 75.00 39.11
CA ASN B 1132 -22.25 75.66 37.92
C ASN B 1132 -23.73 75.91 38.16
N THR B 1133 -24.34 76.64 37.25
CA THR B 1133 -25.77 76.94 37.31
C THR B 1133 -26.51 76.17 36.24
N VAL B 1134 -27.68 75.65 36.59
CA VAL B 1134 -28.53 74.90 35.66
C VAL B 1134 -29.76 75.76 35.37
N TYR B 1135 -29.90 76.14 34.11
CA TYR B 1135 -31.01 77.00 33.69
C TYR B 1135 -32.33 76.27 33.95
N ASP B 1136 -33.27 76.97 34.57
CA ASP B 1136 -34.62 76.43 34.74
C ASP B 1136 -35.51 76.94 33.62
N PRO B 1137 -35.99 76.08 32.72
CA PRO B 1137 -36.82 76.58 31.62
C PRO B 1137 -38.14 77.17 32.09
N LEU B 1138 -38.66 76.68 33.20
CA LEU B 1138 -40.00 77.02 33.65
C LEU B 1138 -40.04 78.26 34.52
N GLN B 1139 -38.89 78.90 34.75
CA GLN B 1139 -38.88 80.11 35.58
C GLN B 1139 -39.21 81.37 34.79
N PRO B 1140 -38.60 81.66 33.63
CA PRO B 1140 -38.82 82.96 32.99
C PRO B 1140 -40.26 83.28 32.64
N GLU B 1141 -41.06 82.29 32.22
CA GLU B 1141 -42.43 82.61 31.83
C GLU B 1141 -43.25 83.04 33.04
N LEU B 1142 -42.98 82.45 34.20
CA LEU B 1142 -43.60 82.94 35.44
C LEU B 1142 -43.06 84.32 35.79
N ASP B 1143 -41.76 84.53 35.58
CA ASP B 1143 -41.19 85.87 35.79
C ASP B 1143 -41.70 86.84 34.74
N SER B 1144 -41.85 86.38 33.50
CA SER B 1144 -42.36 87.24 32.42
C SER B 1144 -43.82 86.91 32.10
N THR C 22 18.36 -36.59 53.46
CA THR C 22 17.70 -35.42 54.03
C THR C 22 17.84 -34.21 53.10
N GLN C 23 16.74 -33.50 52.91
CA GLN C 23 16.72 -32.28 52.10
C GLN C 23 15.99 -31.19 52.86
N LEU C 24 16.38 -29.94 52.59
CA LEU C 24 15.86 -28.80 53.32
C LEU C 24 14.74 -28.14 52.55
N PRO C 25 13.52 -28.08 53.09
CA PRO C 25 12.41 -27.52 52.32
C PRO C 25 12.62 -26.05 52.03
N PRO C 26 12.12 -25.55 50.91
CA PRO C 26 12.31 -24.14 50.55
C PRO C 26 11.20 -23.27 51.12
N ALA C 27 11.26 -21.98 50.78
CA ALA C 27 10.28 -21.00 51.23
C ALA C 27 9.84 -20.15 50.04
N TYR C 28 8.82 -19.32 50.28
CA TYR C 28 8.28 -18.44 49.25
C TYR C 28 8.20 -17.02 49.80
N THR C 29 8.34 -16.04 48.91
CA THR C 29 8.19 -14.64 49.27
C THR C 29 7.95 -13.84 47.99
N ASN C 30 7.45 -12.62 48.18
CA ASN C 30 7.20 -11.74 47.06
C ASN C 30 8.45 -10.94 46.71
N SER C 31 8.61 -10.63 45.43
CA SER C 31 9.80 -9.96 44.95
C SER C 31 9.77 -8.46 45.16
N PHE C 32 8.65 -7.91 45.65
CA PHE C 32 8.45 -6.47 45.77
C PHE C 32 8.65 -5.87 44.38
N THR C 33 9.52 -4.89 44.20
CA THR C 33 9.85 -4.35 42.88
C THR C 33 11.36 -4.47 42.69
N ARG C 34 11.79 -5.63 42.22
CA ARG C 34 13.20 -5.93 42.02
C ARG C 34 13.34 -6.80 40.78
N GLY C 35 14.57 -6.94 40.32
CA GLY C 35 14.86 -7.71 39.13
C GLY C 35 14.74 -6.96 37.83
N VAL C 36 14.82 -5.63 37.87
CA VAL C 36 14.75 -4.79 36.68
C VAL C 36 16.17 -4.41 36.27
N TYR C 37 16.55 -4.78 35.06
CA TYR C 37 17.87 -4.50 34.52
C TYR C 37 17.76 -3.49 33.38
N TYR C 38 18.89 -2.92 33.01
CA TYR C 38 18.92 -2.04 31.86
C TYR C 38 18.72 -2.87 30.61
N PRO C 39 17.67 -2.62 29.82
CA PRO C 39 17.44 -3.47 28.64
C PRO C 39 18.56 -3.43 27.61
N ASP C 40 19.26 -2.31 27.50
CA ASP C 40 20.30 -2.17 26.50
C ASP C 40 21.31 -1.12 26.97
N LYS C 41 22.26 -0.80 26.10
CA LYS C 41 23.34 0.13 26.42
C LYS C 41 23.01 1.56 26.07
N VAL C 42 21.79 1.85 25.63
CA VAL C 42 21.41 3.20 25.23
C VAL C 42 21.37 4.10 26.45
N PHE C 43 21.96 5.29 26.33
CA PHE C 43 21.86 6.30 27.38
C PHE C 43 20.64 7.17 27.09
N ARG C 44 19.75 7.26 28.07
CA ARG C 44 18.53 8.06 27.94
C ARG C 44 18.40 8.94 29.17
N SER C 45 17.98 10.18 28.96
CA SER C 45 17.95 11.18 30.02
C SER C 45 16.54 11.73 30.18
N SER C 46 16.00 11.61 31.40
CA SER C 46 14.72 12.19 31.78
C SER C 46 13.61 11.80 30.82
N VAL C 47 13.58 10.52 30.44
CA VAL C 47 12.59 10.00 29.51
C VAL C 47 12.04 8.70 30.06
N LEU C 48 10.74 8.50 29.87
CA LEU C 48 10.04 7.29 30.29
C LEU C 48 9.99 6.36 29.09
N HIS C 49 10.91 5.41 29.01
CA HIS C 49 11.03 4.52 27.87
C HIS C 49 10.27 3.23 28.14
N SER C 50 9.26 2.96 27.32
CA SER C 50 8.48 1.74 27.43
C SER C 50 9.07 0.69 26.51
N THR C 51 9.59 -0.40 27.09
CA THR C 51 10.18 -1.47 26.32
C THR C 51 9.58 -2.80 26.73
N GLN C 52 9.53 -3.72 25.78
CA GLN C 52 9.02 -5.07 26.02
C GLN C 52 10.20 -6.04 26.00
N ASP C 53 10.39 -6.76 27.09
CA ASP C 53 11.52 -7.67 27.21
C ASP C 53 11.21 -8.65 28.32
N LEU C 54 12.07 -9.66 28.44
CA LEU C 54 11.95 -10.62 29.52
C LEU C 54 12.29 -9.95 30.85
N PHE C 55 11.35 -9.99 31.78
CA PHE C 55 11.49 -9.27 33.04
C PHE C 55 10.92 -10.13 34.16
N LEU C 56 11.31 -9.79 35.39
CA LEU C 56 10.70 -10.41 36.56
C LEU C 56 9.48 -9.61 36.97
N PRO C 57 8.28 -10.19 36.88
CA PRO C 57 7.07 -9.41 37.19
C PRO C 57 7.10 -8.90 38.62
N PHE C 58 6.57 -7.69 38.81
CA PHE C 58 6.52 -7.10 40.13
C PHE C 58 5.67 -7.93 41.06
N PHE C 59 6.14 -8.10 42.31
CA PHE C 59 5.45 -8.82 43.37
C PHE C 59 5.27 -10.30 43.05
N SER C 60 5.93 -10.80 42.01
CA SER C 60 5.83 -12.22 41.67
C SER C 60 6.53 -13.06 42.73
N ASN C 61 5.98 -14.26 42.96
CA ASN C 61 6.55 -15.15 43.96
C ASN C 61 7.94 -15.59 43.56
N VAL C 62 8.93 -15.22 44.38
CA VAL C 62 10.30 -15.68 44.22
C VAL C 62 10.55 -16.75 45.27
N THR C 63 10.97 -17.93 44.81
CA THR C 63 11.12 -19.07 45.70
C THR C 63 12.44 -18.98 46.45
N TRP C 64 12.36 -19.07 47.77
CA TRP C 64 13.52 -18.91 48.64
C TRP C 64 13.98 -20.29 49.11
N PHE C 65 15.25 -20.60 48.87
CA PHE C 65 15.82 -21.89 49.23
C PHE C 65 16.81 -21.72 50.38
N HIS C 66 17.16 -22.86 50.97
CA HIS C 66 18.30 -22.99 51.88
C HIS C 66 19.21 -24.05 51.29
N ALA C 67 20.37 -23.64 50.78
CA ALA C 67 21.23 -24.58 50.06
C ALA C 67 21.70 -25.69 50.99
N ILE C 68 22.28 -25.34 52.13
CA ILE C 68 22.73 -26.33 53.10
C ILE C 68 22.46 -25.79 54.50
N HIS C 69 22.40 -26.71 55.46
CA HIS C 69 22.26 -26.34 56.86
C HIS C 69 22.80 -27.45 57.73
N VAL C 70 23.45 -27.07 58.83
CA VAL C 70 23.99 -28.00 59.80
C VAL C 70 23.29 -27.73 61.14
N SER C 71 22.70 -28.78 61.71
CA SER C 71 21.99 -28.65 62.98
C SER C 71 22.83 -29.12 64.15
N ASN C 74 24.01 -31.83 67.43
CA ASN C 74 24.12 -33.06 66.67
C ASN C 74 24.90 -32.84 65.37
N GLY C 75 24.85 -31.62 64.86
CA GLY C 75 25.52 -31.31 63.60
C GLY C 75 24.96 -32.05 62.41
N THR C 76 23.64 -32.09 62.27
CA THR C 76 23.02 -32.84 61.17
C THR C 76 23.42 -32.26 59.82
N LYS C 77 23.99 -33.10 58.97
CA LYS C 77 24.42 -32.69 57.64
C LYS C 77 23.26 -32.80 56.67
N ARG C 78 22.84 -31.67 56.12
CA ARG C 78 21.75 -31.61 55.16
C ARG C 78 22.23 -30.87 53.91
N PHE C 79 21.99 -31.45 52.75
CA PHE C 79 22.43 -30.89 51.47
C PHE C 79 21.22 -30.74 50.55
N ASP C 80 20.99 -29.54 50.05
CA ASP C 80 19.93 -29.27 49.08
C ASP C 80 20.43 -28.26 48.05
N ASN C 81 20.97 -28.76 46.94
CA ASN C 81 21.39 -27.95 45.80
C ASN C 81 20.69 -28.52 44.57
N PRO C 82 19.40 -28.28 44.43
CA PRO C 82 18.61 -28.99 43.41
C PRO C 82 18.69 -28.34 42.04
N VAL C 83 18.43 -29.16 41.03
CA VAL C 83 18.33 -28.66 39.67
C VAL C 83 17.02 -27.90 39.50
N LEU C 84 17.11 -26.68 38.96
CA LEU C 84 15.93 -25.88 38.74
C LEU C 84 15.74 -25.63 37.26
N PRO C 85 14.49 -25.54 36.80
CA PRO C 85 14.25 -25.23 35.37
C PRO C 85 14.74 -23.85 35.02
N PHE C 86 15.63 -23.78 34.03
CA PHE C 86 16.14 -22.51 33.52
C PHE C 86 15.43 -22.23 32.20
N ASN C 87 14.29 -21.54 32.29
CA ASN C 87 13.52 -21.17 31.11
C ASN C 87 13.33 -19.66 31.12
N ASP C 88 13.66 -19.01 30.00
CA ASP C 88 13.46 -17.58 29.83
C ASP C 88 14.16 -16.77 30.92
N GLY C 89 15.29 -17.26 31.40
CA GLY C 89 16.10 -16.54 32.36
C GLY C 89 15.66 -16.74 33.80
N VAL C 90 16.56 -16.38 34.71
CA VAL C 90 16.35 -16.55 36.15
C VAL C 90 16.94 -15.35 36.86
N TYR C 91 16.22 -14.84 37.86
CA TYR C 91 16.68 -13.75 38.71
C TYR C 91 17.22 -14.35 40.00
N PHE C 92 18.53 -14.32 40.18
CA PHE C 92 19.20 -14.91 41.33
C PHE C 92 19.64 -13.81 42.29
N ALA C 93 19.34 -13.99 43.57
CA ALA C 93 19.75 -13.04 44.60
C ALA C 93 20.00 -13.81 45.89
N SER C 94 20.99 -13.35 46.65
CA SER C 94 21.35 -14.03 47.89
C SER C 94 22.12 -13.07 48.80
N THR C 95 22.24 -13.46 50.07
CA THR C 95 22.96 -12.69 51.07
C THR C 95 23.98 -13.60 51.75
N GLU C 96 25.14 -13.03 52.07
CA GLU C 96 26.19 -13.78 52.74
C GLU C 96 27.15 -12.80 53.38
N LYS C 97 28.19 -13.36 54.02
CA LYS C 97 29.27 -12.56 54.58
C LYS C 97 30.65 -12.98 54.09
N SER C 98 30.84 -14.25 53.72
CA SER C 98 32.15 -14.76 53.33
C SER C 98 32.14 -15.44 51.97
N ASN C 99 31.24 -15.04 51.06
CA ASN C 99 31.18 -15.60 49.70
C ASN C 99 31.00 -17.11 49.74
N ILE C 100 29.99 -17.54 50.50
CA ILE C 100 29.70 -18.96 50.63
C ILE C 100 29.31 -19.55 49.27
N ILE C 101 28.43 -18.87 48.55
CA ILE C 101 28.06 -19.27 47.20
C ILE C 101 29.15 -18.77 46.25
N ARG C 102 29.66 -19.66 45.40
CA ARG C 102 30.80 -19.33 44.57
C ARG C 102 30.56 -19.46 43.07
N GLY C 103 29.37 -19.83 42.64
CA GLY C 103 29.12 -19.96 41.21
C GLY C 103 27.83 -20.72 40.94
N TRP C 104 27.66 -21.06 39.67
CA TRP C 104 26.46 -21.72 39.19
C TRP C 104 26.81 -22.67 38.05
N ILE C 105 25.89 -23.58 37.77
CA ILE C 105 25.99 -24.51 36.65
C ILE C 105 24.82 -24.29 35.72
N PHE C 106 25.10 -24.23 34.41
CA PHE C 106 24.08 -24.11 33.38
C PHE C 106 24.35 -25.18 32.33
N GLY C 107 23.33 -25.51 31.57
CA GLY C 107 23.50 -26.43 30.46
C GLY C 107 22.24 -27.23 30.19
N THR C 108 22.37 -28.16 29.25
CA THR C 108 21.27 -29.01 28.82
C THR C 108 21.32 -30.40 29.46
N THR C 109 22.40 -31.14 29.23
CA THR C 109 22.53 -32.49 29.76
C THR C 109 23.45 -32.58 30.97
N LEU C 110 24.33 -31.60 31.17
CA LEU C 110 25.24 -31.56 32.33
C LEU C 110 26.11 -32.81 32.41
N ASP C 111 26.54 -33.31 31.26
CA ASP C 111 27.48 -34.41 31.18
C ASP C 111 28.34 -34.20 29.94
N SER C 112 29.04 -35.25 29.52
CA SER C 112 29.86 -35.15 28.32
C SER C 112 29.05 -35.23 27.04
N LYS C 113 27.74 -35.50 27.11
CA LYS C 113 26.96 -35.65 25.90
C LYS C 113 26.83 -34.33 25.15
N THR C 114 26.57 -33.23 25.85
CA THR C 114 26.38 -31.93 25.23
C THR C 114 27.24 -30.89 25.93
N GLN C 115 27.34 -29.72 25.31
CA GLN C 115 28.07 -28.62 25.91
C GLN C 115 27.36 -28.09 27.14
N SER C 116 28.14 -27.56 28.08
CA SER C 116 27.62 -27.04 29.33
C SER C 116 28.40 -25.80 29.72
N LEU C 117 27.79 -24.99 30.58
CA LEU C 117 28.39 -23.76 31.07
C LEU C 117 28.79 -23.93 32.53
N LEU C 118 30.06 -23.69 32.83
CA LEU C 118 30.58 -23.74 34.19
C LEU C 118 31.07 -22.35 34.57
N ILE C 119 30.55 -21.81 35.67
CA ILE C 119 30.94 -20.50 36.18
C ILE C 119 31.37 -20.66 37.63
N VAL C 120 32.62 -20.33 37.91
CA VAL C 120 33.18 -20.43 39.25
C VAL C 120 33.86 -19.10 39.58
N ASN C 121 33.61 -18.59 40.77
CA ASN C 121 34.18 -17.32 41.22
C ASN C 121 35.24 -17.58 42.28
N ASN C 122 36.42 -17.02 42.08
CA ASN C 122 37.52 -17.10 43.03
C ASN C 122 37.98 -15.69 43.37
N ALA C 123 38.80 -15.58 44.42
CA ALA C 123 39.21 -14.27 44.91
C ALA C 123 40.00 -13.52 43.85
N THR C 124 40.85 -14.21 43.10
CA THR C 124 41.65 -13.55 42.07
C THR C 124 40.81 -13.25 40.83
N ASN C 125 40.18 -14.28 40.26
CA ASN C 125 39.45 -14.13 39.03
C ASN C 125 38.28 -15.12 39.00
N VAL C 126 37.39 -14.91 38.05
CA VAL C 126 36.28 -15.82 37.79
C VAL C 126 36.59 -16.64 36.55
N VAL C 127 36.46 -17.95 36.65
CA VAL C 127 36.79 -18.85 35.54
C VAL C 127 35.49 -19.33 34.90
N ILE C 128 35.38 -19.11 33.59
CA ILE C 128 34.20 -19.47 32.83
C ILE C 128 34.64 -20.34 31.67
N LYS C 129 34.19 -21.59 31.65
CA LYS C 129 34.60 -22.54 30.64
C LYS C 129 33.38 -23.27 30.09
N VAL C 130 33.32 -23.38 28.77
CA VAL C 130 32.20 -24.02 28.09
C VAL C 130 32.74 -25.24 27.37
N CYS C 131 32.67 -26.39 28.03
CA CYS C 131 33.04 -27.67 27.45
C CYS C 131 31.95 -28.66 27.80
N GLU C 132 32.09 -29.90 27.33
CA GLU C 132 31.15 -30.96 27.68
C GLU C 132 31.56 -31.58 29.02
N PHE C 133 31.47 -30.75 30.06
CA PHE C 133 31.89 -31.18 31.40
C PHE C 133 31.04 -32.36 31.88
N GLN C 134 31.71 -33.37 32.42
CA GLN C 134 31.02 -34.46 33.13
C GLN C 134 30.83 -34.02 34.58
N PHE C 135 29.73 -33.31 34.80
CA PHE C 135 29.47 -32.72 36.11
C PHE C 135 29.27 -33.81 37.16
N CYS C 136 29.88 -33.60 38.32
CA CYS C 136 29.76 -34.56 39.41
C CYS C 136 28.34 -34.54 39.98
N ASN C 137 28.03 -35.59 40.75
CA ASN C 137 26.72 -35.64 41.40
C ASN C 137 26.56 -34.50 42.40
N ASP C 138 27.61 -34.22 43.18
CA ASP C 138 27.61 -33.15 44.18
C ASP C 138 28.86 -32.30 43.95
N PRO C 139 28.85 -31.43 42.95
CA PRO C 139 29.99 -30.54 42.75
C PRO C 139 30.12 -29.53 43.89
N PHE C 140 31.36 -29.17 44.20
CA PHE C 140 31.64 -28.23 45.28
C PHE C 140 33.07 -27.74 45.15
N LEU C 141 33.37 -26.65 45.86
CA LEU C 141 34.69 -26.03 45.85
C LEU C 141 35.44 -26.40 47.13
N GLY C 142 36.63 -26.95 46.96
CA GLY C 142 37.45 -27.33 48.10
C GLY C 142 38.24 -26.17 48.66
N VAL C 143 37.89 -25.75 49.88
CA VAL C 143 38.53 -24.61 50.54
C VAL C 143 38.93 -25.02 51.95
N TYR C 144 40.16 -24.70 52.33
CA TYR C 144 40.67 -24.97 53.66
C TYR C 144 41.31 -23.71 54.23
N TYR C 145 41.35 -23.63 55.55
CA TYR C 145 41.93 -22.49 56.24
C TYR C 145 43.40 -22.75 56.53
N HIS C 146 44.25 -21.80 56.16
CA HIS C 146 45.69 -21.88 56.40
C HIS C 146 46.01 -21.06 57.64
N LYS C 147 46.40 -21.76 58.72
CA LYS C 147 46.71 -21.07 59.97
C LYS C 147 48.00 -20.27 59.85
N ASN C 148 48.95 -20.73 59.03
CA ASN C 148 50.25 -20.09 58.94
C ASN C 148 50.13 -18.66 58.43
N ASN C 149 49.27 -18.43 57.44
CA ASN C 149 49.04 -17.10 56.89
C ASN C 149 47.69 -16.52 57.30
N LYS C 150 46.94 -17.21 58.16
CA LYS C 150 45.66 -16.73 58.66
C LYS C 150 44.71 -16.39 57.51
N SER C 151 44.68 -17.24 56.49
CA SER C 151 43.86 -17.02 55.31
C SER C 151 43.23 -18.33 54.87
N TRP C 152 42.18 -18.23 54.08
CA TRP C 152 41.46 -19.38 53.55
C TRP C 152 41.98 -19.66 52.14
N MET C 153 42.53 -20.85 51.93
CA MET C 153 43.11 -21.25 50.66
C MET C 153 42.34 -22.41 50.06
N GLU C 154 42.26 -22.42 48.73
CA GLU C 154 41.56 -23.47 48.00
C GLU C 154 42.43 -24.72 48.00
N SER C 155 41.94 -25.78 48.64
CA SER C 155 42.72 -27.01 48.74
C SER C 155 42.74 -27.78 47.42
N GLU C 156 41.57 -28.21 46.96
CA GLU C 156 41.46 -28.97 45.71
C GLU C 156 40.23 -28.50 44.96
N PHE C 157 40.12 -28.96 43.71
CA PHE C 157 38.99 -28.65 42.86
C PHE C 157 38.31 -29.95 42.46
N ARG C 158 36.99 -30.05 42.71
CA ARG C 158 36.27 -31.30 42.52
C ARG C 158 34.93 -31.11 41.83
N VAL C 159 34.69 -29.94 41.23
CA VAL C 159 33.36 -29.65 40.70
C VAL C 159 33.01 -30.59 39.55
N TYR C 160 33.94 -30.75 38.60
CA TYR C 160 33.68 -31.56 37.41
C TYR C 160 34.75 -32.63 37.27
N SER C 161 34.32 -33.80 36.78
CA SER C 161 35.23 -34.92 36.58
C SER C 161 36.12 -34.71 35.36
N SER C 162 35.56 -34.22 34.26
CA SER C 162 36.31 -34.08 33.02
C SER C 162 35.69 -32.99 32.16
N ALA C 163 36.50 -32.45 31.24
CA ALA C 163 36.06 -31.41 30.33
C ALA C 163 36.46 -31.80 28.91
N ASN C 164 35.50 -31.72 27.98
CA ASN C 164 35.71 -32.20 26.61
C ASN C 164 35.04 -31.25 25.63
N ASN C 165 35.56 -31.23 24.41
CA ASN C 165 34.99 -30.44 23.30
C ASN C 165 34.89 -28.97 23.68
N CYS C 166 35.97 -28.42 24.22
CA CYS C 166 35.95 -27.07 24.74
C CYS C 166 35.74 -26.05 23.62
N THR C 167 34.91 -25.05 23.90
CA THR C 167 34.55 -24.03 22.92
C THR C 167 34.91 -22.62 23.37
N PHE C 168 34.64 -22.27 24.63
CA PHE C 168 34.80 -20.92 25.14
C PHE C 168 35.69 -20.93 26.37
N GLU C 169 36.38 -19.81 26.60
CA GLU C 169 37.18 -19.62 27.80
C GLU C 169 37.19 -18.14 28.15
N TYR C 170 37.05 -17.83 29.43
CA TYR C 170 36.96 -16.43 29.86
C TYR C 170 37.49 -16.31 31.29
N VAL C 171 38.28 -15.27 31.53
CA VAL C 171 38.82 -14.96 32.86
C VAL C 171 38.87 -13.45 33.00
N SER C 172 38.34 -12.92 34.09
CA SER C 172 38.33 -11.48 34.31
C SER C 172 38.24 -11.20 35.81
N GLN C 173 38.01 -9.92 36.15
CA GLN C 173 37.87 -9.54 37.55
C GLN C 173 36.64 -10.18 38.18
N PRO C 174 36.71 -10.57 39.44
CA PRO C 174 35.52 -11.11 40.11
C PRO C 174 34.52 -10.03 40.43
N PHE C 175 33.27 -10.46 40.61
CA PHE C 175 32.19 -9.56 40.98
C PHE C 175 31.49 -9.92 42.27
N LEU C 176 31.49 -11.20 42.66
CA LEU C 176 30.87 -11.61 43.92
C LEU C 176 31.76 -11.30 45.13
N MET C 177 33.00 -10.88 44.92
CA MET C 177 33.93 -10.66 46.03
C MET C 177 33.54 -9.41 46.80
N ASP C 178 33.29 -9.57 48.10
CA ASP C 178 32.95 -8.48 49.00
C ASP C 178 31.77 -7.66 48.51
N LYS C 187 24.46 -8.35 55.43
CA LYS C 187 25.34 -7.20 55.23
C LYS C 187 25.07 -6.54 53.89
N ASN C 188 25.40 -7.23 52.81
CA ASN C 188 25.23 -6.73 51.45
C ASN C 188 24.47 -7.75 50.62
N LEU C 189 23.54 -7.26 49.81
CA LEU C 189 22.72 -8.10 48.95
C LEU C 189 23.24 -8.04 47.51
N ARG C 190 23.38 -9.20 46.89
CA ARG C 190 23.86 -9.31 45.52
C ARG C 190 22.79 -9.96 44.66
N GLU C 191 22.42 -9.29 43.56
CA GLU C 191 21.38 -9.77 42.67
C GLU C 191 21.97 -10.05 41.29
N PHE C 192 21.53 -11.15 40.68
CA PHE C 192 22.02 -11.56 39.38
C PHE C 192 20.84 -11.91 38.48
N VAL C 193 20.98 -11.63 37.20
CA VAL C 193 20.01 -12.03 36.18
C VAL C 193 20.76 -12.72 35.06
N PHE C 194 20.34 -13.93 34.70
CA PHE C 194 20.95 -14.70 33.64
C PHE C 194 19.94 -14.86 32.52
N LYS C 195 20.39 -14.70 31.28
CA LYS C 195 19.53 -14.84 30.12
C LYS C 195 20.32 -15.50 28.99
N ASN C 196 19.58 -16.06 28.03
CA ASN C 196 20.18 -16.68 26.85
C ASN C 196 19.33 -16.27 25.65
N ILE C 197 19.71 -15.17 25.00
CA ILE C 197 18.98 -14.62 23.87
C ILE C 197 19.95 -14.39 22.72
N ASP C 198 19.59 -14.85 21.53
CA ASP C 198 20.41 -14.73 20.32
C ASP C 198 21.81 -15.31 20.52
N GLY C 199 21.88 -16.44 21.20
CA GLY C 199 23.14 -17.12 21.40
C GLY C 199 24.12 -16.42 22.29
N TYR C 200 23.72 -15.33 22.95
CA TYR C 200 24.58 -14.58 23.84
C TYR C 200 24.09 -14.74 25.26
N PHE C 201 24.99 -15.15 26.16
CA PHE C 201 24.65 -15.25 27.57
C PHE C 201 24.78 -13.88 28.22
N LYS C 202 23.74 -13.46 28.93
CA LYS C 202 23.69 -12.13 29.53
C LYS C 202 23.68 -12.27 31.05
N ILE C 203 24.51 -11.48 31.72
CA ILE C 203 24.56 -11.44 33.17
C ILE C 203 24.47 -9.99 33.62
N TYR C 204 23.58 -9.72 34.56
CA TYR C 204 23.37 -8.38 35.12
C TYR C 204 23.50 -8.48 36.63
N SER C 205 24.13 -7.49 37.25
CA SER C 205 24.38 -7.55 38.69
C SER C 205 24.37 -6.16 39.30
N LYS C 206 24.17 -6.13 40.62
CA LYS C 206 24.26 -4.93 41.41
C LYS C 206 24.27 -5.34 42.88
N HIS C 207 25.16 -4.72 43.66
CA HIS C 207 25.29 -5.01 45.07
C HIS C 207 24.72 -3.86 45.88
N THR C 208 23.84 -4.19 46.83
CA THR C 208 23.25 -3.20 47.71
C THR C 208 23.31 -3.71 49.14
N PRO C 209 23.79 -2.90 50.09
CA PRO C 209 23.83 -3.35 51.49
C PRO C 209 22.42 -3.39 52.08
N ILE C 210 22.08 -4.51 52.71
CA ILE C 210 20.78 -4.70 53.34
C ILE C 210 20.96 -5.31 54.72
N ASN C 211 19.94 -5.16 55.54
CA ASN C 211 19.91 -5.72 56.89
C ASN C 211 18.75 -6.66 57.15
N LEU C 212 17.76 -6.71 56.26
CA LEU C 212 16.64 -7.64 56.38
C LEU C 212 17.03 -8.90 55.64
N VAL C 213 17.61 -9.86 56.37
CA VAL C 213 18.09 -11.10 55.75
C VAL C 213 16.93 -11.95 55.26
N ARG C 214 15.81 -11.95 56.00
CA ARG C 214 14.71 -12.86 55.68
C ARG C 214 14.09 -12.55 54.32
N ASP C 215 13.85 -11.27 54.02
CA ASP C 215 13.14 -10.88 52.81
C ASP C 215 13.94 -9.84 52.04
N LEU C 216 13.65 -9.76 50.74
CA LEU C 216 14.26 -8.75 49.89
C LEU C 216 13.81 -7.37 50.36
N PRO C 217 14.69 -6.37 50.32
CA PRO C 217 14.28 -5.02 50.73
C PRO C 217 13.27 -4.43 49.78
N GLN C 218 12.39 -3.60 50.32
CA GLN C 218 11.42 -2.89 49.51
C GLN C 218 12.00 -1.54 49.10
N GLY C 219 12.06 -1.32 47.79
CA GLY C 219 12.79 -0.21 47.22
C GLY C 219 13.37 -0.65 45.89
N PHE C 220 13.85 0.29 45.08
CA PHE C 220 14.29 -0.03 43.73
C PHE C 220 15.78 0.24 43.58
N SER C 221 16.48 -0.73 43.00
CA SER C 221 17.88 -0.57 42.61
C SER C 221 18.09 -1.30 41.31
N ALA C 222 18.32 -0.56 40.23
CA ALA C 222 18.38 -1.14 38.90
C ALA C 222 19.60 -2.04 38.75
N LEU C 223 19.51 -2.99 37.83
CA LEU C 223 20.54 -4.00 37.62
C LEU C 223 21.37 -3.62 36.39
N GLU C 224 22.65 -3.35 36.60
CA GLU C 224 23.57 -3.01 35.52
C GLU C 224 24.08 -4.28 34.85
N PRO C 225 24.36 -4.23 33.54
CA PRO C 225 24.92 -5.41 32.88
C PRO C 225 26.40 -5.56 33.21
N LEU C 226 26.89 -6.79 33.10
CA LEU C 226 28.30 -7.08 33.34
C LEU C 226 29.00 -7.58 32.09
N VAL C 227 28.55 -8.69 31.49
CA VAL C 227 29.21 -9.28 30.33
C VAL C 227 28.17 -9.87 29.39
N ASP C 228 28.58 -10.05 28.14
CA ASP C 228 27.78 -10.73 27.12
C ASP C 228 28.69 -11.72 26.41
N LEU C 229 28.40 -13.00 26.57
CA LEU C 229 29.29 -14.04 26.07
C LEU C 229 28.64 -14.77 24.91
N PRO C 230 29.35 -14.98 23.81
CA PRO C 230 28.78 -15.71 22.65
C PRO C 230 28.93 -17.22 22.78
N ILE C 231 28.24 -17.78 23.78
CA ILE C 231 28.35 -19.22 24.03
C ILE C 231 27.70 -20.00 22.89
N GLY C 232 26.50 -19.61 22.49
CA GLY C 232 25.81 -20.26 21.39
C GLY C 232 25.42 -21.71 21.64
N ILE C 233 24.93 -22.01 22.84
CA ILE C 233 24.46 -23.35 23.18
C ILE C 233 23.03 -23.24 23.70
N ASN C 234 22.50 -24.37 24.16
CA ASN C 234 21.19 -24.41 24.78
C ASN C 234 21.34 -24.55 26.29
N ILE C 235 20.64 -23.70 27.04
CA ILE C 235 20.59 -23.78 28.49
C ILE C 235 19.16 -24.14 28.87
N THR C 236 19.00 -25.25 29.58
CA THR C 236 17.68 -25.72 29.97
C THR C 236 17.51 -25.94 31.46
N ARG C 237 18.59 -26.15 32.22
CA ARG C 237 18.49 -26.42 33.65
C ARG C 237 19.55 -25.60 34.38
N PHE C 238 19.20 -25.20 35.60
CA PHE C 238 20.00 -24.31 36.42
C PHE C 238 20.29 -24.96 37.76
N GLN C 239 21.54 -24.84 38.22
CA GLN C 239 21.92 -25.30 39.54
C GLN C 239 23.08 -24.47 40.04
N THR C 240 22.95 -23.93 41.25
CA THR C 240 24.01 -23.12 41.83
C THR C 240 25.16 -23.99 42.32
N LEU C 241 26.32 -23.37 42.43
CA LEU C 241 27.52 -24.02 42.96
C LEU C 241 27.87 -23.42 44.31
N LEU C 242 28.29 -24.28 45.24
CA LEU C 242 28.54 -23.86 46.60
C LEU C 242 29.89 -24.39 47.05
N ALA C 243 30.58 -23.58 47.85
CA ALA C 243 31.91 -23.92 48.36
C ALA C 243 31.79 -24.47 49.77
N LEU C 244 32.30 -25.68 49.98
CA LEU C 244 32.26 -26.35 51.27
C LEU C 244 33.63 -26.29 51.92
N HIS C 245 33.67 -25.88 53.18
CA HIS C 245 34.93 -25.71 53.88
C HIS C 245 35.55 -27.06 54.23
N ARG C 246 36.76 -27.00 54.78
CA ARG C 246 37.45 -28.22 55.20
C ARG C 246 36.67 -28.96 56.28
N SER C 247 35.90 -28.24 57.09
CA SER C 247 35.10 -28.88 58.13
C SER C 247 34.06 -29.82 57.52
N TYR C 248 33.53 -29.47 56.36
CA TYR C 248 32.54 -30.34 55.72
C TYR C 248 33.18 -31.58 55.10
N LEU C 249 34.46 -31.51 54.76
CA LEU C 249 35.17 -32.67 54.22
C LEU C 249 35.42 -33.74 55.29
N THR C 250 35.12 -33.45 56.54
CA THR C 250 35.22 -34.48 57.57
C THR C 250 34.24 -35.61 57.26
N PRO C 251 34.67 -36.87 57.35
CA PRO C 251 33.74 -37.98 57.07
C PRO C 251 32.55 -38.01 58.00
N GLY C 252 32.71 -37.59 59.25
CA GLY C 252 31.58 -37.56 60.16
C GLY C 252 30.55 -36.52 59.77
N ASP C 253 29.28 -36.84 60.04
CA ASP C 253 28.20 -35.94 59.71
C ASP C 253 28.23 -34.68 60.57
N SER C 254 28.67 -34.78 61.82
CA SER C 254 28.68 -33.66 62.73
C SER C 254 29.90 -32.78 62.45
N SER C 255 29.65 -31.53 62.06
CA SER C 255 30.70 -30.57 61.79
C SER C 255 30.52 -29.38 62.71
N SER C 256 31.62 -28.84 63.24
CA SER C 256 31.58 -27.76 64.21
C SER C 256 32.39 -26.54 63.81
N GLY C 257 33.35 -26.67 62.90
CA GLY C 257 34.23 -25.56 62.55
C GLY C 257 33.72 -24.63 61.47
N TRP C 258 32.60 -24.94 60.85
CA TRP C 258 32.10 -24.18 59.71
C TRP C 258 30.62 -23.91 59.89
N THR C 259 30.15 -22.81 59.31
CA THR C 259 28.77 -22.37 59.42
C THR C 259 28.08 -22.42 58.06
N ALA C 260 26.77 -22.67 58.09
CA ALA C 260 25.94 -22.72 56.90
C ALA C 260 24.59 -22.05 57.11
N GLY C 261 24.46 -21.22 58.15
CA GLY C 261 23.18 -20.60 58.45
C GLY C 261 22.73 -19.62 57.37
N ALA C 262 23.67 -18.88 56.80
CA ALA C 262 23.36 -17.89 55.77
C ALA C 262 23.32 -18.49 54.37
N ALA C 263 23.53 -19.80 54.23
CA ALA C 263 23.56 -20.47 52.93
C ALA C 263 22.13 -20.56 52.40
N ALA C 264 21.64 -19.44 51.89
CA ALA C 264 20.29 -19.36 51.35
C ALA C 264 20.27 -18.36 50.21
N TYR C 265 19.34 -18.57 49.28
CA TYR C 265 19.27 -17.73 48.10
C TYR C 265 17.84 -17.72 47.57
N TYR C 266 17.57 -16.76 46.70
CA TYR C 266 16.27 -16.61 46.07
C TYR C 266 16.39 -16.88 44.58
N VAL C 267 15.34 -17.43 43.98
CA VAL C 267 15.31 -17.72 42.55
C VAL C 267 13.97 -17.27 41.99
N GLY C 268 13.98 -16.23 41.18
CA GLY C 268 12.80 -15.76 40.49
C GLY C 268 12.93 -15.96 39.00
N TYR C 269 11.79 -16.13 38.33
CA TYR C 269 11.75 -16.45 36.91
C TYR C 269 11.34 -15.23 36.11
N LEU C 270 12.09 -14.95 35.05
CA LEU C 270 11.78 -13.84 34.16
C LEU C 270 10.71 -14.24 33.15
N GLN C 271 9.81 -13.31 32.86
CA GLN C 271 8.68 -13.58 32.00
C GLN C 271 8.53 -12.45 30.99
N PRO C 272 8.05 -12.74 29.77
CA PRO C 272 7.80 -11.65 28.81
C PRO C 272 6.81 -10.65 29.37
N ARG C 273 7.20 -9.38 29.37
CA ARG C 273 6.42 -8.33 29.99
C ARG C 273 6.67 -7.01 29.28
N THR C 274 5.84 -6.03 29.60
CA THR C 274 6.01 -4.64 29.17
C THR C 274 6.24 -3.77 30.39
N PHE C 275 7.27 -2.95 30.35
CA PHE C 275 7.67 -2.13 31.48
C PHE C 275 7.86 -0.69 31.04
N LEU C 276 7.63 0.24 31.96
CA LEU C 276 8.12 1.61 31.84
C LEU C 276 9.33 1.75 32.73
N LEU C 277 10.39 2.34 32.19
CA LEU C 277 11.64 2.50 32.91
C LEU C 277 11.95 3.98 33.00
N LYS C 278 11.88 4.52 34.20
CA LYS C 278 12.19 5.92 34.42
C LYS C 278 13.70 6.11 34.39
N TYR C 279 14.16 7.05 33.56
CA TYR C 279 15.56 7.42 33.50
C TYR C 279 15.72 8.81 34.12
N ASN C 280 16.63 8.94 35.07
CA ASN C 280 16.88 10.23 35.67
C ASN C 280 17.89 11.00 34.83
N GLU C 281 18.24 12.21 35.29
CA GLU C 281 19.09 13.09 34.51
C GLU C 281 20.47 12.48 34.24
N ASN C 282 20.93 11.58 35.12
CA ASN C 282 22.22 10.95 34.90
C ASN C 282 22.15 9.79 33.92
N GLY C 283 20.96 9.30 33.61
CA GLY C 283 20.80 8.10 32.81
C GLY C 283 20.61 6.83 33.59
N THR C 284 20.44 6.92 34.91
CA THR C 284 20.24 5.76 35.77
C THR C 284 18.76 5.54 36.01
N ILE C 285 18.34 4.28 35.93
CA ILE C 285 16.94 3.94 36.19
C ILE C 285 16.64 4.14 37.67
N THR C 286 15.59 4.91 37.96
CA THR C 286 15.19 5.19 39.32
C THR C 286 13.90 4.51 39.74
N ASP C 287 12.97 4.28 38.80
CA ASP C 287 11.71 3.66 39.13
C ASP C 287 11.15 2.99 37.88
N ALA C 288 10.29 2.01 38.09
CA ALA C 288 9.74 1.24 36.98
C ALA C 288 8.29 0.89 37.27
N VAL C 289 7.55 0.62 36.19
CA VAL C 289 6.13 0.29 36.26
C VAL C 289 5.88 -0.97 35.44
N ASP C 290 5.18 -1.93 36.02
CA ASP C 290 4.81 -3.16 35.35
C ASP C 290 3.40 -3.01 34.80
N CYS C 291 3.25 -3.12 33.47
CA CYS C 291 1.99 -2.80 32.83
C CYS C 291 0.86 -3.72 33.28
N ALA C 292 1.14 -5.01 33.40
CA ALA C 292 0.10 -5.99 33.68
C ALA C 292 -0.11 -6.24 35.16
N LEU C 293 0.56 -5.49 36.04
CA LEU C 293 0.44 -5.76 37.46
C LEU C 293 -0.97 -5.49 37.98
N ASP C 294 -1.52 -4.32 37.66
CA ASP C 294 -2.84 -3.93 38.15
C ASP C 294 -3.34 -2.78 37.27
N PRO C 295 -4.64 -2.47 37.33
CA PRO C 295 -5.19 -1.46 36.42
C PRO C 295 -4.49 -0.11 36.50
N LEU C 296 -4.11 0.33 37.70
CA LEU C 296 -3.44 1.63 37.82
C LEU C 296 -2.13 1.63 37.03
N SER C 297 -1.38 0.54 37.11
CA SER C 297 -0.12 0.48 36.38
C SER C 297 -0.36 0.35 34.87
N GLU C 298 -1.43 -0.32 34.46
CA GLU C 298 -1.76 -0.33 33.04
C GLU C 298 -2.07 1.06 32.54
N THR C 299 -2.79 1.85 33.35
CA THR C 299 -3.05 3.24 33.00
C THR C 299 -1.76 4.03 32.90
N LYS C 300 -0.84 3.83 33.85
CA LYS C 300 0.44 4.51 33.79
C LYS C 300 1.19 4.14 32.51
N CYS C 301 1.15 2.87 32.13
CA CYS C 301 1.80 2.44 30.90
C CYS C 301 1.18 3.09 29.67
N THR C 302 -0.15 3.20 29.66
CA THR C 302 -0.82 3.79 28.49
C THR C 302 -0.45 5.26 28.33
N LEU C 303 -0.42 6.00 29.42
CA LEU C 303 -0.08 7.42 29.34
C LEU C 303 1.41 7.67 29.35
N LYS C 304 2.22 6.63 29.59
CA LYS C 304 3.68 6.77 29.68
C LYS C 304 4.06 7.83 30.71
N SER C 305 3.36 7.82 31.84
CA SER C 305 3.63 8.74 32.93
C SER C 305 3.53 8.01 34.25
N PHE C 306 4.28 8.49 35.24
CA PHE C 306 4.26 7.86 36.56
C PHE C 306 3.21 8.48 37.47
N THR C 307 2.57 9.56 37.05
CA THR C 307 1.42 10.13 37.75
C THR C 307 0.30 10.32 36.75
N VAL C 308 -0.87 9.79 37.05
CA VAL C 308 -2.04 9.92 36.19
C VAL C 308 -3.01 10.87 36.85
N GLU C 309 -3.54 11.81 36.07
CA GLU C 309 -4.46 12.80 36.60
C GLU C 309 -5.84 12.20 36.76
N LYS C 310 -6.67 12.88 37.54
CA LYS C 310 -8.03 12.41 37.78
C LYS C 310 -8.79 12.30 36.47
N GLY C 311 -9.50 11.18 36.32
CA GLY C 311 -10.30 10.99 35.13
C GLY C 311 -10.43 9.53 34.74
N ILE C 312 -11.13 9.27 33.64
CA ILE C 312 -11.33 7.93 33.12
C ILE C 312 -10.49 7.75 31.87
N TYR C 313 -9.69 6.69 31.84
CA TYR C 313 -8.77 6.41 30.75
C TYR C 313 -9.07 5.03 30.19
N GLN C 314 -9.08 4.91 28.87
CA GLN C 314 -9.23 3.60 28.24
C GLN C 314 -7.85 2.97 28.12
N THR C 315 -7.65 1.82 28.74
CA THR C 315 -6.36 1.17 28.80
C THR C 315 -6.33 -0.16 28.04
N SER C 316 -7.19 -1.09 28.40
CA SER C 316 -7.20 -2.42 27.81
C SER C 316 -8.42 -2.57 26.93
N ASN C 317 -8.66 -3.79 26.47
CA ASN C 317 -9.81 -4.10 25.64
C ASN C 317 -10.35 -5.47 26.05
N PHE C 318 -11.47 -5.48 26.75
CA PHE C 318 -12.08 -6.73 27.19
C PHE C 318 -12.59 -7.53 26.01
N ARG C 319 -12.50 -8.85 26.12
CA ARG C 319 -13.09 -9.73 25.12
C ARG C 319 -13.32 -11.10 25.76
N VAL C 320 -14.38 -11.77 25.30
CA VAL C 320 -14.77 -13.07 25.83
C VAL C 320 -14.37 -14.14 24.82
N GLN C 321 -13.71 -15.18 25.31
CA GLN C 321 -13.31 -16.26 24.43
C GLN C 321 -14.29 -17.43 24.54
N PRO C 322 -14.47 -18.18 23.45
CA PRO C 322 -15.43 -19.28 23.47
C PRO C 322 -15.07 -20.34 24.50
N THR C 323 -16.09 -20.85 25.19
CA THR C 323 -15.87 -21.89 26.18
C THR C 323 -15.66 -23.25 25.54
N GLU C 324 -16.36 -23.54 24.45
CA GLU C 324 -16.26 -24.83 23.79
C GLU C 324 -16.67 -24.69 22.34
N SER C 325 -16.41 -25.74 21.57
CA SER C 325 -16.77 -25.82 20.16
C SER C 325 -18.00 -26.71 20.02
N ILE C 326 -19.00 -26.22 19.28
CA ILE C 326 -20.27 -26.91 19.09
C ILE C 326 -20.46 -27.13 17.60
N VAL C 327 -20.79 -28.37 17.22
CA VAL C 327 -21.01 -28.72 15.82
C VAL C 327 -22.26 -29.58 15.74
N ARG C 328 -23.14 -29.27 14.78
CA ARG C 328 -24.36 -30.04 14.62
C ARG C 328 -24.62 -30.29 13.15
N PHE C 329 -25.13 -31.49 12.85
CA PHE C 329 -25.52 -31.92 11.51
C PHE C 329 -26.91 -32.54 11.58
N PRO C 330 -27.70 -32.41 10.53
CA PRO C 330 -29.12 -32.77 10.61
C PRO C 330 -29.33 -34.28 10.73
N ASN C 331 -30.60 -34.67 10.91
CA ASN C 331 -30.99 -36.07 10.86
C ASN C 331 -30.90 -36.56 9.41
N ILE C 332 -29.70 -36.96 9.01
CA ILE C 332 -29.51 -37.69 7.78
C ILE C 332 -28.23 -38.51 7.90
N THR C 333 -28.34 -39.80 7.61
CA THR C 333 -27.19 -40.70 7.70
C THR C 333 -26.87 -41.35 6.36
N ASN C 334 -27.86 -41.96 5.71
CA ASN C 334 -27.66 -42.66 4.44
C ASN C 334 -26.53 -43.68 4.54
N LEU C 335 -26.57 -44.48 5.60
CA LEU C 335 -25.55 -45.49 5.81
C LEU C 335 -25.58 -46.51 4.68
N CYS C 336 -24.39 -46.99 4.32
CA CYS C 336 -24.27 -47.94 3.22
C CYS C 336 -24.97 -49.25 3.57
N PRO C 337 -25.57 -49.92 2.57
CA PRO C 337 -26.39 -51.12 2.85
C PRO C 337 -25.57 -52.32 3.27
N PHE C 338 -24.94 -52.21 4.45
CA PHE C 338 -24.21 -53.34 5.02
C PHE C 338 -25.14 -54.36 5.66
N GLY C 339 -26.29 -53.91 6.16
CA GLY C 339 -27.25 -54.84 6.74
C GLY C 339 -27.79 -55.82 5.73
N GLU C 340 -27.97 -55.37 4.49
CA GLU C 340 -28.44 -56.28 3.44
C GLU C 340 -27.36 -57.27 3.04
N VAL C 341 -26.12 -56.79 2.85
CA VAL C 341 -25.07 -57.68 2.34
C VAL C 341 -24.65 -58.69 3.40
N PHE C 342 -24.58 -58.28 4.67
CA PHE C 342 -24.12 -59.21 5.70
C PHE C 342 -25.25 -60.05 6.26
N ASN C 343 -26.36 -59.42 6.61
CA ASN C 343 -27.49 -60.10 7.24
C ASN C 343 -28.46 -60.53 6.15
N ALA C 344 -28.47 -61.82 5.84
CA ALA C 344 -29.30 -62.35 4.77
C ALA C 344 -29.60 -63.82 5.08
N THR C 345 -30.39 -64.44 4.21
CA THR C 345 -30.76 -65.84 4.38
C THR C 345 -29.79 -66.77 3.68
N ARG C 346 -29.53 -66.53 2.39
CA ARG C 346 -28.63 -67.35 1.59
C ARG C 346 -27.64 -66.45 0.86
N PHE C 347 -26.37 -66.85 0.88
CA PHE C 347 -25.30 -66.10 0.25
C PHE C 347 -24.94 -66.69 -1.10
N ALA C 348 -24.31 -65.87 -1.94
CA ALA C 348 -23.83 -66.34 -3.23
C ALA C 348 -22.65 -67.29 -3.05
N SER C 349 -22.63 -68.35 -3.85
CA SER C 349 -21.60 -69.36 -3.73
C SER C 349 -20.30 -68.85 -4.37
N VAL C 350 -19.24 -69.65 -4.22
CA VAL C 350 -17.91 -69.18 -4.60
C VAL C 350 -17.69 -69.31 -6.10
N TYR C 351 -18.43 -70.19 -6.77
CA TYR C 351 -18.20 -70.38 -8.20
C TYR C 351 -18.59 -69.12 -8.98
N ALA C 352 -19.51 -68.32 -8.43
CA ALA C 352 -19.86 -67.02 -8.98
C ALA C 352 -19.80 -66.02 -7.82
N TRP C 353 -18.60 -65.51 -7.55
CA TRP C 353 -18.42 -64.57 -6.46
C TRP C 353 -19.07 -63.23 -6.80
N ASN C 354 -20.02 -62.81 -5.98
CA ASN C 354 -20.90 -61.71 -6.31
C ASN C 354 -20.17 -60.37 -6.15
N ARG C 355 -20.74 -59.33 -6.76
CA ARG C 355 -20.21 -57.98 -6.70
C ARG C 355 -21.30 -57.05 -6.17
N LYS C 356 -20.92 -56.13 -5.29
CA LYS C 356 -21.90 -55.32 -4.57
C LYS C 356 -21.96 -53.87 -5.04
N ARG C 357 -20.82 -53.25 -5.34
CA ARG C 357 -20.77 -51.90 -5.90
C ARG C 357 -21.49 -50.90 -4.98
N ILE C 358 -20.89 -50.68 -3.82
CA ILE C 358 -21.40 -49.74 -2.84
C ILE C 358 -20.65 -48.42 -2.98
N SER C 359 -21.39 -47.33 -3.11
CA SER C 359 -20.81 -46.00 -3.23
C SER C 359 -21.85 -44.98 -2.79
N ASN C 360 -21.54 -43.70 -2.99
CA ASN C 360 -22.38 -42.53 -2.66
C ASN C 360 -23.09 -42.65 -1.32
N CYS C 361 -22.40 -43.19 -0.32
CA CYS C 361 -22.93 -43.29 1.03
C CYS C 361 -21.77 -43.29 2.01
N VAL C 362 -22.04 -42.82 3.22
CA VAL C 362 -21.05 -42.87 4.28
C VAL C 362 -21.19 -44.20 5.02
N ALA C 363 -20.05 -44.77 5.40
CA ALA C 363 -20.02 -46.09 6.02
C ALA C 363 -19.13 -46.04 7.25
N ASP C 364 -19.63 -46.54 8.38
CA ASP C 364 -18.86 -46.60 9.62
C ASP C 364 -18.31 -48.02 9.75
N TYR C 365 -17.10 -48.22 9.23
CA TYR C 365 -16.48 -49.54 9.25
C TYR C 365 -16.09 -49.98 10.66
N SER C 366 -15.75 -49.03 11.53
CA SER C 366 -15.44 -49.40 12.90
C SER C 366 -16.64 -49.96 13.65
N VAL C 367 -17.86 -49.69 13.18
CA VAL C 367 -19.05 -50.26 13.79
C VAL C 367 -19.02 -51.78 13.67
N LEU C 368 -18.81 -52.29 12.46
CA LEU C 368 -18.66 -53.72 12.26
C LEU C 368 -17.35 -54.21 12.87
N TYR C 369 -16.33 -53.36 12.88
CA TYR C 369 -15.10 -53.68 13.60
C TYR C 369 -15.37 -53.82 15.10
N ASN C 370 -16.45 -53.24 15.60
CA ASN C 370 -16.87 -53.38 16.99
C ASN C 370 -18.08 -54.29 17.14
N SER C 371 -18.31 -55.21 16.21
CA SER C 371 -19.41 -56.15 16.30
C SER C 371 -19.10 -57.22 17.36
N ALA C 372 -19.99 -58.21 17.45
CA ALA C 372 -19.87 -59.27 18.45
C ALA C 372 -19.81 -60.67 17.82
N SER C 373 -19.51 -60.76 16.53
CA SER C 373 -19.54 -62.05 15.84
C SER C 373 -18.29 -62.33 15.03
N PHE C 374 -17.65 -61.28 14.51
CA PHE C 374 -16.56 -61.47 13.55
C PHE C 374 -15.33 -62.06 14.21
N SER C 375 -14.60 -62.89 13.46
CA SER C 375 -13.41 -63.56 13.95
C SER C 375 -12.14 -63.11 13.23
N THR C 376 -12.11 -63.23 11.91
CA THR C 376 -10.94 -62.89 11.11
C THR C 376 -11.08 -61.47 10.57
N PHE C 377 -10.08 -60.63 10.82
CA PHE C 377 -10.10 -59.24 10.41
C PHE C 377 -8.76 -58.84 9.81
N LYS C 378 -8.12 -59.77 9.10
CA LYS C 378 -6.82 -59.50 8.50
C LYS C 378 -6.98 -58.48 7.38
N CYS C 379 -6.56 -57.25 7.64
CA CYS C 379 -6.76 -56.12 6.73
C CYS C 379 -5.49 -55.93 5.91
N TYR C 380 -5.66 -55.72 4.61
CA TYR C 380 -4.53 -55.48 3.71
C TYR C 380 -4.49 -54.03 3.29
N GLY C 381 -3.32 -53.41 3.45
CA GLY C 381 -3.14 -52.03 3.04
C GLY C 381 -3.73 -51.04 4.01
N VAL C 382 -4.86 -50.44 3.65
CA VAL C 382 -5.48 -49.41 4.48
C VAL C 382 -6.11 -50.04 5.71
N SER C 383 -5.71 -49.56 6.89
CA SER C 383 -6.27 -50.06 8.13
C SER C 383 -7.64 -49.43 8.37
N PRO C 384 -8.55 -50.16 9.02
CA PRO C 384 -9.93 -49.63 9.21
C PRO C 384 -9.99 -48.32 9.95
N THR C 385 -9.13 -48.11 10.96
CA THR C 385 -9.14 -46.84 11.67
C THR C 385 -8.75 -45.68 10.77
N LYS C 386 -7.75 -45.87 9.90
CA LYS C 386 -7.43 -44.87 8.90
C LYS C 386 -8.40 -44.92 7.72
N LEU C 387 -9.04 -46.07 7.50
CA LEU C 387 -10.08 -46.16 6.47
C LEU C 387 -11.25 -45.24 6.78
N ASN C 388 -11.64 -45.15 8.05
CA ASN C 388 -12.71 -44.24 8.44
C ASN C 388 -12.32 -42.80 8.13
N ASP C 389 -11.06 -42.44 8.38
CA ASP C 389 -10.59 -41.09 8.07
C ASP C 389 -10.43 -40.88 6.56
N LEU C 390 -9.85 -41.84 5.87
CA LEU C 390 -9.58 -41.70 4.45
C LEU C 390 -10.86 -41.89 3.64
N CYS C 391 -10.84 -41.40 2.40
CA CYS C 391 -11.98 -41.50 1.49
C CYS C 391 -11.60 -42.29 0.24
N PHE C 392 -12.55 -43.09 -0.25
CA PHE C 392 -12.41 -43.83 -1.49
C PHE C 392 -13.64 -43.59 -2.36
N THR C 393 -13.44 -43.68 -3.67
CA THR C 393 -14.55 -43.43 -4.60
C THR C 393 -15.59 -44.54 -4.51
N ASN C 394 -15.16 -45.79 -4.55
CA ASN C 394 -16.05 -46.94 -4.49
C ASN C 394 -15.52 -47.93 -3.46
N VAL C 395 -16.44 -48.56 -2.72
CA VAL C 395 -16.06 -49.57 -1.75
C VAL C 395 -16.75 -50.89 -2.11
N TYR C 396 -16.08 -51.70 -2.92
CA TYR C 396 -16.67 -52.96 -3.36
C TYR C 396 -16.76 -53.94 -2.21
N ALA C 397 -17.78 -54.79 -2.26
CA ALA C 397 -17.96 -55.88 -1.31
C ALA C 397 -18.22 -57.16 -2.09
N ASP C 398 -17.78 -58.29 -1.54
CA ASP C 398 -17.94 -59.59 -2.17
C ASP C 398 -18.57 -60.56 -1.17
N SER C 399 -19.03 -61.70 -1.70
CA SER C 399 -19.60 -62.75 -0.86
C SER C 399 -19.45 -64.08 -1.57
N PHE C 400 -18.77 -65.02 -0.92
CA PHE C 400 -18.60 -66.37 -1.44
C PHE C 400 -18.44 -67.31 -0.26
N VAL C 401 -18.66 -68.60 -0.51
CA VAL C 401 -18.65 -69.61 0.53
C VAL C 401 -17.34 -70.39 0.44
N ILE C 402 -16.51 -70.29 1.47
CA ILE C 402 -15.21 -70.95 1.52
C ILE C 402 -15.07 -71.66 2.87
N ARG C 403 -14.11 -72.59 2.90
CA ARG C 403 -13.85 -73.39 4.08
C ARG C 403 -12.84 -72.69 5.00
N GLY C 404 -12.69 -73.23 6.20
CA GLY C 404 -11.81 -72.61 7.19
C GLY C 404 -10.34 -72.64 6.78
N ASP C 405 -9.89 -73.77 6.23
CA ASP C 405 -8.49 -73.86 5.79
C ASP C 405 -8.22 -72.95 4.60
N GLU C 406 -9.24 -72.66 3.80
CA GLU C 406 -9.10 -71.82 2.61
C GLU C 406 -9.33 -70.34 2.92
N VAL C 407 -9.49 -69.98 4.19
CA VAL C 407 -9.60 -68.57 4.56
C VAL C 407 -8.29 -67.84 4.25
N ARG C 408 -7.15 -68.50 4.48
CA ARG C 408 -5.87 -67.87 4.18
C ARG C 408 -5.70 -67.58 2.69
N GLN C 409 -6.45 -68.28 1.84
CA GLN C 409 -6.34 -68.10 0.40
C GLN C 409 -6.83 -66.74 -0.08
N ILE C 410 -7.59 -66.02 0.74
CA ILE C 410 -8.07 -64.68 0.36
C ILE C 410 -6.99 -63.62 0.52
N ALA C 411 -5.80 -64.02 0.97
CA ALA C 411 -4.68 -63.09 1.02
C ALA C 411 -4.24 -62.73 -0.40
N PRO C 412 -3.67 -61.55 -0.59
CA PRO C 412 -3.23 -61.14 -1.93
C PRO C 412 -2.13 -62.05 -2.45
N GLY C 413 -2.39 -62.65 -3.62
CA GLY C 413 -1.42 -63.51 -4.27
C GLY C 413 -1.36 -64.93 -3.74
N GLN C 414 -2.19 -65.28 -2.77
CA GLN C 414 -2.17 -66.63 -2.21
C GLN C 414 -2.76 -67.63 -3.21
N THR C 415 -2.18 -68.82 -3.24
CA THR C 415 -2.57 -69.86 -4.17
C THR C 415 -3.23 -71.01 -3.41
N GLY C 416 -3.98 -71.81 -4.16
CA GLY C 416 -4.71 -72.93 -3.60
C GLY C 416 -5.75 -73.40 -4.59
N LYS C 417 -6.63 -74.29 -4.11
CA LYS C 417 -7.71 -74.75 -4.97
C LYS C 417 -8.71 -73.64 -5.24
N ILE C 418 -9.37 -73.15 -4.18
CA ILE C 418 -10.28 -72.03 -4.32
C ILE C 418 -9.53 -70.79 -4.78
N ALA C 419 -8.31 -70.59 -4.26
CA ALA C 419 -7.54 -69.39 -4.59
C ALA C 419 -7.22 -69.31 -6.08
N ASP C 420 -6.82 -70.43 -6.68
CA ASP C 420 -6.42 -70.42 -8.08
C ASP C 420 -7.53 -70.81 -9.05
N TYR C 421 -8.70 -71.22 -8.55
CA TYR C 421 -9.81 -71.56 -9.44
C TYR C 421 -11.02 -70.66 -9.25
N ASN C 422 -11.52 -70.51 -8.02
CA ASN C 422 -12.77 -69.80 -7.80
C ASN C 422 -12.57 -68.30 -7.70
N TYR C 423 -11.77 -67.84 -6.74
CA TYR C 423 -11.49 -66.43 -6.58
C TYR C 423 -10.01 -66.22 -6.26
N LYS C 424 -9.43 -65.20 -6.89
CA LYS C 424 -8.05 -64.79 -6.62
C LYS C 424 -8.00 -63.28 -6.42
N LEU C 425 -7.25 -62.85 -5.40
CA LEU C 425 -7.05 -61.45 -5.08
C LEU C 425 -5.76 -60.93 -5.72
N PRO C 426 -5.78 -59.74 -6.29
CA PRO C 426 -4.55 -59.20 -6.90
C PRO C 426 -3.48 -58.91 -5.87
N ASP C 427 -2.24 -58.88 -6.34
CA ASP C 427 -1.11 -58.63 -5.45
C ASP C 427 -1.17 -57.24 -4.82
N ASP C 428 -1.77 -56.27 -5.52
CA ASP C 428 -1.82 -54.88 -5.06
C ASP C 428 -3.16 -54.51 -4.43
N PHE C 429 -3.78 -55.43 -3.71
CA PHE C 429 -5.10 -55.16 -3.13
C PHE C 429 -4.99 -54.25 -1.92
N THR C 430 -5.96 -53.35 -1.78
CA THR C 430 -6.11 -52.49 -0.60
C THR C 430 -7.52 -52.65 -0.06
N GLY C 431 -7.63 -53.05 1.20
CA GLY C 431 -8.92 -53.24 1.83
C GLY C 431 -8.85 -54.36 2.86
N CYS C 432 -10.03 -54.79 3.31
CA CYS C 432 -10.13 -55.77 4.38
C CYS C 432 -11.00 -56.94 3.94
N VAL C 433 -10.69 -58.11 4.51
CA VAL C 433 -11.46 -59.33 4.31
C VAL C 433 -11.85 -59.86 5.69
N ILE C 434 -13.14 -60.10 5.87
CA ILE C 434 -13.70 -60.46 7.17
C ILE C 434 -14.27 -61.87 7.09
N ALA C 435 -13.88 -62.72 8.04
CA ALA C 435 -14.36 -64.10 8.13
C ALA C 435 -14.77 -64.39 9.58
N TRP C 436 -15.81 -65.21 9.72
CA TRP C 436 -16.28 -65.56 11.06
C TRP C 436 -16.98 -66.92 11.01
N ASN C 437 -17.16 -67.50 12.19
CA ASN C 437 -17.77 -68.81 12.33
C ASN C 437 -19.28 -68.67 12.51
N SER C 438 -20.05 -69.42 11.71
CA SER C 438 -21.51 -69.43 11.78
C SER C 438 -21.95 -70.87 11.54
N ASN C 439 -22.17 -71.60 12.63
CA ASN C 439 -22.58 -72.99 12.54
C ASN C 439 -24.06 -73.21 12.85
N ASN C 440 -24.84 -72.13 13.00
CA ASN C 440 -26.25 -72.29 13.30
C ASN C 440 -27.16 -71.72 12.21
N LEU C 441 -26.72 -70.69 11.49
CA LEU C 441 -27.54 -70.15 10.40
C LEU C 441 -27.43 -71.00 9.15
N ASP C 442 -26.22 -71.09 8.57
CA ASP C 442 -25.99 -71.76 7.30
C ASP C 442 -25.37 -73.14 7.46
N SER C 443 -25.78 -73.88 8.48
CA SER C 443 -25.29 -75.23 8.70
C SER C 443 -26.49 -76.17 8.82
N LYS C 444 -26.38 -77.34 8.21
CA LYS C 444 -27.43 -78.35 8.21
C LYS C 444 -26.95 -79.60 8.94
N VAL C 445 -27.85 -80.20 9.70
CA VAL C 445 -27.52 -81.41 10.43
C VAL C 445 -27.27 -82.57 9.47
N GLY C 446 -28.19 -82.77 8.52
CA GLY C 446 -28.01 -83.83 7.54
C GLY C 446 -26.85 -83.57 6.59
N GLY C 447 -26.67 -82.33 6.19
CA GLY C 447 -25.60 -81.97 5.27
C GLY C 447 -25.95 -80.83 4.33
N ASN C 448 -25.08 -79.84 4.25
CA ASN C 448 -25.30 -78.66 3.41
C ASN C 448 -24.62 -78.88 2.07
N TYR C 449 -25.42 -79.19 1.05
CA TYR C 449 -24.92 -79.41 -0.29
C TYR C 449 -25.39 -78.34 -1.28
N ASN C 450 -25.92 -77.23 -0.76
CA ASN C 450 -26.36 -76.14 -1.64
C ASN C 450 -25.18 -75.44 -2.29
N TYR C 451 -24.16 -75.10 -1.51
CA TYR C 451 -22.99 -74.42 -2.04
C TYR C 451 -22.03 -75.39 -2.69
N LEU C 452 -21.28 -74.90 -3.67
CA LEU C 452 -20.34 -75.74 -4.42
C LEU C 452 -19.27 -74.86 -5.04
N TYR C 453 -18.14 -75.49 -5.37
CA TYR C 453 -16.96 -74.77 -5.83
C TYR C 453 -16.47 -75.35 -7.15
N ARG C 454 -15.56 -74.60 -7.79
CA ARG C 454 -14.94 -75.03 -9.04
C ARG C 454 -13.74 -75.91 -8.69
N LEU C 455 -13.94 -77.23 -8.74
CA LEU C 455 -12.87 -78.16 -8.40
C LEU C 455 -11.79 -78.18 -9.48
N PHE C 456 -12.19 -78.11 -10.74
CA PHE C 456 -11.26 -78.20 -11.86
C PHE C 456 -11.46 -77.01 -12.78
N ARG C 457 -10.37 -76.59 -13.42
CA ARG C 457 -10.40 -75.47 -14.36
C ARG C 457 -9.16 -75.53 -15.23
N LYS C 458 -9.34 -75.61 -16.55
CA LYS C 458 -8.21 -75.78 -17.45
C LYS C 458 -7.34 -74.53 -17.50
N SER C 459 -7.96 -73.36 -17.65
CA SER C 459 -7.21 -72.14 -17.85
C SER C 459 -6.64 -71.63 -16.52
N ASN C 460 -6.01 -70.47 -16.57
CA ASN C 460 -5.43 -69.83 -15.40
C ASN C 460 -6.29 -68.64 -15.00
N LEU C 461 -6.65 -68.58 -13.72
CA LEU C 461 -7.47 -67.50 -13.21
C LEU C 461 -6.66 -66.22 -13.07
N LYS C 462 -7.33 -65.09 -13.24
CA LYS C 462 -6.76 -63.77 -13.02
C LYS C 462 -7.57 -63.04 -11.97
N PRO C 463 -6.99 -62.07 -11.28
CA PRO C 463 -7.74 -61.30 -10.28
C PRO C 463 -8.92 -60.59 -10.92
N PHE C 464 -10.03 -60.54 -10.18
CA PHE C 464 -11.27 -59.92 -10.63
C PHE C 464 -11.78 -60.57 -11.92
N GLU C 465 -11.82 -61.90 -11.92
CA GLU C 465 -12.37 -62.67 -13.03
C GLU C 465 -13.31 -63.74 -12.48
N ARG C 466 -14.30 -64.11 -13.28
CA ARG C 466 -15.27 -65.14 -12.91
C ARG C 466 -15.52 -66.07 -14.09
N ASP C 467 -15.89 -67.30 -13.76
CA ASP C 467 -16.20 -68.34 -14.76
C ASP C 467 -17.58 -68.89 -14.44
N ILE C 468 -18.62 -68.21 -14.94
CA ILE C 468 -19.99 -68.66 -14.68
C ILE C 468 -20.41 -69.79 -15.62
N SER C 469 -19.80 -69.88 -16.80
CA SER C 469 -20.12 -70.97 -17.72
C SER C 469 -19.71 -72.31 -17.10
N THR C 470 -20.48 -73.35 -17.43
CA THR C 470 -20.29 -74.65 -16.80
C THR C 470 -19.83 -75.66 -17.86
N GLU C 471 -18.89 -75.25 -18.70
CA GLU C 471 -18.34 -76.16 -19.70
C GLU C 471 -17.62 -77.32 -19.00
N ILE C 472 -17.72 -78.49 -19.62
CA ILE C 472 -17.26 -79.72 -18.98
C ILE C 472 -15.74 -79.85 -19.13
N TYR C 473 -15.09 -80.31 -18.07
CA TYR C 473 -13.64 -80.35 -18.00
C TYR C 473 -13.09 -81.53 -18.79
N GLN C 474 -11.86 -81.36 -19.28
CA GLN C 474 -11.15 -82.41 -20.02
C GLN C 474 -10.11 -83.02 -19.08
N ALA C 475 -10.41 -84.18 -18.52
CA ALA C 475 -9.54 -84.79 -17.53
C ALA C 475 -8.21 -85.20 -18.11
N GLY C 476 -8.21 -85.84 -19.29
CA GLY C 476 -7.01 -86.35 -19.90
C GLY C 476 -6.74 -85.71 -21.25
N SER C 477 -5.73 -86.26 -21.93
CA SER C 477 -5.35 -85.77 -23.25
C SER C 477 -6.40 -86.11 -24.30
N THR C 478 -7.29 -87.05 -24.02
CA THR C 478 -8.34 -87.38 -24.96
C THR C 478 -9.37 -86.24 -25.02
N PRO C 479 -9.97 -86.00 -26.18
CA PRO C 479 -11.00 -84.96 -26.27
C PRO C 479 -12.21 -85.32 -25.42
N CYS C 480 -12.88 -84.28 -24.92
CA CYS C 480 -14.04 -84.42 -24.05
C CYS C 480 -15.31 -84.15 -24.85
N ASN C 481 -16.26 -85.08 -24.78
CA ASN C 481 -17.52 -84.98 -25.52
C ASN C 481 -18.70 -85.30 -24.62
N GLY C 482 -18.67 -84.78 -23.39
CA GLY C 482 -19.78 -84.96 -22.47
C GLY C 482 -20.04 -86.39 -22.03
N VAL C 483 -18.99 -87.11 -21.65
CA VAL C 483 -19.18 -88.48 -21.16
C VAL C 483 -19.32 -88.51 -19.64
N GLU C 484 -18.76 -87.51 -18.93
CA GLU C 484 -18.78 -87.45 -17.47
C GLU C 484 -18.16 -88.70 -16.84
N GLY C 485 -17.21 -89.31 -17.53
CA GLY C 485 -16.53 -90.50 -17.02
C GLY C 485 -15.07 -90.26 -16.73
N PHE C 486 -14.20 -91.14 -17.24
CA PHE C 486 -12.77 -90.95 -17.06
C PHE C 486 -12.26 -89.77 -17.85
N ASN C 487 -12.70 -89.62 -19.11
CA ASN C 487 -12.19 -88.56 -19.96
C ASN C 487 -12.70 -87.19 -19.53
N CYS C 488 -13.93 -87.13 -19.02
CA CYS C 488 -14.58 -85.86 -18.68
C CYS C 488 -14.95 -85.86 -17.20
N TYR C 489 -14.47 -84.84 -16.48
CA TYR C 489 -14.78 -84.66 -15.08
C TYR C 489 -15.69 -83.45 -14.90
N PHE C 490 -16.50 -83.48 -13.85
CA PHE C 490 -17.40 -82.37 -13.56
C PHE C 490 -16.67 -81.32 -12.73
N PRO C 491 -16.42 -80.12 -13.27
CA PRO C 491 -15.62 -79.13 -12.52
C PRO C 491 -16.26 -78.66 -11.22
N LEU C 492 -17.58 -78.62 -11.14
CA LEU C 492 -18.28 -78.07 -9.97
C LEU C 492 -18.58 -79.19 -8.98
N GLN C 493 -17.75 -79.30 -7.94
CA GLN C 493 -17.87 -80.36 -6.95
C GLN C 493 -18.56 -79.82 -5.71
N SER C 494 -19.45 -80.61 -5.14
CA SER C 494 -20.33 -80.13 -4.07
C SER C 494 -19.60 -80.08 -2.73
N TYR C 495 -19.89 -79.03 -1.96
CA TYR C 495 -19.47 -78.96 -0.57
C TYR C 495 -20.16 -80.04 0.26
N GLY C 496 -19.41 -80.61 1.20
CA GLY C 496 -19.98 -81.49 2.19
C GLY C 496 -19.81 -80.94 3.59
N PHE C 497 -20.89 -80.40 4.16
CA PHE C 497 -20.86 -79.75 5.46
C PHE C 497 -21.60 -80.60 6.47
N GLN C 498 -20.93 -80.94 7.56
CA GLN C 498 -21.46 -81.76 8.64
C GLN C 498 -21.11 -81.11 9.97
N PRO C 499 -21.96 -81.29 10.99
CA PRO C 499 -21.63 -80.73 12.31
C PRO C 499 -20.33 -81.26 12.89
N THR C 500 -19.96 -82.50 12.56
CA THR C 500 -18.73 -83.09 13.07
C THR C 500 -17.50 -82.73 12.24
N ASN C 501 -17.68 -82.04 11.13
CA ASN C 501 -16.54 -81.66 10.30
C ASN C 501 -15.67 -80.65 11.03
N GLY C 502 -14.37 -80.65 10.71
CA GLY C 502 -13.41 -79.81 11.37
C GLY C 502 -13.49 -78.36 10.92
N VAL C 503 -12.55 -77.57 11.45
CA VAL C 503 -12.51 -76.15 11.14
C VAL C 503 -12.28 -75.92 9.65
N GLY C 504 -11.48 -76.78 9.02
CA GLY C 504 -11.21 -76.65 7.59
C GLY C 504 -12.35 -77.11 6.70
N TYR C 505 -13.44 -77.59 7.27
CA TYR C 505 -14.61 -78.02 6.52
C TYR C 505 -15.87 -77.26 6.91
N GLN C 506 -15.74 -76.14 7.60
CA GLN C 506 -16.98 -75.53 8.07
C GLN C 506 -17.34 -74.30 7.24
N PRO C 507 -18.62 -74.14 6.89
CA PRO C 507 -19.02 -73.01 6.04
C PRO C 507 -18.99 -71.71 6.82
N TYR C 508 -18.21 -70.74 6.32
CA TYR C 508 -18.04 -69.45 6.97
C TYR C 508 -18.55 -68.36 6.03
N ARG C 509 -19.02 -67.26 6.63
CA ARG C 509 -19.53 -66.12 5.88
C ARG C 509 -18.41 -65.09 5.76
N VAL C 510 -17.87 -64.95 4.55
CA VAL C 510 -16.70 -64.12 4.30
C VAL C 510 -17.06 -63.03 3.30
N VAL C 511 -16.32 -61.93 3.35
CA VAL C 511 -16.53 -60.78 2.48
C VAL C 511 -15.18 -60.23 2.06
N VAL C 512 -15.11 -59.65 0.87
CA VAL C 512 -13.92 -58.96 0.39
C VAL C 512 -14.29 -57.50 0.18
N LEU C 513 -13.78 -56.63 1.05
CA LEU C 513 -14.06 -55.20 0.97
C LEU C 513 -13.02 -54.55 0.05
N SER C 514 -13.29 -54.64 -1.25
CA SER C 514 -12.35 -54.15 -2.26
C SER C 514 -12.47 -52.64 -2.36
N PHE C 515 -11.36 -51.94 -2.12
CA PHE C 515 -11.30 -50.49 -2.19
C PHE C 515 -10.31 -50.10 -3.27
N GLU C 516 -10.77 -49.29 -4.23
CA GLU C 516 -9.97 -48.98 -5.40
C GLU C 516 -10.11 -47.52 -5.77
N LEU C 517 -9.10 -47.00 -6.45
CA LEU C 517 -9.05 -45.60 -6.89
C LEU C 517 -9.25 -45.57 -8.39
N LEU C 518 -10.27 -44.84 -8.84
CA LEU C 518 -10.64 -44.81 -10.26
C LEU C 518 -10.54 -43.42 -10.87
N HIS C 519 -9.71 -42.55 -10.29
CA HIS C 519 -9.54 -41.16 -10.77
C HIS C 519 -10.88 -40.44 -10.83
N ALA C 520 -11.69 -40.60 -9.81
CA ALA C 520 -13.03 -40.06 -9.72
C ALA C 520 -13.22 -39.34 -8.40
N PRO C 521 -14.20 -38.43 -8.32
CA PRO C 521 -14.53 -37.84 -7.02
C PRO C 521 -14.95 -38.91 -6.02
N ALA C 522 -14.49 -38.74 -4.78
CA ALA C 522 -14.73 -39.74 -3.75
C ALA C 522 -16.17 -39.67 -3.26
N THR C 523 -16.89 -40.77 -3.39
CA THR C 523 -18.29 -40.84 -2.99
C THR C 523 -18.51 -41.58 -1.68
N VAL C 524 -17.49 -42.24 -1.14
CA VAL C 524 -17.59 -42.95 0.13
C VAL C 524 -16.61 -42.30 1.10
N CYS C 525 -17.13 -41.86 2.26
CA CYS C 525 -16.32 -41.24 3.28
C CYS C 525 -16.88 -41.58 4.65
N GLY C 526 -16.06 -41.34 5.67
CA GLY C 526 -16.47 -41.57 7.04
C GLY C 526 -17.50 -40.56 7.52
N PRO C 527 -18.46 -41.02 8.31
CA PRO C 527 -19.48 -40.12 8.84
C PRO C 527 -18.93 -39.19 9.91
N LYS C 528 -19.65 -38.10 10.14
CA LYS C 528 -19.24 -37.05 11.07
C LYS C 528 -20.28 -36.88 12.16
N LYS C 529 -19.81 -36.69 13.39
CA LYS C 529 -20.66 -36.64 14.57
C LYS C 529 -21.10 -35.21 14.87
N SER C 530 -22.26 -35.08 15.49
CA SER C 530 -22.81 -33.81 15.93
C SER C 530 -22.94 -33.80 17.44
N THR C 531 -22.44 -32.75 18.08
CA THR C 531 -22.47 -32.66 19.53
C THR C 531 -23.82 -32.12 20.01
N ASN C 532 -23.94 -31.95 21.32
CA ASN C 532 -25.16 -31.43 21.91
C ASN C 532 -25.22 -29.91 21.73
N LEU C 533 -26.37 -29.34 22.07
CA LEU C 533 -26.64 -27.92 21.89
C LEU C 533 -26.62 -27.19 23.22
N VAL C 534 -26.06 -25.98 23.21
CA VAL C 534 -25.96 -25.14 24.40
C VAL C 534 -26.38 -23.73 24.01
N LYS C 535 -27.10 -23.05 24.92
CA LYS C 535 -27.63 -21.72 24.67
C LYS C 535 -27.19 -20.76 25.76
N ASN C 536 -27.16 -19.47 25.42
CA ASN C 536 -26.72 -18.41 26.32
C ASN C 536 -25.30 -18.67 26.82
N LYS C 537 -24.42 -19.11 25.92
CA LYS C 537 -23.02 -19.31 26.23
C LYS C 537 -22.20 -19.07 24.96
N CYS C 538 -21.02 -18.51 25.12
CA CYS C 538 -20.17 -18.20 23.97
C CYS C 538 -19.49 -19.47 23.49
N VAL C 539 -19.83 -19.91 22.28
CA VAL C 539 -19.34 -21.15 21.71
C VAL C 539 -18.93 -20.95 20.26
N ASN C 540 -18.15 -21.90 19.76
CA ASN C 540 -17.76 -21.94 18.35
C ASN C 540 -18.68 -22.92 17.64
N PHE C 541 -19.52 -22.41 16.73
CA PHE C 541 -20.52 -23.23 16.07
C PHE C 541 -20.14 -23.46 14.62
N ASN C 542 -20.41 -24.68 14.13
CA ASN C 542 -20.25 -25.05 12.73
C ASN C 542 -21.58 -25.67 12.31
N PHE C 543 -22.53 -24.83 11.93
CA PHE C 543 -23.86 -25.27 11.54
C PHE C 543 -23.88 -25.48 10.03
N ASN C 544 -23.41 -26.65 9.60
CA ASN C 544 -23.41 -27.03 8.19
C ASN C 544 -22.64 -26.01 7.34
N GLY C 545 -21.61 -25.42 7.93
CA GLY C 545 -20.78 -24.46 7.23
C GLY C 545 -20.93 -23.01 7.62
N LEU C 546 -21.74 -22.70 8.63
CA LEU C 546 -21.81 -21.32 9.10
C LEU C 546 -20.49 -20.89 9.74
N THR C 547 -19.74 -21.83 10.30
CA THR C 547 -18.37 -21.66 10.80
C THR C 547 -18.16 -20.29 11.46
N GLY C 548 -19.06 -19.93 12.37
CA GLY C 548 -18.97 -18.70 13.11
C GLY C 548 -18.89 -18.96 14.61
N THR C 549 -18.68 -17.87 15.36
CA THR C 549 -18.62 -17.92 16.81
C THR C 549 -19.54 -16.85 17.39
N GLY C 550 -20.17 -17.19 18.51
CA GLY C 550 -21.09 -16.26 19.14
C GLY C 550 -21.92 -16.97 20.19
N VAL C 551 -22.92 -16.26 20.71
CA VAL C 551 -23.80 -16.76 21.75
C VAL C 551 -25.14 -17.11 21.13
N LEU C 552 -25.51 -18.38 21.21
CA LEU C 552 -26.78 -18.88 20.68
C LEU C 552 -27.87 -18.72 21.74
N THR C 553 -29.04 -18.25 21.31
CA THR C 553 -30.15 -18.05 22.23
C THR C 553 -31.45 -18.33 21.50
N GLU C 554 -32.52 -18.52 22.27
CA GLU C 554 -33.84 -18.72 21.69
C GLU C 554 -34.36 -17.41 21.11
N SER C 555 -35.06 -17.51 19.99
CA SER C 555 -35.59 -16.35 19.28
C SER C 555 -37.04 -16.59 18.90
N ASN C 556 -37.82 -15.52 18.88
CA ASN C 556 -39.22 -15.61 18.49
C ASN C 556 -39.42 -15.52 16.99
N LYS C 557 -38.42 -15.06 16.24
CA LYS C 557 -38.55 -14.95 14.80
C LYS C 557 -38.65 -16.32 14.16
N LYS C 558 -39.40 -16.40 13.08
CA LYS C 558 -39.70 -17.67 12.41
C LYS C 558 -39.20 -17.64 10.98
N PHE C 559 -38.60 -18.73 10.54
CA PHE C 559 -38.06 -18.82 9.20
C PHE C 559 -39.11 -19.39 8.24
N LEU C 560 -38.85 -19.24 6.96
CA LEU C 560 -39.60 -20.03 6.00
C LEU C 560 -39.08 -21.46 5.97
N PRO C 561 -39.94 -22.43 5.63
CA PRO C 561 -39.52 -23.84 5.74
C PRO C 561 -38.26 -24.18 4.94
N PHE C 562 -38.04 -23.53 3.81
CA PHE C 562 -36.83 -23.83 3.05
C PHE C 562 -35.64 -23.00 3.52
N GLN C 563 -35.89 -21.84 4.14
CA GLN C 563 -34.80 -20.97 4.55
C GLN C 563 -34.02 -21.58 5.71
N GLN C 564 -32.70 -21.46 5.64
CA GLN C 564 -31.81 -22.05 6.63
C GLN C 564 -31.33 -21.05 7.68
N PHE C 565 -30.74 -19.95 7.27
CA PHE C 565 -30.23 -18.96 8.22
C PHE C 565 -30.65 -17.57 7.77
N GLY C 566 -30.35 -16.59 8.62
CA GLY C 566 -30.80 -15.24 8.39
C GLY C 566 -29.65 -14.25 8.42
N ARG C 567 -29.91 -13.08 7.85
CA ARG C 567 -28.95 -11.98 7.88
C ARG C 567 -29.63 -10.69 8.27
N ASP C 568 -28.92 -9.56 8.14
CA ASP C 568 -29.45 -8.28 8.57
C ASP C 568 -28.88 -7.19 7.67
N ILE C 569 -29.07 -5.93 8.09
CA ILE C 569 -28.59 -4.80 7.30
C ILE C 569 -27.08 -4.87 7.12
N ALA C 570 -26.37 -5.22 8.19
CA ALA C 570 -24.91 -5.27 8.15
C ALA C 570 -24.38 -6.42 7.31
N ASP C 571 -25.24 -7.32 6.85
CA ASP C 571 -24.84 -8.48 6.05
C ASP C 571 -23.95 -9.41 6.88
N THR C 572 -24.45 -9.77 8.06
CA THR C 572 -23.77 -10.70 8.95
C THR C 572 -24.74 -11.78 9.38
N THR C 573 -24.20 -12.94 9.74
CA THR C 573 -25.03 -14.05 10.17
C THR C 573 -25.77 -13.68 11.44
N ASP C 574 -27.09 -13.69 11.39
CA ASP C 574 -27.93 -13.25 12.50
C ASP C 574 -28.60 -14.40 13.24
N ALA C 575 -29.18 -15.34 12.51
CA ALA C 575 -29.86 -16.48 13.13
C ALA C 575 -29.63 -17.71 12.28
N VAL C 576 -29.65 -18.88 12.91
CA VAL C 576 -29.53 -20.16 12.22
C VAL C 576 -30.56 -21.11 12.82
N ARG C 577 -31.23 -21.88 11.97
CA ARG C 577 -32.14 -22.90 12.46
C ARG C 577 -31.36 -24.16 12.81
N ASP C 578 -31.92 -24.92 13.74
CA ASP C 578 -31.27 -26.14 14.21
C ASP C 578 -31.27 -27.18 13.08
N PRO C 579 -30.12 -27.72 12.69
CA PRO C 579 -30.14 -28.79 11.67
C PRO C 579 -30.89 -30.03 12.11
N GLN C 580 -30.85 -30.39 13.39
CA GLN C 580 -31.52 -31.60 13.85
C GLN C 580 -33.02 -31.38 13.97
N THR C 581 -33.43 -30.49 14.86
CA THR C 581 -34.84 -30.22 15.13
C THR C 581 -35.24 -28.89 14.48
N LEU C 582 -36.46 -28.46 14.73
CA LEU C 582 -37.00 -27.25 14.11
C LEU C 582 -37.14 -26.15 15.16
N GLU C 583 -36.05 -25.44 15.41
CA GLU C 583 -36.06 -24.27 16.26
C GLU C 583 -35.18 -23.21 15.62
N ILE C 584 -35.36 -21.97 16.07
CA ILE C 584 -34.61 -20.82 15.56
C ILE C 584 -33.70 -20.32 16.67
N LEU C 585 -32.40 -20.26 16.38
CA LEU C 585 -31.38 -19.86 17.35
C LEU C 585 -30.81 -18.52 16.91
N ASP C 586 -31.18 -17.46 17.60
CA ASP C 586 -30.62 -16.15 17.30
C ASP C 586 -29.16 -16.11 17.75
N ILE C 587 -28.32 -15.46 16.94
CA ILE C 587 -26.88 -15.40 17.19
C ILE C 587 -26.51 -13.97 17.56
N THR C 588 -25.85 -13.82 18.71
CA THR C 588 -25.31 -12.55 19.15
C THR C 588 -23.80 -12.69 19.32
N PRO C 589 -23.02 -11.73 18.83
CA PRO C 589 -21.56 -11.90 18.88
C PRO C 589 -21.05 -11.87 20.31
N CYS C 590 -19.78 -12.24 20.45
CA CYS C 590 -19.15 -12.29 21.77
C CYS C 590 -19.12 -10.89 22.37
N SER C 591 -19.51 -10.79 23.64
CA SER C 591 -19.50 -9.50 24.30
C SER C 591 -18.07 -9.00 24.45
N PHE C 592 -17.83 -7.76 24.03
CA PHE C 592 -16.50 -7.19 24.13
C PHE C 592 -16.63 -5.67 24.14
N GLY C 593 -15.66 -5.02 24.76
CA GLY C 593 -15.66 -3.59 24.85
C GLY C 593 -14.41 -3.10 25.55
N GLY C 594 -14.21 -1.79 25.48
CA GLY C 594 -13.04 -1.21 26.10
C GLY C 594 -13.07 -1.31 27.61
N VAL C 595 -11.89 -1.46 28.19
CA VAL C 595 -11.71 -1.46 29.63
C VAL C 595 -11.16 -0.11 30.01
N SER C 596 -11.93 0.65 30.77
CA SER C 596 -11.55 1.99 31.18
C SER C 596 -11.25 2.00 32.67
N VAL C 597 -10.09 2.52 33.05
CA VAL C 597 -9.68 2.59 34.44
C VAL C 597 -10.06 3.95 34.98
N ILE C 598 -10.88 3.97 36.02
CA ILE C 598 -11.37 5.20 36.63
C ILE C 598 -10.54 5.44 37.88
N THR C 599 -9.69 6.45 37.83
CA THR C 599 -8.81 6.74 38.94
C THR C 599 -8.83 8.22 39.27
N PRO C 600 -8.68 8.58 40.52
CA PRO C 600 -8.30 9.95 40.87
C PRO C 600 -6.80 10.10 40.65
N GLY C 601 -6.29 11.30 40.90
CA GLY C 601 -4.88 11.52 40.74
C GLY C 601 -4.08 10.62 41.67
N THR C 602 -2.91 10.18 41.20
CA THR C 602 -2.05 9.35 42.03
C THR C 602 -1.64 10.08 43.31
N ASN C 603 -1.60 11.41 43.27
CA ASN C 603 -1.32 12.15 44.49
C ASN C 603 -2.46 12.02 45.49
N THR C 604 -3.71 11.94 45.01
CA THR C 604 -4.84 11.79 45.91
C THR C 604 -4.90 10.38 46.49
N SER C 605 -4.76 9.36 45.65
CA SER C 605 -4.88 7.98 46.09
C SER C 605 -4.39 7.07 44.98
N ASN C 606 -4.40 5.76 45.26
CA ASN C 606 -4.04 4.74 44.28
C ASN C 606 -5.17 3.77 44.00
N GLN C 607 -6.33 3.94 44.62
CA GLN C 607 -7.47 3.11 44.32
C GLN C 607 -7.97 3.40 42.91
N VAL C 608 -8.44 2.37 42.22
CA VAL C 608 -9.00 2.51 40.90
C VAL C 608 -10.32 1.75 40.82
N ALA C 609 -11.14 2.17 39.87
CA ALA C 609 -12.34 1.45 39.50
C ALA C 609 -12.27 1.15 38.01
N VAL C 610 -12.67 -0.06 37.63
CA VAL C 610 -12.55 -0.53 36.25
C VAL C 610 -13.94 -0.60 35.65
N LEU C 611 -14.11 0.03 34.49
CA LEU C 611 -15.38 0.05 33.77
C LEU C 611 -15.28 -0.88 32.56
N TYR C 612 -16.14 -1.88 32.52
CA TYR C 612 -16.21 -2.81 31.38
C TYR C 612 -17.38 -2.37 30.51
N GLN C 613 -17.07 -1.64 29.44
CA GLN C 613 -18.11 -1.02 28.64
C GLN C 613 -18.93 -2.08 27.90
N ASP C 614 -20.25 -1.88 27.89
CA ASP C 614 -21.18 -2.73 27.12
C ASP C 614 -21.04 -4.20 27.50
N VAL C 615 -20.91 -4.47 28.78
CA VAL C 615 -20.73 -5.83 29.28
C VAL C 615 -21.67 -6.05 30.46
N ASN C 616 -22.37 -7.18 30.44
CA ASN C 616 -23.18 -7.58 31.59
C ASN C 616 -22.28 -8.15 32.67
N CYS C 617 -22.60 -7.82 33.93
CA CYS C 617 -21.76 -8.26 35.05
C CYS C 617 -21.82 -9.75 35.27
N THR C 618 -22.75 -10.46 34.65
CA THR C 618 -22.69 -11.92 34.69
C THR C 618 -21.48 -12.43 33.89
N GLU C 619 -21.10 -11.73 32.83
CA GLU C 619 -20.05 -12.16 31.93
C GLU C 619 -18.68 -11.56 32.23
N VAL C 620 -18.57 -10.76 33.30
CA VAL C 620 -17.31 -10.08 33.59
C VAL C 620 -16.28 -11.07 34.11
N TYR C 636 -9.51 -4.66 38.12
CA TYR C 636 -9.68 -5.43 39.34
C TYR C 636 -10.48 -6.71 39.12
N SER C 637 -10.13 -7.75 39.87
CA SER C 637 -10.88 -8.98 39.84
C SER C 637 -12.28 -8.76 40.40
N THR C 638 -13.24 -9.52 39.89
CA THR C 638 -14.64 -9.33 40.22
C THR C 638 -14.90 -9.63 41.70
N GLY C 639 -15.98 -9.03 42.22
CA GLY C 639 -16.39 -9.23 43.60
C GLY C 639 -16.11 -8.07 44.52
N SER C 640 -15.60 -6.95 44.02
CA SER C 640 -15.27 -5.78 44.83
C SER C 640 -16.22 -4.65 44.45
N ASN C 641 -17.39 -4.62 45.08
CA ASN C 641 -18.40 -3.58 44.86
C ASN C 641 -18.80 -3.51 43.38
N VAL C 642 -19.15 -4.67 42.82
CA VAL C 642 -19.56 -4.71 41.43
C VAL C 642 -20.87 -3.94 41.26
N PHE C 643 -21.04 -3.32 40.10
CA PHE C 643 -22.17 -2.45 39.84
C PHE C 643 -22.46 -2.45 38.35
N GLN C 644 -23.74 -2.36 38.00
CA GLN C 644 -24.19 -2.42 36.62
C GLN C 644 -24.85 -1.10 36.24
N THR C 645 -24.49 -0.58 35.07
CA THR C 645 -25.11 0.62 34.54
C THR C 645 -25.14 0.51 33.02
N ARG C 646 -25.77 1.49 32.37
CA ARG C 646 -25.91 1.43 30.92
C ARG C 646 -24.56 1.54 30.22
N ALA C 647 -23.59 2.20 30.85
CA ALA C 647 -22.25 2.24 30.27
C ALA C 647 -21.60 0.86 30.30
N GLY C 648 -21.78 0.13 31.39
CA GLY C 648 -21.19 -1.19 31.52
C GLY C 648 -21.02 -1.55 32.99
N CYS C 649 -20.21 -2.58 33.20
CA CYS C 649 -19.96 -3.05 34.56
C CYS C 649 -18.91 -2.18 35.23
N LEU C 650 -19.26 -1.66 36.41
CA LEU C 650 -18.36 -0.83 37.19
C LEU C 650 -17.87 -1.63 38.38
N ILE C 651 -16.57 -1.92 38.40
CA ILE C 651 -15.96 -2.74 39.44
C ILE C 651 -15.02 -1.86 40.25
N GLY C 652 -15.17 -1.89 41.57
CA GLY C 652 -14.35 -1.10 42.46
C GLY C 652 -15.00 0.16 42.97
N ALA C 653 -16.23 0.47 42.54
CA ALA C 653 -16.95 1.65 42.97
C ALA C 653 -18.31 1.25 43.51
N GLU C 654 -18.71 1.89 44.61
CA GLU C 654 -19.98 1.58 45.25
C GLU C 654 -21.03 2.61 44.88
N HIS C 655 -22.19 2.12 44.46
CA HIS C 655 -23.29 3.01 44.10
C HIS C 655 -23.80 3.74 45.33
N VAL C 656 -24.05 5.03 45.19
CA VAL C 656 -24.59 5.84 46.28
C VAL C 656 -25.88 6.49 45.81
N ASN C 657 -26.86 6.54 46.71
CA ASN C 657 -28.19 7.04 46.32
C ASN C 657 -28.18 8.55 46.13
N ASN C 658 -27.51 9.30 47.00
CA ASN C 658 -27.50 10.75 46.83
C ASN C 658 -26.65 11.14 45.62
N SER C 659 -26.93 12.33 45.09
CA SER C 659 -26.33 12.79 43.85
C SER C 659 -25.49 14.03 44.11
N TYR C 660 -24.25 14.01 43.62
CA TYR C 660 -23.34 15.14 43.70
C TYR C 660 -23.08 15.66 42.30
N GLU C 661 -22.25 16.69 42.21
CA GLU C 661 -21.84 17.20 40.91
C GLU C 661 -20.87 16.22 40.25
N CYS C 662 -20.89 16.20 38.92
CA CYS C 662 -20.09 15.23 38.19
C CYS C 662 -18.60 15.56 38.31
N ASP C 663 -17.80 14.51 38.56
CA ASP C 663 -16.35 14.62 38.61
C ASP C 663 -15.67 13.86 37.48
N ILE C 664 -15.90 12.54 37.41
CA ILE C 664 -15.33 11.71 36.36
C ILE C 664 -16.50 11.12 35.57
N PRO C 665 -16.75 11.60 34.36
CA PRO C 665 -17.96 11.17 33.62
C PRO C 665 -17.83 9.72 33.19
N ILE C 666 -18.79 8.90 33.61
CA ILE C 666 -18.78 7.49 33.26
C ILE C 666 -19.61 7.22 32.01
N GLY C 667 -20.80 7.80 31.95
CA GLY C 667 -21.69 7.60 30.82
C GLY C 667 -23.11 7.40 31.31
N ALA C 668 -24.06 7.83 30.49
CA ALA C 668 -25.49 7.67 30.79
C ALA C 668 -25.85 8.27 32.14
N GLY C 669 -25.29 9.43 32.44
CA GLY C 669 -25.63 10.14 33.66
C GLY C 669 -24.90 9.71 34.90
N ILE C 670 -24.06 8.70 34.83
CA ILE C 670 -23.32 8.21 35.97
C ILE C 670 -21.96 8.90 36.01
N CYS C 671 -21.59 9.40 37.19
CA CYS C 671 -20.29 10.03 37.37
C CYS C 671 -19.63 9.49 38.63
N ALA C 672 -18.35 9.19 38.53
CA ALA C 672 -17.59 8.62 39.62
C ALA C 672 -16.71 9.69 40.26
N SER C 673 -16.42 9.49 41.54
CA SER C 673 -15.61 10.46 42.27
C SER C 673 -15.00 9.78 43.48
N TYR C 674 -13.96 10.41 44.03
CA TYR C 674 -13.29 9.93 45.23
C TYR C 674 -13.94 10.59 46.44
N GLN C 675 -14.49 9.77 47.34
CA GLN C 675 -15.24 10.29 48.47
C GLN C 675 -15.17 9.30 49.62
N THR C 676 -15.47 9.81 50.81
CA THR C 676 -15.49 8.97 52.02
C THR C 676 -16.70 8.05 52.03
N SER C 686 -12.17 4.14 54.73
CA SER C 686 -13.20 5.18 54.82
C SER C 686 -13.46 5.80 53.46
N GLN C 687 -12.39 6.11 52.72
CA GLN C 687 -12.48 6.74 51.42
C GLN C 687 -12.43 5.69 50.33
N SER C 688 -13.30 5.81 49.34
CA SER C 688 -13.34 4.87 48.24
C SER C 688 -14.04 5.52 47.05
N ILE C 689 -13.86 4.91 45.87
CA ILE C 689 -14.50 5.40 44.67
C ILE C 689 -16.01 5.14 44.77
N ILE C 690 -16.80 6.14 44.42
CA ILE C 690 -18.26 6.03 44.44
C ILE C 690 -18.79 6.32 43.06
N ALA C 691 -19.98 5.80 42.76
CA ALA C 691 -20.65 6.04 41.51
C ALA C 691 -22.07 6.51 41.79
N TYR C 692 -22.54 7.49 41.01
CA TYR C 692 -23.84 8.07 41.25
C TYR C 692 -24.35 8.71 39.97
N THR C 693 -25.67 8.89 39.90
CA THR C 693 -26.24 9.70 38.84
C THR C 693 -25.99 11.17 39.14
N MET C 694 -25.30 11.85 38.24
CA MET C 694 -24.82 13.19 38.53
C MET C 694 -25.98 14.14 38.72
N SER C 695 -25.77 15.15 39.55
CA SER C 695 -26.76 16.17 39.86
C SER C 695 -26.53 17.37 38.96
N LEU C 696 -27.61 17.86 38.36
CA LEU C 696 -27.49 18.99 37.45
C LEU C 696 -27.34 20.32 38.17
N GLY C 697 -27.49 20.35 39.48
CA GLY C 697 -27.35 21.58 40.22
C GLY C 697 -28.44 21.79 41.24
N ALA C 698 -28.26 22.77 42.13
CA ALA C 698 -29.24 23.04 43.16
C ALA C 698 -30.57 23.44 42.52
N GLU C 699 -31.62 22.71 42.85
CA GLU C 699 -32.91 22.89 42.21
C GLU C 699 -33.72 23.90 43.00
N ASN C 700 -33.61 25.16 42.63
CA ASN C 700 -34.34 26.23 43.31
C ASN C 700 -35.49 26.68 42.43
N SER C 701 -36.62 26.97 43.06
CA SER C 701 -37.80 27.42 42.35
C SER C 701 -37.91 28.93 42.49
N VAL C 702 -37.91 29.63 41.36
CA VAL C 702 -38.13 31.07 41.39
C VAL C 702 -39.56 31.32 41.85
N ALA C 703 -39.71 32.16 42.87
CA ALA C 703 -40.99 32.35 43.52
C ALA C 703 -41.90 33.23 42.65
N TYR C 704 -42.19 32.72 41.45
CA TYR C 704 -42.98 33.49 40.51
C TYR C 704 -44.34 33.83 41.10
N SER C 705 -44.77 35.06 40.85
CA SER C 705 -46.13 35.48 41.18
C SER C 705 -46.48 36.60 40.21
N ASN C 706 -47.75 36.66 39.82
CA ASN C 706 -48.15 37.57 38.77
C ASN C 706 -48.11 39.03 39.20
N ASN C 707 -47.58 39.34 40.38
CA ASN C 707 -47.42 40.72 40.81
C ASN C 707 -46.13 40.96 41.57
N SER C 708 -45.23 39.99 41.61
CA SER C 708 -44.00 40.12 42.37
C SER C 708 -42.81 40.26 41.44
N ILE C 709 -41.99 41.29 41.68
CA ILE C 709 -40.73 41.48 40.98
C ILE C 709 -39.64 41.63 42.03
N ALA C 710 -38.41 41.30 41.62
CA ALA C 710 -37.26 41.32 42.53
C ALA C 710 -36.17 42.17 41.91
N ILE C 711 -36.16 43.46 42.24
CA ILE C 711 -35.13 44.36 41.73
C ILE C 711 -33.89 44.24 42.60
N PRO C 712 -32.72 43.95 42.03
CA PRO C 712 -31.51 43.83 42.85
C PRO C 712 -31.12 45.15 43.50
N THR C 713 -30.51 45.05 44.68
CA THR C 713 -30.15 46.21 45.48
C THR C 713 -28.69 46.60 45.34
N ASN C 714 -27.81 45.63 45.10
CA ASN C 714 -26.37 45.87 45.04
C ASN C 714 -25.87 45.28 43.73
N PHE C 715 -24.55 45.20 43.57
CA PHE C 715 -23.99 44.60 42.38
C PHE C 715 -22.64 43.98 42.72
N THR C 716 -21.94 43.53 41.68
CA THR C 716 -20.62 42.94 41.85
C THR C 716 -19.89 43.06 40.53
N ILE C 717 -18.79 43.80 40.51
CA ILE C 717 -17.97 43.92 39.31
C ILE C 717 -17.04 42.73 39.24
N SER C 718 -17.48 41.66 38.60
CA SER C 718 -16.74 40.40 38.59
C SER C 718 -15.96 40.27 37.30
N VAL C 719 -14.68 39.96 37.41
CA VAL C 719 -13.80 39.77 36.27
C VAL C 719 -13.68 38.29 35.98
N THR C 720 -13.91 37.91 34.72
CA THR C 720 -13.85 36.53 34.28
C THR C 720 -12.72 36.39 33.26
N THR C 721 -11.94 35.34 33.39
CA THR C 721 -10.84 35.07 32.47
C THR C 721 -11.31 34.11 31.39
N GLU C 722 -11.06 34.46 30.14
CA GLU C 722 -11.40 33.63 29.00
C GLU C 722 -10.15 33.40 28.15
N ILE C 723 -9.80 32.15 27.92
CA ILE C 723 -8.58 31.78 27.23
C ILE C 723 -8.95 31.23 25.85
N LEU C 724 -8.27 31.73 24.81
CA LEU C 724 -8.54 31.31 23.45
C LEU C 724 -7.24 31.08 22.69
N PRO C 725 -7.04 29.92 22.08
CA PRO C 725 -5.91 29.76 21.16
C PRO C 725 -6.04 30.71 19.99
N VAL C 726 -4.91 31.22 19.53
CA VAL C 726 -4.90 32.14 18.39
C VAL C 726 -4.04 31.58 17.28
N SER C 727 -3.01 30.81 17.64
CA SER C 727 -2.13 30.25 16.64
C SER C 727 -1.47 29.01 17.22
N MET C 728 -0.89 28.20 16.36
CA MET C 728 -0.17 27.01 16.77
C MET C 728 1.25 27.09 16.23
N THR C 729 2.05 26.09 16.60
CA THR C 729 3.46 26.10 16.21
C THR C 729 3.58 26.07 14.69
N LYS C 730 4.40 26.97 14.18
CA LYS C 730 4.45 27.28 12.75
C LYS C 730 5.49 26.38 12.09
N THR C 731 5.17 25.08 12.02
CA THR C 731 6.11 24.09 11.54
C THR C 731 5.96 23.88 10.04
N SER C 732 7.07 23.50 9.42
CA SER C 732 7.09 23.09 8.02
C SER C 732 7.97 21.86 7.89
N VAL C 733 7.49 20.87 7.14
CA VAL C 733 8.19 19.61 6.97
C VAL C 733 8.58 19.47 5.51
N ASP C 734 9.86 19.21 5.27
CA ASP C 734 10.37 19.01 3.92
C ASP C 734 10.11 17.57 3.52
N CYS C 735 9.17 17.35 2.60
CA CYS C 735 8.70 16.00 2.32
C CYS C 735 9.81 15.11 1.78
N THR C 736 10.62 15.63 0.86
CA THR C 736 11.63 14.78 0.25
C THR C 736 12.72 14.38 1.24
N MET C 737 13.09 15.29 2.15
CA MET C 737 14.10 14.96 3.14
C MET C 737 13.52 14.06 4.24
N TYR C 738 12.26 14.26 4.59
CA TYR C 738 11.63 13.41 5.58
C TYR C 738 11.52 11.97 5.08
N ILE C 739 10.95 11.78 3.89
CA ILE C 739 10.73 10.44 3.39
C ILE C 739 12.05 9.75 3.09
N CYS C 740 12.98 10.46 2.46
CA CYS C 740 14.29 9.94 2.12
C CYS C 740 15.36 10.87 2.65
N GLY C 741 16.38 10.31 3.26
CA GLY C 741 17.38 11.14 3.90
C GLY C 741 18.45 11.62 2.95
N ASP C 742 19.69 11.22 3.21
CA ASP C 742 20.80 11.58 2.34
C ASP C 742 20.93 10.67 1.12
N SER C 743 20.16 9.59 1.05
CA SER C 743 20.24 8.69 -0.09
C SER C 743 19.60 9.32 -1.32
N THR C 744 20.18 9.05 -2.49
CA THR C 744 19.67 9.59 -3.73
C THR C 744 18.71 8.63 -4.43
N GLU C 745 18.91 7.33 -4.27
CA GLU C 745 18.02 6.36 -4.90
C GLU C 745 16.61 6.46 -4.35
N CYS C 746 16.47 6.71 -3.05
CA CYS C 746 15.15 6.94 -2.49
C CYS C 746 14.52 8.20 -3.06
N SER C 747 15.33 9.23 -3.29
CA SER C 747 14.81 10.44 -3.94
C SER C 747 14.31 10.13 -5.34
N ASN C 748 15.05 9.33 -6.10
CA ASN C 748 14.61 8.96 -7.44
C ASN C 748 13.33 8.16 -7.40
N LEU C 749 13.22 7.23 -6.44
CA LEU C 749 11.99 6.45 -6.33
C LEU C 749 10.81 7.30 -5.89
N LEU C 750 11.05 8.33 -5.09
CA LEU C 750 9.98 9.23 -4.70
C LEU C 750 9.54 10.12 -5.86
N LEU C 751 10.48 10.49 -6.73
CA LEU C 751 10.16 11.44 -7.80
C LEU C 751 9.06 10.90 -8.71
N GLN C 752 8.99 9.58 -8.86
CA GLN C 752 7.99 9.00 -9.75
C GLN C 752 6.59 9.03 -9.15
N TYR C 753 6.47 9.19 -7.83
CA TYR C 753 5.15 9.24 -7.22
C TYR C 753 4.37 10.48 -7.63
N GLY C 754 5.07 11.51 -8.12
CA GLY C 754 4.38 12.68 -8.61
C GLY C 754 4.65 13.91 -7.78
N SER C 755 3.64 14.78 -7.67
CA SER C 755 3.76 16.02 -6.91
C SER C 755 3.12 15.89 -5.53
N PHE C 756 3.22 14.72 -4.90
CA PHE C 756 2.72 14.57 -3.55
C PHE C 756 3.48 15.48 -2.58
N CYS C 757 4.80 15.46 -2.67
CA CYS C 757 5.61 16.24 -1.73
C CYS C 757 5.42 17.73 -1.94
N THR C 758 5.30 18.17 -3.20
CA THR C 758 5.02 19.59 -3.44
C THR C 758 3.68 19.98 -2.83
N GLN C 759 2.68 19.12 -2.97
CA GLN C 759 1.37 19.39 -2.41
C GLN C 759 1.43 19.48 -0.89
N LEU C 760 2.15 18.56 -0.25
CA LEU C 760 2.26 18.59 1.21
C LEU C 760 3.00 19.83 1.69
N ASN C 761 4.09 20.18 1.02
CA ASN C 761 4.82 21.39 1.40
C ASN C 761 3.95 22.63 1.22
N ARG C 762 3.18 22.67 0.14
CA ARG C 762 2.31 23.82 -0.09
C ARG C 762 1.23 23.92 0.97
N ALA C 763 0.66 22.77 1.38
CA ALA C 763 -0.35 22.79 2.42
C ALA C 763 0.23 23.25 3.76
N LEU C 764 1.40 22.74 4.12
CA LEU C 764 2.01 23.14 5.38
C LEU C 764 2.42 24.61 5.35
N THR C 765 2.88 25.10 4.21
CA THR C 765 3.19 26.52 4.08
C THR C 765 1.93 27.37 4.20
N GLY C 766 0.81 26.91 3.63
CA GLY C 766 -0.44 27.63 3.81
C GLY C 766 -0.84 27.71 5.27
N ILE C 767 -0.69 26.61 6.00
CA ILE C 767 -0.97 26.63 7.43
C ILE C 767 -0.05 27.61 8.15
N ALA C 768 1.24 27.59 7.79
CA ALA C 768 2.21 28.46 8.46
C ALA C 768 1.88 29.93 8.25
N VAL C 769 1.52 30.32 7.02
CA VAL C 769 1.14 31.71 6.78
C VAL C 769 -0.17 32.04 7.48
N GLU C 770 -1.09 31.07 7.51
CA GLU C 770 -2.34 31.27 8.20
C GLU C 770 -2.13 31.57 9.68
N GLN C 771 -1.11 30.99 10.29
CA GLN C 771 -0.86 31.27 11.70
C GLN C 771 -0.53 32.74 11.93
N ASP C 772 0.34 33.30 11.09
CA ASP C 772 0.66 34.72 11.22
C ASP C 772 -0.53 35.59 10.90
N LYS C 773 -1.36 35.17 9.94
CA LYS C 773 -2.58 35.92 9.67
C LYS C 773 -3.50 35.91 10.89
N ASN C 774 -3.59 34.76 11.56
CA ASN C 774 -4.41 34.68 12.78
C ASN C 774 -3.92 35.67 13.83
N THR C 775 -2.62 35.65 14.09
CA THR C 775 -2.07 36.55 15.10
C THR C 775 -2.30 38.01 14.70
N GLN C 776 -2.19 38.32 13.42
CA GLN C 776 -2.36 39.69 12.97
C GLN C 776 -3.81 40.15 13.15
N GLU C 777 -4.78 39.33 12.75
CA GLU C 777 -6.17 39.72 12.93
C GLU C 777 -6.52 39.85 14.40
N VAL C 778 -6.00 38.96 15.24
CA VAL C 778 -6.36 39.03 16.66
C VAL C 778 -5.79 40.29 17.29
N PHE C 779 -4.50 40.55 17.07
CA PHE C 779 -3.82 41.57 17.87
C PHE C 779 -3.66 42.91 17.18
N ALA C 780 -3.61 42.95 15.85
CA ALA C 780 -3.36 44.19 15.12
C ALA C 780 -4.62 44.97 14.83
N GLN C 781 -5.63 44.88 15.70
CA GLN C 781 -6.82 45.70 15.55
C GLN C 781 -6.46 47.18 15.59
N VAL C 782 -5.55 47.54 16.48
CA VAL C 782 -5.16 48.93 16.66
C VAL C 782 -4.25 49.36 15.52
N LYS C 783 -4.31 50.65 15.18
CA LYS C 783 -3.52 51.20 14.09
C LYS C 783 -2.27 51.92 14.56
N GLN C 784 -2.29 52.46 15.78
CA GLN C 784 -1.17 53.21 16.33
C GLN C 784 -0.87 52.68 17.72
N ILE C 785 0.40 52.59 18.06
CA ILE C 785 0.78 52.11 19.40
C ILE C 785 0.52 53.23 20.40
N TYR C 786 -0.30 52.95 21.40
CA TYR C 786 -0.66 53.92 22.41
C TYR C 786 0.16 53.72 23.68
N LYS C 787 0.21 54.77 24.49
CA LYS C 787 0.91 54.73 25.76
C LYS C 787 0.03 55.34 26.85
N THR C 788 0.01 54.70 28.01
CA THR C 788 -0.65 55.28 29.15
C THR C 788 0.16 56.46 29.71
N PRO C 789 -0.50 57.41 30.35
CA PRO C 789 0.21 58.58 30.86
C PRO C 789 1.19 58.19 31.96
N PRO C 790 2.18 59.04 32.23
CA PRO C 790 3.13 58.72 33.32
C PRO C 790 2.47 58.55 34.67
N ILE C 791 1.44 59.32 34.98
CA ILE C 791 0.73 59.22 36.25
C ILE C 791 -0.55 58.44 36.03
N LYS C 792 -0.70 57.33 36.76
CA LYS C 792 -1.86 56.46 36.61
C LYS C 792 -2.94 56.85 37.62
N ASP C 793 -3.52 58.02 37.38
CA ASP C 793 -4.61 58.53 38.21
C ASP C 793 -5.92 58.18 37.52
N PHE C 794 -6.37 56.95 37.70
CA PHE C 794 -7.58 56.45 37.05
C PHE C 794 -8.75 56.37 38.02
N GLY C 795 -8.83 57.31 38.95
CA GLY C 795 -9.99 57.39 39.81
C GLY C 795 -10.16 56.26 40.79
N GLY C 796 -9.11 55.50 41.07
CA GLY C 796 -9.15 54.42 42.02
C GLY C 796 -8.85 53.06 41.41
N PHE C 797 -9.24 52.85 40.17
CA PHE C 797 -8.91 51.61 39.48
C PHE C 797 -7.40 51.52 39.31
N ASN C 798 -6.84 50.35 39.55
CA ASN C 798 -5.42 50.14 39.25
C ASN C 798 -5.31 49.04 38.21
N PHE C 799 -4.63 49.36 37.11
CA PHE C 799 -4.36 48.40 36.05
C PHE C 799 -2.91 47.92 36.10
N SER C 800 -2.25 48.08 37.24
CA SER C 800 -0.84 47.70 37.33
C SER C 800 -0.66 46.22 37.06
N GLN C 801 -1.64 45.41 37.43
CA GLN C 801 -1.54 43.98 37.16
C GLN C 801 -1.72 43.66 35.68
N ILE C 802 -2.28 44.58 34.89
CA ILE C 802 -2.48 44.36 33.47
C ILE C 802 -1.68 45.31 32.61
N LEU C 803 -1.11 46.38 33.17
CA LEU C 803 -0.32 47.29 32.36
C LEU C 803 1.16 46.98 32.47
N PRO C 804 1.91 47.10 31.38
CA PRO C 804 3.31 46.68 31.40
C PRO C 804 4.13 47.45 32.42
N ASP C 805 5.06 46.75 33.06
CA ASP C 805 5.96 47.34 34.04
C ASP C 805 7.37 47.39 33.47
N PRO C 806 7.96 48.58 33.35
CA PRO C 806 9.28 48.68 32.71
C PRO C 806 10.40 47.98 33.47
N SER C 807 10.23 47.68 34.76
CA SER C 807 11.32 47.10 35.54
C SER C 807 11.75 45.75 34.97
N LYS C 808 10.79 44.90 34.63
CA LYS C 808 11.11 43.61 34.05
C LYS C 808 11.71 43.82 32.65
N PRO C 809 12.73 43.04 32.28
CA PRO C 809 13.36 43.26 30.97
C PRO C 809 12.41 43.16 29.79
N SER C 810 11.43 42.26 29.85
CA SER C 810 10.37 42.22 28.85
C SER C 810 9.18 42.97 29.39
N LYS C 811 8.73 43.99 28.65
CA LYS C 811 7.67 44.88 29.14
C LYS C 811 6.31 44.18 29.04
N ARG C 812 6.18 43.09 29.79
CA ARG C 812 4.94 42.34 29.89
C ARG C 812 4.35 42.53 31.28
N SER C 813 3.03 42.53 31.34
CA SER C 813 2.33 42.77 32.59
C SER C 813 2.50 41.58 33.52
N PRO C 814 2.30 41.79 34.82
CA PRO C 814 2.41 40.66 35.76
C PRO C 814 1.53 39.48 35.42
N ILE C 815 0.29 39.73 34.96
CA ILE C 815 -0.55 38.62 34.54
C ILE C 815 0.01 37.97 33.29
N GLU C 816 0.56 38.77 32.37
CA GLU C 816 1.22 38.20 31.21
C GLU C 816 2.42 37.37 31.63
N ASP C 817 3.18 37.85 32.62
CA ASP C 817 4.30 37.08 33.14
C ASP C 817 3.84 35.73 33.68
N LEU C 818 2.76 35.73 34.46
CA LEU C 818 2.27 34.48 35.03
C LEU C 818 1.79 33.54 33.93
N LEU C 819 1.06 34.06 32.96
CA LEU C 819 0.57 33.23 31.86
C LEU C 819 1.72 32.62 31.07
N PHE C 820 2.80 33.39 30.88
CA PHE C 820 3.94 32.85 30.16
C PHE C 820 4.68 31.81 30.99
N ASN C 821 4.73 32.00 32.31
CA ASN C 821 5.39 31.02 33.17
C ASN C 821 4.64 29.71 33.19
N LYS C 822 3.30 29.76 33.22
CA LYS C 822 2.53 28.53 33.38
C LYS C 822 2.68 27.59 32.19
N VAL C 823 2.69 28.12 30.98
CA VAL C 823 2.75 27.28 29.78
C VAL C 823 4.18 26.87 29.53
N THR C 824 4.41 25.57 29.37
CA THR C 824 5.74 25.04 29.09
C THR C 824 6.06 25.14 27.60
N LYS C 851 14.67 16.50 17.48
CA LYS C 851 14.09 15.67 16.43
C LYS C 851 14.06 16.41 15.09
N PHE C 852 15.23 16.62 14.51
CA PHE C 852 15.37 17.36 13.26
C PHE C 852 15.59 16.33 12.14
N ASN C 853 14.50 15.86 11.55
CA ASN C 853 14.57 14.90 10.45
C ASN C 853 13.93 15.49 9.21
N GLY C 854 14.25 16.74 8.92
CA GLY C 854 13.55 17.49 7.89
C GLY C 854 12.44 18.37 8.41
N LEU C 855 12.26 18.45 9.72
CA LEU C 855 11.26 19.31 10.34
C LEU C 855 11.87 20.66 10.64
N THR C 856 11.17 21.72 10.26
CA THR C 856 11.62 23.07 10.52
C THR C 856 10.50 23.82 11.24
N VAL C 857 10.83 24.49 12.34
CA VAL C 857 9.87 25.25 13.10
C VAL C 857 10.09 26.72 12.77
N LEU C 858 9.33 27.23 11.80
CA LEU C 858 9.49 28.59 11.37
C LEU C 858 9.06 29.55 12.48
N PRO C 859 9.88 30.54 12.82
CA PRO C 859 9.52 31.42 13.92
C PRO C 859 8.32 32.29 13.55
N PRO C 860 7.50 32.66 14.53
CA PRO C 860 6.39 33.58 14.24
C PRO C 860 6.93 34.92 13.76
N LEU C 861 6.19 35.54 12.83
CA LEU C 861 6.63 36.82 12.30
C LEU C 861 6.60 37.90 13.38
N LEU C 862 5.60 37.88 14.24
CA LEU C 862 5.51 38.82 15.35
C LEU C 862 6.10 38.16 16.58
N THR C 863 7.22 38.67 17.06
CA THR C 863 7.78 38.12 18.29
C THR C 863 6.87 38.46 19.46
N ASP C 864 7.04 37.71 20.55
CA ASP C 864 6.20 37.92 21.73
C ASP C 864 6.37 39.33 22.27
N GLU C 865 7.50 39.97 22.00
CA GLU C 865 7.68 41.35 22.44
C GLU C 865 6.71 42.29 21.74
N MET C 866 6.57 42.17 20.42
CA MET C 866 5.61 43.03 19.74
C MET C 866 4.18 42.61 19.92
N ILE C 867 3.90 41.33 20.17
CA ILE C 867 2.54 40.94 20.55
C ILE C 867 2.18 41.59 21.88
N ALA C 868 3.12 41.59 22.83
CA ALA C 868 2.91 42.32 24.06
C ALA C 868 2.80 43.81 23.82
N GLN C 869 3.50 44.34 22.83
CA GLN C 869 3.38 45.75 22.50
C GLN C 869 2.01 46.08 21.94
N TYR C 870 1.48 45.23 21.07
CA TYR C 870 0.13 45.39 20.56
C TYR C 870 -0.88 45.33 21.68
N THR C 871 -0.72 44.37 22.59
CA THR C 871 -1.62 44.26 23.73
C THR C 871 -1.53 45.49 24.61
N SER C 872 -0.33 46.02 24.81
CA SER C 872 -0.19 47.24 25.58
C SER C 872 -0.86 48.42 24.90
N ALA C 873 -0.76 48.50 23.58
CA ALA C 873 -1.45 49.56 22.84
C ALA C 873 -2.95 49.44 23.00
N LEU C 874 -3.50 48.23 22.89
CA LEU C 874 -4.92 48.04 23.07
C LEU C 874 -5.35 48.42 24.49
N LEU C 875 -4.55 48.03 25.48
CA LEU C 875 -4.88 48.37 26.86
C LEU C 875 -4.85 49.89 27.07
N ALA C 876 -3.83 50.56 26.54
CA ALA C 876 -3.72 52.00 26.73
C ALA C 876 -4.85 52.72 26.03
N GLY C 877 -5.21 52.28 24.83
CA GLY C 877 -6.34 52.89 24.15
C GLY C 877 -7.63 52.68 24.91
N THR C 878 -7.86 51.47 25.41
CA THR C 878 -9.07 51.19 26.16
C THR C 878 -9.13 52.02 27.43
N ILE C 879 -8.00 52.19 28.10
CA ILE C 879 -7.98 52.88 29.38
C ILE C 879 -8.17 54.38 29.18
N THR C 880 -7.43 54.98 28.25
CA THR C 880 -7.40 56.42 28.12
C THR C 880 -8.35 56.97 27.07
N SER C 881 -9.05 56.12 26.33
CA SER C 881 -9.93 56.61 25.28
C SER C 881 -11.26 55.89 25.17
N GLY C 882 -11.48 54.79 25.87
CA GLY C 882 -12.75 54.09 25.79
C GLY C 882 -12.86 53.22 24.56
N TRP C 883 -14.03 53.22 23.93
CA TRP C 883 -14.21 52.47 22.69
C TRP C 883 -13.87 53.30 21.46
N THR C 884 -13.58 54.58 21.63
CA THR C 884 -13.43 55.46 20.49
C THR C 884 -12.20 55.13 19.66
N PHE C 885 -11.17 54.56 20.27
CA PHE C 885 -9.95 54.30 19.54
C PHE C 885 -10.13 53.20 18.50
N GLY C 886 -11.24 52.47 18.53
CA GLY C 886 -11.51 51.47 17.53
C GLY C 886 -12.45 51.91 16.44
N ALA C 887 -13.04 53.10 16.59
CA ALA C 887 -14.00 53.64 15.62
C ALA C 887 -13.57 55.00 15.09
N GLY C 888 -12.26 55.25 15.02
CA GLY C 888 -11.77 56.52 14.54
C GLY C 888 -10.57 57.01 15.34
N PRO C 889 -10.42 58.32 15.44
CA PRO C 889 -9.36 58.86 16.30
C PRO C 889 -9.62 58.54 17.75
N ALA C 890 -8.55 58.22 18.48
CA ALA C 890 -8.69 57.95 19.90
C ALA C 890 -9.05 59.24 20.61
N LEU C 891 -10.16 59.23 21.33
CA LEU C 891 -10.68 60.41 22.01
C LEU C 891 -10.48 60.21 23.50
N GLN C 892 -9.70 61.09 24.12
CA GLN C 892 -9.44 60.99 25.54
C GLN C 892 -10.71 61.19 26.35
N ILE C 893 -10.81 60.49 27.47
CA ILE C 893 -11.94 60.62 28.38
C ILE C 893 -11.54 60.01 29.72
N PRO C 894 -11.79 60.67 30.84
CA PRO C 894 -11.38 60.12 32.13
C PRO C 894 -12.02 58.76 32.38
N PHE C 895 -11.23 57.85 32.94
CA PHE C 895 -11.71 56.48 33.10
C PHE C 895 -12.99 56.36 33.93
N PRO C 896 -13.19 57.09 35.02
CA PRO C 896 -14.50 57.03 35.66
C PRO C 896 -15.64 57.39 34.71
N MET C 897 -15.45 58.36 33.83
CA MET C 897 -16.51 58.69 32.89
C MET C 897 -16.71 57.59 31.85
N GLN C 898 -15.62 56.96 31.41
CA GLN C 898 -15.78 55.84 30.50
C GLN C 898 -16.57 54.71 31.15
N MET C 899 -16.25 54.38 32.40
CA MET C 899 -16.98 53.31 33.05
C MET C 899 -18.42 53.71 33.32
N ALA C 900 -18.68 55.01 33.52
CA ALA C 900 -20.06 55.47 33.61
C ALA C 900 -20.80 55.27 32.29
N TYR C 901 -20.11 55.48 31.17
CA TYR C 901 -20.73 55.22 29.87
C TYR C 901 -21.00 53.74 29.70
N ARG C 902 -20.10 52.89 30.17
CA ARG C 902 -20.35 51.45 30.13
C ARG C 902 -21.58 51.10 30.96
N PHE C 903 -21.72 51.73 32.12
CA PHE C 903 -22.91 51.53 32.95
C PHE C 903 -24.16 51.91 32.18
N ASN C 904 -24.16 53.08 31.53
CA ASN C 904 -25.29 53.41 30.67
C ASN C 904 -25.49 52.36 29.59
N GLY C 905 -24.41 51.73 29.14
CA GLY C 905 -24.53 50.68 28.16
C GLY C 905 -25.33 49.50 28.67
N ILE C 906 -25.11 49.10 29.91
CA ILE C 906 -25.80 47.93 30.45
C ILE C 906 -27.15 48.28 31.04
N GLY C 907 -27.61 49.50 30.81
CA GLY C 907 -28.95 49.88 31.20
C GLY C 907 -29.09 50.43 32.60
N VAL C 908 -28.04 50.46 33.40
CA VAL C 908 -28.09 51.08 34.72
C VAL C 908 -27.49 52.47 34.62
N THR C 909 -28.21 53.46 35.15
CA THR C 909 -27.84 54.84 34.92
C THR C 909 -26.46 55.14 35.49
N GLN C 910 -25.81 56.14 34.89
CA GLN C 910 -24.49 56.57 35.33
C GLN C 910 -24.50 57.17 36.72
N ASN C 911 -25.68 57.47 37.24
CA ASN C 911 -25.82 57.84 38.64
C ASN C 911 -25.05 56.89 39.54
N VAL C 912 -25.24 55.59 39.30
CA VAL C 912 -24.77 54.56 40.22
C VAL C 912 -23.27 54.62 40.40
N LEU C 913 -22.52 54.76 39.30
CA LEU C 913 -21.06 54.74 39.41
C LEU C 913 -20.55 55.92 40.21
N TYR C 914 -20.94 57.13 39.83
CA TYR C 914 -20.42 58.30 40.52
C TYR C 914 -20.83 58.32 41.97
N GLU C 915 -22.00 57.77 42.30
CA GLU C 915 -22.35 57.63 43.71
C GLU C 915 -21.46 56.61 44.40
N ASN C 916 -21.07 55.55 43.71
CA ASN C 916 -20.35 54.44 44.31
C ASN C 916 -19.00 54.22 43.64
N GLN C 917 -18.27 55.29 43.35
CA GLN C 917 -17.05 55.15 42.57
C GLN C 917 -15.98 54.38 43.33
N LYS C 918 -15.76 54.72 44.60
CA LYS C 918 -14.68 54.09 45.36
C LYS C 918 -14.94 52.62 45.57
N LEU C 919 -16.19 52.26 45.87
CA LEU C 919 -16.54 50.85 46.06
C LEU C 919 -16.35 50.06 44.77
N ILE C 920 -16.78 50.62 43.64
CA ILE C 920 -16.61 49.92 42.37
C ILE C 920 -15.14 49.76 42.05
N ALA C 921 -14.34 50.79 42.32
CA ALA C 921 -12.90 50.70 42.08
C ALA C 921 -12.27 49.60 42.92
N ASN C 922 -12.66 49.52 44.20
CA ASN C 922 -12.09 48.48 45.06
C ASN C 922 -12.51 47.09 44.61
N GLN C 923 -13.77 46.93 44.20
CA GLN C 923 -14.22 45.64 43.68
C GLN C 923 -13.44 45.27 42.43
N PHE C 924 -13.20 46.24 41.56
CA PHE C 924 -12.44 45.98 40.33
C PHE C 924 -11.01 45.54 40.66
N ASN C 925 -10.35 46.26 41.57
CA ASN C 925 -8.98 45.90 41.94
C ASN C 925 -8.92 44.53 42.58
N SER C 926 -9.84 44.24 43.51
CA SER C 926 -9.87 42.94 44.16
C SER C 926 -10.16 41.84 43.17
N ALA C 927 -11.02 42.10 42.19
CA ALA C 927 -11.31 41.10 41.17
C ALA C 927 -10.08 40.77 40.36
N ILE C 928 -9.30 41.79 39.96
CA ILE C 928 -8.08 41.50 39.21
C ILE C 928 -7.07 40.76 40.08
N GLY C 929 -6.99 41.13 41.36
CA GLY C 929 -6.10 40.39 42.26
C GLY C 929 -6.48 38.92 42.37
N LYS C 930 -7.79 38.65 42.48
CA LYS C 930 -8.24 37.26 42.53
C LYS C 930 -7.98 36.55 41.22
N ILE C 931 -8.07 37.24 40.09
CA ILE C 931 -7.70 36.63 38.81
C ILE C 931 -6.24 36.21 38.85
N GLN C 932 -5.38 37.08 39.34
CA GLN C 932 -3.96 36.74 39.41
C GLN C 932 -3.74 35.52 40.30
N ASP C 933 -4.38 35.50 41.47
CA ASP C 933 -4.21 34.36 42.37
C ASP C 933 -4.74 33.07 41.79
N SER C 934 -5.92 33.12 41.15
CA SER C 934 -6.52 31.92 40.60
C SER C 934 -5.71 31.39 39.43
N LEU C 935 -5.15 32.28 38.62
CA LEU C 935 -4.23 31.83 37.58
C LEU C 935 -3.00 31.18 38.19
N SER C 936 -2.46 31.77 39.25
CA SER C 936 -1.25 31.21 39.87
C SER C 936 -1.52 29.85 40.49
N SER C 937 -2.70 29.65 41.07
CA SER C 937 -2.95 28.43 41.84
C SER C 937 -3.28 27.25 40.93
N THR C 938 -4.35 27.35 40.15
CA THR C 938 -4.84 26.21 39.40
C THR C 938 -3.84 25.80 38.34
N PRO C 939 -3.34 24.56 38.34
CA PRO C 939 -2.41 24.14 37.30
C PRO C 939 -3.03 24.12 35.90
N SER C 940 -4.32 23.80 35.80
CA SER C 940 -5.00 23.69 34.52
C SER C 940 -5.77 24.94 34.15
N ALA C 941 -5.27 26.12 34.54
CA ALA C 941 -5.92 27.36 34.14
C ALA C 941 -5.79 27.56 32.63
N LEU C 942 -4.58 27.42 32.10
CA LEU C 942 -4.34 27.59 30.67
C LEU C 942 -4.48 26.26 29.93
N GLY C 943 -5.60 25.61 30.17
CA GLY C 943 -5.81 24.27 29.64
C GLY C 943 -5.87 24.26 28.12
N LYS C 944 -6.55 25.23 27.52
CA LYS C 944 -6.71 25.23 26.08
C LYS C 944 -5.37 25.41 25.37
N LEU C 945 -4.57 26.39 25.82
CA LEU C 945 -3.27 26.61 25.22
C LEU C 945 -2.35 25.43 25.43
N GLN C 946 -2.33 24.88 26.66
CA GLN C 946 -1.48 23.73 26.92
C GLN C 946 -1.89 22.54 26.07
N ASP C 947 -3.20 22.36 25.86
CA ASP C 947 -3.66 21.26 25.03
C ASP C 947 -3.27 21.46 23.58
N VAL C 948 -3.31 22.69 23.08
CA VAL C 948 -2.87 22.96 21.72
C VAL C 948 -1.40 22.62 21.56
N VAL C 949 -0.58 23.07 22.51
CA VAL C 949 0.85 22.80 22.44
C VAL C 949 1.11 21.30 22.52
N ASN C 950 0.44 20.62 23.44
CA ASN C 950 0.62 19.18 23.60
C ASN C 950 0.20 18.43 22.34
N GLN C 951 -0.90 18.83 21.72
CA GLN C 951 -1.36 18.15 20.51
C GLN C 951 -0.37 18.33 19.38
N ASN C 952 0.15 19.54 19.20
CA ASN C 952 1.13 19.75 18.13
C ASN C 952 2.40 18.95 18.39
N ALA C 953 2.90 18.97 19.63
CA ALA C 953 4.11 18.23 19.95
C ALA C 953 3.89 16.73 19.80
N GLN C 954 2.71 16.24 20.17
CA GLN C 954 2.41 14.82 20.05
C GLN C 954 2.31 14.41 18.59
N ALA C 955 1.71 15.27 17.74
CA ALA C 955 1.67 14.97 16.32
C ALA C 955 3.07 14.91 15.73
N LEU C 956 3.94 15.86 16.09
CA LEU C 956 5.31 15.81 15.61
C LEU C 956 6.03 14.57 16.11
N ASN C 957 5.82 14.21 17.38
CA ASN C 957 6.48 13.03 17.93
C ASN C 957 6.03 11.76 17.23
N THR C 958 4.73 11.65 16.94
CA THR C 958 4.23 10.51 16.19
C THR C 958 4.83 10.47 14.79
N LEU C 959 4.92 11.64 14.14
CA LEU C 959 5.50 11.68 12.81
C LEU C 959 6.95 11.20 12.82
N VAL C 960 7.73 11.64 13.81
CA VAL C 960 9.13 11.22 13.87
C VAL C 960 9.24 9.75 14.24
N LYS C 961 8.41 9.29 15.17
CA LYS C 961 8.43 7.89 15.57
C LYS C 961 8.04 6.97 14.43
N GLN C 962 7.24 7.46 13.48
CA GLN C 962 6.82 6.62 12.37
C GLN C 962 7.99 6.17 11.50
N LEU C 963 9.15 6.82 11.60
CA LEU C 963 10.29 6.37 10.82
C LEU C 963 10.78 5.01 11.29
N SER C 964 10.62 4.69 12.57
CA SER C 964 11.09 3.43 13.12
C SER C 964 10.26 2.24 12.66
N SER C 965 9.18 2.45 11.92
CA SER C 965 8.30 1.35 11.55
C SER C 965 8.80 0.67 10.28
N ASN C 966 8.72 -0.66 10.27
CA ASN C 966 9.14 -1.42 9.10
C ASN C 966 8.22 -1.18 7.91
N PHE C 967 6.92 -1.02 8.16
CA PHE C 967 5.92 -0.88 7.11
C PHE C 967 5.92 -2.07 6.17
N GLY C 968 6.27 -3.24 6.69
CA GLY C 968 6.36 -4.45 5.90
C GLY C 968 7.71 -4.71 5.28
N ALA C 969 8.60 -3.72 5.26
CA ALA C 969 9.92 -3.91 4.71
C ALA C 969 10.79 -4.71 5.68
N ILE C 970 11.93 -5.19 5.17
CA ILE C 970 12.82 -6.00 5.99
C ILE C 970 13.40 -5.19 7.14
N SER C 971 13.76 -3.95 6.88
CA SER C 971 14.41 -3.10 7.88
C SER C 971 13.71 -1.75 7.93
N SER C 972 13.76 -1.11 9.09
CA SER C 972 13.17 0.21 9.23
C SER C 972 14.13 1.30 8.81
N VAL C 973 15.43 1.08 8.97
CA VAL C 973 16.43 2.07 8.61
C VAL C 973 16.84 1.89 7.16
N LEU C 974 16.96 3.00 6.44
CA LEU C 974 17.16 2.97 5.00
C LEU C 974 18.53 2.40 4.64
N ASN C 975 19.55 2.76 5.40
CA ASN C 975 20.92 2.41 5.04
C ASN C 975 21.14 0.89 5.11
N ASP C 976 20.52 0.23 6.09
CA ASP C 976 20.62 -1.23 6.17
C ASP C 976 19.99 -1.88 4.94
N ILE C 977 18.85 -1.36 4.50
CA ILE C 977 18.22 -1.89 3.29
C ILE C 977 19.15 -1.71 2.10
N LEU C 978 19.74 -0.52 1.97
CA LEU C 978 20.59 -0.25 0.82
C LEU C 978 21.84 -1.14 0.82
N SER C 979 22.50 -1.28 1.96
CA SER C 979 23.74 -2.03 2.00
C SER C 979 23.50 -3.53 1.91
N ARG C 980 22.51 -4.03 2.67
CA ARG C 980 22.28 -5.48 2.74
C ARG C 980 21.83 -6.03 1.40
N LEU C 981 20.84 -5.38 0.78
CA LEU C 981 20.28 -5.89 -0.47
C LEU C 981 20.83 -5.12 -1.66
N ASP C 982 21.06 -5.85 -2.75
CA ASP C 982 21.44 -5.24 -4.00
C ASP C 982 20.25 -4.49 -4.60
N PRO C 983 20.50 -3.54 -5.51
CA PRO C 983 19.46 -2.56 -5.91
C PRO C 983 18.15 -3.20 -6.37
N PRO C 984 18.15 -4.24 -7.22
CA PRO C 984 16.89 -4.61 -7.87
C PRO C 984 15.75 -4.94 -6.91
N GLU C 985 15.92 -5.91 -6.02
CA GLU C 985 14.81 -6.24 -5.12
C GLU C 985 14.83 -5.35 -3.89
N ALA C 986 15.90 -4.58 -3.70
CA ALA C 986 15.87 -3.56 -2.65
C ALA C 986 14.95 -2.42 -3.03
N GLU C 987 14.68 -2.28 -4.33
CA GLU C 987 13.78 -1.23 -4.78
C GLU C 987 12.37 -1.41 -4.22
N VAL C 988 11.90 -2.65 -4.13
CA VAL C 988 10.54 -2.86 -3.63
C VAL C 988 10.47 -2.57 -2.14
N GLN C 989 11.53 -2.90 -1.40
CA GLN C 989 11.57 -2.54 0.01
C GLN C 989 11.59 -1.02 0.19
N ILE C 990 12.39 -0.33 -0.61
CA ILE C 990 12.42 1.13 -0.57
C ILE C 990 11.04 1.69 -0.92
N ASP C 991 10.36 1.07 -1.87
CA ASP C 991 9.03 1.53 -2.27
C ASP C 991 8.02 1.34 -1.16
N ARG C 992 8.07 0.19 -0.46
CA ARG C 992 7.17 -0.03 0.66
C ARG C 992 7.42 0.99 1.76
N LEU C 993 8.70 1.24 2.05
CA LEU C 993 9.03 2.23 3.08
C LEU C 993 8.58 3.63 2.65
N ILE C 994 8.73 3.96 1.36
CA ILE C 994 8.28 5.24 0.86
C ILE C 994 6.78 5.38 0.98
N THR C 995 6.05 4.33 0.63
CA THR C 995 4.59 4.39 0.74
C THR C 995 4.16 4.57 2.19
N GLY C 996 4.79 3.84 3.10
CA GLY C 996 4.44 3.99 4.50
C GLY C 996 4.73 5.37 5.04
N ARG C 997 5.93 5.89 4.76
CA ARG C 997 6.28 7.22 5.26
C ARG C 997 5.44 8.30 4.59
N LEU C 998 5.11 8.12 3.31
CA LEU C 998 4.26 9.09 2.62
C LEU C 998 2.85 9.08 3.19
N GLN C 999 2.32 7.90 3.51
CA GLN C 999 1.00 7.84 4.15
C GLN C 999 1.05 8.48 5.52
N SER C 1000 2.13 8.27 6.27
CA SER C 1000 2.27 8.91 7.57
C SER C 1000 2.31 10.42 7.45
N LEU C 1001 3.09 10.93 6.49
CA LEU C 1001 3.15 12.37 6.27
C LEU C 1001 1.81 12.92 5.82
N GLN C 1002 1.10 12.19 4.96
CA GLN C 1002 -0.21 12.63 4.51
C GLN C 1002 -1.19 12.71 5.66
N THR C 1003 -1.17 11.70 6.55
CA THR C 1003 -2.02 11.74 7.72
C THR C 1003 -1.67 12.91 8.62
N TYR C 1004 -0.38 13.15 8.83
CA TYR C 1004 0.04 14.28 9.66
C TYR C 1004 -0.45 15.59 9.07
N VAL C 1005 -0.30 15.77 7.75
CA VAL C 1005 -0.71 17.02 7.12
C VAL C 1005 -2.22 17.18 7.18
N THR C 1006 -2.97 16.10 7.00
CA THR C 1006 -4.43 16.21 7.08
C THR C 1006 -4.87 16.58 8.49
N GLN C 1007 -4.29 15.92 9.51
CA GLN C 1007 -4.63 16.26 10.88
C GLN C 1007 -4.24 17.70 11.20
N GLN C 1008 -3.10 18.16 10.68
CA GLN C 1008 -2.69 19.53 10.91
C GLN C 1008 -3.59 20.51 10.19
N LEU C 1009 -4.11 20.15 9.01
CA LEU C 1009 -5.07 21.03 8.33
C LEU C 1009 -6.36 21.14 9.13
N ILE C 1010 -6.85 20.03 9.67
CA ILE C 1010 -8.06 20.10 10.49
C ILE C 1010 -7.79 20.90 11.77
N ARG C 1011 -6.64 20.68 12.40
CA ARG C 1011 -6.30 21.46 13.59
C ARG C 1011 -6.15 22.93 13.26
N ALA C 1012 -5.60 23.26 12.09
CA ALA C 1012 -5.48 24.65 11.68
C ALA C 1012 -6.83 25.27 11.43
N ALA C 1013 -7.78 24.50 10.90
CA ALA C 1013 -9.14 24.99 10.77
C ALA C 1013 -9.75 25.26 12.13
N GLU C 1014 -9.51 24.38 13.09
CA GLU C 1014 -10.01 24.58 14.45
C GLU C 1014 -9.40 25.84 15.08
N ILE C 1015 -8.09 26.01 14.92
CA ILE C 1015 -7.42 27.18 15.49
C ILE C 1015 -7.81 28.44 14.75
N ARG C 1016 -8.13 28.35 13.46
CA ARG C 1016 -8.60 29.53 12.75
C ARG C 1016 -10.00 29.91 13.19
N ALA C 1017 -10.84 28.93 13.48
CA ALA C 1017 -12.13 29.24 14.08
C ALA C 1017 -11.93 29.92 15.44
N SER C 1018 -11.01 29.40 16.24
CA SER C 1018 -10.73 30.01 17.55
C SER C 1018 -10.14 31.41 17.39
N ALA C 1019 -9.32 31.64 16.37
CA ALA C 1019 -8.70 32.94 16.17
C ALA C 1019 -9.69 33.94 15.61
N ASN C 1020 -10.62 33.49 14.76
CA ASN C 1020 -11.69 34.37 14.33
C ASN C 1020 -12.58 34.74 15.50
N LEU C 1021 -12.84 33.78 16.39
CA LEU C 1021 -13.58 34.12 17.61
C LEU C 1021 -12.82 35.10 18.48
N ALA C 1022 -11.50 34.92 18.59
CA ALA C 1022 -10.69 35.84 19.39
C ALA C 1022 -10.68 37.23 18.78
N ALA C 1023 -10.58 37.32 17.46
CA ALA C 1023 -10.64 38.62 16.80
C ALA C 1023 -12.00 39.27 16.99
N THR C 1024 -13.07 38.48 16.91
CA THR C 1024 -14.40 39.02 17.14
C THR C 1024 -14.54 39.51 18.58
N LYS C 1025 -14.04 38.73 19.54
CA LYS C 1025 -14.14 39.14 20.93
C LYS C 1025 -13.32 40.40 21.20
N MET C 1026 -12.14 40.48 20.63
CA MET C 1026 -11.33 41.69 20.76
C MET C 1026 -12.06 42.89 20.18
N SER C 1027 -12.58 42.74 18.96
CA SER C 1027 -13.24 43.86 18.30
C SER C 1027 -14.47 44.31 19.06
N GLU C 1028 -15.26 43.37 19.57
CA GLU C 1028 -16.55 43.69 20.15
C GLU C 1028 -16.53 43.89 21.66
N CYS C 1029 -15.43 43.61 22.32
CA CYS C 1029 -15.39 43.80 23.75
C CYS C 1029 -14.20 44.62 24.21
N VAL C 1030 -13.04 44.45 23.58
CA VAL C 1030 -11.93 45.34 23.92
C VAL C 1030 -12.13 46.71 23.27
N LEU C 1031 -12.54 46.72 22.01
CA LEU C 1031 -12.75 47.95 21.26
C LEU C 1031 -14.15 48.51 21.41
N GLY C 1032 -15.00 47.86 22.20
CA GLY C 1032 -16.35 48.35 22.40
C GLY C 1032 -16.98 47.63 23.55
N GLN C 1033 -18.28 47.86 23.73
CA GLN C 1033 -19.06 47.17 24.75
C GLN C 1033 -20.18 46.41 24.06
N SER C 1034 -20.21 45.10 24.26
CA SER C 1034 -21.10 44.22 23.50
C SER C 1034 -22.37 43.95 24.28
N LYS C 1035 -23.52 44.12 23.63
CA LYS C 1035 -24.80 43.77 24.22
C LYS C 1035 -25.12 42.30 24.08
N ARG C 1036 -24.31 41.53 23.37
CA ARG C 1036 -24.54 40.11 23.24
C ARG C 1036 -24.40 39.43 24.59
N VAL C 1037 -25.32 38.53 24.89
CA VAL C 1037 -25.40 37.90 26.21
C VAL C 1037 -24.43 36.73 26.27
N ASP C 1038 -23.65 36.68 27.33
CA ASP C 1038 -22.66 35.64 27.60
C ASP C 1038 -21.59 35.55 26.53
N PHE C 1039 -21.53 36.51 25.62
CA PHE C 1039 -20.43 36.53 24.65
C PHE C 1039 -19.14 36.91 25.33
N CYS C 1040 -19.17 37.95 26.15
CA CYS C 1040 -17.98 38.46 26.84
C CYS C 1040 -18.27 38.48 28.33
N GLY C 1041 -18.07 37.35 28.98
CA GLY C 1041 -18.25 37.23 30.41
C GLY C 1041 -19.69 36.95 30.80
N LYS C 1042 -19.84 36.16 31.85
CA LYS C 1042 -21.16 35.84 32.39
C LYS C 1042 -21.64 37.03 33.22
N GLY C 1043 -22.47 37.85 32.62
CA GLY C 1043 -23.00 39.02 33.26
C GLY C 1043 -23.21 40.12 32.25
N TYR C 1044 -23.59 41.29 32.72
CA TYR C 1044 -23.74 42.45 31.85
C TYR C 1044 -22.35 43.00 31.58
N HIS C 1045 -21.92 42.95 30.33
CA HIS C 1045 -20.54 43.23 29.98
C HIS C 1045 -20.21 44.70 30.17
N LEU C 1046 -19.09 44.97 30.85
CA LEU C 1046 -18.60 46.33 31.03
C LEU C 1046 -17.37 46.61 30.16
N MET C 1047 -16.31 45.82 30.27
CA MET C 1047 -15.10 46.07 29.50
C MET C 1047 -14.49 44.73 29.10
N SER C 1048 -13.24 44.78 28.66
CA SER C 1048 -12.44 43.60 28.46
C SER C 1048 -11.00 44.04 28.27
N PHE C 1049 -10.07 43.18 28.67
CA PHE C 1049 -8.65 43.48 28.61
C PHE C 1049 -7.94 42.32 27.93
N PRO C 1050 -7.22 42.54 26.84
CA PRO C 1050 -6.44 41.45 26.27
C PRO C 1050 -5.16 41.26 27.06
N GLN C 1051 -4.70 40.02 27.12
CA GLN C 1051 -3.43 39.69 27.72
C GLN C 1051 -2.78 38.63 26.84
N SER C 1052 -1.59 38.93 26.32
CA SER C 1052 -0.92 37.99 25.45
C SER C 1052 -0.52 36.75 26.24
N ALA C 1053 -0.75 35.58 25.66
CA ALA C 1053 -0.37 34.30 26.22
C ALA C 1053 0.31 33.49 25.14
N PRO C 1054 1.14 32.51 25.51
CA PRO C 1054 1.85 31.74 24.49
C PRO C 1054 0.91 31.09 23.49
N HIS C 1055 0.96 31.55 22.24
CA HIS C 1055 0.13 31.01 21.17
C HIS C 1055 -1.36 31.15 21.49
N GLY C 1056 -1.74 32.29 22.02
CA GLY C 1056 -3.14 32.51 22.34
C GLY C 1056 -3.33 33.88 22.97
N VAL C 1057 -4.56 34.15 23.37
CA VAL C 1057 -4.92 35.39 24.01
C VAL C 1057 -5.80 35.09 25.21
N VAL C 1058 -5.75 35.97 26.21
CA VAL C 1058 -6.52 35.82 27.42
C VAL C 1058 -7.28 37.12 27.65
N PHE C 1059 -8.59 37.02 27.79
CA PHE C 1059 -9.44 38.18 28.02
C PHE C 1059 -9.88 38.23 29.47
N LEU C 1060 -9.79 39.40 30.08
CA LEU C 1060 -10.28 39.60 31.43
C LEU C 1060 -11.60 40.35 31.32
N HIS C 1061 -12.68 39.60 31.09
CA HIS C 1061 -13.99 40.20 30.85
C HIS C 1061 -14.52 40.81 32.12
N VAL C 1062 -14.56 42.13 32.19
CA VAL C 1062 -15.10 42.83 33.36
C VAL C 1062 -16.60 42.96 33.17
N THR C 1063 -17.38 42.33 34.04
CA THR C 1063 -18.82 42.25 33.89
C THR C 1063 -19.52 42.75 35.14
N TYR C 1064 -20.79 43.07 34.97
CA TYR C 1064 -21.66 43.61 36.01
C TYR C 1064 -22.65 42.52 36.42
N VAL C 1065 -22.62 42.12 37.68
CA VAL C 1065 -23.50 41.07 38.18
C VAL C 1065 -24.32 41.65 39.33
N PRO C 1066 -25.65 41.71 39.22
CA PRO C 1066 -26.47 42.13 40.36
C PRO C 1066 -26.33 41.15 41.50
N ALA C 1067 -26.39 41.66 42.74
CA ALA C 1067 -26.00 40.86 43.89
C ALA C 1067 -27.13 40.63 44.88
N GLN C 1068 -27.66 41.67 45.51
CA GLN C 1068 -28.55 41.52 46.65
C GLN C 1068 -29.97 41.87 46.22
N GLU C 1069 -30.91 41.00 46.55
CA GLU C 1069 -32.25 41.04 45.98
C GLU C 1069 -33.25 41.38 47.07
N LYS C 1070 -34.45 41.74 46.64
CA LYS C 1070 -35.57 41.88 47.56
C LYS C 1070 -36.87 41.93 46.78
N ASN C 1071 -37.86 41.19 47.27
CA ASN C 1071 -39.15 41.08 46.60
C ASN C 1071 -39.88 42.41 46.60
N PHE C 1072 -40.74 42.59 45.61
CA PHE C 1072 -41.59 43.77 45.57
C PHE C 1072 -42.91 43.43 44.91
N THR C 1073 -43.91 44.25 45.20
CA THR C 1073 -45.21 44.15 44.53
C THR C 1073 -45.21 45.12 43.36
N THR C 1074 -45.39 44.60 42.15
CA THR C 1074 -45.25 45.38 40.95
C THR C 1074 -46.55 45.40 40.17
N ALA C 1075 -46.79 46.50 39.46
CA ALA C 1075 -47.99 46.67 38.66
C ALA C 1075 -47.63 47.19 37.28
N PRO C 1076 -48.24 46.65 36.22
CA PRO C 1076 -47.87 47.07 34.86
C PRO C 1076 -48.08 48.54 34.59
N ALA C 1077 -49.05 49.17 35.24
CA ALA C 1077 -49.34 50.57 34.98
C ALA C 1077 -49.94 51.19 36.23
N ILE C 1078 -49.98 52.52 36.24
CA ILE C 1078 -50.54 53.28 37.34
C ILE C 1078 -51.74 54.07 36.81
N CYS C 1079 -52.87 53.96 37.51
CA CYS C 1079 -54.08 54.67 37.12
C CYS C 1079 -54.14 55.98 37.89
N HIS C 1080 -54.08 57.09 37.18
CA HIS C 1080 -54.21 58.41 37.79
C HIS C 1080 -55.18 59.24 36.97
N ASP C 1081 -56.17 59.83 37.63
CA ASP C 1081 -57.16 60.68 36.98
C ASP C 1081 -57.83 59.97 35.81
N GLY C 1082 -58.03 58.66 35.94
CA GLY C 1082 -58.71 57.91 34.91
C GLY C 1082 -57.89 57.63 33.68
N LYS C 1083 -56.60 57.94 33.67
CA LYS C 1083 -55.72 57.65 32.55
C LYS C 1083 -54.58 56.77 33.04
N ALA C 1084 -54.15 55.84 32.19
CA ALA C 1084 -53.07 54.95 32.56
C ALA C 1084 -51.75 55.71 32.54
N HIS C 1085 -50.83 55.28 33.39
CA HIS C 1085 -49.46 55.80 33.40
C HIS C 1085 -48.50 54.62 33.35
N PHE C 1086 -47.51 54.71 32.47
CA PHE C 1086 -46.49 53.69 32.34
C PHE C 1086 -45.13 54.31 32.56
N PRO C 1087 -44.18 53.59 33.14
CA PRO C 1087 -42.86 54.19 33.39
C PRO C 1087 -42.12 54.44 32.09
N ARG C 1088 -41.51 55.63 31.99
CA ARG C 1088 -40.79 55.96 30.76
C ARG C 1088 -39.62 55.02 30.56
N GLU C 1089 -38.86 54.75 31.61
CA GLU C 1089 -37.86 53.69 31.60
C GLU C 1089 -37.66 53.25 33.06
N GLY C 1090 -38.29 52.13 33.42
CA GLY C 1090 -38.23 51.69 34.80
C GLY C 1090 -39.32 50.67 35.08
N VAL C 1091 -39.44 50.36 36.37
CA VAL C 1091 -40.40 49.37 36.86
C VAL C 1091 -41.22 50.04 37.94
N PHE C 1092 -42.51 49.73 38.00
CA PHE C 1092 -43.35 50.21 39.09
C PHE C 1092 -43.28 49.21 40.24
N VAL C 1093 -42.78 49.65 41.39
CA VAL C 1093 -42.64 48.80 42.56
C VAL C 1093 -43.17 49.54 43.78
N SER C 1094 -43.46 48.77 44.82
CA SER C 1094 -43.94 49.33 46.08
C SER C 1094 -43.29 48.61 47.24
N ASN C 1095 -42.87 49.36 48.25
CA ASN C 1095 -42.36 48.76 49.48
C ASN C 1095 -43.51 48.44 50.44
N GLY C 1096 -44.51 47.76 49.92
CA GLY C 1096 -45.70 47.43 50.68
C GLY C 1096 -46.75 48.52 50.73
N THR C 1097 -46.34 49.76 50.94
CA THR C 1097 -47.27 50.85 51.17
C THR C 1097 -47.20 51.95 50.11
N HIS C 1098 -46.01 52.42 49.76
CA HIS C 1098 -45.84 53.52 48.82
C HIS C 1098 -45.33 52.99 47.49
N TRP C 1099 -45.88 53.52 46.41
CA TRP C 1099 -45.51 53.09 45.07
C TRP C 1099 -44.35 53.91 44.53
N PHE C 1100 -43.42 53.22 43.86
CA PHE C 1100 -42.20 53.85 43.36
C PHE C 1100 -41.88 53.31 41.97
N VAL C 1101 -41.18 54.12 41.19
CA VAL C 1101 -40.64 53.72 39.90
C VAL C 1101 -39.14 53.55 40.03
N THR C 1102 -38.62 52.44 39.50
CA THR C 1102 -37.25 52.05 39.75
C THR C 1102 -36.62 51.56 38.45
N GLN C 1103 -35.36 51.92 38.23
CA GLN C 1103 -34.63 51.35 37.11
C GLN C 1103 -34.48 49.86 37.31
N ARG C 1104 -34.42 49.12 36.20
CA ARG C 1104 -34.58 47.67 36.25
C ARG C 1104 -33.47 46.99 37.05
N ASN C 1105 -32.22 47.42 36.86
CA ASN C 1105 -31.06 46.66 37.33
C ASN C 1105 -30.45 47.20 38.62
N PHE C 1106 -31.13 48.11 39.31
CA PHE C 1106 -30.59 48.65 40.54
C PHE C 1106 -31.72 49.32 41.31
N TYR C 1107 -31.91 48.92 42.55
CA TYR C 1107 -33.02 49.46 43.32
C TYR C 1107 -32.73 50.91 43.66
N GLU C 1108 -33.29 51.82 42.88
CA GLU C 1108 -33.25 53.25 43.16
C GLU C 1108 -34.66 53.81 43.01
N PRO C 1109 -35.48 53.66 44.05
CA PRO C 1109 -36.87 54.11 43.95
C PRO C 1109 -36.97 55.62 43.79
N GLN C 1110 -37.90 56.05 42.96
CA GLN C 1110 -38.19 57.46 42.74
C GLN C 1110 -39.69 57.66 42.83
N ILE C 1111 -40.11 58.77 43.45
CA ILE C 1111 -41.53 59.03 43.58
C ILE C 1111 -42.13 59.23 42.19
N ILE C 1112 -43.36 58.77 42.00
CA ILE C 1112 -43.98 58.78 40.68
C ILE C 1112 -44.26 60.22 40.27
N THR C 1113 -43.90 60.55 39.04
CA THR C 1113 -44.01 61.91 38.53
C THR C 1113 -44.26 61.84 37.03
N THR C 1114 -44.82 62.91 36.47
CA THR C 1114 -45.09 62.91 35.04
C THR C 1114 -43.83 62.93 34.20
N ASP C 1115 -42.67 63.19 34.77
CA ASP C 1115 -41.43 63.19 34.00
C ASP C 1115 -41.01 61.77 33.63
N ASN C 1116 -41.09 60.85 34.57
CA ASN C 1116 -40.64 59.48 34.34
C ASN C 1116 -41.79 58.53 34.02
N THR C 1117 -43.00 59.04 33.82
CA THR C 1117 -44.14 58.25 33.38
C THR C 1117 -44.80 58.94 32.19
N PHE C 1118 -45.31 58.15 31.25
CA PHE C 1118 -46.03 58.69 30.10
C PHE C 1118 -47.43 58.09 30.04
N VAL C 1119 -48.42 58.91 29.76
CA VAL C 1119 -49.81 58.49 29.71
C VAL C 1119 -50.12 57.92 28.34
N SER C 1120 -50.78 56.76 28.31
CA SER C 1120 -51.05 56.09 27.05
C SER C 1120 -52.43 55.43 27.05
N GLY C 1121 -53.45 56.15 27.49
CA GLY C 1121 -54.80 55.61 27.38
C GLY C 1121 -55.64 55.78 28.63
N ASN C 1122 -56.51 54.82 28.91
CA ASN C 1122 -57.37 54.85 30.07
C ASN C 1122 -57.17 53.58 30.90
N CYS C 1123 -57.67 53.63 32.14
CA CYS C 1123 -57.45 52.57 33.11
C CYS C 1123 -58.30 51.32 32.86
N ASP C 1124 -59.21 51.36 31.88
CA ASP C 1124 -60.15 50.28 31.70
C ASP C 1124 -59.47 49.02 31.15
N VAL C 1125 -58.59 49.20 30.17
CA VAL C 1125 -58.15 48.07 29.37
C VAL C 1125 -56.95 47.36 30.01
N VAL C 1126 -56.17 48.06 30.83
CA VAL C 1126 -54.96 47.47 31.38
C VAL C 1126 -55.31 46.41 32.42
N ILE C 1127 -54.67 45.26 32.33
CA ILE C 1127 -54.87 44.15 33.27
C ILE C 1127 -53.81 44.26 34.34
N GLY C 1128 -54.20 44.69 35.54
CA GLY C 1128 -53.28 44.84 36.64
C GLY C 1128 -52.93 46.26 36.99
N ILE C 1129 -53.55 47.25 36.36
CA ILE C 1129 -53.32 48.64 36.71
C ILE C 1129 -53.80 48.89 38.13
N VAL C 1130 -53.03 49.65 38.90
CA VAL C 1130 -53.33 49.90 40.30
C VAL C 1130 -53.48 51.40 40.52
N ASN C 1131 -54.46 51.78 41.32
CA ASN C 1131 -54.69 53.18 41.62
C ASN C 1131 -53.54 53.74 42.45
N ASN C 1132 -53.17 54.99 42.16
CA ASN C 1132 -52.13 55.68 42.91
C ASN C 1132 -52.21 57.16 42.52
N THR C 1133 -51.24 57.93 42.97
CA THR C 1133 -51.10 59.32 42.59
C THR C 1133 -49.80 59.52 41.86
N VAL C 1134 -49.79 60.50 40.95
CA VAL C 1134 -48.59 60.86 40.21
C VAL C 1134 -48.33 62.35 40.43
N TYR C 1135 -47.17 62.66 41.00
CA TYR C 1135 -46.82 64.03 41.31
C TYR C 1135 -46.70 64.84 40.02
N ASP C 1136 -47.30 66.04 40.03
CA ASP C 1136 -47.13 66.98 38.93
C ASP C 1136 -45.99 67.93 39.28
N PRO C 1137 -44.87 67.90 38.56
CA PRO C 1137 -43.70 68.70 39.01
C PRO C 1137 -43.98 70.18 39.10
N LEU C 1138 -44.76 70.75 38.18
CA LEU C 1138 -44.99 72.18 38.14
C LEU C 1138 -46.27 72.60 38.86
N GLN C 1139 -46.99 71.66 39.46
CA GLN C 1139 -48.19 72.03 40.22
C GLN C 1139 -47.89 72.91 41.41
N PRO C 1140 -46.93 72.59 42.30
CA PRO C 1140 -46.66 73.51 43.42
C PRO C 1140 -46.20 74.89 42.97
N GLU C 1141 -45.43 74.99 41.89
CA GLU C 1141 -44.98 76.30 41.44
C GLU C 1141 -46.12 77.19 40.97
N LEU C 1142 -47.24 76.60 40.55
CA LEU C 1142 -48.40 77.42 40.23
C LEU C 1142 -48.92 78.12 41.47
N ASP C 1143 -48.98 77.41 42.60
CA ASP C 1143 -49.51 78.00 43.83
C ASP C 1143 -48.64 79.15 44.32
N SER C 1144 -47.33 78.99 44.27
CA SER C 1144 -46.42 80.06 44.67
C SER C 1144 -45.41 80.36 43.56
N GLN D 1 12.41 -31.65 -31.74
CA GLN D 1 11.45 -32.57 -32.34
C GLN D 1 10.26 -31.79 -32.91
N VAL D 2 9.73 -32.26 -34.03
CA VAL D 2 8.62 -31.60 -34.73
C VAL D 2 7.36 -32.42 -34.54
N GLN D 3 6.29 -31.78 -34.09
CA GLN D 3 5.01 -32.42 -33.82
C GLN D 3 3.94 -31.81 -34.71
N LEU D 4 3.26 -32.64 -35.50
CA LEU D 4 2.14 -32.23 -36.35
C LEU D 4 1.05 -33.28 -36.16
N GLN D 5 0.16 -33.06 -35.19
CA GLN D 5 -0.88 -34.02 -34.86
C GLN D 5 -2.15 -33.73 -35.65
N GLN D 6 -2.93 -34.78 -35.89
CA GLN D 6 -4.18 -34.67 -36.62
C GLN D 6 -5.27 -35.40 -35.85
N PRO D 7 -6.50 -34.87 -35.81
CA PRO D 7 -7.59 -35.58 -35.12
C PRO D 7 -7.97 -36.88 -35.82
N GLY D 8 -8.24 -36.81 -37.11
CA GLY D 8 -8.58 -37.97 -37.90
C GLY D 8 -9.97 -38.48 -37.63
N ALA D 9 -10.36 -39.50 -38.40
CA ALA D 9 -11.65 -40.18 -38.28
C ALA D 9 -12.81 -39.20 -38.43
N GLU D 10 -12.91 -38.62 -39.62
CA GLU D 10 -13.96 -37.67 -39.97
C GLU D 10 -14.98 -38.35 -40.87
N LEU D 11 -16.19 -38.55 -40.36
CA LEU D 11 -17.29 -39.13 -41.11
C LEU D 11 -18.51 -38.23 -40.98
N VAL D 12 -19.04 -37.79 -42.12
CA VAL D 12 -20.25 -36.96 -42.18
C VAL D 12 -21.10 -37.44 -43.36
N LEU D 13 -22.41 -37.45 -43.16
CA LEU D 13 -23.32 -37.82 -44.24
C LEU D 13 -23.21 -36.83 -45.40
N PRO D 14 -23.48 -37.27 -46.62
CA PRO D 14 -23.30 -36.37 -47.78
C PRO D 14 -24.20 -35.14 -47.69
N GLY D 15 -23.70 -34.04 -48.24
CA GLY D 15 -24.43 -32.78 -48.26
C GLY D 15 -24.13 -31.84 -47.13
N ALA D 16 -23.31 -32.24 -46.16
CA ALA D 16 -23.01 -31.42 -44.99
C ALA D 16 -21.52 -31.08 -44.97
N SER D 17 -21.12 -30.33 -43.94
CA SER D 17 -19.76 -29.83 -43.80
C SER D 17 -19.13 -30.34 -42.51
N VAL D 18 -17.81 -30.57 -42.54
CA VAL D 18 -17.05 -31.05 -41.41
C VAL D 18 -15.85 -30.12 -41.20
N LYS D 19 -15.33 -30.12 -39.98
CA LYS D 19 -14.22 -29.27 -39.59
C LYS D 19 -12.96 -30.11 -39.44
N LEU D 20 -11.86 -29.63 -40.03
CA LEU D 20 -10.57 -30.29 -39.96
C LEU D 20 -9.55 -29.36 -39.33
N SER D 21 -8.72 -29.90 -38.45
CA SER D 21 -7.74 -29.12 -37.73
C SER D 21 -6.33 -29.65 -38.00
N CYS D 22 -5.36 -28.75 -37.89
CA CYS D 22 -3.95 -29.12 -38.10
C CYS D 22 -3.11 -28.30 -37.12
N LYS D 23 -2.84 -28.88 -35.95
CA LYS D 23 -2.06 -28.21 -34.92
C LYS D 23 -0.58 -28.47 -35.14
N ALA D 24 0.20 -27.39 -35.17
CA ALA D 24 1.62 -27.46 -35.49
C ALA D 24 2.44 -27.03 -34.28
N SER D 25 3.50 -27.81 -34.02
CA SER D 25 4.39 -27.51 -32.90
C SER D 25 5.78 -28.03 -33.24
N GLY D 26 6.77 -27.56 -32.49
CA GLY D 26 8.15 -27.92 -32.72
C GLY D 26 8.91 -26.99 -33.65
N TYR D 27 8.24 -26.01 -34.25
CA TYR D 27 8.89 -25.06 -35.14
C TYR D 27 8.11 -23.75 -35.10
N THR D 28 8.41 -22.86 -36.04
CA THR D 28 7.83 -21.53 -36.09
C THR D 28 6.55 -21.55 -36.94
N PHE D 29 5.43 -21.18 -36.33
CA PHE D 29 4.19 -21.01 -37.07
C PHE D 29 4.20 -19.73 -37.90
N THR D 30 5.03 -18.75 -37.53
CA THR D 30 5.10 -17.48 -38.26
C THR D 30 5.87 -17.62 -39.57
N ASN D 31 7.01 -18.30 -39.54
CA ASN D 31 7.91 -18.36 -40.68
C ASN D 31 7.65 -19.56 -41.58
N TYR D 32 6.56 -20.29 -41.35
CA TYR D 32 6.23 -21.46 -42.15
C TYR D 32 4.82 -21.35 -42.67
N TRP D 33 4.67 -21.31 -43.99
CA TRP D 33 3.36 -21.35 -44.61
C TRP D 33 2.73 -22.72 -44.40
N MET D 34 1.41 -22.78 -44.54
CA MET D 34 0.67 -24.02 -44.41
C MET D 34 0.16 -24.45 -45.78
N HIS D 35 0.46 -25.69 -46.16
CA HIS D 35 0.00 -26.27 -47.42
C HIS D 35 -0.66 -27.60 -47.14
N TRP D 36 -1.61 -27.96 -48.00
CA TRP D 36 -2.52 -29.06 -47.77
C TRP D 36 -2.49 -30.04 -48.93
N VAL D 37 -2.54 -31.33 -48.62
CA VAL D 37 -2.52 -32.41 -49.60
C VAL D 37 -3.56 -33.45 -49.20
N LYS D 38 -4.30 -33.96 -50.18
CA LYS D 38 -5.32 -34.97 -49.97
C LYS D 38 -4.88 -36.27 -50.62
N GLN D 39 -4.90 -37.35 -49.84
CA GLN D 39 -4.44 -38.65 -50.32
C GLN D 39 -5.62 -39.43 -50.86
N ARG D 40 -5.63 -39.67 -52.17
CA ARG D 40 -6.66 -40.48 -52.81
C ARG D 40 -5.99 -41.70 -53.41
N PRO D 41 -6.36 -42.92 -52.99
CA PRO D 41 -5.73 -44.12 -53.56
C PRO D 41 -5.99 -44.29 -55.05
N GLY D 42 -7.03 -43.67 -55.59
CA GLY D 42 -7.37 -43.87 -56.99
C GLY D 42 -6.30 -43.35 -57.94
N HIS D 43 -5.81 -42.14 -57.69
CA HIS D 43 -4.84 -41.52 -58.60
C HIS D 43 -3.73 -40.79 -57.83
N GLY D 44 -3.45 -41.23 -56.61
CA GLY D 44 -2.37 -40.64 -55.84
C GLY D 44 -2.76 -39.32 -55.19
N LEU D 45 -1.74 -38.60 -54.73
CA LEU D 45 -1.91 -37.36 -53.98
C LEU D 45 -2.23 -36.21 -54.91
N GLU D 46 -2.74 -35.12 -54.32
CA GLU D 46 -3.01 -33.90 -55.05
C GLU D 46 -2.91 -32.71 -54.10
N TRP D 47 -2.61 -31.55 -54.66
CA TRP D 47 -2.43 -30.34 -53.88
C TRP D 47 -3.76 -29.60 -53.74
N ILE D 48 -4.00 -29.05 -52.56
CA ILE D 48 -5.27 -28.40 -52.26
C ILE D 48 -5.14 -26.90 -52.44
N GLY D 49 -4.19 -26.29 -51.76
CA GLY D 49 -4.01 -24.85 -51.84
C GLY D 49 -2.97 -24.41 -50.84
N GLU D 50 -2.71 -23.10 -50.84
CA GLU D 50 -1.72 -22.51 -49.95
C GLU D 50 -2.32 -21.35 -49.18
N ILE D 51 -1.99 -21.28 -47.90
CA ILE D 51 -2.49 -20.25 -47.00
C ILE D 51 -1.34 -19.71 -46.19
N ASP D 52 -1.32 -18.40 -46.02
CA ASP D 52 -0.30 -17.85 -45.13
C ASP D 52 -0.87 -17.68 -43.72
N PRO D 53 -0.03 -17.74 -42.70
CA PRO D 53 -0.51 -17.54 -41.34
C PRO D 53 -0.89 -16.08 -41.11
N PHE D 54 -1.66 -15.85 -40.04
CA PHE D 54 -2.09 -14.55 -39.56
C PHE D 54 -2.54 -13.60 -40.67
N ASP D 55 -3.17 -14.14 -41.71
CA ASP D 55 -3.67 -13.32 -42.80
C ASP D 55 -4.70 -14.12 -43.58
N THR D 56 -5.12 -13.57 -44.71
CA THR D 56 -6.16 -14.13 -45.57
C THR D 56 -5.71 -14.14 -47.03
N TYR D 57 -4.45 -14.49 -47.26
CA TYR D 57 -3.95 -14.66 -48.62
C TYR D 57 -4.37 -16.03 -49.13
N ILE D 58 -5.21 -16.06 -50.15
CA ILE D 58 -5.85 -17.28 -50.63
C ILE D 58 -5.33 -17.62 -52.01
N LYS D 59 -4.90 -18.86 -52.19
CA LYS D 59 -4.54 -19.40 -53.50
C LYS D 59 -5.00 -20.85 -53.53
N ILE D 60 -5.99 -21.14 -54.36
CA ILE D 60 -6.64 -22.46 -54.39
C ILE D 60 -6.24 -23.17 -55.67
N ASN D 61 -5.92 -24.45 -55.55
CA ASN D 61 -5.66 -25.27 -56.72
C ASN D 61 -6.90 -25.34 -57.59
N GLN D 62 -6.68 -25.34 -58.91
CA GLN D 62 -7.80 -25.36 -59.85
C GLN D 62 -8.61 -26.64 -59.77
N LYS D 63 -8.07 -27.68 -59.13
CA LYS D 63 -8.79 -28.94 -59.01
C LYS D 63 -9.92 -28.85 -57.98
N PHE D 64 -9.65 -28.25 -56.82
CA PHE D 64 -10.63 -28.18 -55.76
C PHE D 64 -11.06 -26.75 -55.46
N LYS D 65 -11.32 -25.97 -56.50
CA LYS D 65 -11.87 -24.63 -56.30
C LYS D 65 -13.28 -24.72 -55.74
N GLY D 66 -13.66 -23.70 -54.97
CA GLY D 66 -15.01 -23.60 -54.46
C GLY D 66 -15.24 -24.28 -53.13
N LYS D 67 -15.28 -25.61 -53.13
CA LYS D 67 -15.55 -26.35 -51.90
C LYS D 67 -14.44 -26.13 -50.87
N SER D 68 -13.18 -26.17 -51.31
CA SER D 68 -12.07 -26.04 -50.39
C SER D 68 -12.01 -24.62 -49.83
N THR D 69 -11.80 -24.51 -48.52
CA THR D 69 -11.68 -23.22 -47.84
C THR D 69 -10.46 -23.25 -46.92
N LEU D 70 -9.86 -22.09 -46.73
CA LEU D 70 -8.65 -21.94 -45.94
C LEU D 70 -8.93 -21.03 -44.75
N THR D 71 -8.60 -21.51 -43.55
CA THR D 71 -8.78 -20.73 -42.34
C THR D 71 -7.63 -21.07 -41.39
N VAL D 72 -6.98 -20.04 -40.85
CA VAL D 72 -5.81 -20.21 -39.99
C VAL D 72 -5.98 -19.32 -38.76
N ASP D 73 -5.76 -19.89 -37.59
CA ASP D 73 -5.79 -19.16 -36.32
C ASP D 73 -4.39 -19.17 -35.72
N THR D 74 -3.91 -17.98 -35.35
CA THR D 74 -2.57 -17.87 -34.77
C THR D 74 -2.48 -18.62 -33.45
N SER D 75 -3.50 -18.49 -32.60
CA SER D 75 -3.51 -19.21 -31.34
C SER D 75 -3.68 -20.71 -31.61
N SER D 76 -2.95 -21.51 -30.85
CA SER D 76 -2.90 -22.98 -30.93
C SER D 76 -2.26 -23.47 -32.23
N SER D 77 -1.86 -22.57 -33.12
CA SER D 77 -1.22 -22.94 -34.39
C SER D 77 -2.05 -23.94 -35.17
N THR D 78 -3.34 -23.65 -35.30
CA THR D 78 -4.30 -24.55 -35.93
C THR D 78 -4.83 -23.91 -37.20
N ALA D 79 -4.78 -24.66 -38.30
CA ALA D 79 -5.34 -24.25 -39.57
C ALA D 79 -6.54 -25.13 -39.90
N TYR D 80 -7.59 -24.53 -40.47
CA TYR D 80 -8.91 -25.14 -40.53
C TYR D 80 -9.38 -25.36 -41.96
N MET D 81 -10.19 -26.41 -42.15
CA MET D 81 -11.04 -26.56 -43.33
C MET D 81 -12.47 -26.87 -42.89
N GLN D 82 -13.43 -26.27 -43.58
CA GLN D 82 -14.84 -26.63 -43.50
C GLN D 82 -15.38 -26.75 -44.92
N LEU D 83 -15.35 -27.97 -45.46
CA LEU D 83 -15.77 -28.24 -46.83
C LEU D 83 -17.25 -28.61 -46.82
N SER D 84 -18.09 -27.74 -47.38
CA SER D 84 -19.52 -27.98 -47.41
C SER D 84 -19.89 -28.90 -48.57
N SER D 85 -20.98 -29.65 -48.39
CA SER D 85 -21.55 -30.50 -49.43
C SER D 85 -20.54 -31.53 -49.92
N LEU D 86 -19.98 -32.28 -48.96
CA LEU D 86 -19.08 -33.37 -49.31
C LEU D 86 -19.87 -34.51 -49.94
N THR D 87 -19.35 -35.04 -51.04
CA THR D 87 -19.99 -36.11 -51.78
C THR D 87 -19.28 -37.44 -51.50
N SER D 88 -19.86 -38.51 -52.06
CA SER D 88 -19.28 -39.85 -51.88
C SER D 88 -17.98 -40.02 -52.66
N GLU D 89 -17.69 -39.13 -53.60
CA GLU D 89 -16.42 -39.19 -54.31
C GLU D 89 -15.28 -38.54 -53.55
N ASP D 90 -15.55 -37.92 -52.41
CA ASP D 90 -14.53 -37.23 -51.63
C ASP D 90 -13.96 -38.08 -50.50
N SER D 91 -14.36 -39.35 -50.41
CA SER D 91 -13.89 -40.22 -49.33
C SER D 91 -12.40 -40.49 -49.50
N ALA D 92 -11.57 -39.85 -48.68
CA ALA D 92 -10.13 -39.99 -48.75
C ALA D 92 -9.53 -39.50 -47.43
N VAL D 93 -8.23 -39.25 -47.45
CA VAL D 93 -7.49 -38.82 -46.26
C VAL D 93 -6.83 -37.49 -46.54
N TYR D 94 -6.90 -36.57 -45.58
CA TYR D 94 -6.33 -35.23 -45.70
C TYR D 94 -5.07 -35.13 -44.85
N TYR D 95 -4.00 -34.63 -45.44
CA TYR D 95 -2.75 -34.34 -44.74
C TYR D 95 -2.41 -32.86 -44.92
N CYS D 96 -1.98 -32.22 -43.84
CA CYS D 96 -1.45 -30.86 -43.92
C CYS D 96 0.06 -30.94 -43.96
N ALA D 97 0.65 -30.40 -45.02
CA ALA D 97 2.07 -30.59 -45.33
C ALA D 97 2.85 -29.35 -44.96
N ARG D 98 3.88 -29.53 -44.13
CA ARG D 98 4.78 -28.43 -43.77
C ARG D 98 5.86 -28.31 -44.82
N PRO D 99 6.08 -27.12 -45.40
CA PRO D 99 7.14 -26.95 -46.40
C PRO D 99 8.49 -26.62 -45.77
N ASP D 100 9.54 -26.80 -46.57
CA ASP D 100 10.89 -26.47 -46.11
C ASP D 100 11.01 -24.99 -45.77
N SER D 101 10.43 -24.13 -46.60
CA SER D 101 10.39 -22.69 -46.34
C SER D 101 8.99 -22.18 -46.65
N SER D 102 8.75 -20.92 -46.28
CA SER D 102 7.47 -20.27 -46.52
C SER D 102 7.46 -19.50 -47.83
N GLY D 103 8.24 -19.94 -48.81
CA GLY D 103 8.29 -19.27 -50.09
C GLY D 103 8.18 -20.22 -51.27
N TYR D 104 7.16 -20.01 -52.09
CA TYR D 104 6.93 -20.88 -53.23
C TYR D 104 8.03 -20.70 -54.27
N PRO D 105 8.34 -21.75 -55.05
CA PRO D 105 7.85 -23.12 -54.87
C PRO D 105 8.60 -23.90 -53.78
N VAL D 106 7.91 -24.87 -53.17
CA VAL D 106 8.44 -25.68 -52.09
C VAL D 106 8.13 -27.15 -52.39
N TYR D 107 8.58 -28.03 -51.50
CA TYR D 107 8.38 -29.46 -51.69
C TYR D 107 7.76 -30.16 -50.49
N PHE D 108 7.33 -29.42 -49.46
CA PHE D 108 6.60 -29.96 -48.32
C PHE D 108 7.40 -31.06 -47.62
N ASP D 109 8.51 -30.63 -47.01
CA ASP D 109 9.48 -31.59 -46.48
C ASP D 109 8.87 -32.50 -45.42
N TYR D 110 8.15 -31.94 -44.46
CA TYR D 110 7.62 -32.72 -43.34
C TYR D 110 6.10 -32.76 -43.40
N TRP D 111 5.55 -33.97 -43.37
CA TRP D 111 4.12 -34.19 -43.33
C TRP D 111 3.74 -34.83 -41.99
N GLY D 112 2.62 -34.39 -41.44
CA GLY D 112 2.09 -34.95 -40.22
C GLY D 112 1.22 -36.16 -40.48
N GLN D 113 0.30 -36.41 -39.56
CA GLN D 113 -0.65 -37.50 -39.72
C GLN D 113 -1.71 -37.11 -40.75
N GLY D 114 -2.67 -38.00 -40.95
CA GLY D 114 -3.72 -37.81 -41.93
C GLY D 114 -5.10 -37.89 -41.31
N THR D 115 -5.98 -36.98 -41.72
CA THR D 115 -7.37 -36.97 -41.28
C THR D 115 -8.21 -37.63 -42.37
N THR D 116 -8.73 -38.82 -42.06
CA THR D 116 -9.49 -39.60 -43.03
C THR D 116 -10.90 -39.02 -43.16
N LEU D 117 -11.33 -38.81 -44.41
CA LEU D 117 -12.69 -38.40 -44.71
C LEU D 117 -13.43 -39.60 -45.30
N THR D 118 -14.56 -39.96 -44.70
CA THR D 118 -15.30 -41.14 -45.12
C THR D 118 -16.80 -40.85 -45.03
N VAL D 119 -17.55 -41.35 -45.99
CA VAL D 119 -19.00 -41.16 -46.02
C VAL D 119 -19.66 -42.39 -45.43
N SER D 120 -20.50 -42.19 -44.42
CA SER D 120 -21.23 -43.28 -43.78
C SER D 120 -22.73 -43.20 -44.09
N ASP E 1 -1.93 -26.71 -65.62
CA ASP E 1 -0.55 -26.57 -65.16
C ASP E 1 0.26 -27.84 -65.43
N ILE E 2 1.48 -27.88 -64.91
CA ILE E 2 2.32 -29.06 -65.09
C ILE E 2 1.77 -30.21 -64.27
N VAL E 3 1.55 -31.35 -64.92
CA VAL E 3 0.92 -32.52 -64.31
C VAL E 3 1.94 -33.66 -64.29
N MET E 4 1.96 -34.41 -63.20
CA MET E 4 2.89 -35.50 -63.00
C MET E 4 2.22 -36.82 -63.36
N THR E 5 2.77 -37.52 -64.34
CA THR E 5 2.30 -38.85 -64.74
C THR E 5 3.52 -39.76 -64.80
N GLN E 6 3.74 -40.54 -63.74
CA GLN E 6 4.89 -41.43 -63.69
C GLN E 6 4.74 -42.56 -64.69
N SER E 7 5.88 -43.07 -65.16
CA SER E 7 5.93 -44.08 -66.20
C SER E 7 6.05 -45.50 -65.66
N HIS E 8 6.37 -45.66 -64.38
CA HIS E 8 6.50 -46.98 -63.77
C HIS E 8 5.25 -47.26 -62.95
N LYS E 9 4.35 -48.09 -63.50
CA LYS E 9 3.15 -48.46 -62.78
C LYS E 9 3.50 -49.24 -61.51
N PHE E 10 4.44 -50.18 -61.62
CA PHE E 10 4.89 -50.95 -60.48
C PHE E 10 6.35 -51.32 -60.68
N MET E 11 7.06 -51.50 -59.57
CA MET E 11 8.47 -51.84 -59.57
C MET E 11 8.67 -53.12 -58.78
N SER E 12 9.23 -54.14 -59.42
CA SER E 12 9.44 -55.45 -58.81
C SER E 12 10.93 -55.78 -58.88
N THR E 13 11.66 -55.46 -57.80
CA THR E 13 13.08 -55.74 -57.71
C THR E 13 13.40 -56.33 -56.35
N SER E 14 14.43 -57.17 -56.32
CA SER E 14 14.81 -57.86 -55.09
C SER E 14 15.70 -56.97 -54.23
N VAL E 15 16.25 -57.54 -53.16
CA VAL E 15 17.10 -56.79 -52.24
C VAL E 15 18.48 -56.61 -52.85
N GLY E 16 18.93 -55.36 -52.92
CA GLY E 16 20.24 -55.06 -53.43
C GLY E 16 20.34 -54.87 -54.93
N ASP E 17 19.23 -54.99 -55.66
CA ASP E 17 19.27 -54.82 -57.10
C ASP E 17 19.32 -53.33 -57.47
N ARG E 18 20.00 -53.05 -58.58
CA ARG E 18 20.14 -51.68 -59.08
C ARG E 18 19.02 -51.44 -60.08
N VAL E 19 18.21 -50.42 -59.81
CA VAL E 19 17.05 -50.10 -60.63
C VAL E 19 16.69 -48.64 -60.40
N SER E 20 16.00 -48.05 -61.38
CA SER E 20 15.69 -46.63 -61.37
C SER E 20 14.18 -46.42 -61.31
N ILE E 21 13.78 -45.31 -60.71
CA ILE E 21 12.37 -44.89 -60.66
C ILE E 21 12.21 -43.71 -61.60
N THR E 22 11.46 -43.91 -62.68
CA THR E 22 11.30 -42.90 -63.72
C THR E 22 9.92 -42.26 -63.62
N CYS E 23 9.90 -40.93 -63.50
CA CYS E 23 8.66 -40.16 -63.55
C CYS E 23 8.85 -39.05 -64.58
N LYS E 24 7.86 -38.86 -65.44
CA LYS E 24 7.91 -37.86 -66.48
C LYS E 24 7.26 -36.55 -66.01
N ALA E 25 7.38 -35.52 -66.83
CA ALA E 25 6.78 -34.22 -66.58
C ALA E 25 5.94 -33.81 -67.77
N SER E 26 4.96 -32.95 -67.52
CA SER E 26 4.07 -32.51 -68.60
C SER E 26 4.83 -31.73 -69.66
N GLN E 27 5.75 -30.87 -69.23
CA GLN E 27 6.58 -30.09 -70.15
C GLN E 27 7.95 -29.88 -69.56
N ASP E 28 8.82 -29.25 -70.34
CA ASP E 28 10.19 -28.98 -69.92
C ASP E 28 10.22 -27.91 -68.83
N VAL E 29 10.36 -28.34 -67.58
CA VAL E 29 10.35 -27.41 -66.44
C VAL E 29 11.76 -27.31 -65.88
N GLY E 30 12.75 -27.75 -66.66
CA GLY E 30 14.11 -27.82 -66.16
C GLY E 30 14.26 -28.95 -65.17
N THR E 31 14.58 -28.63 -63.91
CA THR E 31 14.76 -29.64 -62.87
C THR E 31 14.12 -29.12 -61.57
N TYR E 32 12.85 -29.48 -61.37
CA TYR E 32 12.13 -29.10 -60.16
C TYR E 32 11.29 -30.26 -59.63
N ILE E 33 11.83 -31.47 -59.64
CA ILE E 33 11.10 -32.65 -59.23
C ILE E 33 11.53 -33.06 -57.82
N ALA E 34 10.58 -33.56 -57.03
CA ALA E 34 10.81 -33.97 -55.66
C ALA E 34 10.33 -35.40 -55.46
N TRP E 35 10.73 -35.99 -54.34
CA TRP E 35 10.46 -37.40 -54.08
C TRP E 35 10.03 -37.59 -52.63
N TYR E 36 9.08 -38.49 -52.41
CA TYR E 36 8.55 -38.80 -51.09
C TYR E 36 8.47 -40.30 -50.91
N GLN E 37 8.56 -40.74 -49.65
CA GLN E 37 8.46 -42.15 -49.27
C GLN E 37 7.18 -42.35 -48.47
N GLN E 38 6.21 -43.03 -49.06
CA GLN E 38 4.92 -43.27 -48.42
C GLN E 38 4.77 -44.77 -48.18
N LYS E 39 5.09 -45.20 -46.97
CA LYS E 39 4.82 -46.58 -46.59
C LYS E 39 3.32 -46.79 -46.42
N PRO E 40 2.84 -48.02 -46.62
CA PRO E 40 1.41 -48.29 -46.36
C PRO E 40 1.08 -48.03 -44.90
N GLY E 41 0.12 -47.14 -44.68
CA GLY E 41 -0.20 -46.70 -43.34
C GLY E 41 0.74 -45.66 -42.77
N GLN E 42 1.58 -45.05 -43.62
CA GLN E 42 2.53 -44.03 -43.21
C GLN E 42 2.42 -42.84 -44.15
N SER E 43 2.45 -41.64 -43.58
CA SER E 43 2.41 -40.44 -44.40
C SER E 43 3.66 -40.37 -45.28
N PRO E 44 3.54 -39.82 -46.49
CA PRO E 44 4.71 -39.72 -47.37
C PRO E 44 5.84 -38.96 -46.71
N LYS E 45 7.01 -39.58 -46.68
CA LYS E 45 8.20 -39.04 -46.02
C LYS E 45 9.20 -38.60 -47.08
N LEU E 46 9.77 -37.41 -46.90
CA LEU E 46 10.72 -36.88 -47.87
C LEU E 46 11.93 -37.79 -47.97
N LEU E 47 12.34 -38.07 -49.21
CA LEU E 47 13.51 -38.90 -49.48
C LEU E 47 14.61 -38.11 -50.15
N ILE E 48 14.32 -37.52 -51.31
CA ILE E 48 15.24 -36.64 -52.02
C ILE E 48 14.48 -35.35 -52.23
N TYR E 49 14.85 -34.30 -51.49
CA TYR E 49 14.04 -33.09 -51.49
C TYR E 49 14.11 -32.35 -52.82
N TRP E 50 15.02 -32.76 -53.71
CA TRP E 50 15.16 -32.06 -54.98
C TRP E 50 15.44 -33.12 -56.04
N ALA E 51 15.81 -32.72 -57.25
CA ALA E 51 16.03 -33.69 -58.32
C ALA E 51 17.20 -34.62 -58.01
N SER E 52 18.34 -34.05 -57.62
CA SER E 52 19.54 -34.88 -57.43
C SER E 52 20.32 -34.53 -56.17
N THR E 53 19.72 -33.84 -55.21
CA THR E 53 20.39 -33.46 -53.98
C THR E 53 20.18 -34.53 -52.92
N ARG E 54 20.52 -34.21 -51.67
CA ARG E 54 20.31 -35.12 -50.55
C ARG E 54 19.91 -34.31 -49.32
N HIS E 55 18.74 -34.60 -48.77
CA HIS E 55 18.30 -33.94 -47.55
C HIS E 55 18.87 -34.68 -46.34
N THR E 56 18.62 -34.11 -45.16
CA THR E 56 19.07 -34.75 -43.93
C THR E 56 18.31 -36.04 -43.69
N GLY E 57 18.96 -36.96 -42.98
CA GLY E 57 18.34 -38.24 -42.67
C GLY E 57 17.99 -39.06 -43.89
N VAL E 58 18.88 -39.09 -44.88
CA VAL E 58 18.62 -39.83 -46.11
C VAL E 58 19.50 -41.07 -46.14
N PRO E 59 18.96 -42.24 -46.46
CA PRO E 59 19.82 -43.41 -46.70
C PRO E 59 20.71 -43.16 -47.92
N ASP E 60 21.93 -43.69 -47.85
CA ASP E 60 22.89 -43.49 -48.92
C ASP E 60 22.51 -44.22 -50.20
N ARG E 61 21.51 -45.10 -50.15
CA ARG E 61 21.11 -45.85 -51.33
C ARG E 61 20.40 -44.97 -52.35
N PHE E 62 19.62 -44.00 -51.89
CA PHE E 62 18.85 -43.14 -52.78
C PHE E 62 19.74 -42.07 -53.41
N THR E 63 19.71 -41.99 -54.74
CA THR E 63 20.43 -40.95 -55.47
C THR E 63 19.74 -40.75 -56.82
N GLY E 64 19.22 -39.55 -57.03
CA GLY E 64 18.48 -39.24 -58.23
C GLY E 64 19.30 -38.53 -59.29
N SER E 65 18.72 -38.43 -60.48
CA SER E 65 19.35 -37.74 -61.60
C SER E 65 18.29 -36.94 -62.36
N GLY E 66 18.68 -35.77 -62.83
CA GLY E 66 17.76 -34.91 -63.56
C GLY E 66 18.21 -34.59 -64.97
N SER E 67 17.51 -35.12 -65.96
CA SER E 67 17.84 -34.90 -67.36
C SER E 67 17.09 -33.73 -67.96
N GLY E 68 16.19 -33.09 -67.22
CA GLY E 68 15.44 -31.96 -67.72
C GLY E 68 14.00 -32.30 -68.05
N THR E 69 13.76 -33.45 -68.64
CA THR E 69 12.42 -33.88 -69.00
C THR E 69 12.04 -35.22 -68.37
N ASN E 70 12.94 -36.20 -68.38
CA ASN E 70 12.69 -37.53 -67.84
C ASN E 70 13.56 -37.71 -66.60
N TYR E 71 12.99 -37.47 -65.44
CA TYR E 71 13.71 -37.57 -64.18
C TYR E 71 13.67 -38.99 -63.65
N THR E 72 14.84 -39.52 -63.29
CA THR E 72 14.97 -40.87 -62.76
C THR E 72 15.68 -40.82 -61.42
N LEU E 73 15.40 -41.81 -60.57
CA LEU E 73 16.08 -41.98 -59.30
C LEU E 73 16.62 -43.40 -59.24
N THR E 74 17.95 -43.53 -59.28
CA THR E 74 18.61 -44.83 -59.29
C THR E 74 18.97 -45.25 -57.87
N ILE E 75 18.59 -46.47 -57.52
CA ILE E 75 18.79 -47.01 -56.18
C ILE E 75 19.65 -48.26 -56.29
N SER E 76 20.83 -48.23 -55.67
CA SER E 76 21.74 -49.36 -55.77
C SER E 76 21.22 -50.58 -55.03
N SER E 77 20.73 -50.39 -53.80
CA SER E 77 20.27 -51.50 -52.99
C SER E 77 18.91 -51.17 -52.39
N VAL E 78 18.08 -52.20 -52.25
CA VAL E 78 16.72 -52.08 -51.74
C VAL E 78 16.61 -52.87 -50.45
N GLN E 79 16.17 -52.21 -49.39
CA GLN E 79 16.02 -52.82 -48.07
C GLN E 79 14.53 -52.95 -47.74
N ALA E 80 14.25 -53.50 -46.56
CA ALA E 80 12.87 -53.69 -46.14
C ALA E 80 12.15 -52.37 -45.96
N GLU E 81 12.82 -51.38 -45.36
CA GLU E 81 12.17 -50.10 -45.11
C GLU E 81 11.91 -49.33 -46.41
N ASP E 82 12.60 -49.68 -47.50
CA ASP E 82 12.37 -49.01 -48.77
C ASP E 82 11.01 -49.36 -49.37
N LEU E 83 10.35 -50.40 -48.86
CA LEU E 83 9.07 -50.83 -49.41
C LEU E 83 8.01 -49.78 -49.10
N ALA E 84 7.73 -48.91 -50.07
CA ALA E 84 6.83 -47.78 -49.87
C ALA E 84 6.42 -47.26 -51.24
N LEU E 85 5.77 -46.11 -51.25
CA LEU E 85 5.30 -45.45 -52.46
C LEU E 85 6.29 -44.37 -52.87
N TYR E 86 6.46 -44.20 -54.18
CA TYR E 86 7.36 -43.18 -54.72
C TYR E 86 6.56 -42.14 -55.48
N HIS E 87 6.73 -40.88 -55.11
CA HIS E 87 5.93 -39.79 -55.67
C HIS E 87 6.82 -38.71 -56.25
N CYS E 88 6.36 -38.10 -57.35
CA CYS E 88 7.06 -37.00 -57.99
C CYS E 88 6.15 -35.78 -58.06
N GLN E 89 6.70 -34.62 -57.71
CA GLN E 89 5.96 -33.37 -57.69
C GLN E 89 6.78 -32.29 -58.37
N GLN E 90 6.12 -31.39 -59.09
CA GLN E 90 6.78 -30.25 -59.70
C GLN E 90 6.70 -29.05 -58.77
N HIS E 91 7.86 -28.62 -58.25
CA HIS E 91 7.95 -27.34 -57.56
C HIS E 91 8.54 -26.29 -58.50
N TYR E 92 7.75 -25.98 -59.52
CA TYR E 92 8.09 -24.95 -60.49
C TYR E 92 7.14 -23.76 -60.45
N SER E 93 5.85 -24.00 -60.31
CA SER E 93 4.86 -22.94 -60.25
C SER E 93 3.98 -23.15 -59.02
N THR E 94 3.08 -22.20 -58.79
CA THR E 94 2.21 -22.29 -57.62
C THR E 94 1.30 -23.51 -57.65
N PRO E 95 0.56 -23.81 -58.73
CA PRO E 95 -0.31 -25.01 -58.70
C PRO E 95 0.52 -26.27 -58.76
N TYR E 96 0.60 -26.98 -57.64
CA TYR E 96 1.43 -28.17 -57.53
C TYR E 96 0.64 -29.41 -57.95
N THR E 97 1.36 -30.39 -58.50
CA THR E 97 0.78 -31.65 -58.93
C THR E 97 1.61 -32.80 -58.39
N PHE E 98 0.94 -33.90 -58.06
CA PHE E 98 1.60 -35.07 -57.50
C PHE E 98 1.44 -36.26 -58.44
N GLY E 99 2.44 -37.14 -58.40
CA GLY E 99 2.37 -38.36 -59.19
C GLY E 99 1.44 -39.39 -58.58
N GLY E 100 1.17 -40.44 -59.37
CA GLY E 100 0.26 -41.48 -58.92
C GLY E 100 0.83 -42.42 -57.88
N GLY E 101 2.15 -42.50 -57.79
CA GLY E 101 2.78 -43.38 -56.82
C GLY E 101 3.11 -44.75 -57.40
N THR E 102 4.16 -45.36 -56.86
CA THR E 102 4.59 -46.69 -57.28
C THR E 102 4.82 -47.55 -56.04
N LYS E 103 4.24 -48.75 -56.04
CA LYS E 103 4.37 -49.68 -54.92
C LYS E 103 5.53 -50.64 -55.16
N LEU E 104 6.40 -50.76 -54.16
CA LEU E 104 7.57 -51.63 -54.24
C LEU E 104 7.28 -52.92 -53.48
N GLU E 105 7.70 -54.05 -54.04
CA GLU E 105 7.45 -55.36 -53.44
C GLU E 105 8.58 -56.31 -53.82
N ILE E 106 8.72 -57.36 -53.04
CA ILE E 106 9.80 -58.33 -53.24
C ILE E 106 9.35 -59.47 -54.17
N GLN F 1 45.65 -26.68 -17.26
CA GLN F 1 46.80 -26.16 -17.99
C GLN F 1 46.97 -24.66 -17.77
N VAL F 2 48.21 -24.23 -17.61
CA VAL F 2 48.55 -22.82 -17.44
C VAL F 2 48.59 -22.17 -18.81
N GLN F 3 47.69 -21.21 -19.04
CA GLN F 3 47.67 -20.43 -20.28
C GLN F 3 47.76 -18.95 -19.91
N LEU F 4 48.98 -18.46 -19.76
CA LEU F 4 49.23 -17.04 -19.53
C LEU F 4 49.66 -16.42 -20.86
N GLN F 5 48.99 -15.34 -21.24
CA GLN F 5 49.13 -14.77 -22.57
C GLN F 5 49.87 -13.44 -22.51
N GLN F 6 50.53 -13.11 -23.62
CA GLN F 6 51.22 -11.85 -23.81
C GLN F 6 50.89 -11.28 -25.17
N PRO F 7 50.52 -10.00 -25.27
CA PRO F 7 50.21 -9.42 -26.59
C PRO F 7 51.41 -9.41 -27.51
N GLY F 8 52.51 -8.80 -27.06
CA GLY F 8 53.71 -8.70 -27.86
C GLY F 8 53.60 -7.65 -28.95
N ALA F 9 54.74 -7.35 -29.56
CA ALA F 9 54.83 -6.47 -30.74
C ALA F 9 54.23 -5.10 -30.45
N GLU F 10 54.86 -4.38 -29.52
CA GLU F 10 54.50 -3.01 -29.20
C GLU F 10 55.63 -2.09 -29.66
N LEU F 11 55.29 -1.14 -30.54
CA LEU F 11 56.25 -0.18 -31.07
C LEU F 11 55.80 1.23 -30.71
N VAL F 12 56.65 1.95 -29.98
CA VAL F 12 56.35 3.31 -29.53
C VAL F 12 57.60 4.15 -29.71
N LEU F 13 57.42 5.37 -30.22
CA LEU F 13 58.54 6.27 -30.43
C LEU F 13 59.20 6.60 -29.09
N PRO F 14 60.54 6.67 -29.05
CA PRO F 14 61.23 6.91 -27.78
C PRO F 14 60.83 8.22 -27.13
N GLY F 15 60.76 8.21 -25.80
CA GLY F 15 60.37 9.37 -25.03
C GLY F 15 58.92 9.38 -24.59
N ALA F 16 58.09 8.48 -25.11
CA ALA F 16 56.67 8.41 -24.77
C ALA F 16 56.42 7.28 -23.77
N SER F 17 55.14 6.97 -23.57
CA SER F 17 54.72 5.91 -22.66
C SER F 17 53.92 4.85 -23.41
N VAL F 18 54.07 3.60 -22.98
CA VAL F 18 53.41 2.47 -23.59
C VAL F 18 52.66 1.68 -22.52
N LYS F 19 51.62 0.97 -22.94
CA LYS F 19 50.77 0.19 -22.05
C LYS F 19 50.86 -1.29 -22.43
N LEU F 20 51.16 -2.13 -21.46
CA LEU F 20 51.39 -3.55 -21.68
C LEU F 20 50.45 -4.36 -20.79
N SER F 21 50.30 -5.65 -21.11
CA SER F 21 49.40 -6.53 -20.39
C SER F 21 50.01 -7.91 -20.25
N CYS F 22 49.53 -8.66 -19.25
CA CYS F 22 49.86 -10.07 -19.04
C CYS F 22 48.60 -10.78 -18.56
N LYS F 23 47.94 -11.49 -19.47
CA LYS F 23 46.79 -12.30 -19.08
C LYS F 23 47.23 -13.56 -18.34
N ALA F 24 46.41 -14.00 -17.40
CA ALA F 24 46.64 -15.22 -16.64
C ALA F 24 45.38 -16.08 -16.66
N SER F 25 45.55 -17.38 -16.93
CA SER F 25 44.42 -18.29 -17.04
C SER F 25 44.86 -19.69 -16.65
N GLY F 26 43.88 -20.53 -16.31
CA GLY F 26 44.11 -21.90 -15.95
C GLY F 26 44.35 -22.18 -14.49
N TYR F 27 44.44 -21.14 -13.65
CA TYR F 27 44.72 -21.32 -12.24
C TYR F 27 44.03 -20.21 -11.46
N THR F 28 44.40 -20.06 -10.19
CA THR F 28 43.82 -19.07 -9.30
C THR F 28 44.74 -17.85 -9.26
N PHE F 29 44.30 -16.76 -9.90
CA PHE F 29 45.11 -15.54 -9.96
C PHE F 29 45.22 -14.85 -8.60
N THR F 30 44.25 -15.08 -7.71
CA THR F 30 44.24 -14.40 -6.42
C THR F 30 45.41 -14.80 -5.54
N ASN F 31 45.78 -16.08 -5.54
CA ASN F 31 46.72 -16.63 -4.57
C ASN F 31 48.15 -16.74 -5.12
N TYR F 32 48.56 -15.80 -5.97
CA TYR F 32 49.93 -15.78 -6.47
C TYR F 32 50.34 -14.35 -6.78
N TRP F 33 51.57 -13.99 -6.44
CA TRP F 33 52.13 -12.72 -6.85
C TRP F 33 52.63 -12.82 -8.28
N MET F 34 53.28 -11.74 -8.75
CA MET F 34 53.86 -11.70 -10.08
C MET F 34 55.26 -11.11 -10.01
N HIS F 35 56.12 -11.54 -10.94
CA HIS F 35 57.47 -11.03 -11.07
C HIS F 35 57.77 -10.78 -12.54
N TRP F 36 58.31 -9.62 -12.84
CA TRP F 36 58.61 -9.22 -14.22
C TRP F 36 60.10 -9.37 -14.49
N VAL F 37 60.42 -10.16 -15.50
CA VAL F 37 61.79 -10.42 -15.91
C VAL F 37 61.97 -9.90 -17.33
N LYS F 38 63.05 -9.16 -17.53
CA LYS F 38 63.34 -8.50 -18.80
C LYS F 38 64.40 -9.31 -19.53
N GLN F 39 64.08 -9.76 -20.74
CA GLN F 39 64.94 -10.64 -21.51
C GLN F 39 65.77 -9.80 -22.49
N ARG F 40 67.05 -9.65 -22.19
CA ARG F 40 67.96 -8.87 -23.03
C ARG F 40 69.00 -9.80 -23.64
N PRO F 41 69.07 -9.91 -24.96
CA PRO F 41 70.12 -10.77 -25.57
C PRO F 41 71.52 -10.28 -25.32
N GLY F 42 71.71 -9.00 -24.99
CA GLY F 42 73.06 -8.48 -24.83
C GLY F 42 73.78 -9.03 -23.62
N HIS F 43 73.13 -8.96 -22.45
CA HIS F 43 73.76 -9.42 -21.22
C HIS F 43 72.83 -10.31 -20.40
N GLY F 44 71.89 -10.98 -21.07
CA GLY F 44 71.01 -11.89 -20.38
C GLY F 44 69.82 -11.20 -19.72
N LEU F 45 69.27 -11.86 -18.71
CA LEU F 45 68.04 -11.44 -18.07
C LEU F 45 68.32 -10.43 -16.96
N GLU F 46 67.25 -9.80 -16.49
CA GLU F 46 67.30 -8.94 -15.31
C GLU F 46 65.90 -8.79 -14.75
N TRP F 47 65.81 -8.26 -13.53
CA TRP F 47 64.56 -8.15 -12.81
C TRP F 47 64.02 -6.72 -12.87
N ILE F 48 62.70 -6.62 -12.99
CA ILE F 48 62.03 -5.32 -13.07
C ILE F 48 61.53 -4.92 -11.69
N GLY F 49 60.64 -5.73 -11.11
CA GLY F 49 60.09 -5.41 -9.81
C GLY F 49 59.06 -6.46 -9.41
N GLU F 50 58.50 -6.25 -8.22
CA GLU F 50 57.52 -7.18 -7.66
C GLU F 50 56.20 -6.46 -7.41
N ILE F 51 55.11 -7.13 -7.74
CA ILE F 51 53.76 -6.63 -7.49
C ILE F 51 52.88 -7.78 -7.03
N ASP F 52 52.06 -7.52 -6.02
CA ASP F 52 51.04 -8.38 -5.42
C ASP F 52 49.66 -7.95 -5.87
N PRO F 53 48.81 -8.89 -6.26
CA PRO F 53 47.47 -8.54 -6.73
C PRO F 53 46.63 -7.91 -5.63
N PHE F 54 45.59 -7.18 -6.07
CA PHE F 54 44.60 -6.52 -5.22
C PHE F 54 45.22 -5.85 -3.99
N ASP F 55 46.35 -5.17 -4.18
CA ASP F 55 47.03 -4.50 -3.08
C ASP F 55 47.78 -3.31 -3.66
N THR F 56 48.44 -2.56 -2.77
CA THR F 56 49.15 -1.33 -3.11
C THR F 56 50.57 -1.37 -2.58
N TYR F 57 51.26 -2.49 -2.82
CA TYR F 57 52.64 -2.67 -2.40
C TYR F 57 53.53 -2.60 -3.63
N ILE F 58 54.49 -1.68 -3.62
CA ILE F 58 55.44 -1.50 -4.71
C ILE F 58 56.86 -1.68 -4.17
N LYS F 59 57.63 -2.54 -4.82
CA LYS F 59 59.04 -2.74 -4.50
C LYS F 59 59.78 -2.99 -5.81
N ILE F 60 60.71 -2.11 -6.14
CA ILE F 60 61.38 -2.10 -7.43
C ILE F 60 62.83 -2.51 -7.24
N ASN F 61 63.40 -3.17 -8.24
CA ASN F 61 64.82 -3.45 -8.24
C ASN F 61 65.61 -2.14 -8.27
N GLN F 62 66.73 -2.12 -7.55
CA GLN F 62 67.54 -0.90 -7.49
C GLN F 62 68.14 -0.54 -8.85
N LYS F 63 68.16 -1.48 -9.80
CA LYS F 63 68.68 -1.20 -11.13
C LYS F 63 67.72 -0.35 -11.95
N PHE F 64 66.42 -0.66 -11.89
CA PHE F 64 65.44 -0.01 -12.74
C PHE F 64 64.35 0.69 -11.94
N LYS F 65 64.75 1.43 -10.91
CA LYS F 65 63.78 2.17 -10.12
C LYS F 65 63.16 3.30 -10.94
N GLY F 66 61.88 3.55 -10.70
CA GLY F 66 61.21 4.70 -11.27
C GLY F 66 60.55 4.46 -12.61
N LYS F 67 61.33 4.04 -13.61
CA LYS F 67 60.79 3.90 -14.96
C LYS F 67 59.69 2.86 -15.02
N SER F 68 59.86 1.74 -14.33
CA SER F 68 58.89 0.66 -14.36
C SER F 68 57.76 0.94 -13.37
N THR F 69 56.52 0.89 -13.86
CA THR F 69 55.33 1.10 -13.05
C THR F 69 54.50 -0.18 -13.01
N LEU F 70 54.19 -0.65 -11.81
CA LEU F 70 53.53 -1.93 -11.62
C LEU F 70 52.10 -1.71 -11.14
N THR F 71 51.15 -2.31 -11.83
CA THR F 71 49.73 -2.20 -11.50
C THR F 71 49.03 -3.47 -11.96
N VAL F 72 48.09 -3.94 -11.15
CA VAL F 72 47.44 -5.23 -11.36
C VAL F 72 45.94 -5.08 -11.22
N ASP F 73 45.19 -5.71 -12.13
CA ASP F 73 43.74 -5.78 -12.06
C ASP F 73 43.31 -7.22 -11.80
N THR F 74 42.42 -7.41 -10.82
CA THR F 74 41.94 -8.76 -10.52
C THR F 74 41.15 -9.34 -11.69
N SER F 75 40.29 -8.53 -12.31
CA SER F 75 39.51 -9.00 -13.45
C SER F 75 40.41 -9.27 -14.65
N SER F 76 40.16 -10.39 -15.32
CA SER F 76 40.86 -10.80 -16.53
C SER F 76 42.35 -11.05 -16.27
N SER F 77 42.79 -10.86 -15.02
CA SER F 77 44.14 -11.17 -14.59
C SER F 77 45.19 -10.50 -15.47
N THR F 78 44.96 -9.24 -15.79
CA THR F 78 45.83 -8.48 -16.67
C THR F 78 46.63 -7.46 -15.85
N ALA F 79 47.94 -7.43 -16.09
CA ALA F 79 48.83 -6.52 -15.39
C ALA F 79 49.05 -5.27 -16.24
N TYR F 80 49.13 -4.11 -15.57
CA TYR F 80 49.29 -2.84 -16.23
C TYR F 80 50.73 -2.35 -16.10
N MET F 81 51.43 -2.25 -17.23
CA MET F 81 52.77 -1.70 -17.31
C MET F 81 52.73 -0.38 -18.08
N GLN F 82 53.23 0.69 -17.46
CA GLN F 82 53.26 2.01 -18.09
C GLN F 82 54.61 2.67 -17.79
N LEU F 83 55.57 2.46 -18.68
CA LEU F 83 56.90 3.05 -18.51
C LEU F 83 56.91 4.48 -19.03
N SER F 84 57.63 5.34 -18.31
CA SER F 84 57.75 6.74 -18.67
C SER F 84 59.19 7.05 -19.06
N SER F 85 59.36 7.97 -20.02
CA SER F 85 60.67 8.36 -20.55
C SER F 85 61.38 7.16 -21.19
N LEU F 86 60.75 6.59 -22.20
CA LEU F 86 61.31 5.45 -22.91
C LEU F 86 62.48 5.89 -23.80
N THR F 87 63.58 5.15 -23.70
CA THR F 87 64.78 5.42 -24.49
C THR F 87 64.93 4.38 -25.59
N SER F 88 65.87 4.63 -26.50
CA SER F 88 66.11 3.72 -27.61
C SER F 88 66.87 2.47 -27.17
N GLU F 89 67.68 2.58 -26.11
CA GLU F 89 68.46 1.44 -25.64
C GLU F 89 67.59 0.38 -24.97
N ASP F 90 66.31 0.64 -24.75
CA ASP F 90 65.40 -0.30 -24.12
C ASP F 90 64.85 -1.34 -25.08
N SER F 91 65.49 -1.54 -26.22
CA SER F 91 65.01 -2.50 -27.22
C SER F 91 65.23 -3.91 -26.67
N ALA F 92 64.22 -4.44 -25.99
CA ALA F 92 64.30 -5.75 -25.37
C ALA F 92 62.92 -6.41 -25.47
N VAL F 93 62.77 -7.56 -24.84
CA VAL F 93 61.51 -8.31 -24.84
C VAL F 93 61.10 -8.49 -23.39
N TYR F 94 60.10 -7.74 -22.94
CA TYR F 94 59.62 -7.88 -21.57
C TYR F 94 58.89 -9.21 -21.39
N TYR F 95 58.99 -9.75 -20.17
CA TYR F 95 58.36 -11.02 -19.86
C TYR F 95 57.63 -10.93 -18.53
N CYS F 96 56.53 -11.67 -18.43
CA CYS F 96 55.83 -11.89 -17.17
C CYS F 96 55.88 -13.38 -16.86
N ALA F 97 56.39 -13.72 -15.68
CA ALA F 97 56.61 -15.10 -15.28
C ALA F 97 55.82 -15.39 -14.01
N ARG F 98 55.03 -16.45 -14.02
CA ARG F 98 54.26 -16.83 -12.85
C ARG F 98 55.22 -17.44 -11.83
N PRO F 99 55.25 -16.94 -10.59
CA PRO F 99 56.19 -17.46 -9.60
C PRO F 99 55.79 -18.85 -9.09
N ASP F 100 56.76 -19.51 -8.46
CA ASP F 100 56.51 -20.83 -7.91
C ASP F 100 55.45 -20.80 -6.82
N SER F 101 55.52 -19.80 -5.94
CA SER F 101 54.62 -19.68 -4.80
C SER F 101 54.26 -18.22 -4.61
N SER F 102 53.18 -17.99 -3.85
CA SER F 102 52.74 -16.62 -3.60
C SER F 102 53.80 -15.81 -2.86
N GLY F 103 54.43 -16.42 -1.86
CA GLY F 103 55.41 -15.74 -1.04
C GLY F 103 56.83 -15.94 -1.57
N TYR F 104 57.59 -14.85 -1.63
CA TYR F 104 58.96 -14.91 -2.06
C TYR F 104 59.81 -15.62 -1.00
N PRO F 105 60.95 -16.22 -1.39
CA PRO F 105 61.61 -16.26 -2.71
C PRO F 105 60.94 -17.18 -3.72
N VAL F 106 61.25 -16.96 -5.00
CA VAL F 106 60.67 -17.70 -6.11
C VAL F 106 61.78 -18.10 -7.06
N TYR F 107 61.50 -19.07 -7.94
CA TYR F 107 62.47 -19.51 -8.93
C TYR F 107 61.93 -19.52 -10.36
N PHE F 108 60.74 -18.96 -10.61
CA PHE F 108 60.18 -18.82 -11.96
C PHE F 108 60.06 -20.18 -12.64
N ASP F 109 59.16 -20.99 -12.09
CA ASP F 109 58.98 -22.36 -12.57
C ASP F 109 58.58 -22.40 -14.04
N TYR F 110 57.76 -21.44 -14.48
CA TYR F 110 57.28 -21.43 -15.86
C TYR F 110 57.46 -20.04 -16.47
N TRP F 111 57.78 -20.00 -17.76
CA TRP F 111 57.87 -18.77 -18.52
C TRP F 111 56.88 -18.81 -19.67
N GLY F 112 56.23 -17.69 -19.92
CA GLY F 112 55.28 -17.54 -20.99
C GLY F 112 55.82 -16.72 -22.14
N GLN F 113 54.91 -16.12 -22.90
CA GLN F 113 55.29 -15.31 -24.05
C GLN F 113 55.92 -14.00 -23.59
N GLY F 114 56.42 -13.24 -24.55
CA GLY F 114 57.10 -11.98 -24.28
C GLY F 114 56.59 -10.87 -25.16
N THR F 115 56.77 -9.63 -24.68
CA THR F 115 56.42 -8.43 -25.43
C THR F 115 57.70 -7.78 -25.95
N THR F 116 57.89 -7.81 -27.26
CA THR F 116 59.08 -7.22 -27.87
C THR F 116 58.87 -5.72 -28.02
N LEU F 117 59.67 -4.94 -27.30
CA LEU F 117 59.64 -3.49 -27.39
C LEU F 117 60.65 -3.04 -28.44
N THR F 118 60.17 -2.36 -29.48
CA THR F 118 61.00 -1.93 -30.60
C THR F 118 60.79 -0.45 -30.86
N VAL F 119 61.88 0.23 -31.22
CA VAL F 119 61.82 1.66 -31.49
C VAL F 119 61.17 1.88 -32.86
N SER F 120 60.02 2.52 -32.87
CA SER F 120 59.31 2.81 -34.11
C SER F 120 59.96 3.97 -34.85
N ASP G 1 74.40 -5.61 -4.65
CA ASP G 1 73.72 -6.76 -4.04
C ASP G 1 74.28 -8.07 -4.58
N ILE G 2 73.46 -9.12 -4.55
CA ILE G 2 73.88 -10.41 -5.09
C ILE G 2 73.81 -10.35 -6.60
N VAL G 3 74.90 -10.76 -7.26
CA VAL G 3 75.02 -10.70 -8.70
C VAL G 3 75.51 -12.05 -9.23
N MET G 4 74.96 -12.47 -10.37
CA MET G 4 75.33 -13.72 -11.02
C MET G 4 76.28 -13.44 -12.17
N THR G 5 77.39 -14.18 -12.22
CA THR G 5 78.35 -14.06 -13.32
C THR G 5 78.97 -15.43 -13.58
N GLN G 6 78.51 -16.09 -14.63
CA GLN G 6 79.06 -17.38 -15.02
C GLN G 6 80.38 -17.21 -15.76
N SER G 7 81.17 -18.28 -15.76
CA SER G 7 82.53 -18.25 -16.32
C SER G 7 82.68 -19.02 -17.63
N HIS G 8 81.58 -19.49 -18.22
CA HIS G 8 81.62 -20.17 -19.52
C HIS G 8 81.03 -19.25 -20.58
N LYS G 9 81.84 -18.90 -21.58
CA LYS G 9 81.37 -18.06 -22.67
C LYS G 9 80.39 -18.82 -23.57
N PHE G 10 80.77 -20.03 -23.97
CA PHE G 10 79.94 -20.86 -24.84
C PHE G 10 80.31 -22.32 -24.62
N MET G 11 79.43 -23.21 -25.07
CA MET G 11 79.60 -24.64 -24.85
C MET G 11 79.84 -25.32 -26.20
N SER G 12 80.99 -25.99 -26.32
CA SER G 12 81.40 -26.67 -27.54
C SER G 12 81.55 -28.16 -27.22
N THR G 13 80.45 -28.89 -27.31
CA THR G 13 80.44 -30.32 -27.05
C THR G 13 79.55 -31.00 -28.08
N SER G 14 80.00 -32.16 -28.58
CA SER G 14 79.29 -32.88 -29.61
C SER G 14 78.17 -33.70 -28.99
N VAL G 15 77.63 -34.64 -29.77
CA VAL G 15 76.52 -35.45 -29.29
C VAL G 15 77.01 -36.44 -28.24
N GLY G 16 76.34 -36.45 -27.09
CA GLY G 16 76.61 -37.42 -26.05
C GLY G 16 77.79 -37.12 -25.15
N ASP G 17 78.46 -35.98 -25.32
CA ASP G 17 79.60 -35.65 -24.48
C ASP G 17 79.15 -35.26 -23.09
N ARG G 18 79.91 -35.70 -22.09
CA ARG G 18 79.62 -35.40 -20.69
C ARG G 18 80.37 -34.16 -20.28
N VAL G 19 79.65 -33.05 -20.09
CA VAL G 19 80.26 -31.76 -19.83
C VAL G 19 79.50 -31.07 -18.70
N SER G 20 80.18 -30.13 -18.04
CA SER G 20 79.67 -29.44 -16.86
C SER G 20 79.45 -27.97 -17.19
N ILE G 21 78.37 -27.41 -16.64
CA ILE G 21 78.05 -25.99 -16.79
C ILE G 21 78.17 -25.35 -15.40
N THR G 22 79.27 -24.65 -15.15
CA THR G 22 79.52 -24.06 -13.85
C THR G 22 78.93 -22.66 -13.79
N CYS G 23 78.31 -22.32 -12.65
CA CYS G 23 77.72 -21.01 -12.43
C CYS G 23 78.29 -20.46 -11.13
N LYS G 24 78.81 -19.24 -11.18
CA LYS G 24 79.47 -18.63 -10.04
C LYS G 24 78.53 -17.70 -9.29
N ALA G 25 79.02 -17.18 -8.16
CA ALA G 25 78.26 -16.27 -7.31
C ALA G 25 79.19 -15.23 -6.73
N SER G 26 78.59 -14.12 -6.28
CA SER G 26 79.35 -13.04 -5.66
C SER G 26 79.96 -13.47 -4.33
N GLN G 27 79.23 -14.29 -3.58
CA GLN G 27 79.67 -14.76 -2.26
C GLN G 27 79.12 -16.17 -2.05
N ASP G 28 79.09 -16.59 -0.79
CA ASP G 28 78.54 -17.89 -0.42
C ASP G 28 77.02 -17.76 -0.29
N VAL G 29 76.31 -17.89 -1.43
CA VAL G 29 74.86 -17.78 -1.43
C VAL G 29 74.20 -19.00 -0.79
N GLY G 30 74.93 -20.09 -0.60
CA GLY G 30 74.39 -21.29 0.03
C GLY G 30 74.06 -22.38 -0.99
N THR G 31 72.79 -22.73 -1.08
CA THR G 31 72.30 -23.78 -1.97
C THR G 31 70.99 -23.32 -2.62
N TYR G 32 71.00 -22.08 -3.14
CA TYR G 32 69.79 -21.40 -3.59
C TYR G 32 69.90 -20.98 -5.06
N ILE G 33 70.58 -21.76 -5.89
CA ILE G 33 70.73 -21.42 -7.30
C ILE G 33 69.64 -22.11 -8.10
N ALA G 34 69.33 -21.54 -9.27
CA ALA G 34 68.29 -22.08 -10.14
C ALA G 34 68.81 -22.13 -11.57
N TRP G 35 68.20 -23.01 -12.36
CA TRP G 35 68.64 -23.28 -13.72
C TRP G 35 67.48 -23.12 -14.69
N TYR G 36 67.77 -22.52 -15.85
CA TYR G 36 66.79 -22.32 -16.89
C TYR G 36 67.32 -22.85 -18.21
N GLN G 37 66.40 -23.20 -19.10
CA GLN G 37 66.72 -23.67 -20.45
C GLN G 37 66.04 -22.76 -21.45
N GLN G 38 66.82 -21.92 -22.12
CA GLN G 38 66.30 -20.96 -23.09
C GLN G 38 66.61 -21.48 -24.50
N LYS G 39 65.64 -22.14 -25.11
CA LYS G 39 65.78 -22.55 -26.49
C LYS G 39 65.53 -21.35 -27.41
N PRO G 40 66.38 -21.14 -28.41
CA PRO G 40 66.18 -20.00 -29.32
C PRO G 40 64.82 -20.07 -30.01
N GLY G 41 64.18 -18.92 -30.15
CA GLY G 41 62.83 -18.84 -30.68
C GLY G 41 61.74 -19.17 -29.69
N GLN G 42 62.08 -19.51 -28.45
CA GLN G 42 61.11 -19.86 -27.42
C GLN G 42 61.55 -19.25 -26.10
N SER G 43 60.60 -19.14 -25.17
CA SER G 43 60.90 -18.62 -23.86
C SER G 43 61.74 -19.63 -23.07
N PRO G 44 62.54 -19.16 -22.11
CA PRO G 44 63.32 -20.09 -21.28
C PRO G 44 62.42 -21.06 -20.53
N LYS G 45 62.90 -22.28 -20.37
CA LYS G 45 62.17 -23.35 -19.68
C LYS G 45 62.91 -23.71 -18.40
N LEU G 46 62.17 -24.26 -17.44
CA LEU G 46 62.76 -24.65 -16.16
C LEU G 46 63.58 -25.93 -16.30
N LEU G 47 64.73 -25.96 -15.64
CA LEU G 47 65.50 -27.19 -15.48
C LEU G 47 65.60 -27.61 -14.02
N ILE G 48 66.14 -26.77 -13.16
CA ILE G 48 66.41 -27.12 -11.77
C ILE G 48 65.78 -26.02 -10.91
N TYR G 49 64.66 -26.33 -10.27
CA TYR G 49 63.97 -25.31 -9.47
C TYR G 49 64.81 -24.91 -8.25
N TRP G 50 65.39 -25.89 -7.58
CA TRP G 50 66.29 -25.67 -6.45
C TRP G 50 67.73 -25.71 -6.98
N ALA G 51 68.70 -25.74 -6.07
CA ALA G 51 70.09 -25.87 -6.50
C ALA G 51 70.41 -27.32 -6.87
N SER G 52 69.80 -28.27 -6.18
CA SER G 52 70.09 -29.69 -6.39
C SER G 52 68.89 -30.49 -6.87
N THR G 53 67.73 -30.34 -6.22
CA THR G 53 66.56 -31.11 -6.60
C THR G 53 65.93 -30.57 -7.88
N ARG G 54 65.26 -31.47 -8.60
CA ARG G 54 64.67 -31.17 -9.90
C ARG G 54 63.15 -31.20 -9.81
N HIS G 55 62.50 -30.32 -10.57
CA HIS G 55 61.06 -30.16 -10.51
C HIS G 55 60.39 -31.19 -11.41
N THR G 56 59.08 -31.04 -11.57
CA THR G 56 58.32 -31.95 -12.43
C THR G 56 58.57 -31.61 -13.90
N GLY G 57 58.46 -32.63 -14.75
CA GLY G 57 58.67 -32.46 -16.17
C GLY G 57 60.08 -32.05 -16.56
N VAL G 58 61.09 -32.70 -16.00
CA VAL G 58 62.48 -32.38 -16.29
C VAL G 58 63.21 -33.64 -16.73
N PRO G 59 64.13 -33.56 -17.69
CA PRO G 59 64.96 -34.73 -18.01
C PRO G 59 65.80 -35.17 -16.82
N ASP G 60 65.91 -36.49 -16.65
CA ASP G 60 66.77 -37.05 -15.62
C ASP G 60 68.25 -36.92 -15.95
N ARG G 61 68.58 -36.56 -17.19
CA ARG G 61 69.98 -36.40 -17.59
C ARG G 61 70.64 -35.23 -16.86
N PHE G 62 69.91 -34.11 -16.71
CA PHE G 62 70.47 -32.94 -16.05
C PHE G 62 70.63 -33.18 -14.55
N THR G 63 71.81 -32.86 -14.02
CA THR G 63 72.13 -33.08 -12.61
C THR G 63 72.57 -31.77 -11.98
N GLY G 64 72.02 -31.46 -10.82
CA GLY G 64 72.38 -30.25 -10.07
C GLY G 64 73.02 -30.60 -8.75
N SER G 65 74.10 -29.88 -8.42
CA SER G 65 74.85 -30.13 -7.20
C SER G 65 75.08 -28.83 -6.46
N GLY G 66 75.06 -28.90 -5.13
CA GLY G 66 75.31 -27.75 -4.29
C GLY G 66 76.49 -27.97 -3.36
N SER G 67 77.59 -27.25 -3.60
CA SER G 67 78.77 -27.33 -2.78
C SER G 67 78.96 -26.09 -1.90
N GLY G 68 78.09 -25.10 -2.03
CA GLY G 68 78.17 -23.92 -1.19
C GLY G 68 78.63 -22.67 -1.93
N THR G 69 79.66 -22.81 -2.76
CA THR G 69 80.20 -21.66 -3.48
C THR G 69 80.33 -21.95 -4.97
N ASN G 70 80.48 -23.23 -5.32
CA ASN G 70 80.61 -23.68 -6.71
C ASN G 70 79.35 -24.47 -7.06
N TYR G 71 78.63 -24.03 -8.08
CA TYR G 71 77.41 -24.67 -8.53
C TYR G 71 77.57 -25.14 -9.97
N THR G 72 77.45 -26.45 -10.17
CA THR G 72 77.80 -27.08 -11.43
C THR G 72 76.69 -28.01 -11.89
N LEU G 73 76.37 -27.94 -13.18
CA LEU G 73 75.39 -28.82 -13.81
C LEU G 73 76.08 -29.65 -14.88
N THR G 74 75.99 -30.97 -14.75
CA THR G 74 76.56 -31.90 -15.72
C THR G 74 75.43 -32.61 -16.45
N ILE G 75 75.57 -32.73 -17.76
CA ILE G 75 74.56 -33.36 -18.61
C ILE G 75 75.08 -34.71 -19.07
N SER G 76 74.27 -35.75 -18.89
CA SER G 76 74.68 -37.09 -19.28
C SER G 76 74.61 -37.28 -20.79
N SER G 77 73.64 -36.65 -21.44
CA SER G 77 73.43 -36.81 -22.87
C SER G 77 73.26 -35.45 -23.53
N VAL G 78 73.65 -35.37 -24.79
CA VAL G 78 73.49 -34.18 -25.61
C VAL G 78 72.60 -34.52 -26.80
N GLN G 79 71.45 -33.87 -26.90
CA GLN G 79 70.48 -34.13 -27.94
C GLN G 79 70.10 -32.79 -28.56
N ALA G 80 69.28 -32.84 -29.62
CA ALA G 80 68.98 -31.64 -30.40
C ALA G 80 68.28 -30.57 -29.55
N GLU G 81 67.32 -30.98 -28.71
CA GLU G 81 66.59 -30.02 -27.90
C GLU G 81 67.41 -29.51 -26.72
N ASP G 82 68.52 -30.17 -26.39
CA ASP G 82 69.38 -29.69 -25.31
C ASP G 82 70.11 -28.41 -25.66
N LEU G 83 70.30 -28.14 -26.95
CA LEU G 83 70.97 -26.91 -27.39
C LEU G 83 70.09 -25.71 -27.05
N ALA G 84 70.49 -24.94 -26.05
CA ALA G 84 69.68 -23.83 -25.57
C ALA G 84 70.58 -22.89 -24.77
N LEU G 85 69.97 -21.94 -24.08
CA LEU G 85 70.69 -20.98 -23.25
C LEU G 85 70.38 -21.27 -21.78
N TYR G 86 71.42 -21.32 -20.95
CA TYR G 86 71.30 -21.74 -19.55
C TYR G 86 71.62 -20.55 -18.64
N HIS G 87 70.71 -20.25 -17.71
CA HIS G 87 70.80 -19.05 -16.89
C HIS G 87 70.62 -19.40 -15.42
N CYS G 88 71.02 -18.46 -14.57
CA CYS G 88 70.99 -18.64 -13.12
C CYS G 88 70.19 -17.52 -12.48
N GLN G 89 69.53 -17.84 -11.37
CA GLN G 89 68.80 -16.84 -10.58
C GLN G 89 68.77 -17.29 -9.13
N GLN G 90 69.52 -16.58 -8.29
CA GLN G 90 69.53 -16.86 -6.86
C GLN G 90 68.21 -16.44 -6.21
N HIS G 91 67.79 -17.19 -5.21
CA HIS G 91 66.58 -16.85 -4.46
C HIS G 91 66.88 -16.78 -2.97
N TYR G 92 67.96 -16.09 -2.61
CA TYR G 92 68.32 -15.82 -1.23
C TYR G 92 67.95 -14.41 -0.77
N SER G 93 67.99 -13.43 -1.67
CA SER G 93 67.79 -12.03 -1.30
C SER G 93 66.68 -11.44 -2.16
N THR G 94 66.06 -10.38 -1.64
CA THR G 94 64.95 -9.74 -2.32
C THR G 94 65.32 -9.17 -3.69
N PRO G 95 66.42 -8.40 -3.85
CA PRO G 95 66.76 -7.91 -5.20
C PRO G 95 67.18 -9.03 -6.13
N TYR G 96 66.36 -9.30 -7.13
CA TYR G 96 66.60 -10.41 -8.05
C TYR G 96 67.55 -10.01 -9.16
N THR G 97 68.50 -10.89 -9.46
CA THR G 97 69.48 -10.69 -10.51
C THR G 97 69.48 -11.91 -11.42
N PHE G 98 70.28 -11.85 -12.48
CA PHE G 98 70.31 -12.93 -13.46
C PHE G 98 71.71 -13.02 -14.07
N GLY G 99 71.96 -14.17 -14.72
CA GLY G 99 73.19 -14.38 -15.44
C GLY G 99 73.01 -14.21 -16.95
N GLY G 100 74.13 -14.03 -17.64
CA GLY G 100 74.11 -13.77 -19.07
C GLY G 100 73.63 -14.94 -19.91
N GLY G 101 73.94 -16.17 -19.49
CA GLY G 101 73.54 -17.34 -20.25
C GLY G 101 74.65 -17.86 -21.14
N THR G 102 74.64 -19.17 -21.35
CA THR G 102 75.61 -19.85 -22.21
C THR G 102 74.86 -20.75 -23.18
N LYS G 103 75.40 -20.91 -24.38
CA LYS G 103 74.76 -21.61 -25.47
C LYS G 103 75.48 -22.93 -25.76
N LEU G 104 74.71 -23.99 -25.97
CA LEU G 104 75.25 -25.30 -26.33
C LEU G 104 75.26 -25.44 -27.84
N GLU G 105 76.35 -25.97 -28.38
CA GLU G 105 76.45 -26.27 -29.80
C GLU G 105 77.39 -27.45 -30.00
N ILE G 106 77.25 -28.11 -31.14
CA ILE G 106 78.09 -29.27 -31.45
C ILE G 106 79.15 -28.90 -32.48
N GLN H 1 12.30 -54.25 13.15
CA GLN H 1 12.67 -54.23 14.57
C GLN H 1 11.61 -53.50 15.38
N VAL H 2 10.79 -54.27 16.10
CA VAL H 2 9.69 -53.72 16.89
C VAL H 2 10.13 -53.63 18.35
N GLN H 3 10.04 -52.43 18.92
CA GLN H 3 10.47 -52.17 20.28
C GLN H 3 9.24 -52.15 21.20
N LEU H 4 9.08 -53.22 21.98
CA LEU H 4 8.06 -53.29 23.02
C LEU H 4 8.79 -53.20 24.35
N GLN H 5 8.80 -52.01 24.94
CA GLN H 5 9.62 -51.72 26.11
C GLN H 5 8.77 -51.66 27.36
N GLN H 6 9.19 -52.40 28.39
CA GLN H 6 8.53 -52.41 29.69
C GLN H 6 9.59 -52.22 30.76
N PRO H 7 9.47 -51.20 31.62
CA PRO H 7 10.44 -51.03 32.70
C PRO H 7 10.43 -52.20 33.68
N GLY H 8 9.25 -52.51 34.24
CA GLY H 8 9.12 -53.60 35.18
C GLY H 8 9.64 -53.25 36.56
N ALA H 9 9.56 -54.24 37.45
CA ALA H 9 10.08 -54.17 38.82
C ALA H 9 9.43 -53.02 39.60
N GLU H 10 8.12 -53.13 39.78
CA GLU H 10 7.35 -52.18 40.56
C GLU H 10 6.70 -52.89 41.74
N LEU H 11 6.73 -52.26 42.90
CA LEU H 11 6.17 -52.83 44.13
C LEU H 11 5.30 -51.78 44.81
N VAL H 12 4.10 -52.21 45.24
CA VAL H 12 3.13 -51.31 45.83
C VAL H 12 2.58 -51.94 47.11
N LEU H 13 2.38 -51.12 48.14
CA LEU H 13 1.91 -51.61 49.42
C LEU H 13 0.47 -52.12 49.31
N PRO H 14 0.08 -53.05 50.17
CA PRO H 14 -1.27 -53.63 50.08
C PRO H 14 -2.35 -52.59 50.34
N GLY H 15 -3.48 -52.77 49.67
CA GLY H 15 -4.61 -51.88 49.81
C GLY H 15 -4.54 -50.62 48.98
N ALA H 16 -3.46 -50.41 48.25
CA ALA H 16 -3.28 -49.23 47.42
C ALA H 16 -3.53 -49.58 45.95
N SER H 17 -3.17 -48.67 45.06
CA SER H 17 -3.34 -48.85 43.62
C SER H 17 -1.99 -48.88 42.93
N VAL H 18 -1.98 -49.40 41.71
CA VAL H 18 -0.78 -49.49 40.89
C VAL H 18 -1.08 -48.91 39.51
N LYS H 19 -0.03 -48.43 38.85
CA LYS H 19 -0.13 -47.94 37.48
C LYS H 19 1.08 -48.46 36.70
N LEU H 20 0.81 -49.02 35.52
CA LEU H 20 1.85 -49.55 34.66
C LEU H 20 1.67 -49.02 33.25
N SER H 21 2.79 -48.91 32.54
CA SER H 21 2.80 -48.37 31.18
C SER H 21 3.59 -49.29 30.27
N CYS H 22 3.23 -49.27 28.98
CA CYS H 22 3.86 -50.11 27.97
C CYS H 22 4.05 -49.27 26.71
N LYS H 23 5.31 -48.92 26.42
CA LYS H 23 5.61 -48.18 25.20
C LYS H 23 5.72 -49.12 24.01
N ALA H 24 5.20 -48.68 22.87
CA ALA H 24 5.22 -49.45 21.64
C ALA H 24 6.04 -48.71 20.59
N SER H 25 6.92 -49.43 19.91
CA SER H 25 7.75 -48.85 18.88
C SER H 25 8.09 -49.92 17.86
N GLY H 26 8.48 -49.48 16.67
CA GLY H 26 8.77 -50.39 15.58
C GLY H 26 7.59 -50.69 14.68
N TYR H 27 6.40 -50.20 15.00
CA TYR H 27 5.23 -50.37 14.17
C TYR H 27 4.33 -49.15 14.34
N THR H 28 3.17 -49.17 13.70
CA THR H 28 2.25 -48.04 13.72
C THR H 28 1.28 -48.20 14.89
N PHE H 29 1.25 -47.19 15.76
CA PHE H 29 0.44 -47.27 16.96
C PHE H 29 -1.05 -47.33 16.65
N THR H 30 -1.46 -46.81 15.50
CA THR H 30 -2.88 -46.65 15.19
C THR H 30 -3.55 -47.96 14.78
N ASN H 31 -2.81 -48.89 14.17
CA ASN H 31 -3.41 -50.01 13.45
C ASN H 31 -3.39 -51.31 14.26
N TYR H 32 -3.46 -51.23 15.57
CA TYR H 32 -3.43 -52.43 16.40
C TYR H 32 -4.19 -52.20 17.69
N TRP H 33 -5.10 -53.12 18.00
CA TRP H 33 -5.78 -53.10 19.29
C TRP H 33 -4.82 -53.51 20.40
N MET H 34 -5.23 -53.23 21.64
CA MET H 34 -4.46 -53.61 22.82
C MET H 34 -5.12 -54.79 23.53
N HIS H 35 -4.29 -55.76 23.90
CA HIS H 35 -4.72 -56.91 24.68
C HIS H 35 -3.75 -57.12 25.82
N TRP H 36 -4.27 -57.25 27.03
CA TRP H 36 -3.46 -57.40 28.24
C TRP H 36 -3.51 -58.83 28.73
N VAL H 37 -2.35 -59.36 29.12
CA VAL H 37 -2.22 -60.71 29.63
C VAL H 37 -1.43 -60.68 30.93
N LYS H 38 -1.58 -61.75 31.72
CA LYS H 38 -0.90 -61.89 33.00
C LYS H 38 -0.13 -63.20 33.02
N GLN H 39 1.07 -63.17 33.62
CA GLN H 39 1.93 -64.34 33.73
C GLN H 39 1.98 -64.78 35.18
N ARG H 40 1.71 -66.06 35.43
CA ARG H 40 1.75 -66.63 36.78
C ARG H 40 2.38 -68.02 36.71
N PRO H 41 3.45 -68.28 37.46
CA PRO H 41 3.97 -69.65 37.54
C PRO H 41 3.02 -70.62 38.24
N GLY H 42 2.04 -70.11 38.99
CA GLY H 42 1.15 -70.99 39.74
C GLY H 42 0.29 -71.85 38.85
N HIS H 43 -0.32 -71.26 37.82
CA HIS H 43 -1.21 -72.00 36.92
C HIS H 43 -1.03 -71.56 35.47
N GLY H 44 0.18 -71.16 35.09
CA GLY H 44 0.43 -70.75 33.73
C GLY H 44 -0.05 -69.33 33.44
N LEU H 45 -0.09 -69.01 32.15
CA LEU H 45 -0.50 -67.69 31.70
C LEU H 45 -2.02 -67.55 31.78
N GLU H 46 -2.47 -66.29 31.68
CA GLU H 46 -3.89 -65.99 31.62
C GLU H 46 -4.06 -64.64 30.96
N TRP H 47 -5.29 -64.35 30.56
CA TRP H 47 -5.61 -63.14 29.82
C TRP H 47 -6.25 -62.11 30.75
N ILE H 48 -5.67 -60.91 30.79
CA ILE H 48 -6.24 -59.83 31.59
C ILE H 48 -7.45 -59.24 30.90
N GLY H 49 -7.25 -58.67 29.72
CA GLY H 49 -8.35 -58.05 29.00
C GLY H 49 -7.83 -57.36 27.76
N GLU H 50 -8.75 -56.67 27.09
CA GLU H 50 -8.46 -55.93 25.87
C GLU H 50 -9.03 -54.53 25.98
N ILE H 51 -8.39 -53.59 25.30
CA ILE H 51 -8.87 -52.22 25.19
C ILE H 51 -8.52 -51.70 23.81
N ASP H 52 -9.48 -51.03 23.17
CA ASP H 52 -9.09 -50.51 21.87
C ASP H 52 -8.47 -49.12 22.03
N PRO H 53 -7.46 -48.79 21.22
CA PRO H 53 -6.83 -47.47 21.34
C PRO H 53 -7.77 -46.35 20.90
N PHE H 54 -7.40 -45.13 21.30
CA PHE H 54 -8.10 -43.89 21.00
C PHE H 54 -9.61 -44.02 21.11
N ASP H 55 -10.08 -44.77 22.11
CA ASP H 55 -11.51 -44.92 22.39
C ASP H 55 -11.65 -45.47 23.81
N THR H 56 -12.88 -45.78 24.18
CA THR H 56 -13.20 -46.27 25.52
C THR H 56 -14.15 -47.46 25.46
N TYR H 57 -13.85 -48.41 24.58
CA TYR H 57 -14.58 -49.67 24.55
C TYR H 57 -13.91 -50.66 25.49
N ILE H 58 -14.56 -50.95 26.62
CA ILE H 58 -13.99 -51.76 27.68
C ILE H 58 -14.50 -53.19 27.55
N LYS H 59 -13.59 -54.15 27.48
CA LYS H 59 -13.93 -55.56 27.46
C LYS H 59 -12.84 -56.32 28.23
N ILE H 60 -13.17 -56.77 29.43
CA ILE H 60 -12.24 -57.46 30.31
C ILE H 60 -12.72 -58.88 30.49
N ASN H 61 -11.78 -59.80 30.73
CA ASN H 61 -12.12 -61.21 30.91
C ASN H 61 -12.94 -61.40 32.18
N GLN H 62 -13.74 -62.46 32.18
CA GLN H 62 -14.63 -62.75 33.30
C GLN H 62 -13.90 -63.07 34.59
N LYS H 63 -12.61 -63.43 34.51
CA LYS H 63 -11.85 -63.77 35.71
C LYS H 63 -11.44 -62.54 36.50
N PHE H 64 -11.16 -61.42 35.84
CA PHE H 64 -10.56 -60.27 36.51
C PHE H 64 -11.44 -59.02 36.43
N LYS H 65 -12.73 -59.19 36.69
CA LYS H 65 -13.66 -58.06 36.62
C LYS H 65 -13.50 -57.14 37.82
N GLY H 66 -13.90 -55.89 37.63
CA GLY H 66 -13.98 -54.93 38.73
C GLY H 66 -12.67 -54.27 39.11
N LYS H 67 -11.73 -55.07 39.62
CA LYS H 67 -10.45 -54.52 40.06
C LYS H 67 -9.65 -53.97 38.88
N SER H 68 -9.63 -54.69 37.76
CA SER H 68 -8.81 -54.28 36.62
C SER H 68 -9.44 -53.08 35.91
N THR H 69 -8.60 -52.15 35.47
CA THR H 69 -9.01 -50.98 34.71
C THR H 69 -7.96 -50.68 33.66
N LEU H 70 -8.40 -50.27 32.47
CA LEU H 70 -7.52 -49.98 31.34
C LEU H 70 -7.80 -48.59 30.79
N THR H 71 -6.73 -47.87 30.47
CA THR H 71 -6.82 -46.55 29.85
C THR H 71 -5.76 -46.47 28.75
N VAL H 72 -6.06 -45.72 27.70
CA VAL H 72 -5.16 -45.61 26.54
C VAL H 72 -4.82 -44.14 26.32
N ASP H 73 -3.53 -43.85 26.20
CA ASP H 73 -3.04 -42.54 25.80
C ASP H 73 -2.41 -42.66 24.42
N THR H 74 -2.89 -41.84 23.48
CA THR H 74 -2.36 -41.89 22.11
C THR H 74 -0.89 -41.49 22.06
N SER H 75 -0.53 -40.45 22.82
CA SER H 75 0.83 -39.94 22.77
C SER H 75 1.80 -40.93 23.39
N SER H 76 2.99 -41.05 22.79
CA SER H 76 4.09 -41.88 23.25
C SER H 76 3.76 -43.37 23.24
N SER H 77 2.63 -43.77 22.66
CA SER H 77 2.25 -45.17 22.49
C SER H 77 2.28 -45.93 23.82
N THR H 78 1.72 -45.31 24.85
CA THR H 78 1.68 -45.89 26.19
C THR H 78 0.28 -46.37 26.50
N ALA H 79 0.20 -47.43 27.30
CA ALA H 79 -1.06 -47.99 27.77
C ALA H 79 -1.13 -47.92 29.29
N TYR H 80 -2.27 -47.50 29.81
CA TYR H 80 -2.45 -47.27 31.24
C TYR H 80 -3.33 -48.36 31.83
N MET H 81 -2.80 -49.08 32.82
CA MET H 81 -3.50 -50.19 33.45
C MET H 81 -3.40 -50.04 34.96
N GLN H 82 -4.51 -50.20 35.66
CA GLN H 82 -4.59 -49.92 37.09
C GLN H 82 -5.33 -51.06 37.79
N LEU H 83 -4.84 -51.43 38.98
CA LEU H 83 -5.57 -52.27 39.91
C LEU H 83 -5.88 -51.48 41.18
N SER H 84 -6.84 -51.97 41.95
CA SER H 84 -7.22 -51.36 43.22
C SER H 84 -7.19 -52.41 44.32
N SER H 85 -6.72 -51.99 45.51
CA SER H 85 -6.69 -52.85 46.69
C SER H 85 -5.88 -54.12 46.41
N LEU H 86 -4.59 -53.93 46.14
CA LEU H 86 -3.71 -55.04 45.79
C LEU H 86 -3.60 -56.03 46.94
N THR H 87 -3.67 -57.31 46.60
CA THR H 87 -3.57 -58.39 47.57
C THR H 87 -2.21 -59.08 47.47
N SER H 88 -1.94 -59.93 48.45
CA SER H 88 -0.67 -60.65 48.47
C SER H 88 -0.56 -61.63 47.31
N GLU H 89 -1.67 -62.24 46.91
CA GLU H 89 -1.66 -63.21 45.81
C GLU H 89 -1.44 -62.57 44.46
N ASP H 90 -1.45 -61.24 44.37
CA ASP H 90 -1.18 -60.54 43.12
C ASP H 90 0.30 -60.38 42.83
N SER H 91 1.15 -61.18 43.47
CA SER H 91 2.59 -61.18 43.18
C SER H 91 2.83 -62.04 41.95
N ALA H 92 2.98 -61.41 40.80
CA ALA H 92 3.15 -62.12 39.54
C ALA H 92 3.87 -61.19 38.56
N VAL H 93 3.85 -61.56 37.28
CA VAL H 93 4.49 -60.78 36.23
C VAL H 93 3.42 -60.35 35.23
N TYR H 94 3.37 -59.06 34.94
CA TYR H 94 2.40 -58.50 34.01
C TYR H 94 3.06 -58.21 32.68
N TYR H 95 2.30 -58.40 31.60
CA TYR H 95 2.78 -58.24 30.24
C TYR H 95 1.82 -57.38 29.44
N CYS H 96 2.34 -56.79 28.36
CA CYS H 96 1.53 -56.18 27.31
C CYS H 96 1.81 -56.93 26.01
N ALA H 97 0.76 -57.45 25.39
CA ALA H 97 0.89 -58.32 24.21
C ALA H 97 0.42 -57.58 22.96
N ARG H 98 1.33 -57.42 22.01
CA ARG H 98 0.94 -56.90 20.70
C ARG H 98 0.24 -58.00 19.91
N PRO H 99 -0.94 -57.74 19.36
CA PRO H 99 -1.68 -58.79 18.65
C PRO H 99 -1.24 -58.95 17.20
N ASP H 100 -1.55 -60.12 16.65
CA ASP H 100 -1.28 -60.38 15.24
C ASP H 100 -2.18 -59.53 14.35
N SER H 101 -3.48 -59.54 14.61
CA SER H 101 -4.46 -58.84 13.80
C SER H 101 -5.08 -57.73 14.63
N SER H 102 -5.76 -56.82 13.94
CA SER H 102 -6.42 -55.70 14.58
C SER H 102 -7.75 -56.08 15.22
N GLY H 103 -8.29 -57.24 14.90
CA GLY H 103 -9.61 -57.63 15.37
C GLY H 103 -9.58 -58.92 16.16
N TYR H 104 -10.52 -59.00 17.11
CA TYR H 104 -10.68 -60.20 17.91
C TYR H 104 -11.20 -61.36 17.05
N PRO H 105 -10.80 -62.60 17.35
CA PRO H 105 -9.79 -62.95 18.36
C PRO H 105 -8.37 -62.79 17.86
N VAL H 106 -7.42 -62.71 18.78
CA VAL H 106 -6.00 -62.63 18.46
C VAL H 106 -5.25 -63.62 19.34
N TYR H 107 -4.10 -64.08 18.85
CA TYR H 107 -3.29 -65.04 19.57
C TYR H 107 -2.01 -64.46 20.16
N PHE H 108 -1.87 -63.13 20.16
CA PHE H 108 -0.76 -62.44 20.81
C PHE H 108 0.58 -62.92 20.25
N ASP H 109 0.79 -62.61 18.98
CA ASP H 109 1.95 -63.14 18.26
C ASP H 109 3.27 -62.69 18.89
N TYR H 110 3.36 -61.42 19.29
CA TYR H 110 4.61 -60.88 19.80
C TYR H 110 4.41 -60.35 21.21
N TRP H 111 5.27 -60.78 22.13
CA TRP H 111 5.21 -60.39 23.53
C TRP H 111 6.43 -59.57 23.91
N GLY H 112 6.19 -58.53 24.70
CA GLY H 112 7.25 -57.67 25.19
C GLY H 112 7.85 -58.20 26.47
N GLN H 113 8.63 -57.34 27.12
CA GLN H 113 9.29 -57.69 28.38
C GLN H 113 8.25 -57.80 29.49
N GLY H 114 8.67 -58.40 30.61
CA GLY H 114 7.78 -58.71 31.72
C GLY H 114 7.91 -57.70 32.84
N THR H 115 6.77 -57.22 33.32
CA THR H 115 6.70 -56.31 34.45
C THR H 115 6.28 -57.11 35.68
N THR H 116 7.13 -57.11 36.70
CA THR H 116 6.90 -57.91 37.90
C THR H 116 6.21 -57.07 38.97
N LEU H 117 5.08 -57.58 39.47
CA LEU H 117 4.35 -56.96 40.56
C LEU H 117 4.55 -57.80 41.82
N THR H 118 4.87 -57.13 42.92
CA THR H 118 5.13 -57.83 44.17
C THR H 118 4.78 -56.91 45.34
N VAL H 119 4.22 -57.48 46.39
CA VAL H 119 3.91 -56.74 47.61
C VAL H 119 5.21 -56.47 48.35
N SER H 120 5.46 -55.20 48.68
CA SER H 120 6.68 -54.82 49.38
C SER H 120 6.39 -54.42 50.82
N ASP I 1 -15.56 -70.03 30.04
CA ASP I 1 -15.50 -70.29 28.61
C ASP I 1 -14.71 -71.57 28.33
N ILE I 2 -13.94 -71.54 27.24
CA ILE I 2 -13.07 -72.66 26.88
C ILE I 2 -11.84 -72.62 27.77
N VAL I 3 -11.44 -73.78 28.29
CA VAL I 3 -10.30 -73.89 29.19
C VAL I 3 -9.22 -74.74 28.54
N MET I 4 -7.98 -74.25 28.57
CA MET I 4 -6.84 -74.94 28.00
C MET I 4 -6.06 -75.62 29.12
N THR I 5 -5.85 -76.92 28.98
CA THR I 5 -5.08 -77.70 29.95
C THR I 5 -4.42 -78.87 29.23
N GLN I 6 -3.09 -78.89 29.22
CA GLN I 6 -2.36 -79.99 28.63
C GLN I 6 -2.44 -81.23 29.52
N SER I 7 -2.24 -82.39 28.91
CA SER I 7 -2.32 -83.65 29.64
C SER I 7 -1.00 -84.03 30.29
N HIS I 8 0.07 -84.13 29.50
CA HIS I 8 1.35 -84.59 30.02
C HIS I 8 1.92 -83.57 31.01
N LYS I 9 2.49 -84.09 32.10
CA LYS I 9 3.04 -83.22 33.13
C LYS I 9 4.19 -82.37 32.61
N PHE I 10 5.15 -83.02 31.95
CA PHE I 10 6.33 -82.34 31.43
C PHE I 10 6.85 -83.11 30.23
N MET I 11 7.72 -82.45 29.47
CA MET I 11 8.35 -83.04 28.30
C MET I 11 9.73 -83.56 28.71
N SER I 12 9.97 -84.85 28.54
CA SER I 12 11.22 -85.49 28.96
C SER I 12 11.72 -86.39 27.83
N THR I 13 12.48 -85.80 26.90
CA THR I 13 13.15 -86.56 25.84
C THR I 13 14.56 -86.02 25.65
N SER I 14 15.42 -86.88 25.12
CA SER I 14 16.82 -86.53 24.90
C SER I 14 16.94 -85.70 23.63
N VAL I 15 18.19 -85.51 23.17
CA VAL I 15 18.43 -84.72 21.97
C VAL I 15 18.08 -85.56 20.74
N GLY I 16 17.22 -85.02 19.88
CA GLY I 16 16.86 -85.64 18.63
C GLY I 16 15.67 -86.58 18.67
N ASP I 17 15.16 -86.91 19.86
CA ASP I 17 13.99 -87.76 19.94
C ASP I 17 12.73 -87.00 19.57
N ARG I 18 11.72 -87.74 19.11
CA ARG I 18 10.46 -87.16 18.67
C ARG I 18 9.46 -87.22 19.82
N VAL I 19 8.93 -86.06 20.20
CA VAL I 19 8.06 -85.93 21.37
C VAL I 19 6.80 -85.19 20.94
N SER I 20 5.73 -85.38 21.71
CA SER I 20 4.43 -84.79 21.46
C SER I 20 4.08 -83.82 22.57
N ILE I 21 3.50 -82.67 22.20
CA ILE I 21 3.06 -81.67 23.16
C ILE I 21 1.55 -81.51 23.09
N THR I 22 0.85 -82.06 24.08
CA THR I 22 -0.61 -82.02 24.07
C THR I 22 -1.13 -80.70 24.60
N CYS I 23 -2.36 -80.37 24.22
CA CYS I 23 -3.09 -79.21 24.73
C CYS I 23 -4.57 -79.50 24.62
N LYS I 24 -5.18 -80.03 25.69
CA LYS I 24 -6.58 -80.39 25.63
C LYS I 24 -7.45 -79.15 25.58
N ALA I 25 -8.68 -79.34 25.08
CA ALA I 25 -9.65 -78.26 24.94
C ALA I 25 -10.93 -78.67 25.65
N SER I 26 -11.64 -77.66 26.19
CA SER I 26 -12.89 -77.94 26.88
C SER I 26 -13.92 -78.54 25.93
N GLN I 27 -14.12 -77.92 24.78
CA GLN I 27 -15.05 -78.42 23.77
C GLN I 27 -14.45 -78.15 22.40
N ASP I 28 -15.15 -78.61 21.36
CA ASP I 28 -14.67 -78.54 19.99
C ASP I 28 -14.90 -77.13 19.45
N VAL I 29 -13.80 -76.39 19.25
CA VAL I 29 -13.85 -75.03 18.72
C VAL I 29 -12.94 -74.87 17.51
N GLY I 30 -12.62 -75.98 16.84
CA GLY I 30 -11.74 -75.93 15.69
C GLY I 30 -10.28 -75.84 16.08
N THR I 31 -9.44 -75.54 15.09
CA THR I 31 -8.00 -75.45 15.27
C THR I 31 -7.59 -74.02 15.65
N TYR I 32 -8.51 -73.28 16.28
CA TYR I 32 -8.24 -71.93 16.78
C TYR I 32 -7.35 -72.06 18.02
N ILE I 33 -6.05 -72.20 17.77
CA ILE I 33 -5.08 -72.38 18.84
C ILE I 33 -3.78 -71.69 18.46
N ALA I 34 -2.96 -71.40 19.47
CA ALA I 34 -1.62 -70.86 19.29
C ALA I 34 -0.66 -71.60 20.20
N TRP I 35 0.63 -71.31 20.03
CA TRP I 35 1.68 -71.92 20.84
C TRP I 35 2.73 -70.88 21.18
N TYR I 36 3.16 -70.86 22.44
CA TYR I 36 4.16 -69.92 22.92
C TYR I 36 5.34 -70.67 23.52
N GLN I 37 6.55 -70.19 23.24
CA GLN I 37 7.78 -70.79 23.75
C GLN I 37 8.38 -69.78 24.74
N GLN I 38 8.07 -69.97 26.02
CA GLN I 38 8.42 -69.03 27.08
C GLN I 38 9.58 -69.59 27.87
N LYS I 39 10.80 -69.21 27.49
CA LYS I 39 11.98 -69.69 28.17
C LYS I 39 12.00 -69.20 29.62
N PRO I 40 12.53 -70.00 30.55
CA PRO I 40 12.59 -69.56 31.94
C PRO I 40 13.46 -68.33 32.08
N GLY I 41 12.83 -67.20 32.36
CA GLY I 41 13.51 -65.92 32.32
C GLY I 41 13.42 -65.20 31.00
N GLN I 42 12.50 -65.60 30.11
CA GLN I 42 12.29 -64.93 28.84
C GLN I 42 10.80 -64.92 28.51
N SER I 43 10.38 -63.89 27.78
CA SER I 43 8.98 -63.77 27.38
C SER I 43 8.63 -64.86 26.38
N PRO I 44 7.35 -65.22 26.29
CA PRO I 44 6.95 -66.25 25.32
C PRO I 44 7.26 -65.83 23.89
N LYS I 45 7.66 -66.81 23.08
CA LYS I 45 7.97 -66.62 21.68
C LYS I 45 6.99 -67.41 20.82
N LEU I 46 6.55 -66.83 19.71
CA LEU I 46 5.59 -67.51 18.86
C LEU I 46 6.26 -68.69 18.15
N LEU I 47 5.58 -69.83 18.14
CA LEU I 47 6.00 -70.98 17.36
C LEU I 47 4.99 -71.37 16.29
N ILE I 48 3.73 -71.55 16.66
CA ILE I 48 2.70 -72.09 15.78
C ILE I 48 1.47 -71.20 15.92
N TYR I 49 1.33 -70.23 15.02
CA TYR I 49 0.10 -69.44 15.02
C TYR I 49 -1.05 -70.21 14.37
N TRP I 50 -0.73 -71.06 13.38
CA TRP I 50 -1.69 -71.97 12.80
C TRP I 50 -1.01 -73.30 12.51
N ALA I 51 -1.79 -74.38 12.56
CA ALA I 51 -1.23 -75.71 12.31
C ALA I 51 -0.78 -75.87 10.87
N SER I 52 -1.56 -75.35 9.91
CA SER I 52 -1.25 -75.56 8.51
C SER I 52 0.03 -74.82 8.10
N THR I 53 0.12 -73.54 8.44
CA THR I 53 1.25 -72.69 8.05
C THR I 53 1.94 -72.13 9.28
N ARG I 54 3.26 -71.99 9.18
CA ARG I 54 4.09 -71.53 10.28
C ARG I 54 4.52 -70.10 10.05
N HIS I 55 4.67 -69.36 11.15
CA HIS I 55 4.98 -67.94 11.07
C HIS I 55 6.49 -67.74 10.90
N THR I 56 6.89 -66.48 10.81
CA THR I 56 8.28 -66.12 10.53
C THR I 56 9.19 -66.50 11.70
N GLY I 57 10.40 -66.91 11.37
CA GLY I 57 11.42 -67.21 12.37
C GLY I 57 11.17 -68.45 13.20
N VAL I 58 10.69 -69.53 12.60
CA VAL I 58 10.43 -70.77 13.31
C VAL I 58 11.22 -71.91 12.66
N PRO I 59 11.82 -72.80 13.45
CA PRO I 59 12.49 -73.96 12.85
C PRO I 59 11.49 -74.91 12.20
N ASP I 60 11.96 -75.63 11.19
CA ASP I 60 11.12 -76.56 10.45
C ASP I 60 10.87 -77.87 11.19
N ARG I 61 11.54 -78.09 12.32
CA ARG I 61 11.36 -79.33 13.07
C ARG I 61 9.95 -79.42 13.67
N PHE I 62 9.40 -78.28 14.07
CA PHE I 62 8.10 -78.28 14.74
C PHE I 62 6.99 -78.52 13.72
N THR I 63 6.05 -79.40 14.08
CA THR I 63 4.99 -79.83 13.19
C THR I 63 3.64 -79.33 13.69
N GLY I 64 2.77 -78.96 12.76
CA GLY I 64 1.42 -78.52 13.07
C GLY I 64 0.40 -79.56 12.66
N SER I 65 -0.47 -79.93 13.61
CA SER I 65 -1.51 -80.92 13.36
C SER I 65 -2.62 -80.71 14.38
N GLY I 66 -3.80 -80.33 13.91
CA GLY I 66 -4.93 -80.12 14.79
C GLY I 66 -5.91 -81.29 14.78
N SER I 67 -6.12 -81.91 15.94
CA SER I 67 -7.03 -83.06 16.01
C SER I 67 -8.49 -82.62 15.99
N GLY I 68 -8.81 -81.48 16.60
CA GLY I 68 -10.17 -81.01 16.66
C GLY I 68 -10.76 -81.10 18.05
N THR I 69 -10.42 -82.17 18.77
CA THR I 69 -10.85 -82.34 20.14
C THR I 69 -9.81 -81.84 21.14
N ASN I 70 -8.54 -82.15 20.91
CA ASN I 70 -7.44 -81.63 21.70
C ASN I 70 -6.28 -81.34 20.75
N TYR I 71 -5.37 -80.47 21.19
CA TYR I 71 -4.29 -80.00 20.35
C TYR I 71 -2.99 -80.68 20.75
N THR I 72 -2.30 -81.28 19.77
CA THR I 72 -1.04 -81.97 19.99
C THR I 72 0.01 -81.43 19.03
N LEU I 73 1.22 -81.18 19.55
CA LEU I 73 2.33 -80.66 18.76
C LEU I 73 3.50 -81.62 18.87
N THR I 74 4.03 -82.05 17.72
CA THR I 74 5.12 -83.01 17.67
C THR I 74 6.34 -82.34 17.05
N ILE I 75 7.51 -82.57 17.67
CA ILE I 75 8.77 -81.99 17.20
C ILE I 75 9.64 -83.13 16.68
N SER I 76 10.12 -82.99 15.45
CA SER I 76 10.95 -84.04 14.85
C SER I 76 12.33 -84.10 15.49
N SER I 77 12.94 -82.94 15.75
CA SER I 77 14.28 -82.88 16.33
C SER I 77 14.29 -81.85 17.44
N VAL I 78 15.03 -82.15 18.51
CA VAL I 78 15.09 -81.31 19.70
C VAL I 78 16.54 -80.92 19.94
N GLN I 79 16.77 -79.63 20.17
CA GLN I 79 18.10 -79.09 20.44
C GLN I 79 18.12 -78.51 21.86
N ALA I 80 19.25 -77.88 22.20
CA ALA I 80 19.38 -77.27 23.52
C ALA I 80 18.43 -76.08 23.67
N GLU I 81 18.28 -75.27 22.62
CA GLU I 81 17.43 -74.09 22.68
C GLU I 81 15.95 -74.44 22.71
N ASP I 82 15.58 -75.70 22.51
CA ASP I 82 14.17 -76.10 22.47
C ASP I 82 13.57 -76.31 23.86
N LEU I 83 14.36 -76.14 24.91
CA LEU I 83 13.87 -76.34 26.27
C LEU I 83 13.25 -75.04 26.78
N ALA I 84 11.91 -75.00 26.83
CA ALA I 84 11.19 -73.80 27.27
C ALA I 84 9.77 -74.20 27.63
N LEU I 85 8.95 -73.21 27.97
CA LEU I 85 7.55 -73.42 28.34
C LEU I 85 6.68 -73.40 27.09
N TYR I 86 5.73 -74.33 27.03
CA TYR I 86 4.84 -74.49 25.89
C TYR I 86 3.44 -74.07 26.30
N HIS I 87 3.13 -72.78 26.13
CA HIS I 87 1.81 -72.24 26.43
C HIS I 87 0.95 -72.28 25.18
N CYS I 88 -0.28 -72.78 25.33
CA CYS I 88 -1.22 -72.88 24.23
C CYS I 88 -2.47 -72.07 24.56
N GLN I 89 -2.83 -71.16 23.66
CA GLN I 89 -3.95 -70.25 23.86
C GLN I 89 -4.91 -70.34 22.69
N GLN I 90 -6.20 -70.49 22.99
CA GLN I 90 -7.23 -70.58 21.97
C GLN I 90 -7.79 -69.20 21.65
N HIS I 91 -8.13 -69.01 20.38
CA HIS I 91 -8.68 -67.74 19.89
C HIS I 91 -9.96 -68.05 19.10
N TYR I 92 -11.06 -68.18 19.82
CA TYR I 92 -12.36 -68.40 19.18
C TYR I 92 -13.41 -67.41 19.65
N SER I 93 -13.41 -67.03 20.93
CA SER I 93 -14.35 -66.06 21.46
C SER I 93 -13.57 -64.93 22.11
N THR I 94 -14.32 -63.92 22.58
CA THR I 94 -13.68 -62.78 23.23
C THR I 94 -12.87 -63.15 24.46
N PRO I 95 -13.37 -63.97 25.40
CA PRO I 95 -12.50 -64.40 26.51
C PRO I 95 -11.46 -65.38 26.01
N TYR I 96 -10.19 -65.04 26.21
CA TYR I 96 -9.09 -65.92 25.86
C TYR I 96 -8.57 -66.64 27.10
N THR I 97 -8.15 -67.88 26.92
CA THR I 97 -7.60 -68.70 28.00
C THR I 97 -6.35 -69.41 27.52
N PHE I 98 -5.33 -69.45 28.38
CA PHE I 98 -4.05 -70.06 28.08
C PHE I 98 -3.97 -71.46 28.68
N GLY I 99 -3.00 -72.23 28.20
CA GLY I 99 -2.75 -73.56 28.73
C GLY I 99 -1.86 -73.53 29.96
N GLY I 100 -1.74 -74.69 30.59
CA GLY I 100 -0.92 -74.80 31.78
C GLY I 100 0.58 -74.74 31.53
N GLY I 101 1.01 -75.00 30.30
CA GLY I 101 2.40 -74.93 29.95
C GLY I 101 3.20 -76.11 30.51
N THR I 102 4.27 -76.45 29.79
CA THR I 102 5.15 -77.54 30.20
C THR I 102 6.59 -77.15 29.90
N LYS I 103 7.47 -77.47 30.84
CA LYS I 103 8.89 -77.16 30.72
C LYS I 103 9.65 -78.41 30.30
N LEU I 104 10.40 -78.32 29.21
CA LEU I 104 11.16 -79.44 28.68
C LEU I 104 12.43 -79.64 29.49
N GLU I 105 12.66 -80.88 29.92
CA GLU I 105 13.88 -81.24 30.63
C GLU I 105 14.37 -82.58 30.11
N ILE I 106 15.69 -82.75 30.09
CA ILE I 106 16.29 -83.95 29.53
C ILE I 106 16.37 -85.06 30.58
#